data_6U7A
#
_entry.id   6U7A
#
_cell.length_a   108.398
_cell.length_b   108.398
_cell.length_c   321.344
_cell.angle_alpha   90.000
_cell.angle_beta   90.000
_cell.angle_gamma   120.000
#
_symmetry.space_group_name_H-M   'P 31'
#
loop_
_entity.id
_entity.type
_entity.pdbx_description
1 polymer Aminotransferase
2 non-polymer '(2S)-4-(2-aminophenyl)-2-[(E)-({3-hydroxy-2-methyl-5-[(phosphonooxy)methyl]pyridin-4-yl}methylidene)amino]-4-oxobutanoic acid'
3 non-polymer 'PHOSPHATE ION'
4 non-polymer GLYCEROL
5 non-polymer 'PENTAETHYLENE GLYCOL'
6 non-polymer '4-hydroxyquinoline-2-carboxylic acid'
7 non-polymer "4'-DEOXY-4'-AMINOPYRIDOXAL-5'-PHOSPHATE"
8 non-polymer "PYRIDOXAL-5'-PHOSPHATE"
9 water water
#
_entity_poly.entity_id   1
_entity_poly.type   'polypeptide(L)'
_entity_poly.pdbx_seq_one_letter_code
;VSFDSLSPQELAALHARHQQDYAALQGMKLALDLTRGKPSAEQLDLSNQLLSLPGDDYRDPEGTDTRNYGGQHGLPGLRA
IFAELLGIAVPNLIAGNNSSLELMHDIVAFSMLYGGVDSPRPWIQEQDGIKFLCPVPGYDRHFAITETMGIEMIPIPMLQ
DGPDVDLIEELVAVDPAIKGMWTVPVFGNPSGVTYSWETVRRLVQMRTAAPDFRLFWDNAYAVHTLTLDFPRQVDVLGLA
AKAGNPNRPYVFASTSKITFAGGGVSFFGGSLGNIAWYLQYAGKKSIGPDKVNQLRHLRFFGDADGVRLHMLRHQQILAP
KFALVAEVLDQRLSESKIASWTEPKGGYFISLDVLPGTARRTVALAKDVGIAVTEAGASFPYRKDPDDKNIRIAPSFPSV
PDLRNAVDGLATCALLAATETLLNQGLASSAPNVR
;
_entity_poly.pdbx_strand_id   A,B,C,D,E,F,G,H
#
# COMPACT_ATOMS: atom_id res chain seq x y z
N SER A 2 4.20 -14.31 64.05
CA SER A 2 5.33 -14.75 63.23
C SER A 2 5.85 -16.12 63.70
N PHE A 3 6.09 -17.05 62.76
CA PHE A 3 6.27 -18.44 63.15
C PHE A 3 7.69 -18.81 63.60
N ASP A 4 8.72 -17.99 63.33
CA ASP A 4 10.03 -18.26 63.93
C ASP A 4 10.11 -17.82 65.39
N SER A 5 9.25 -16.90 65.81
CA SER A 5 9.17 -16.41 67.18
C SER A 5 8.22 -17.20 68.07
N LEU A 6 7.54 -18.21 67.54
CA LEU A 6 6.43 -18.82 68.27
C LEU A 6 6.94 -19.73 69.39
N SER A 7 6.30 -19.63 70.58
CA SER A 7 6.56 -20.46 71.75
C SER A 7 6.27 -21.92 71.44
N PRO A 8 6.49 -22.86 72.36
CA PRO A 8 6.00 -24.21 72.09
C PRO A 8 4.50 -24.37 72.28
N GLN A 9 3.94 -23.78 73.35
CA GLN A 9 2.48 -23.78 73.54
C GLN A 9 1.78 -22.99 72.45
N GLU A 10 2.34 -21.85 72.06
CA GLU A 10 1.71 -21.03 71.03
C GLU A 10 1.64 -21.80 69.72
N LEU A 11 2.68 -22.58 69.41
CA LEU A 11 2.63 -23.43 68.24
C LEU A 11 1.60 -24.56 68.31
N ALA A 12 1.45 -25.20 69.48
CA ALA A 12 0.44 -26.27 69.57
C ALA A 12 -0.98 -25.76 69.46
N ALA A 13 -1.26 -24.62 70.09
CA ALA A 13 -2.58 -23.99 69.96
C ALA A 13 -2.83 -23.47 68.56
N LEU A 14 -1.80 -22.85 67.95
CA LEU A 14 -1.94 -22.38 66.57
C LEU A 14 -2.21 -23.57 65.64
N HIS A 15 -1.44 -24.65 65.81
CA HIS A 15 -1.68 -25.86 65.03
C HIS A 15 -3.11 -26.34 65.22
N ALA A 16 -3.60 -26.26 66.45
CA ALA A 16 -4.97 -26.66 66.74
C ALA A 16 -5.97 -25.76 66.01
N ARG A 17 -5.72 -24.45 65.96
CA ARG A 17 -6.68 -23.57 65.29
C ARG A 17 -6.73 -23.87 63.80
N HIS A 18 -5.55 -23.97 63.18
CA HIS A 18 -5.42 -24.48 61.82
C HIS A 18 -6.20 -25.79 61.60
N GLN A 19 -6.14 -26.72 62.56
CA GLN A 19 -6.91 -27.95 62.40
C GLN A 19 -8.40 -27.64 62.27
N GLN A 20 -8.92 -26.68 63.04
CA GLN A 20 -10.34 -26.35 62.92
C GLN A 20 -10.66 -25.65 61.63
N ASP A 21 -9.78 -24.72 61.23
CA ASP A 21 -9.96 -24.07 59.94
C ASP A 21 -10.00 -25.11 58.84
N TYR A 22 -9.15 -26.14 58.94
CA TYR A 22 -9.11 -27.12 57.87
C TYR A 22 -10.36 -27.99 57.92
N ALA A 23 -10.80 -28.33 59.15
CA ALA A 23 -12.04 -29.09 59.31
C ALA A 23 -13.23 -28.33 58.76
N ALA A 24 -13.29 -27.04 59.04
CA ALA A 24 -14.37 -26.22 58.51
C ALA A 24 -14.32 -26.19 56.99
N LEU A 25 -13.13 -25.97 56.44
CA LEU A 25 -12.94 -25.98 54.99
C LEU A 25 -13.42 -27.25 54.30
N GLN A 26 -13.06 -28.43 54.83
CA GLN A 26 -13.53 -29.66 54.20
C GLN A 26 -15.05 -29.79 54.26
N GLY A 27 -15.65 -29.35 55.37
CA GLY A 27 -17.09 -29.42 55.45
C GLY A 27 -17.81 -28.55 54.44
N MET A 28 -17.10 -27.67 53.72
CA MET A 28 -17.68 -26.87 52.66
C MET A 28 -17.77 -27.61 51.33
N LYS A 29 -17.25 -28.83 51.26
CA LYS A 29 -17.28 -29.67 50.05
C LYS A 29 -17.03 -28.88 48.77
N LEU A 30 -15.86 -28.26 48.71
CA LEU A 30 -15.54 -27.40 47.60
C LEU A 30 -15.14 -28.25 46.39
N ALA A 31 -15.23 -27.66 45.21
CA ALA A 31 -14.72 -28.30 44.00
C ALA A 31 -14.09 -27.19 43.15
N LEU A 32 -12.89 -26.78 43.53
CA LEU A 32 -12.25 -25.64 42.90
C LEU A 32 -10.92 -26.06 42.29
N ASP A 33 -10.42 -25.22 41.41
CA ASP A 33 -9.26 -25.61 40.65
C ASP A 33 -8.47 -24.35 40.32
N LEU A 34 -7.20 -24.39 40.68
CA LEU A 34 -6.20 -23.34 40.44
C LEU A 34 -5.04 -23.85 39.61
N THR A 35 -5.25 -24.91 38.85
CA THR A 35 -4.21 -25.55 38.13
C THR A 35 -3.95 -25.28 36.68
N ARG A 36 -4.89 -24.76 35.94
CA ARG A 36 -4.52 -24.45 34.55
C ARG A 36 -4.71 -23.06 34.09
N GLY A 37 -3.69 -22.67 33.37
CA GLY A 37 -3.55 -21.38 32.84
C GLY A 37 -4.27 -21.23 31.56
N LYS A 38 -5.55 -21.27 31.62
CA LYS A 38 -6.23 -21.02 30.38
C LYS A 38 -7.16 -19.82 30.56
N PRO A 39 -7.46 -19.13 29.48
CA PRO A 39 -8.32 -17.94 29.57
C PRO A 39 -9.71 -18.27 30.08
N SER A 40 -10.32 -17.30 30.76
CA SER A 40 -11.68 -17.54 31.18
C SER A 40 -12.59 -17.44 29.95
N ALA A 41 -13.81 -17.97 30.08
CA ALA A 41 -14.82 -17.78 29.02
C ALA A 41 -15.03 -16.30 28.70
N GLU A 42 -15.05 -15.46 29.72
CA GLU A 42 -15.20 -14.03 29.51
C GLU A 42 -14.08 -13.47 28.63
N GLN A 43 -12.84 -13.93 28.83
CA GLN A 43 -11.77 -13.52 27.93
C GLN A 43 -12.01 -14.04 26.51
N LEU A 44 -12.43 -15.29 26.39
CA LEU A 44 -12.60 -15.86 25.06
C LEU A 44 -13.69 -15.12 24.27
N ASP A 45 -14.76 -14.69 24.97
CA ASP A 45 -15.85 -13.93 24.36
C ASP A 45 -15.36 -12.68 23.63
N LEU A 46 -14.26 -12.08 24.11
CA LEU A 46 -13.67 -10.92 23.45
C LEU A 46 -13.34 -11.18 21.99
N SER A 47 -13.10 -12.43 21.61
CA SER A 47 -12.70 -12.76 20.26
C SER A 47 -13.80 -13.47 19.47
N ASN A 48 -15.05 -13.40 19.92
CA ASN A 48 -16.12 -14.11 19.20
C ASN A 48 -16.33 -13.65 17.78
N GLN A 49 -15.96 -12.44 17.40
CA GLN A 49 -16.03 -12.11 15.97
C GLN A 49 -15.25 -13.11 15.10
N LEU A 50 -14.15 -13.70 15.62
CA LEU A 50 -13.43 -14.67 14.81
C LEU A 50 -14.31 -15.79 14.30
N LEU A 51 -15.39 -16.12 15.02
CA LEU A 51 -16.27 -17.24 14.69
C LEU A 51 -17.07 -17.02 13.42
N SER A 52 -17.11 -15.79 12.88
CA SER A 52 -17.78 -15.52 11.62
C SER A 52 -16.83 -15.00 10.54
N LEU A 53 -15.57 -14.96 10.81
CA LEU A 53 -14.56 -14.45 9.93
C LEU A 53 -13.89 -15.62 9.22
N PRO A 54 -13.30 -15.42 8.03
CA PRO A 54 -13.15 -14.15 7.32
C PRO A 54 -14.33 -13.73 6.42
N GLY A 55 -15.36 -14.57 6.28
CA GLY A 55 -16.48 -14.38 5.36
C GLY A 55 -16.08 -14.64 3.90
N ASP A 56 -16.86 -14.10 2.96
CA ASP A 56 -16.70 -14.45 1.53
C ASP A 56 -15.33 -14.12 0.94
N ASP A 57 -14.67 -13.05 1.39
CA ASP A 57 -13.41 -12.68 0.77
C ASP A 57 -12.29 -13.47 1.41
N TYR A 58 -11.92 -14.55 0.72
CA TYR A 58 -10.94 -15.51 1.21
C TYR A 58 -9.51 -15.15 0.79
N ARG A 59 -9.30 -14.01 0.13
CA ARG A 59 -7.96 -13.61 -0.34
C ARG A 59 -7.30 -12.65 0.64
N ASP A 60 -5.99 -12.85 0.84
CA ASP A 60 -5.24 -11.91 1.67
C ASP A 60 -4.88 -10.70 0.83
N PRO A 61 -4.23 -9.69 1.42
CA PRO A 61 -3.88 -8.50 0.64
C PRO A 61 -2.94 -8.77 -0.54
N GLU A 62 -2.17 -9.85 -0.54
CA GLU A 62 -1.39 -10.18 -1.74
C GLU A 62 -2.23 -10.76 -2.85
N GLY A 63 -3.51 -11.08 -2.62
CA GLY A 63 -4.28 -11.83 -3.59
C GLY A 63 -4.22 -13.34 -3.43
N THR A 64 -3.56 -13.84 -2.40
CA THR A 64 -3.47 -15.27 -2.22
C THR A 64 -4.82 -15.89 -1.91
N ASP A 65 -5.19 -16.91 -2.65
CA ASP A 65 -6.35 -17.73 -2.29
C ASP A 65 -6.00 -18.57 -1.07
N THR A 66 -6.50 -18.18 0.11
CA THR A 66 -6.09 -18.86 1.33
C THR A 66 -6.68 -20.25 1.46
N ARG A 67 -7.66 -20.60 0.62
CA ARG A 67 -8.33 -21.91 0.69
C ARG A 67 -7.56 -23.05 0.03
N ASN A 68 -6.46 -22.77 -0.67
CA ASN A 68 -5.74 -23.76 -1.47
C ASN A 68 -4.31 -23.94 -0.97
N TYR A 69 -3.69 -25.02 -1.44
CA TYR A 69 -2.35 -25.36 -0.98
C TYR A 69 -1.32 -24.28 -1.27
N GLY A 70 -0.31 -24.22 -0.41
CA GLY A 70 0.87 -23.45 -0.77
C GLY A 70 1.28 -22.38 0.21
N GLY A 71 2.58 -22.18 0.36
CA GLY A 71 3.08 -21.04 1.12
C GLY A 71 3.44 -21.50 2.53
N GLN A 72 4.73 -21.68 2.76
CA GLN A 72 5.21 -22.16 4.03
C GLN A 72 5.41 -21.04 5.06
N HIS A 73 5.54 -19.78 4.63
CA HIS A 73 5.93 -18.74 5.55
C HIS A 73 4.77 -18.20 6.39
N GLY A 74 3.52 -18.37 5.95
CA GLY A 74 2.37 -17.73 6.56
C GLY A 74 2.04 -16.39 5.90
N LEU A 75 0.87 -15.87 6.21
CA LEU A 75 0.43 -14.67 5.51
C LEU A 75 1.28 -13.46 5.92
N PRO A 76 1.88 -12.73 4.97
CA PRO A 76 2.74 -11.60 5.34
C PRO A 76 2.00 -10.52 6.13
N GLY A 77 0.69 -10.34 5.89
CA GLY A 77 0.00 -9.25 6.55
C GLY A 77 -0.14 -9.51 8.04
N LEU A 78 -0.35 -10.77 8.41
CA LEU A 78 -0.40 -11.10 9.83
C LEU A 78 1.00 -11.09 10.44
N ARG A 79 1.98 -11.63 9.72
CA ARG A 79 3.36 -11.55 10.19
C ARG A 79 3.81 -10.12 10.41
N ALA A 80 3.38 -9.18 9.55
CA ALA A 80 3.78 -7.79 9.74
C ALA A 80 3.26 -7.25 11.06
N ILE A 81 2.09 -7.70 11.49
CA ILE A 81 1.55 -7.22 12.75
C ILE A 81 2.42 -7.68 13.91
N PHE A 82 2.73 -8.99 13.95
CA PHE A 82 3.54 -9.52 15.03
C PHE A 82 5.02 -9.18 14.87
N ALA A 83 5.48 -8.91 13.64
CA ALA A 83 6.82 -8.38 13.46
C ALA A 83 7.00 -7.07 14.23
N GLU A 84 6.01 -6.18 14.13
CA GLU A 84 6.04 -4.94 14.90
C GLU A 84 5.97 -5.22 16.40
N LEU A 85 5.05 -6.07 16.81
CA LEU A 85 4.90 -6.35 18.24
C LEU A 85 6.16 -6.98 18.79
N LEU A 86 6.84 -7.82 18.03
CA LEU A 86 8.00 -8.54 18.55
C LEU A 86 9.31 -7.83 18.25
N GLY A 87 9.34 -6.87 17.35
CA GLY A 87 10.58 -6.26 16.91
C GLY A 87 11.45 -7.18 16.08
N ILE A 88 10.85 -7.92 15.16
CA ILE A 88 11.51 -8.87 14.27
C ILE A 88 11.07 -8.58 12.84
N ALA A 89 12.03 -8.50 11.90
CA ALA A 89 11.62 -8.18 10.54
C ALA A 89 10.75 -9.29 9.96
N VAL A 90 9.81 -8.89 9.05
CA VAL A 90 8.89 -9.86 8.43
C VAL A 90 9.58 -11.08 7.81
N PRO A 91 10.66 -10.92 7.02
CA PRO A 91 11.32 -12.12 6.47
C PRO A 91 11.92 -13.03 7.52
N ASN A 92 12.12 -12.54 8.74
CA ASN A 92 12.66 -13.35 9.83
C ASN A 92 11.60 -13.98 10.71
N LEU A 93 10.33 -13.89 10.32
CA LEU A 93 9.21 -14.34 11.14
C LEU A 93 8.26 -15.15 10.26
N ILE A 94 7.89 -16.33 10.72
CA ILE A 94 6.87 -17.12 10.04
C ILE A 94 5.71 -17.36 10.98
N ALA A 95 4.55 -17.64 10.38
CA ALA A 95 3.33 -17.96 11.10
C ALA A 95 2.94 -19.41 10.83
N GLY A 96 2.64 -20.13 11.89
CA GLY A 96 2.34 -21.54 11.83
C GLY A 96 0.88 -21.87 12.09
N ASN A 97 0.65 -23.03 12.70
CA ASN A 97 -0.70 -23.48 13.06
C ASN A 97 -1.03 -23.09 14.50
N ASN A 98 -1.74 -23.94 15.23
CA ASN A 98 -2.38 -23.52 16.47
C ASN A 98 -1.49 -23.70 17.70
N SER A 99 -0.22 -24.04 17.52
CA SER A 99 0.64 -24.41 18.66
C SER A 99 2.07 -23.92 18.45
N SER A 100 2.52 -23.00 19.28
CA SER A 100 3.96 -22.68 19.32
C SER A 100 4.75 -23.82 19.98
N LEU A 101 4.14 -24.54 20.93
CA LEU A 101 4.84 -25.68 21.52
C LEU A 101 5.30 -26.65 20.45
N GLU A 102 4.44 -26.88 19.47
CA GLU A 102 4.73 -27.81 18.38
C GLU A 102 5.92 -27.33 17.54
N LEU A 103 6.05 -26.03 17.35
CA LEU A 103 7.23 -25.47 16.69
C LEU A 103 8.50 -25.76 17.51
N MET A 104 8.41 -25.55 18.82
CA MET A 104 9.52 -25.77 19.73
C MET A 104 9.91 -27.26 19.76
N HIS A 105 8.90 -28.12 19.81
CA HIS A 105 9.13 -29.55 19.76
C HIS A 105 9.80 -29.97 18.44
N ASP A 106 9.27 -29.48 17.32
CA ASP A 106 9.84 -29.92 16.04
C ASP A 106 11.26 -29.43 15.86
N ILE A 107 11.56 -28.22 16.34
CA ILE A 107 12.93 -27.71 16.27
C ILE A 107 13.86 -28.59 17.10
N VAL A 108 13.44 -29.00 18.29
CA VAL A 108 14.27 -29.94 19.03
C VAL A 108 14.41 -31.25 18.26
N ALA A 109 13.30 -31.80 17.74
CA ALA A 109 13.35 -33.03 16.95
C ALA A 109 14.25 -32.89 15.72
N PHE A 110 14.16 -31.77 15.02
CA PHE A 110 15.05 -31.59 13.87
C PHE A 110 16.50 -31.59 14.35
N SER A 111 16.76 -30.95 15.50
CA SER A 111 18.12 -30.91 16.03
C SER A 111 18.64 -32.29 16.37
N MET A 112 17.79 -33.15 16.97
CA MET A 112 18.17 -34.52 17.26
C MET A 112 18.46 -35.31 15.99
N LEU A 113 17.54 -35.28 15.00
CA LEU A 113 17.65 -36.16 13.84
C LEU A 113 18.62 -35.63 12.80
N TYR A 114 18.64 -34.33 12.60
CA TYR A 114 19.39 -33.70 11.52
C TYR A 114 20.53 -32.80 11.97
N GLY A 115 20.52 -32.32 13.20
CA GLY A 115 21.39 -31.23 13.60
C GLY A 115 20.81 -29.88 13.19
N GLY A 116 21.27 -28.83 13.88
CA GLY A 116 20.90 -27.48 13.50
C GLY A 116 21.66 -27.02 12.26
N VAL A 117 21.43 -25.76 11.87
CA VAL A 117 21.95 -25.26 10.60
C VAL A 117 23.47 -25.30 10.54
N ASP A 118 24.13 -25.22 11.69
CA ASP A 118 25.59 -25.18 11.71
C ASP A 118 26.17 -26.16 12.73
N SER A 119 25.44 -27.24 12.99
CA SER A 119 25.90 -28.25 13.92
C SER A 119 26.98 -29.13 13.29
N PRO A 120 27.95 -29.59 14.07
CA PRO A 120 28.92 -30.56 13.54
C PRO A 120 28.28 -31.89 13.21
N ARG A 121 27.18 -32.25 13.86
CA ARG A 121 26.49 -33.50 13.60
C ARG A 121 25.11 -33.42 14.25
N PRO A 122 24.17 -34.27 13.86
CA PRO A 122 22.90 -34.35 14.58
C PRO A 122 23.15 -34.65 16.05
N TRP A 123 22.33 -34.05 16.91
CA TRP A 123 22.55 -34.21 18.34
C TRP A 123 22.37 -35.65 18.79
N ILE A 124 21.62 -36.46 18.03
CA ILE A 124 21.42 -37.86 18.41
C ILE A 124 22.73 -38.65 18.27
N GLN A 125 23.70 -38.12 17.54
CA GLN A 125 24.97 -38.78 17.36
C GLN A 125 26.03 -38.38 18.37
N GLU A 126 25.70 -37.50 19.31
CA GLU A 126 26.63 -37.08 20.37
C GLU A 126 26.68 -38.15 21.44
N GLN A 127 27.79 -38.89 21.47
CA GLN A 127 27.91 -40.03 22.38
C GLN A 127 27.91 -39.63 23.84
N ASP A 128 28.28 -38.40 24.19
CA ASP A 128 28.17 -37.97 25.59
C ASP A 128 26.85 -37.29 25.91
N GLY A 129 25.88 -37.33 25.03
CA GLY A 129 24.58 -36.86 25.40
C GLY A 129 24.50 -35.35 25.24
N ILE A 130 23.30 -34.83 25.49
CA ILE A 130 22.89 -33.45 25.23
C ILE A 130 22.29 -32.90 26.50
N LYS A 131 22.58 -31.63 26.78
CA LYS A 131 22.08 -30.96 27.98
C LYS A 131 21.37 -29.67 27.59
N PHE A 132 20.32 -29.32 28.34
CA PHE A 132 19.71 -28.01 28.23
C PHE A 132 19.76 -27.35 29.61
N LEU A 133 20.02 -26.04 29.64
CA LEU A 133 19.92 -25.27 30.87
C LEU A 133 18.47 -24.86 31.12
N CYS A 134 18.01 -25.00 32.37
CA CYS A 134 16.60 -24.72 32.65
C CYS A 134 16.47 -23.75 33.82
N PRO A 135 16.31 -22.46 33.55
CA PRO A 135 15.97 -21.50 34.62
C PRO A 135 14.71 -21.93 35.34
N VAL A 136 14.77 -21.92 36.67
CA VAL A 136 13.61 -22.36 37.45
C VAL A 136 13.21 -21.28 38.46
N PRO A 137 11.93 -21.21 38.85
CA PRO A 137 10.84 -22.03 38.27
C PRO A 137 10.55 -21.73 36.79
N GLY A 138 10.18 -22.77 36.05
CA GLY A 138 9.96 -22.64 34.62
C GLY A 138 8.76 -23.43 34.12
N TYR A 139 8.68 -23.61 32.80
CA TYR A 139 7.48 -24.13 32.15
C TYR A 139 7.61 -25.63 32.00
N ASP A 140 6.71 -26.38 32.64
CA ASP A 140 6.83 -27.83 32.64
C ASP A 140 6.75 -28.45 31.24
N ARG A 141 6.03 -27.84 30.30
CA ARG A 141 5.97 -28.39 28.95
C ARG A 141 7.25 -28.19 28.15
N HIS A 142 8.06 -27.17 28.48
CA HIS A 142 9.42 -27.15 27.93
C HIS A 142 10.19 -28.38 28.41
N PHE A 143 10.16 -28.63 29.71
CA PHE A 143 10.93 -29.72 30.29
C PHE A 143 10.49 -31.08 29.75
N ALA A 144 9.18 -31.23 29.49
CA ALA A 144 8.67 -32.49 28.97
C ALA A 144 9.25 -32.79 27.60
N ILE A 145 9.51 -31.75 26.80
CA ILE A 145 10.08 -31.96 25.48
C ILE A 145 11.50 -32.49 25.64
N THR A 146 12.30 -31.81 26.46
CA THR A 146 13.68 -32.25 26.61
C THR A 146 13.72 -33.60 27.31
N GLU A 147 12.83 -33.82 28.27
CA GLU A 147 12.84 -35.11 28.97
C GLU A 147 12.53 -36.25 28.01
N THR A 148 11.55 -36.05 27.13
CA THR A 148 11.11 -37.16 26.29
C THR A 148 12.18 -37.52 25.28
N MET A 149 12.97 -36.54 24.84
CA MET A 149 14.08 -36.75 23.92
C MET A 149 15.36 -37.21 24.59
N GLY A 150 15.37 -37.40 25.90
CA GLY A 150 16.56 -37.87 26.58
C GLY A 150 17.64 -36.82 26.74
N ILE A 151 17.29 -35.53 26.78
CA ILE A 151 18.23 -34.43 26.95
C ILE A 151 18.30 -34.08 28.43
N GLU A 152 19.49 -34.15 29.03
CA GLU A 152 19.60 -33.87 30.46
C GLU A 152 19.30 -32.39 30.75
N MET A 153 18.59 -32.12 31.84
CA MET A 153 18.23 -30.76 32.20
C MET A 153 18.97 -30.28 33.44
N ILE A 154 19.58 -29.11 33.33
CA ILE A 154 20.35 -28.49 34.41
C ILE A 154 19.57 -27.27 34.90
N PRO A 155 19.10 -27.27 36.14
CA PRO A 155 18.31 -26.14 36.65
C PRO A 155 19.18 -24.94 36.99
N ILE A 156 18.68 -23.73 36.71
CA ILE A 156 19.42 -22.52 36.98
C ILE A 156 18.55 -21.58 37.81
N PRO A 157 19.02 -21.06 38.95
CA PRO A 157 18.23 -20.09 39.72
C PRO A 157 17.84 -18.89 38.89
N MET A 158 16.63 -18.43 39.11
CA MET A 158 16.14 -17.22 38.48
C MET A 158 16.49 -16.05 39.42
N LEU A 159 16.93 -14.93 38.87
CA LEU A 159 17.12 -13.72 39.66
C LEU A 159 16.11 -12.66 39.23
N GLN A 160 16.25 -11.45 39.78
CA GLN A 160 15.19 -10.46 39.65
C GLN A 160 14.99 -10.04 38.21
N ASP A 161 16.06 -9.98 37.40
CA ASP A 161 15.97 -9.46 36.05
C ASP A 161 16.43 -10.47 35.01
N GLY A 162 16.36 -11.74 35.34
CA GLY A 162 16.73 -12.81 34.44
C GLY A 162 17.28 -13.96 35.25
N PRO A 163 17.69 -15.01 34.57
CA PRO A 163 18.34 -16.12 35.28
C PRO A 163 19.72 -15.71 35.72
N ASP A 164 20.43 -16.62 36.39
CA ASP A 164 21.80 -16.43 36.87
C ASP A 164 22.77 -16.60 35.70
N VAL A 165 23.01 -15.50 34.97
CA VAL A 165 23.85 -15.54 33.78
C VAL A 165 25.31 -15.86 34.13
N ASP A 166 25.80 -15.39 35.28
CA ASP A 166 27.12 -15.79 35.72
C ASP A 166 27.25 -17.31 35.75
N LEU A 167 26.25 -17.99 36.32
CA LEU A 167 26.31 -19.45 36.37
C LEU A 167 26.21 -20.03 34.97
N ILE A 168 25.28 -19.52 34.17
CA ILE A 168 25.10 -20.02 32.82
C ILE A 168 26.38 -19.89 32.02
N GLU A 169 26.99 -18.69 32.06
CA GLU A 169 28.22 -18.49 31.31
C GLU A 169 29.29 -19.49 31.71
N GLU A 170 29.37 -19.81 33.00
CA GLU A 170 30.42 -20.69 33.49
C GLU A 170 30.22 -22.11 32.97
N LEU A 171 28.98 -22.61 33.04
CA LEU A 171 28.70 -23.95 32.53
C LEU A 171 29.00 -24.04 31.04
N VAL A 172 28.47 -23.12 30.24
CA VAL A 172 28.59 -23.32 28.81
C VAL A 172 30.02 -23.08 28.35
N ALA A 173 30.85 -22.46 29.20
CA ALA A 173 32.21 -22.21 28.77
C ALA A 173 33.02 -23.49 28.72
N VAL A 174 32.69 -24.48 29.55
CA VAL A 174 33.49 -25.68 29.62
C VAL A 174 32.75 -26.93 29.18
N ASP A 175 31.48 -26.85 28.82
CA ASP A 175 30.76 -28.10 28.53
C ASP A 175 30.12 -28.06 27.15
N PRO A 176 30.74 -28.71 26.16
CA PRO A 176 30.25 -28.65 24.78
C PRO A 176 28.98 -29.44 24.59
N ALA A 177 28.57 -30.22 25.60
CA ALA A 177 27.32 -30.96 25.57
C ALA A 177 26.10 -30.09 25.81
N ILE A 178 26.28 -28.88 26.34
CA ILE A 178 25.17 -27.98 26.62
C ILE A 178 24.78 -27.30 25.30
N LYS A 179 23.63 -27.72 24.74
CA LYS A 179 23.21 -27.27 23.42
C LYS A 179 22.11 -26.20 23.48
N GLY A 180 21.39 -26.08 24.58
CA GLY A 180 20.23 -25.21 24.60
C GLY A 180 19.88 -24.67 25.98
N MET A 181 19.03 -23.64 25.97
CA MET A 181 18.45 -23.10 27.18
C MET A 181 16.99 -22.76 26.93
N TRP A 182 16.11 -23.24 27.81
CA TRP A 182 14.72 -22.83 27.76
C TRP A 182 14.55 -21.46 28.40
N THR A 183 13.81 -20.57 27.74
CA THR A 183 13.49 -19.30 28.36
C THR A 183 12.05 -18.93 28.06
N VAL A 184 11.48 -18.15 28.97
CA VAL A 184 10.30 -17.36 28.69
C VAL A 184 10.73 -15.95 29.07
N PRO A 185 11.15 -15.13 28.11
CA PRO A 185 11.96 -13.95 28.46
C PRO A 185 11.14 -12.74 28.87
N VAL A 186 9.80 -12.80 28.76
CA VAL A 186 8.94 -11.72 29.22
C VAL A 186 7.83 -12.33 30.07
N PHE A 187 7.64 -11.83 31.30
CA PHE A 187 6.62 -12.34 32.22
C PHE A 187 6.67 -13.87 32.30
N GLY A 188 7.82 -14.40 32.68
CA GLY A 188 8.00 -15.85 32.68
C GLY A 188 6.97 -16.71 33.38
N ASN A 189 6.71 -17.87 32.81
CA ASN A 189 5.80 -18.80 33.44
C ASN A 189 6.66 -19.67 34.34
N PRO A 190 6.35 -19.65 35.65
CA PRO A 190 5.55 -18.61 36.27
C PRO A 190 6.32 -17.55 37.08
N SER A 191 7.65 -17.47 37.03
CA SER A 191 8.31 -16.47 37.87
C SER A 191 7.78 -15.06 37.65
N GLY A 192 7.20 -14.79 36.49
CA GLY A 192 6.81 -13.45 36.16
C GLY A 192 7.96 -12.55 35.82
N VAL A 193 9.17 -13.07 35.80
CA VAL A 193 10.38 -12.30 35.55
C VAL A 193 10.49 -11.99 34.07
N THR A 194 10.85 -10.74 33.74
CA THR A 194 11.12 -10.31 32.37
C THR A 194 12.62 -10.07 32.19
N TYR A 195 13.23 -10.66 31.17
CA TYR A 195 14.68 -10.50 31.05
C TYR A 195 15.01 -9.07 30.65
N SER A 196 15.90 -8.44 31.42
CA SER A 196 16.36 -7.10 31.10
C SER A 196 17.25 -7.12 29.87
N TRP A 197 17.40 -5.94 29.25
CA TRP A 197 18.36 -5.80 28.13
C TRP A 197 19.74 -6.32 28.49
N GLU A 198 20.25 -5.98 29.68
CA GLU A 198 21.59 -6.45 30.03
C GLU A 198 21.65 -7.97 30.10
N THR A 199 20.61 -8.59 30.66
CA THR A 199 20.55 -10.05 30.67
C THR A 199 20.58 -10.61 29.24
N VAL A 200 19.79 -10.02 28.35
CA VAL A 200 19.72 -10.52 26.97
C VAL A 200 21.05 -10.33 26.27
N ARG A 201 21.64 -9.14 26.39
CA ARG A 201 22.94 -8.92 25.75
C ARG A 201 23.96 -9.97 26.20
N ARG A 202 24.03 -10.26 27.50
CA ARG A 202 25.01 -11.27 27.93
C ARG A 202 24.68 -12.64 27.36
N LEU A 203 23.39 -13.02 27.32
CA LEU A 203 23.10 -14.36 26.84
C LEU A 203 23.45 -14.57 25.38
N VAL A 204 23.32 -13.54 24.54
CA VAL A 204 23.67 -13.68 23.13
C VAL A 204 25.13 -13.44 22.82
N GLN A 205 25.90 -12.83 23.74
CA GLN A 205 27.32 -12.60 23.52
C GLN A 205 28.21 -13.69 24.13
N MET A 206 27.75 -14.39 25.15
CA MET A 206 28.64 -15.30 25.88
C MET A 206 29.18 -16.39 24.96
N ARG A 207 30.45 -16.75 25.16
CA ARG A 207 31.10 -17.81 24.39
C ARG A 207 30.64 -19.16 24.90
N THR A 208 30.16 -20.03 24.01
CA THR A 208 29.71 -21.36 24.39
C THR A 208 30.66 -22.40 23.87
N ALA A 209 30.95 -23.42 24.69
CA ALA A 209 31.77 -24.52 24.22
C ALA A 209 31.13 -25.22 23.01
N ALA A 210 29.81 -25.33 22.97
CA ALA A 210 29.14 -25.90 21.81
C ALA A 210 28.96 -24.85 20.73
N PRO A 211 29.47 -25.06 19.51
CA PRO A 211 29.35 -24.02 18.47
C PRO A 211 27.94 -23.79 17.98
N ASP A 212 26.98 -24.66 18.32
CA ASP A 212 25.61 -24.58 17.81
C ASP A 212 24.61 -24.41 18.97
N PHE A 213 25.06 -23.80 20.05
CA PHE A 213 24.22 -23.51 21.21
C PHE A 213 23.04 -22.62 20.79
N ARG A 214 21.88 -22.89 21.37
CA ARG A 214 20.67 -22.19 21.02
C ARG A 214 19.92 -21.68 22.24
N LEU A 215 19.40 -20.48 22.11
CA LEU A 215 18.47 -19.92 23.10
C LEU A 215 17.05 -20.20 22.60
N PHE A 216 16.27 -20.97 23.35
CA PHE A 216 14.88 -21.16 22.97
C PHE A 216 14.11 -20.04 23.63
N TRP A 217 13.83 -19.01 22.83
CA TRP A 217 13.37 -17.71 23.30
C TRP A 217 11.85 -17.72 23.14
N ASP A 218 11.17 -18.35 24.10
CA ASP A 218 9.72 -18.59 24.04
C ASP A 218 8.99 -17.38 24.59
N ASN A 219 8.74 -16.40 23.72
CA ASN A 219 8.11 -15.13 24.09
C ASN A 219 6.58 -15.31 24.10
N ALA A 220 6.18 -16.28 24.92
CA ALA A 220 4.77 -16.64 25.06
C ALA A 220 3.92 -15.50 25.58
N TYR A 221 4.52 -14.55 26.35
CA TYR A 221 3.77 -13.49 27.03
C TYR A 221 4.18 -12.10 26.52
N ALA A 222 4.61 -12.05 25.26
CA ALA A 222 5.21 -10.85 24.67
C ALA A 222 4.37 -9.58 24.87
N VAL A 223 3.04 -9.67 24.78
CA VAL A 223 2.22 -8.49 24.93
C VAL A 223 1.20 -8.62 26.06
N HIS A 224 1.44 -9.49 27.03
CA HIS A 224 0.39 -9.95 27.92
C HIS A 224 0.50 -9.21 29.26
N THR A 225 0.38 -7.90 29.15
CA THR A 225 0.53 -7.01 30.29
C THR A 225 -0.66 -7.09 31.24
N LEU A 226 -0.37 -6.91 32.54
CA LEU A 226 -1.38 -6.69 33.56
C LEU A 226 -1.51 -5.23 33.95
N THR A 227 -0.83 -4.34 33.25
CA THR A 227 -0.95 -2.91 33.47
C THR A 227 -1.38 -2.34 32.13
N LEU A 228 -1.41 -1.02 32.02
CA LEU A 228 -1.78 -0.40 30.75
C LEU A 228 -0.57 -0.18 29.85
N ASP A 229 0.60 -0.72 30.21
CA ASP A 229 1.78 -0.50 29.38
C ASP A 229 2.25 -1.80 28.75
N PHE A 230 2.78 -1.67 27.54
CA PHE A 230 3.35 -2.88 26.98
C PHE A 230 4.87 -2.86 27.10
N PRO A 231 5.50 -3.99 27.42
CA PRO A 231 6.97 -4.02 27.51
C PRO A 231 7.67 -3.85 26.17
N ARG A 232 8.79 -3.12 26.21
CA ARG A 232 9.67 -2.99 25.07
C ARG A 232 10.34 -4.33 24.82
N GLN A 233 10.32 -4.80 23.58
CA GLN A 233 10.95 -6.06 23.21
C GLN A 233 12.45 -5.85 23.03
N VAL A 234 13.25 -6.62 23.74
CA VAL A 234 14.68 -6.57 23.52
C VAL A 234 14.98 -7.22 22.17
N ASP A 235 15.87 -6.60 21.41
CA ASP A 235 16.22 -7.07 20.06
C ASP A 235 17.21 -8.24 20.13
N VAL A 236 16.67 -9.41 20.48
CA VAL A 236 17.53 -10.56 20.71
C VAL A 236 18.23 -10.98 19.42
N LEU A 237 17.52 -10.92 18.28
CA LEU A 237 18.14 -11.34 17.02
C LEU A 237 19.21 -10.34 16.56
N GLY A 238 18.94 -9.04 16.75
CA GLY A 238 19.92 -8.03 16.37
C GLY A 238 21.17 -8.11 17.23
N LEU A 239 20.99 -8.25 18.55
CA LEU A 239 22.13 -8.36 19.45
C LEU A 239 22.93 -9.62 19.16
N ALA A 240 22.25 -10.73 18.91
CA ALA A 240 22.96 -11.96 18.59
C ALA A 240 23.79 -11.82 17.31
N ALA A 241 23.23 -11.22 16.26
CA ALA A 241 23.99 -11.01 15.04
C ALA A 241 25.19 -10.08 15.23
N LYS A 242 25.02 -8.99 15.98
CA LYS A 242 26.15 -8.09 16.26
C LYS A 242 27.25 -8.76 17.05
N ALA A 243 26.90 -9.73 17.90
CA ALA A 243 27.87 -10.50 18.68
C ALA A 243 28.53 -11.61 17.88
N GLY A 244 28.12 -11.82 16.64
CA GLY A 244 28.63 -12.91 15.83
C GLY A 244 27.96 -14.25 16.07
N ASN A 245 26.78 -14.26 16.71
CA ASN A 245 26.03 -15.49 16.98
C ASN A 245 24.61 -15.35 16.42
N PRO A 246 24.47 -14.99 15.13
CA PRO A 246 23.12 -14.74 14.59
C PRO A 246 22.18 -15.90 14.71
N ASN A 247 22.68 -17.13 14.65
CA ASN A 247 21.85 -18.31 14.67
C ASN A 247 21.44 -18.74 16.05
N ARG A 248 21.96 -18.09 17.09
CA ARG A 248 21.70 -18.58 18.45
C ARG A 248 20.23 -18.55 18.89
N PRO A 249 19.45 -17.47 18.67
CA PRO A 249 18.10 -17.48 19.24
C PRO A 249 17.02 -18.03 18.31
N TYR A 250 16.14 -18.83 18.90
CA TYR A 250 14.91 -19.27 18.25
C TYR A 250 13.78 -18.58 19.00
N VAL A 251 13.02 -17.73 18.31
CA VAL A 251 11.97 -16.94 18.95
C VAL A 251 10.60 -17.55 18.66
N PHE A 252 9.77 -17.67 19.69
CA PHE A 252 8.43 -18.22 19.56
C PHE A 252 7.42 -17.23 20.16
N ALA A 253 6.21 -17.24 19.61
CA ALA A 253 5.09 -16.48 20.11
C ALA A 253 3.82 -17.21 19.65
N SER A 254 2.68 -16.76 20.18
CA SER A 254 1.39 -17.42 20.02
C SER A 254 0.26 -16.45 20.28
N THR A 255 -0.88 -16.69 19.64
CA THR A 255 -2.10 -15.99 19.98
C THR A 255 -3.01 -16.83 20.86
N SER A 256 -2.51 -17.92 21.44
CA SER A 256 -3.38 -18.77 22.26
C SER A 256 -4.05 -17.96 23.37
N LYS A 257 -3.34 -16.99 23.95
CA LYS A 257 -3.91 -16.13 24.98
C LYS A 257 -4.18 -14.72 24.48
N ILE A 258 -4.36 -14.59 23.18
CA ILE A 258 -4.83 -13.36 22.55
C ILE A 258 -6.23 -13.59 21.96
N THR A 259 -6.41 -14.69 21.23
CA THR A 259 -7.70 -15.03 20.63
C THR A 259 -8.28 -16.27 21.29
N PHE A 260 -8.05 -17.48 20.75
CA PHE A 260 -8.60 -18.74 21.27
C PHE A 260 -7.48 -19.67 21.68
N ALA A 261 -7.57 -20.24 22.89
CA ALA A 261 -6.50 -21.15 23.34
C ALA A 261 -6.67 -22.48 22.64
N GLY A 262 -5.74 -22.79 21.72
CA GLY A 262 -5.83 -23.94 20.85
C GLY A 262 -6.45 -23.69 19.48
N GLY A 263 -6.92 -22.48 19.22
CA GLY A 263 -7.49 -22.12 17.95
C GLY A 263 -6.82 -20.90 17.37
N GLY A 264 -5.61 -20.59 17.86
CA GLY A 264 -4.88 -19.40 17.47
C GLY A 264 -3.82 -19.69 16.43
N VAL A 265 -2.84 -18.78 16.36
CA VAL A 265 -1.75 -18.84 15.39
C VAL A 265 -0.42 -18.73 16.12
N SER A 266 0.54 -19.54 15.72
CA SER A 266 1.87 -19.53 16.31
C SER A 266 2.86 -18.78 15.41
N PHE A 267 3.99 -18.42 15.99
CA PHE A 267 5.02 -17.70 15.26
C PHE A 267 6.39 -18.24 15.65
N PHE A 268 7.29 -18.27 14.68
CA PHE A 268 8.69 -18.63 14.90
C PHE A 268 9.58 -17.56 14.25
N GLY A 269 10.55 -17.07 14.99
CA GLY A 269 11.47 -16.06 14.48
C GLY A 269 12.93 -16.44 14.66
N GLY A 270 13.76 -16.08 13.67
CA GLY A 270 15.18 -16.37 13.76
C GLY A 270 15.95 -15.69 12.64
N SER A 271 17.26 -15.98 12.59
CA SER A 271 18.08 -15.55 11.47
C SER A 271 17.54 -16.10 10.16
N LEU A 272 17.88 -15.42 9.06
CA LEU A 272 17.49 -15.96 7.76
C LEU A 272 18.01 -17.38 7.56
N GLY A 273 19.20 -17.68 8.06
CA GLY A 273 19.70 -19.05 7.97
C GLY A 273 18.81 -20.01 8.74
N ASN A 274 18.36 -19.62 9.92
CA ASN A 274 17.47 -20.48 10.70
C ASN A 274 16.07 -20.59 10.05
N ILE A 275 15.54 -19.51 9.47
CA ILE A 275 14.24 -19.64 8.78
C ILE A 275 14.35 -20.68 7.66
N ALA A 276 15.38 -20.55 6.82
CA ALA A 276 15.55 -21.50 5.74
C ALA A 276 15.78 -22.91 6.25
N TRP A 277 16.56 -23.05 7.35
CA TRP A 277 16.81 -24.37 7.92
C TRP A 277 15.51 -25.01 8.41
N TYR A 278 14.73 -24.27 9.20
CA TYR A 278 13.46 -24.79 9.68
C TYR A 278 12.53 -25.19 8.52
N LEU A 279 12.38 -24.30 7.52
CA LEU A 279 11.43 -24.57 6.44
C LEU A 279 11.84 -25.75 5.59
N GLN A 280 13.13 -26.00 5.44
CA GLN A 280 13.60 -27.16 4.68
C GLN A 280 13.04 -28.45 5.26
N TYR A 281 13.10 -28.60 6.56
CA TYR A 281 12.62 -29.79 7.24
C TYR A 281 11.14 -29.74 7.54
N ALA A 282 10.59 -28.56 7.81
CA ALA A 282 9.14 -28.48 8.00
C ALA A 282 8.40 -28.84 6.71
N GLY A 283 9.03 -28.59 5.55
CA GLY A 283 8.45 -28.95 4.27
C GLY A 283 8.35 -30.44 4.03
N LYS A 284 9.06 -31.24 4.79
CA LYS A 284 8.90 -32.67 4.67
C LYS A 284 7.74 -33.17 5.49
N LYS A 285 7.26 -32.32 6.40
CA LYS A 285 6.26 -32.64 7.38
C LYS A 285 4.87 -32.13 6.99
N SER A 286 4.78 -31.01 6.31
CA SER A 286 3.49 -30.48 5.91
C SER A 286 3.66 -29.62 4.68
N ILE A 287 2.63 -29.62 3.84
CA ILE A 287 2.58 -28.70 2.70
C ILE A 287 2.55 -27.25 3.18
N GLY A 288 2.02 -27.00 4.37
CA GLY A 288 2.08 -25.68 4.96
C GLY A 288 0.98 -25.44 5.99
N PRO A 289 1.04 -24.31 6.65
CA PRO A 289 0.09 -23.99 7.72
C PRO A 289 -1.27 -23.58 7.17
N ASP A 290 -2.19 -23.40 8.10
CA ASP A 290 -3.58 -23.06 7.81
C ASP A 290 -3.70 -21.56 7.54
N LYS A 291 -3.77 -21.21 6.27
CA LYS A 291 -3.78 -19.80 5.90
C LYS A 291 -5.12 -19.13 6.19
N VAL A 292 -6.22 -19.91 6.21
CA VAL A 292 -7.55 -19.32 6.48
C VAL A 292 -7.61 -18.82 7.91
N ASN A 293 -7.06 -19.58 8.84
CA ASN A 293 -7.08 -19.13 10.21
C ASN A 293 -6.16 -17.94 10.39
N GLN A 294 -5.05 -17.90 9.63
CA GLN A 294 -4.21 -16.71 9.64
C GLN A 294 -4.97 -15.54 9.05
N LEU A 295 -5.78 -15.79 8.02
CA LEU A 295 -6.58 -14.71 7.44
C LEU A 295 -7.62 -14.21 8.44
N ARG A 296 -8.30 -15.12 9.16
CA ARG A 296 -9.27 -14.67 10.17
C ARG A 296 -8.61 -13.76 11.17
N HIS A 297 -7.41 -14.15 11.62
CA HIS A 297 -6.70 -13.34 12.60
C HIS A 297 -6.30 -12.00 12.02
N LEU A 298 -5.82 -11.98 10.77
CA LEU A 298 -5.43 -10.70 10.20
C LEU A 298 -6.65 -9.78 10.10
N ARG A 299 -7.79 -10.32 9.68
CA ARG A 299 -9.00 -9.51 9.58
C ARG A 299 -9.48 -9.05 10.95
N PHE A 300 -9.40 -9.93 11.95
CA PHE A 300 -9.84 -9.59 13.29
C PHE A 300 -8.97 -8.48 13.91
N PHE A 301 -7.64 -8.63 13.81
CA PHE A 301 -6.76 -7.67 14.50
C PHE A 301 -6.66 -6.37 13.72
N GLY A 302 -6.58 -6.45 12.39
CA GLY A 302 -6.43 -5.28 11.56
C GLY A 302 -4.99 -4.81 11.54
N ASP A 303 -4.48 -4.44 12.71
CA ASP A 303 -3.10 -4.01 12.83
C ASP A 303 -2.63 -4.19 14.25
N ALA A 304 -1.38 -3.80 14.50
CA ALA A 304 -0.74 -4.00 15.81
C ALA A 304 -1.46 -3.23 16.90
N ASP A 305 -1.90 -2.00 16.60
CA ASP A 305 -2.70 -1.27 17.56
C ASP A 305 -3.97 -2.04 17.89
N GLY A 306 -4.52 -2.79 16.93
CA GLY A 306 -5.66 -3.64 17.22
C GLY A 306 -5.36 -4.71 18.24
N VAL A 307 -4.16 -5.31 18.16
CA VAL A 307 -3.76 -6.30 19.16
C VAL A 307 -3.59 -5.66 20.54
N ARG A 308 -2.94 -4.49 20.57
CA ARG A 308 -2.72 -3.79 21.84
C ARG A 308 -4.05 -3.48 22.50
N LEU A 309 -5.00 -2.97 21.72
CA LEU A 309 -6.32 -2.62 22.28
C LEU A 309 -6.99 -3.87 22.85
N HIS A 310 -6.90 -4.96 22.10
CA HIS A 310 -7.39 -6.25 22.54
C HIS A 310 -6.73 -6.73 23.84
N MET A 311 -5.40 -6.58 23.93
CA MET A 311 -4.73 -6.97 25.18
C MET A 311 -5.16 -6.12 26.38
N LEU A 312 -5.44 -4.84 26.18
CA LEU A 312 -5.96 -4.12 27.34
C LEU A 312 -7.34 -4.63 27.73
N ARG A 313 -8.13 -5.10 26.76
CA ARG A 313 -9.39 -5.73 27.18
C ARG A 313 -9.16 -7.00 27.99
N HIS A 314 -8.16 -7.81 27.64
CA HIS A 314 -7.82 -8.95 28.49
C HIS A 314 -7.35 -8.47 29.86
N GLN A 315 -6.46 -7.46 29.87
CA GLN A 315 -5.93 -6.91 31.11
C GLN A 315 -7.01 -6.47 32.09
N GLN A 316 -8.08 -5.85 31.60
CA GLN A 316 -9.15 -5.40 32.48
C GLN A 316 -9.84 -6.56 33.18
N ILE A 317 -9.89 -7.73 32.56
CA ILE A 317 -10.44 -8.93 33.17
C ILE A 317 -9.44 -9.58 34.12
N LEU A 318 -8.18 -9.71 33.69
CA LEU A 318 -7.20 -10.46 34.45
C LEU A 318 -6.71 -9.68 35.67
N ALA A 319 -6.43 -8.39 35.52
CA ALA A 319 -5.81 -7.64 36.60
C ALA A 319 -6.55 -7.74 37.93
N PRO A 320 -7.90 -7.65 37.99
CA PRO A 320 -8.56 -7.83 39.32
C PRO A 320 -8.35 -9.21 39.90
N LYS A 321 -8.23 -10.24 39.07
CA LYS A 321 -7.98 -11.58 39.60
C LYS A 321 -6.59 -11.68 40.23
N PHE A 322 -5.57 -11.12 39.57
CA PHE A 322 -4.25 -11.10 40.17
C PHE A 322 -4.21 -10.25 41.44
N ALA A 323 -4.90 -9.12 41.46
CA ALA A 323 -4.94 -8.31 42.68
C ALA A 323 -5.57 -9.07 43.83
N LEU A 324 -6.68 -9.76 43.56
CA LEU A 324 -7.34 -10.58 44.58
C LEU A 324 -6.42 -11.64 45.17
N VAL A 325 -5.73 -12.41 44.33
CA VAL A 325 -4.83 -13.45 44.85
C VAL A 325 -3.78 -12.83 45.78
N ALA A 326 -3.17 -11.73 45.34
CA ALA A 326 -2.14 -11.09 46.15
C ALA A 326 -2.71 -10.63 47.49
N GLU A 327 -3.91 -10.05 47.48
CA GLU A 327 -4.51 -9.57 48.72
C GLU A 327 -4.80 -10.71 49.69
N VAL A 328 -5.30 -11.83 49.16
CA VAL A 328 -5.66 -12.96 50.03
C VAL A 328 -4.41 -13.56 50.64
N LEU A 329 -3.40 -13.81 49.81
CA LEU A 329 -2.15 -14.31 50.34
C LEU A 329 -1.63 -13.38 51.42
N ASP A 330 -1.69 -12.08 51.16
CA ASP A 330 -1.19 -11.09 52.12
C ASP A 330 -1.98 -11.18 53.45
N GLN A 331 -3.31 -11.18 53.39
CA GLN A 331 -4.12 -11.18 54.62
C GLN A 331 -3.94 -12.47 55.40
N ARG A 332 -3.83 -13.61 54.70
CA ARG A 332 -3.67 -14.87 55.42
C ARG A 332 -2.22 -15.18 55.77
N LEU A 333 -1.23 -14.80 54.93
CA LEU A 333 0.12 -15.32 55.15
C LEU A 333 1.22 -14.35 55.59
N SER A 334 1.09 -13.05 55.35
CA SER A 334 2.26 -12.16 55.54
C SER A 334 2.80 -12.19 56.97
N GLU A 335 1.89 -12.12 57.93
CA GLU A 335 2.24 -12.06 59.35
C GLU A 335 2.96 -13.32 59.80
N SER A 336 2.54 -14.49 59.28
CA SER A 336 3.20 -15.72 59.69
C SER A 336 4.63 -15.78 59.20
N LYS A 337 4.94 -15.05 58.14
CA LYS A 337 6.23 -15.04 57.46
C LYS A 337 6.71 -16.42 57.04
N ILE A 338 5.79 -17.34 56.73
CA ILE A 338 6.22 -18.65 56.24
C ILE A 338 6.37 -18.68 54.73
N ALA A 339 5.89 -17.65 54.04
CA ALA A 339 5.68 -17.75 52.61
C ALA A 339 6.13 -16.46 51.93
N SER A 340 6.34 -16.56 50.62
CA SER A 340 6.52 -15.38 49.77
C SER A 340 5.97 -15.70 48.39
N TRP A 341 5.63 -14.64 47.65
CA TRP A 341 5.00 -14.88 46.37
C TRP A 341 5.35 -13.76 45.41
N THR A 342 5.25 -14.04 44.11
CA THR A 342 5.47 -12.99 43.13
C THR A 342 4.20 -12.12 43.00
N GLU A 343 4.40 -10.90 42.53
CA GLU A 343 3.30 -9.98 42.18
C GLU A 343 3.61 -9.55 40.75
N PRO A 344 3.26 -10.38 39.78
CA PRO A 344 3.73 -10.15 38.40
C PRO A 344 3.08 -8.94 37.74
N LYS A 345 3.79 -8.38 36.77
CA LYS A 345 3.28 -7.27 35.99
C LYS A 345 2.66 -7.74 34.68
N GLY A 346 2.64 -9.04 34.43
CA GLY A 346 2.14 -9.62 33.21
C GLY A 346 2.23 -11.13 33.30
N GLY A 347 1.79 -11.77 32.23
CA GLY A 347 1.84 -13.22 32.22
C GLY A 347 0.61 -13.79 32.86
N TYR A 348 0.66 -15.09 33.14
CA TYR A 348 -0.54 -15.82 33.54
C TYR A 348 -0.43 -16.50 34.90
N PHE A 349 0.66 -16.29 35.64
CA PHE A 349 0.86 -17.10 36.84
C PHE A 349 1.44 -16.29 37.99
N ILE A 350 1.15 -16.77 39.20
CA ILE A 350 1.79 -16.29 40.41
C ILE A 350 2.57 -17.46 40.99
N SER A 351 3.82 -17.20 41.42
CA SER A 351 4.69 -18.21 42.00
C SER A 351 4.73 -18.03 43.52
N LEU A 352 4.25 -19.03 44.27
CA LEU A 352 4.19 -18.98 45.72
C LEU A 352 5.21 -19.94 46.30
N ASP A 353 6.02 -19.47 47.24
CA ASP A 353 6.91 -20.33 48.03
C ASP A 353 6.34 -20.37 49.44
N VAL A 354 5.97 -21.57 49.89
CA VAL A 354 5.52 -21.76 51.27
C VAL A 354 6.70 -22.24 52.11
N LEU A 355 6.44 -22.72 53.31
CA LEU A 355 7.51 -23.14 54.19
C LEU A 355 8.28 -24.29 53.56
N PRO A 356 9.61 -24.22 53.49
CA PRO A 356 10.36 -25.31 52.87
C PRO A 356 10.10 -26.65 53.52
N GLY A 357 9.97 -27.67 52.69
CA GLY A 357 9.59 -28.98 53.15
C GLY A 357 8.10 -29.22 53.24
N THR A 358 7.26 -28.27 52.84
CA THR A 358 5.82 -28.47 53.02
C THR A 358 5.01 -28.32 51.74
N ALA A 359 5.64 -28.11 50.58
CA ALA A 359 4.85 -27.83 49.39
C ALA A 359 4.01 -29.03 48.97
N ARG A 360 4.61 -30.23 48.95
CA ARG A 360 3.84 -31.42 48.58
C ARG A 360 2.68 -31.63 49.54
N ARG A 361 2.95 -31.51 50.84
CA ARG A 361 1.92 -31.67 51.84
C ARG A 361 0.81 -30.66 51.66
N THR A 362 1.16 -29.41 51.41
CA THR A 362 0.15 -28.39 51.18
C THR A 362 -0.77 -28.75 50.02
N VAL A 363 -0.19 -29.21 48.91
CA VAL A 363 -0.96 -29.61 47.75
C VAL A 363 -1.88 -30.78 48.09
N ALA A 364 -1.37 -31.74 48.85
CA ALA A 364 -2.16 -32.89 49.25
C ALA A 364 -3.29 -32.49 50.18
N LEU A 365 -3.02 -31.63 51.16
CA LEU A 365 -4.09 -31.14 52.02
C LEU A 365 -5.18 -30.46 51.21
N ALA A 366 -4.80 -29.62 50.26
CA ALA A 366 -5.79 -28.95 49.43
C ALA A 366 -6.62 -29.94 48.62
N LYS A 367 -5.99 -30.97 48.03
CA LYS A 367 -6.78 -31.90 47.23
C LYS A 367 -7.85 -32.59 48.06
N ASP A 368 -7.58 -32.87 49.32
CA ASP A 368 -8.59 -33.57 50.12
C ASP A 368 -9.69 -32.65 50.63
N VAL A 369 -9.61 -31.34 50.42
CA VAL A 369 -10.73 -30.44 50.68
C VAL A 369 -11.28 -29.88 49.38
N GLY A 370 -10.92 -30.49 48.26
CA GLY A 370 -11.52 -30.19 46.97
C GLY A 370 -10.97 -28.99 46.25
N ILE A 371 -9.74 -28.58 46.56
CA ILE A 371 -9.08 -27.49 45.88
C ILE A 371 -7.91 -28.10 45.14
N ALA A 372 -8.00 -28.11 43.82
CA ALA A 372 -6.92 -28.64 43.00
C ALA A 372 -5.85 -27.58 42.82
N VAL A 373 -4.64 -27.94 43.17
CA VAL A 373 -3.48 -27.06 43.15
C VAL A 373 -2.41 -27.79 42.34
N THR A 374 -1.62 -27.03 41.59
CA THR A 374 -0.64 -27.64 40.71
C THR A 374 0.33 -28.49 41.51
N GLU A 375 0.74 -29.62 40.92
CA GLU A 375 1.52 -30.59 41.65
C GLU A 375 2.84 -29.96 42.09
N ALA A 376 3.26 -30.28 43.31
CA ALA A 376 4.54 -29.76 43.79
C ALA A 376 5.67 -30.19 42.87
N GLY A 377 6.58 -29.26 42.58
CA GLY A 377 7.72 -29.54 41.73
C GLY A 377 7.46 -29.35 40.26
N ALA A 378 6.22 -29.03 39.88
CA ALA A 378 5.84 -28.97 38.48
C ALA A 378 6.68 -27.97 37.70
N SER A 379 7.20 -26.93 38.34
CA SER A 379 7.95 -25.92 37.62
C SER A 379 9.45 -26.21 37.57
N PHE A 380 9.85 -27.46 37.82
CA PHE A 380 11.25 -27.87 37.87
C PHE A 380 11.42 -29.07 36.96
N PRO A 381 12.58 -29.22 36.33
CA PRO A 381 12.84 -30.45 35.59
C PRO A 381 12.70 -31.66 36.49
N TYR A 382 12.08 -32.72 35.96
CA TYR A 382 11.85 -33.98 36.69
C TYR A 382 10.93 -33.81 37.89
N ARG A 383 10.23 -32.67 37.94
CA ARG A 383 9.35 -32.32 39.05
C ARG A 383 10.10 -32.30 40.38
N LYS A 384 11.37 -31.92 40.34
CA LYS A 384 12.24 -32.04 41.50
C LYS A 384 12.57 -30.65 42.04
N ASP A 385 11.84 -30.24 43.08
CA ASP A 385 12.04 -28.96 43.74
C ASP A 385 12.88 -29.25 44.97
N PRO A 386 14.17 -28.89 45.00
CA PRO A 386 14.99 -29.29 46.14
C PRO A 386 14.57 -28.71 47.46
N ASP A 387 13.77 -27.64 47.48
CA ASP A 387 13.35 -27.10 48.76
C ASP A 387 11.93 -27.50 49.11
N ASP A 388 11.22 -28.18 48.19
CA ASP A 388 9.84 -28.59 48.42
C ASP A 388 9.03 -27.45 49.02
N LYS A 389 9.06 -26.29 48.34
CA LYS A 389 8.40 -25.06 48.79
C LYS A 389 7.53 -24.36 47.74
N ASN A 390 7.76 -24.57 46.45
CA ASN A 390 7.17 -23.77 45.37
C ASN A 390 5.82 -24.34 44.95
N ILE A 391 4.83 -23.45 44.84
CA ILE A 391 3.52 -23.77 44.30
C ILE A 391 3.18 -22.75 43.22
N ARG A 392 2.71 -23.21 42.07
CA ARG A 392 2.20 -22.31 41.04
C ARG A 392 0.71 -22.06 41.27
N ILE A 393 0.29 -20.81 41.09
CA ILE A 393 -1.12 -20.44 41.14
C ILE A 393 -1.50 -19.86 39.77
N ALA A 394 -2.58 -20.37 39.19
CA ALA A 394 -3.11 -19.89 37.92
C ALA A 394 -4.42 -19.14 38.13
N PRO A 395 -4.42 -17.80 38.17
CA PRO A 395 -5.66 -17.06 38.49
C PRO A 395 -6.63 -16.86 37.35
N SER A 396 -6.27 -17.17 36.11
CA SER A 396 -7.04 -16.64 34.98
C SER A 396 -8.43 -17.26 34.88
N PHE A 397 -8.57 -18.53 35.14
CA PHE A 397 -9.80 -19.16 34.71
C PHE A 397 -11.00 -18.97 35.64
N PRO A 398 -10.89 -19.22 36.95
CA PRO A 398 -12.09 -19.19 37.80
C PRO A 398 -12.67 -17.80 37.95
N SER A 399 -13.95 -17.79 38.36
CA SER A 399 -14.60 -16.54 38.70
C SER A 399 -13.93 -15.93 39.93
N VAL A 400 -14.11 -14.63 40.09
CA VAL A 400 -13.55 -13.94 41.25
C VAL A 400 -13.97 -14.61 42.56
N PRO A 401 -15.25 -14.96 42.77
CA PRO A 401 -15.62 -15.60 44.05
C PRO A 401 -14.98 -16.98 44.23
N ASP A 402 -14.86 -17.75 43.15
CA ASP A 402 -14.20 -19.06 43.21
C ASP A 402 -12.71 -18.89 43.50
N LEU A 403 -12.10 -17.85 42.93
CA LEU A 403 -10.67 -17.63 43.13
C LEU A 403 -10.40 -17.28 44.59
N ARG A 404 -11.25 -16.43 45.18
CA ARG A 404 -11.10 -16.08 46.59
C ARG A 404 -11.19 -17.32 47.47
N ASN A 405 -12.22 -18.14 47.24
CA ASN A 405 -12.40 -19.36 48.04
C ASN A 405 -11.23 -20.30 47.85
N ALA A 406 -10.72 -20.40 46.61
CA ALA A 406 -9.65 -21.35 46.35
C ALA A 406 -8.36 -20.91 47.03
N VAL A 407 -8.00 -19.63 46.90
CA VAL A 407 -6.74 -19.17 47.48
C VAL A 407 -6.82 -19.10 49.00
N ASP A 408 -7.98 -18.73 49.54
CA ASP A 408 -8.10 -18.69 50.99
C ASP A 408 -7.97 -20.11 51.57
N GLY A 409 -8.54 -21.10 50.88
CA GLY A 409 -8.38 -22.50 51.30
C GLY A 409 -6.92 -22.95 51.19
N LEU A 410 -6.27 -22.61 50.06
CA LEU A 410 -4.86 -22.94 49.86
C LEU A 410 -4.00 -22.38 50.98
N ALA A 411 -4.26 -21.13 51.37
CA ALA A 411 -3.53 -20.52 52.48
C ALA A 411 -3.76 -21.31 53.77
N THR A 412 -5.02 -21.68 54.03
CA THR A 412 -5.31 -22.50 55.20
C THR A 412 -4.48 -23.79 55.20
N CYS A 413 -4.38 -24.44 54.04
CA CYS A 413 -3.59 -25.66 53.95
C CYS A 413 -2.10 -25.42 54.17
N ALA A 414 -1.58 -24.31 53.65
CA ALA A 414 -0.16 -24.02 53.82
C ALA A 414 0.18 -23.74 55.26
N LEU A 415 -0.70 -23.01 55.97
CA LEU A 415 -0.44 -22.73 57.39
C LEU A 415 -0.45 -23.99 58.23
N LEU A 416 -1.42 -24.89 58.01
CA LEU A 416 -1.47 -26.13 58.80
C LEU A 416 -0.27 -27.00 58.51
N ALA A 417 0.13 -27.09 57.24
CA ALA A 417 1.33 -27.84 56.86
C ALA A 417 2.55 -27.26 57.53
N ALA A 418 2.59 -25.93 57.66
CA ALA A 418 3.71 -25.25 58.31
C ALA A 418 3.78 -25.65 59.77
N THR A 419 2.66 -25.55 60.49
CA THR A 419 2.69 -25.90 61.91
C THR A 419 2.98 -27.38 62.08
N GLU A 420 2.45 -28.23 61.19
CA GLU A 420 2.78 -29.65 61.28
C GLU A 420 4.29 -29.86 61.27
N THR A 421 5.00 -29.25 60.32
CA THR A 421 6.44 -29.52 60.21
C THR A 421 7.20 -28.90 61.38
N LEU A 422 6.83 -27.68 61.78
CA LEU A 422 7.48 -27.07 62.94
C LEU A 422 7.36 -27.97 64.17
N LEU A 423 6.22 -28.60 64.37
CA LEU A 423 6.16 -29.42 65.56
C LEU A 423 7.07 -30.64 65.44
N ASN A 424 7.47 -31.04 64.23
CA ASN A 424 8.55 -32.01 64.13
C ASN A 424 9.91 -31.38 63.76
N SER B 2 1.10 -46.53 -36.74
CA SER B 2 1.77 -47.38 -35.77
C SER B 2 3.29 -47.19 -35.83
N PHE B 3 3.77 -46.24 -35.02
CA PHE B 3 5.20 -45.91 -34.94
C PHE B 3 6.11 -47.14 -34.96
N ASP B 4 5.82 -48.13 -34.11
CA ASP B 4 6.80 -49.18 -33.85
C ASP B 4 7.02 -50.06 -35.08
N SER B 5 5.99 -50.22 -35.92
CA SER B 5 6.14 -50.87 -37.23
C SER B 5 6.08 -49.81 -38.34
N LEU B 6 7.23 -49.33 -38.80
CA LEU B 6 7.18 -48.28 -39.84
C LEU B 6 8.41 -48.33 -40.75
N SER B 7 8.54 -47.28 -41.57
CA SER B 7 9.29 -47.27 -42.83
C SER B 7 10.20 -46.05 -42.86
N PRO B 8 11.52 -46.21 -43.08
CA PRO B 8 12.46 -45.21 -42.52
C PRO B 8 12.31 -43.79 -43.04
N GLN B 9 12.09 -43.54 -44.35
CA GLN B 9 11.83 -42.16 -44.77
C GLN B 9 10.52 -41.68 -44.14
N GLU B 10 9.52 -42.58 -44.09
CA GLU B 10 8.24 -42.22 -43.50
C GLU B 10 8.44 -41.91 -42.03
N LEU B 11 9.32 -42.66 -41.34
CA LEU B 11 9.63 -42.32 -39.97
C LEU B 11 10.30 -40.95 -39.94
N ALA B 12 11.17 -40.72 -40.91
CA ALA B 12 11.82 -39.42 -41.04
C ALA B 12 10.80 -38.37 -41.44
N ALA B 13 9.87 -38.73 -42.32
CA ALA B 13 8.81 -37.81 -42.71
C ALA B 13 7.84 -37.50 -41.57
N LEU B 14 7.45 -38.53 -40.80
CA LEU B 14 6.60 -38.26 -39.65
C LEU B 14 7.35 -37.37 -38.64
N HIS B 15 8.64 -37.66 -38.41
CA HIS B 15 9.44 -36.81 -37.53
C HIS B 15 9.41 -35.37 -38.01
N ALA B 16 9.48 -35.18 -39.33
CA ALA B 16 9.38 -33.84 -39.90
C ALA B 16 8.02 -33.25 -39.60
N ARG B 17 6.98 -34.10 -39.74
CA ARG B 17 5.61 -33.72 -39.40
C ARG B 17 5.53 -33.21 -37.97
N HIS B 18 5.92 -34.05 -37.01
CA HIS B 18 5.95 -33.68 -35.60
C HIS B 18 6.72 -32.39 -35.36
N GLN B 19 7.88 -32.21 -36.02
CA GLN B 19 8.63 -30.96 -35.86
C GLN B 19 7.78 -29.77 -36.29
N GLN B 20 6.97 -29.93 -37.33
CA GLN B 20 6.13 -28.82 -37.73
C GLN B 20 5.06 -28.58 -36.67
N ASP B 21 4.49 -29.67 -36.14
CA ASP B 21 3.57 -29.56 -35.01
C ASP B 21 4.23 -28.84 -33.83
N TYR B 22 5.49 -29.15 -33.54
CA TYR B 22 6.13 -28.57 -32.37
C TYR B 22 6.41 -27.09 -32.60
N ALA B 23 6.81 -26.74 -33.82
CA ALA B 23 7.00 -25.33 -34.16
C ALA B 23 5.71 -24.54 -33.98
N ALA B 24 4.60 -25.12 -34.42
CA ALA B 24 3.30 -24.47 -34.25
C ALA B 24 3.00 -24.24 -32.79
N LEU B 25 3.20 -25.29 -32.00
CA LEU B 25 3.04 -25.20 -30.55
C LEU B 25 3.90 -24.07 -29.99
N GLN B 26 5.15 -23.97 -30.45
CA GLN B 26 6.07 -22.92 -29.96
C GLN B 26 5.52 -21.53 -30.22
N GLY B 27 4.84 -21.34 -31.33
CA GLY B 27 4.28 -20.04 -31.63
C GLY B 27 3.23 -19.56 -30.64
N MET B 28 2.34 -20.44 -30.21
CA MET B 28 1.16 -20.02 -29.45
C MET B 28 1.44 -19.29 -28.13
N LYS B 29 2.72 -19.07 -27.81
CA LYS B 29 3.15 -18.36 -26.60
C LYS B 29 2.39 -18.83 -25.36
N LEU B 30 2.49 -20.13 -25.06
CA LEU B 30 1.70 -20.69 -23.97
C LEU B 30 2.32 -20.44 -22.60
N ALA B 31 1.46 -20.52 -21.59
CA ALA B 31 1.85 -20.52 -20.19
C ALA B 31 0.92 -21.48 -19.43
N LEU B 32 1.15 -22.79 -19.56
CA LEU B 32 0.21 -23.75 -18.99
C LEU B 32 0.93 -24.64 -17.99
N ASP B 33 0.16 -25.32 -17.15
CA ASP B 33 0.72 -26.08 -16.04
C ASP B 33 -0.19 -27.27 -15.74
N LEU B 34 0.40 -28.47 -15.74
CA LEU B 34 -0.32 -29.71 -15.45
C LEU B 34 0.25 -30.43 -14.25
N THR B 35 0.92 -29.70 -13.35
CA THR B 35 1.65 -30.34 -12.25
C THR B 35 0.95 -30.27 -10.92
N ARG B 36 -0.09 -29.43 -10.79
CA ARG B 36 -0.61 -29.04 -9.49
C ARG B 36 -1.75 -29.99 -9.09
N GLY B 37 -1.49 -30.85 -8.13
CA GLY B 37 -2.55 -31.72 -7.69
C GLY B 37 -3.50 -31.01 -6.72
N LYS B 38 -4.03 -29.86 -7.08
CA LYS B 38 -4.84 -29.18 -6.09
C LYS B 38 -6.22 -28.87 -6.62
N PRO B 39 -7.21 -28.71 -5.73
CA PRO B 39 -8.58 -28.47 -6.17
C PRO B 39 -8.65 -27.19 -6.95
N SER B 40 -9.59 -27.14 -7.89
CA SER B 40 -9.74 -25.88 -8.59
C SER B 40 -10.41 -24.87 -7.67
N ALA B 41 -10.31 -23.59 -8.05
CA ALA B 41 -11.06 -22.55 -7.34
C ALA B 41 -12.54 -22.92 -7.30
N GLU B 42 -13.07 -23.46 -8.42
CA GLU B 42 -14.46 -23.89 -8.49
C GLU B 42 -14.79 -24.97 -7.44
N GLN B 43 -13.91 -25.92 -7.23
CA GLN B 43 -14.13 -26.90 -6.16
C GLN B 43 -14.11 -26.24 -4.79
N LEU B 44 -13.17 -25.31 -4.56
CA LEU B 44 -13.08 -24.70 -3.24
C LEU B 44 -14.33 -23.91 -2.91
N ASP B 45 -14.91 -23.24 -3.92
CA ASP B 45 -16.15 -22.48 -3.74
C ASP B 45 -17.28 -23.31 -3.15
N LEU B 46 -17.31 -24.61 -3.41
CA LEU B 46 -18.35 -25.47 -2.83
C LEU B 46 -18.40 -25.40 -1.31
N SER B 47 -17.27 -25.07 -0.67
CA SER B 47 -17.17 -25.04 0.79
C SER B 47 -17.06 -23.63 1.35
N ASN B 48 -17.41 -22.62 0.56
CA ASN B 48 -17.26 -21.26 1.09
C ASN B 48 -18.09 -20.97 2.33
N GLN B 49 -19.10 -21.80 2.66
CA GLN B 49 -19.82 -21.45 3.88
C GLN B 49 -18.97 -21.73 5.12
N LEU B 50 -17.94 -22.56 5.02
CA LEU B 50 -16.99 -22.70 6.14
C LEU B 50 -16.40 -21.36 6.55
N LEU B 51 -16.29 -20.42 5.61
CA LEU B 51 -15.65 -19.14 5.92
C LEU B 51 -16.48 -18.29 6.89
N SER B 52 -17.75 -18.65 7.13
CA SER B 52 -18.58 -17.98 8.13
C SER B 52 -18.97 -18.90 9.28
N LEU B 53 -18.44 -20.09 9.34
CA LEU B 53 -18.77 -21.02 10.40
C LEU B 53 -17.69 -20.98 11.48
N PRO B 54 -18.03 -21.36 12.72
CA PRO B 54 -19.28 -21.93 13.20
C PRO B 54 -20.34 -20.91 13.61
N GLY B 55 -20.03 -19.61 13.57
CA GLY B 55 -20.95 -18.58 14.07
C GLY B 55 -20.97 -18.53 15.60
N ASP B 56 -22.06 -17.98 16.15
CA ASP B 56 -22.12 -17.69 17.59
C ASP B 56 -22.00 -18.93 18.46
N ASP B 57 -22.51 -20.08 18.03
CA ASP B 57 -22.49 -21.28 18.87
C ASP B 57 -21.18 -22.03 18.71
N TYR B 58 -20.26 -21.79 19.65
CA TYR B 58 -18.90 -22.34 19.65
C TYR B 58 -18.83 -23.67 20.40
N ARG B 59 -19.98 -24.21 20.83
CA ARG B 59 -20.02 -25.45 21.58
C ARG B 59 -20.33 -26.62 20.66
N ASP B 60 -19.65 -27.76 20.89
CA ASP B 60 -19.97 -28.96 20.14
C ASP B 60 -21.18 -29.62 20.79
N PRO B 61 -21.69 -30.72 20.24
CA PRO B 61 -22.88 -31.36 20.85
C PRO B 61 -22.66 -31.82 22.28
N GLU B 62 -21.43 -32.14 22.66
CA GLU B 62 -21.13 -32.58 24.01
C GLU B 62 -20.95 -31.42 25.00
N GLY B 63 -21.15 -30.18 24.55
CA GLY B 63 -20.98 -29.03 25.42
C GLY B 63 -19.57 -28.50 25.54
N THR B 64 -18.60 -29.05 24.81
CA THR B 64 -17.22 -28.58 24.89
C THR B 64 -17.10 -27.17 24.34
N ASP B 65 -16.49 -26.27 25.11
CA ASP B 65 -16.12 -24.95 24.61
C ASP B 65 -14.91 -25.11 23.66
N THR B 66 -15.15 -25.06 22.35
CA THR B 66 -14.06 -25.34 21.41
C THR B 66 -13.00 -24.24 21.36
N ARG B 67 -13.24 -23.09 21.97
CA ARG B 67 -12.32 -21.96 21.96
C ARG B 67 -11.19 -22.10 22.98
N ASN B 68 -11.25 -23.10 23.87
CA ASN B 68 -10.31 -23.22 24.97
C ASN B 68 -9.50 -24.50 24.87
N TYR B 69 -8.40 -24.55 25.65
CA TYR B 69 -7.47 -25.67 25.63
C TYR B 69 -8.12 -26.99 26.02
N GLY B 70 -7.56 -28.09 25.49
CA GLY B 70 -7.89 -29.40 26.02
C GLY B 70 -8.41 -30.39 24.98
N GLY B 71 -8.06 -31.66 25.12
CA GLY B 71 -8.65 -32.69 24.29
C GLY B 71 -7.77 -33.09 23.12
N GLN B 72 -7.08 -34.25 23.20
CA GLN B 72 -6.18 -34.70 22.15
C GLN B 72 -6.85 -35.51 21.03
N HIS B 73 -8.01 -36.10 21.27
CA HIS B 73 -8.59 -37.00 20.29
C HIS B 73 -9.31 -36.26 19.16
N GLY B 74 -9.71 -35.00 19.37
CA GLY B 74 -10.56 -34.31 18.42
C GLY B 74 -12.02 -34.48 18.77
N LEU B 75 -12.86 -33.69 18.10
CA LEU B 75 -14.28 -33.67 18.48
C LEU B 75 -14.95 -34.98 18.10
N PRO B 76 -15.60 -35.66 19.05
CA PRO B 76 -16.21 -36.97 18.74
C PRO B 76 -17.25 -36.89 17.64
N GLY B 77 -17.94 -35.76 17.51
CA GLY B 77 -19.00 -35.68 16.52
C GLY B 77 -18.45 -35.69 15.10
N LEU B 78 -17.30 -35.04 14.90
CA LEU B 78 -16.67 -35.06 13.59
C LEU B 78 -16.03 -36.41 13.32
N ARG B 79 -15.36 -36.98 14.33
CA ARG B 79 -14.85 -38.34 14.19
C ARG B 79 -15.95 -39.35 13.84
N ALA B 80 -17.15 -39.19 14.38
CA ALA B 80 -18.21 -40.14 14.05
C ALA B 80 -18.55 -40.12 12.57
N ILE B 81 -18.46 -38.96 11.94
CA ILE B 81 -18.78 -38.90 10.51
C ILE B 81 -17.78 -39.70 9.71
N PHE B 82 -16.49 -39.46 9.95
CA PHE B 82 -15.45 -40.17 9.21
C PHE B 82 -15.27 -41.58 9.68
N ALA B 83 -15.66 -41.89 10.93
CA ALA B 83 -15.72 -43.28 11.37
C ALA B 83 -16.65 -44.09 10.48
N GLU B 84 -17.82 -43.53 10.18
CA GLU B 84 -18.72 -44.17 9.23
C GLU B 84 -18.11 -44.24 7.83
N LEU B 85 -17.54 -43.13 7.36
CA LEU B 85 -16.97 -43.12 6.01
C LEU B 85 -15.82 -44.11 5.87
N LEU B 86 -15.01 -44.25 6.91
CA LEU B 86 -13.82 -45.11 6.84
C LEU B 86 -14.04 -46.53 7.37
N GLY B 87 -15.13 -46.78 8.09
CA GLY B 87 -15.35 -48.06 8.74
C GLY B 87 -14.41 -48.31 9.92
N ILE B 88 -14.20 -47.29 10.75
CA ILE B 88 -13.31 -47.37 11.90
C ILE B 88 -14.07 -46.85 13.10
N ALA B 89 -14.03 -47.59 14.21
CA ALA B 89 -14.80 -47.14 15.35
C ALA B 89 -14.24 -45.81 15.88
N VAL B 90 -15.14 -45.00 16.44
CA VAL B 90 -14.77 -43.68 16.96
C VAL B 90 -13.56 -43.71 17.91
N PRO B 91 -13.47 -44.61 18.89
CA PRO B 91 -12.28 -44.62 19.75
C PRO B 91 -11.00 -44.95 19.01
N ASN B 92 -11.07 -45.53 17.82
CA ASN B 92 -9.90 -45.89 17.02
C ASN B 92 -9.51 -44.83 16.01
N LEU B 93 -10.14 -43.66 16.04
CA LEU B 93 -9.95 -42.60 15.06
C LEU B 93 -9.80 -41.31 15.83
N ILE B 94 -8.75 -40.54 15.50
CA ILE B 94 -8.61 -39.20 16.05
C ILE B 94 -8.60 -38.22 14.89
N ALA B 95 -8.94 -36.98 15.21
CA ALA B 95 -8.91 -35.88 14.26
C ALA B 95 -7.84 -34.87 14.66
N GLY B 96 -7.02 -34.46 13.69
CA GLY B 96 -5.89 -33.57 13.92
C GLY B 96 -6.07 -32.17 13.35
N ASN B 97 -4.97 -31.57 12.91
CA ASN B 97 -5.02 -30.25 12.30
C ASN B 97 -5.15 -30.41 10.79
N ASN B 98 -4.49 -29.54 10.03
CA ASN B 98 -4.77 -29.35 8.61
C ASN B 98 -3.95 -30.28 7.72
N SER B 99 -3.22 -31.24 8.28
CA SER B 99 -2.28 -32.00 7.47
C SER B 99 -2.23 -33.45 7.93
N SER B 100 -2.67 -34.36 7.08
CA SER B 100 -2.43 -35.78 7.29
C SER B 100 -0.97 -36.12 7.04
N LEU B 101 -0.33 -35.41 6.12
CA LEU B 101 1.09 -35.65 5.90
C LEU B 101 1.86 -35.49 7.20
N GLU B 102 1.47 -34.47 7.98
CA GLU B 102 2.15 -34.17 9.25
C GLU B 102 1.97 -35.29 10.28
N LEU B 103 0.79 -35.94 10.28
CA LEU B 103 0.56 -37.12 11.12
C LEU B 103 1.51 -38.25 10.71
N MET B 104 1.61 -38.51 9.41
CA MET B 104 2.48 -39.55 8.88
C MET B 104 3.94 -39.28 9.26
N HIS B 105 4.38 -38.03 9.06
CA HIS B 105 5.74 -37.65 9.40
C HIS B 105 6.04 -37.88 10.87
N ASP B 106 5.15 -37.43 11.76
CA ASP B 106 5.42 -37.55 13.18
C ASP B 106 5.46 -39.00 13.63
N ILE B 107 4.61 -39.85 13.06
CA ILE B 107 4.64 -41.27 13.40
C ILE B 107 5.98 -41.89 12.99
N VAL B 108 6.47 -41.56 11.80
CA VAL B 108 7.79 -42.02 11.40
C VAL B 108 8.85 -41.48 12.36
N ALA B 109 8.79 -40.17 12.67
CA ALA B 109 9.71 -39.57 13.62
C ALA B 109 9.62 -40.23 15.00
N PHE B 110 8.41 -40.50 15.49
CA PHE B 110 8.28 -41.18 16.77
C PHE B 110 8.89 -42.58 16.70
N SER B 111 8.67 -43.28 15.59
CA SER B 111 9.24 -44.61 15.43
C SER B 111 10.76 -44.57 15.44
N MET B 112 11.35 -43.56 14.77
CA MET B 112 12.80 -43.40 14.81
C MET B 112 13.29 -43.14 16.22
N LEU B 113 12.68 -42.19 16.93
CA LEU B 113 13.20 -41.74 18.23
C LEU B 113 12.80 -42.67 19.39
N TYR B 114 11.57 -43.17 19.37
CA TYR B 114 11.02 -43.92 20.48
C TYR B 114 10.73 -45.38 20.15
N GLY B 115 10.59 -45.73 18.87
CA GLY B 115 10.03 -47.00 18.50
C GLY B 115 8.51 -46.98 18.55
N GLY B 116 7.90 -47.91 17.81
CA GLY B 116 6.47 -48.07 17.88
C GLY B 116 6.09 -48.75 19.17
N VAL B 117 4.78 -49.01 19.32
CA VAL B 117 4.24 -49.49 20.58
C VAL B 117 4.83 -50.85 20.99
N ASP B 118 5.27 -51.66 20.02
CA ASP B 118 5.78 -53.00 20.29
C ASP B 118 7.12 -53.24 19.59
N SER B 119 7.88 -52.19 19.35
CA SER B 119 9.19 -52.32 18.73
C SER B 119 10.22 -52.84 19.75
N PRO B 120 11.18 -53.66 19.32
CA PRO B 120 12.25 -54.03 20.25
C PRO B 120 13.14 -52.88 20.68
N ARG B 121 13.25 -51.84 19.87
CA ARG B 121 14.05 -50.65 20.19
C ARG B 121 13.66 -49.54 19.21
N PRO B 122 13.99 -48.29 19.53
CA PRO B 122 13.79 -47.20 18.56
C PRO B 122 14.49 -47.49 17.24
N TRP B 123 13.86 -47.10 16.12
CA TRP B 123 14.45 -47.44 14.83
C TRP B 123 15.81 -46.78 14.63
N ILE B 124 16.07 -45.66 15.31
CA ILE B 124 17.36 -45.02 15.16
C ILE B 124 18.45 -45.85 15.80
N GLN B 125 18.10 -46.78 16.69
CA GLN B 125 19.10 -47.68 17.29
C GLN B 125 19.37 -48.94 16.48
N GLU B 126 18.74 -49.13 15.32
CA GLU B 126 18.99 -50.30 14.48
C GLU B 126 20.28 -50.15 13.71
N GLN B 127 21.29 -50.93 14.12
CA GLN B 127 22.62 -50.82 13.56
C GLN B 127 22.66 -51.20 12.06
N ASP B 128 21.74 -52.03 11.58
CA ASP B 128 21.68 -52.31 10.15
C ASP B 128 20.70 -51.42 9.40
N GLY B 129 20.17 -50.37 10.02
CA GLY B 129 19.40 -49.45 9.23
C GLY B 129 17.99 -49.95 9.06
N ILE B 130 17.17 -49.13 8.40
CA ILE B 130 15.73 -49.32 8.29
C ILE B 130 15.38 -49.21 6.81
N LYS B 131 14.40 -50.00 6.37
CA LYS B 131 13.90 -49.90 4.99
C LYS B 131 12.37 -49.85 4.95
N PHE B 132 11.84 -49.21 3.91
CA PHE B 132 10.40 -49.20 3.61
C PHE B 132 10.17 -49.73 2.21
N LEU B 133 9.09 -50.50 2.03
CA LEU B 133 8.64 -50.91 0.72
C LEU B 133 7.80 -49.80 0.08
N CYS B 134 8.07 -49.52 -1.19
CA CYS B 134 7.44 -48.42 -1.89
C CYS B 134 6.80 -48.86 -3.21
N PRO B 135 5.51 -49.16 -3.26
CA PRO B 135 4.86 -49.38 -4.57
C PRO B 135 4.99 -48.19 -5.51
N VAL B 136 5.35 -48.45 -6.76
CA VAL B 136 5.51 -47.35 -7.71
C VAL B 136 4.63 -47.62 -8.93
N PRO B 137 4.19 -46.57 -9.65
CA PRO B 137 4.44 -45.17 -9.23
C PRO B 137 3.70 -44.85 -7.91
N GLY B 138 4.27 -43.99 -7.07
CA GLY B 138 3.68 -43.66 -5.76
C GLY B 138 3.78 -42.19 -5.40
N TYR B 139 3.56 -41.83 -4.13
CA TYR B 139 3.39 -40.43 -3.75
C TYR B 139 4.75 -39.88 -3.31
N ASP B 140 5.25 -38.88 -4.04
CA ASP B 140 6.59 -38.36 -3.76
C ASP B 140 6.75 -37.79 -2.35
N ARG B 141 5.69 -37.21 -1.77
CA ARG B 141 5.85 -36.70 -0.41
C ARG B 141 5.95 -37.82 0.62
N HIS B 142 5.37 -39.01 0.36
CA HIS B 142 5.70 -40.16 1.19
C HIS B 142 7.20 -40.45 1.13
N PHE B 143 7.75 -40.50 -0.08
CA PHE B 143 9.17 -40.84 -0.25
C PHE B 143 10.09 -39.81 0.40
N ALA B 144 9.68 -38.54 0.42
CA ALA B 144 10.47 -37.49 1.03
C ALA B 144 10.59 -37.70 2.54
N ILE B 145 9.57 -38.28 3.17
CA ILE B 145 9.65 -38.52 4.59
C ILE B 145 10.72 -39.58 4.88
N THR B 146 10.64 -40.70 4.19
CA THR B 146 11.61 -41.77 4.44
C THR B 146 13.01 -41.34 3.99
N GLU B 147 13.11 -40.60 2.89
CA GLU B 147 14.42 -40.18 2.40
C GLU B 147 15.11 -39.28 3.43
N THR B 148 14.36 -38.33 4.00
CA THR B 148 14.94 -37.35 4.91
C THR B 148 15.36 -38.00 6.21
N MET B 149 14.68 -39.08 6.58
CA MET B 149 15.00 -39.80 7.80
C MET B 149 16.13 -40.82 7.58
N GLY B 150 16.58 -40.97 6.33
CA GLY B 150 17.62 -41.95 6.05
C GLY B 150 17.11 -43.38 6.00
N ILE B 151 15.84 -43.58 5.66
CA ILE B 151 15.23 -44.89 5.55
C ILE B 151 15.33 -45.34 4.11
N GLU B 152 15.97 -46.49 3.88
CA GLU B 152 16.16 -46.95 2.51
C GLU B 152 14.81 -47.34 1.92
N MET B 153 14.60 -47.01 0.66
CA MET B 153 13.35 -47.32 -0.02
C MET B 153 13.56 -48.38 -1.11
N ILE B 154 12.67 -49.37 -1.13
CA ILE B 154 12.69 -50.44 -2.11
C ILE B 154 11.44 -50.37 -2.97
N PRO B 155 11.56 -50.00 -4.24
CA PRO B 155 10.36 -49.88 -5.09
C PRO B 155 9.72 -51.24 -5.39
N ILE B 156 8.38 -51.26 -5.42
CA ILE B 156 7.64 -52.49 -5.68
C ILE B 156 6.74 -52.20 -6.87
N PRO B 157 6.74 -53.03 -7.92
CA PRO B 157 5.82 -52.80 -9.05
C PRO B 157 4.37 -52.78 -8.61
N MET B 158 3.58 -51.88 -9.20
CA MET B 158 2.15 -51.85 -8.94
C MET B 158 1.47 -52.72 -10.01
N LEU B 159 0.50 -53.52 -9.59
CA LEU B 159 -0.34 -54.28 -10.52
C LEU B 159 -1.77 -53.77 -10.49
N GLN B 160 -2.64 -54.46 -11.24
CA GLN B 160 -4.01 -53.98 -11.44
C GLN B 160 -4.77 -53.80 -10.15
N ASP B 161 -4.61 -54.73 -9.19
CA ASP B 161 -5.44 -54.72 -7.98
C ASP B 161 -4.62 -54.49 -6.72
N GLY B 162 -3.44 -53.90 -6.84
CA GLY B 162 -2.64 -53.65 -5.68
C GLY B 162 -1.20 -53.76 -6.10
N PRO B 163 -0.29 -53.62 -5.16
CA PRO B 163 1.11 -53.85 -5.47
C PRO B 163 1.37 -55.34 -5.67
N ASP B 164 2.62 -55.69 -5.96
CA ASP B 164 3.09 -57.06 -6.16
C ASP B 164 3.22 -57.75 -4.81
N VAL B 165 2.12 -58.36 -4.34
CA VAL B 165 2.14 -58.95 -3.01
C VAL B 165 3.07 -60.15 -2.92
N ASP B 166 3.20 -60.92 -4.00
CA ASP B 166 4.19 -62.00 -4.00
C ASP B 166 5.60 -61.49 -3.67
N LEU B 167 6.02 -60.40 -4.32
CA LEU B 167 7.36 -59.87 -4.07
C LEU B 167 7.47 -59.33 -2.66
N ILE B 168 6.46 -58.57 -2.22
CA ILE B 168 6.45 -57.99 -0.88
C ILE B 168 6.60 -59.08 0.16
N GLU B 169 5.77 -60.12 0.06
CA GLU B 169 5.84 -61.23 1.02
C GLU B 169 7.22 -61.87 1.11
N GLU B 170 7.92 -61.98 -0.03
CA GLU B 170 9.24 -62.60 -0.01
C GLU B 170 10.27 -61.69 0.67
N LEU B 171 10.21 -60.39 0.40
CA LEU B 171 11.14 -59.44 1.02
C LEU B 171 10.96 -59.40 2.54
N VAL B 172 9.73 -59.17 3.01
CA VAL B 172 9.50 -58.94 4.45
C VAL B 172 9.76 -60.19 5.27
N ALA B 173 9.59 -61.37 4.69
CA ALA B 173 9.75 -62.58 5.50
C ALA B 173 11.18 -62.76 5.95
N VAL B 174 12.15 -62.28 5.17
CA VAL B 174 13.55 -62.57 5.47
C VAL B 174 14.37 -61.34 5.85
N ASP B 175 13.80 -60.13 5.85
CA ASP B 175 14.60 -58.94 6.11
C ASP B 175 14.02 -58.11 7.24
N PRO B 176 14.59 -58.22 8.45
CA PRO B 176 14.00 -57.52 9.61
C PRO B 176 14.21 -56.02 9.55
N ALA B 177 15.00 -55.53 8.60
CA ALA B 177 15.15 -54.08 8.43
C ALA B 177 13.96 -53.44 7.76
N ILE B 178 13.09 -54.21 7.11
CA ILE B 178 11.91 -53.65 6.46
C ILE B 178 10.85 -53.41 7.51
N LYS B 179 10.62 -52.14 7.84
CA LYS B 179 9.73 -51.80 8.94
C LYS B 179 8.37 -51.31 8.46
N GLY B 180 8.26 -50.86 7.22
CA GLY B 180 7.03 -50.20 6.80
C GLY B 180 6.80 -50.28 5.31
N MET B 181 5.57 -49.98 4.92
CA MET B 181 5.23 -49.84 3.50
C MET B 181 4.29 -48.66 3.33
N TRP B 182 4.62 -47.78 2.38
CA TRP B 182 3.72 -46.70 1.99
C TRP B 182 2.65 -47.29 1.08
N THR B 183 1.41 -46.91 1.32
CA THR B 183 0.32 -47.26 0.42
C THR B 183 -0.64 -46.09 0.27
N VAL B 184 -1.33 -46.05 -0.87
CA VAL B 184 -2.54 -45.26 -1.00
C VAL B 184 -3.58 -46.26 -1.49
N PRO B 185 -4.41 -46.83 -0.61
CA PRO B 185 -5.09 -48.10 -0.96
C PRO B 185 -6.36 -47.97 -1.77
N VAL B 186 -6.84 -46.75 -2.00
CA VAL B 186 -7.99 -46.45 -2.84
C VAL B 186 -7.60 -45.32 -3.78
N PHE B 187 -7.79 -45.51 -5.08
CA PHE B 187 -7.44 -44.50 -6.10
C PHE B 187 -6.03 -43.94 -5.89
N GLY B 188 -5.03 -44.81 -5.90
CA GLY B 188 -3.66 -44.42 -5.61
C GLY B 188 -3.10 -43.24 -6.37
N ASN B 189 -2.29 -42.44 -5.66
CA ASN B 189 -1.59 -41.32 -6.26
C ASN B 189 -0.25 -41.80 -6.79
N PRO B 190 -0.05 -41.92 -8.12
CA PRO B 190 -0.92 -41.50 -9.22
C PRO B 190 -1.45 -42.68 -10.07
N SER B 191 -1.23 -43.93 -9.63
CA SER B 191 -1.63 -45.09 -10.44
C SER B 191 -3.14 -45.22 -10.58
N GLY B 192 -3.92 -44.67 -9.65
CA GLY B 192 -5.37 -44.84 -9.59
C GLY B 192 -5.83 -46.21 -9.13
N VAL B 193 -4.91 -47.08 -8.77
CA VAL B 193 -5.20 -48.45 -8.38
C VAL B 193 -5.78 -48.46 -6.97
N THR B 194 -6.81 -49.26 -6.77
CA THR B 194 -7.41 -49.52 -5.47
C THR B 194 -7.05 -50.93 -5.05
N TYR B 195 -6.54 -51.10 -3.83
CA TYR B 195 -6.11 -52.43 -3.41
C TYR B 195 -7.34 -53.32 -3.24
N SER B 196 -7.26 -54.51 -3.83
CA SER B 196 -8.37 -55.45 -3.71
C SER B 196 -8.52 -56.00 -2.28
N TRP B 197 -9.73 -56.51 -2.02
CA TRP B 197 -9.98 -57.17 -0.74
C TRP B 197 -8.96 -58.25 -0.49
N GLU B 198 -8.70 -59.08 -1.50
CA GLU B 198 -7.72 -60.15 -1.31
C GLU B 198 -6.33 -59.60 -1.04
N THR B 199 -5.94 -58.54 -1.75
CA THR B 199 -4.65 -57.91 -1.47
C THR B 199 -4.55 -57.41 -0.04
N VAL B 200 -5.59 -56.74 0.45
CA VAL B 200 -5.54 -56.19 1.81
C VAL B 200 -5.39 -57.32 2.80
N ARG B 201 -6.10 -58.39 2.56
CA ARG B 201 -6.09 -59.53 3.41
C ARG B 201 -4.72 -60.11 3.48
N ARG B 202 -4.07 -60.29 2.37
CA ARG B 202 -2.73 -60.85 2.33
C ARG B 202 -1.69 -59.96 3.04
N LEU B 203 -1.79 -58.63 2.85
CA LEU B 203 -0.81 -57.71 3.45
C LEU B 203 -0.90 -57.68 4.96
N VAL B 204 -2.10 -57.89 5.54
CA VAL B 204 -2.21 -57.88 6.99
C VAL B 204 -1.93 -59.25 7.61
N GLN B 205 -1.93 -60.33 6.82
CA GLN B 205 -1.62 -61.66 7.33
C GLN B 205 -0.18 -62.10 7.16
N MET B 206 0.55 -61.56 6.19
CA MET B 206 1.87 -62.05 5.85
C MET B 206 2.82 -61.96 7.03
N ARG B 207 3.64 -63.00 7.20
CA ARG B 207 4.66 -62.98 8.23
C ARG B 207 5.76 -62.01 7.83
N THR B 208 6.19 -61.20 8.79
CA THR B 208 7.25 -60.23 8.58
C THR B 208 8.38 -60.52 9.55
N ALA B 209 9.62 -60.43 9.06
CA ALA B 209 10.79 -60.61 9.91
C ALA B 209 10.84 -59.57 11.02
N ALA B 210 10.39 -58.34 10.75
CA ALA B 210 10.32 -57.32 11.79
C ALA B 210 9.02 -57.48 12.57
N PRO B 211 9.08 -57.65 13.89
CA PRO B 211 7.83 -57.84 14.64
C PRO B 211 6.95 -56.61 14.69
N ASP B 212 7.47 -55.45 14.28
CA ASP B 212 6.77 -54.18 14.39
C ASP B 212 6.57 -53.55 13.02
N PHE B 213 6.46 -54.38 12.00
CA PHE B 213 6.20 -53.93 10.65
C PHE B 213 4.86 -53.17 10.61
N ARG B 214 4.83 -52.10 9.80
CA ARG B 214 3.67 -51.25 9.72
C ARG B 214 3.25 -50.98 8.28
N LEU B 215 1.94 -51.01 8.05
CA LEU B 215 1.34 -50.56 6.82
C LEU B 215 0.89 -49.11 7.03
N PHE B 216 1.48 -48.19 6.28
CA PHE B 216 1.07 -46.80 6.31
C PHE B 216 -0.04 -46.69 5.31
N TRP B 217 -1.26 -46.71 5.84
CA TRP B 217 -2.48 -46.90 5.05
C TRP B 217 -3.05 -45.51 4.80
N ASP B 218 -2.46 -44.82 3.85
CA ASP B 218 -2.81 -43.41 3.58
C ASP B 218 -4.01 -43.35 2.67
N ASN B 219 -5.18 -43.38 3.27
CA ASN B 219 -6.43 -43.41 2.52
C ASN B 219 -6.84 -41.99 2.14
N ALA B 220 -5.93 -41.32 1.42
CA ALA B 220 -6.15 -39.93 1.02
C ALA B 220 -7.37 -39.74 0.12
N TYR B 221 -7.78 -40.74 -0.64
CA TYR B 221 -8.83 -40.55 -1.64
C TYR B 221 -10.05 -41.41 -1.33
N ALA B 222 -10.25 -41.69 -0.04
CA ALA B 222 -11.24 -42.65 0.43
C ALA B 222 -12.63 -42.46 -0.17
N VAL B 223 -13.07 -41.23 -0.35
CA VAL B 223 -14.41 -41.01 -0.89
C VAL B 223 -14.38 -40.19 -2.17
N HIS B 224 -13.26 -40.16 -2.88
CA HIS B 224 -13.03 -39.14 -3.91
C HIS B 224 -13.29 -39.73 -5.29
N THR B 225 -14.54 -40.18 -5.45
CA THR B 225 -14.96 -40.84 -6.68
C THR B 225 -15.07 -39.88 -7.85
N LEU B 226 -14.78 -40.41 -9.04
CA LEU B 226 -15.07 -39.73 -10.29
C LEU B 226 -16.35 -40.26 -10.98
N THR B 227 -17.09 -41.15 -10.33
CA THR B 227 -18.36 -41.70 -10.82
C THR B 227 -19.41 -41.38 -9.78
N LEU B 228 -20.64 -41.89 -9.93
CA LEU B 228 -21.64 -41.59 -8.91
C LEU B 228 -21.73 -42.58 -7.72
N ASP B 229 -20.70 -43.40 -7.55
CA ASP B 229 -20.60 -44.38 -6.46
C ASP B 229 -19.25 -44.26 -5.73
N PHE B 230 -19.26 -44.50 -4.42
CA PHE B 230 -18.09 -44.42 -3.57
C PHE B 230 -17.55 -45.83 -3.37
N PRO B 231 -16.22 -46.07 -3.32
CA PRO B 231 -15.77 -47.45 -3.09
C PRO B 231 -16.11 -47.96 -1.71
N ARG B 232 -16.21 -49.29 -1.62
CA ARG B 232 -16.19 -49.94 -0.33
C ARG B 232 -14.92 -49.59 0.39
N GLN B 233 -14.99 -49.46 1.71
CA GLN B 233 -13.78 -49.34 2.51
C GLN B 233 -13.53 -50.73 3.07
N VAL B 234 -12.38 -51.30 2.76
CA VAL B 234 -11.99 -52.56 3.35
C VAL B 234 -11.60 -52.35 4.81
N ASP B 235 -12.04 -53.26 5.68
CA ASP B 235 -11.79 -53.13 7.12
C ASP B 235 -10.38 -53.61 7.44
N VAL B 236 -9.40 -52.76 7.11
CA VAL B 236 -8.02 -53.18 7.26
C VAL B 236 -7.68 -53.40 8.72
N LEU B 237 -8.20 -52.56 9.62
CA LEU B 237 -7.87 -52.72 11.04
C LEU B 237 -8.51 -53.99 11.60
N GLY B 238 -9.74 -54.28 11.18
CA GLY B 238 -10.42 -55.49 11.63
C GLY B 238 -9.76 -56.74 11.12
N LEU B 239 -9.42 -56.76 9.82
CA LEU B 239 -8.76 -57.92 9.24
C LEU B 239 -7.40 -58.16 9.87
N ALA B 240 -6.65 -57.09 10.12
CA ALA B 240 -5.35 -57.21 10.77
C ALA B 240 -5.53 -57.79 12.17
N ALA B 241 -6.54 -57.31 12.92
CA ALA B 241 -6.78 -57.88 14.24
C ALA B 241 -7.10 -59.38 14.17
N LYS B 242 -7.92 -59.81 13.19
CA LYS B 242 -8.18 -61.24 13.05
C LYS B 242 -6.94 -62.02 12.70
N ALA B 243 -6.00 -61.40 11.99
CA ALA B 243 -4.77 -62.08 11.64
C ALA B 243 -3.78 -62.13 12.79
N GLY B 244 -4.08 -61.50 13.92
CA GLY B 244 -3.17 -61.43 15.04
C GLY B 244 -2.12 -60.35 14.94
N ASN B 245 -2.31 -59.36 14.05
CA ASN B 245 -1.42 -58.21 13.83
C ASN B 245 -2.20 -56.92 13.97
N PRO B 246 -2.90 -56.72 15.10
CA PRO B 246 -3.74 -55.52 15.22
C PRO B 246 -2.98 -54.21 15.06
N ASN B 247 -1.73 -54.17 15.45
CA ASN B 247 -0.95 -52.93 15.40
C ASN B 247 -0.39 -52.62 14.03
N ARG B 248 -0.55 -53.53 13.06
CA ARG B 248 0.12 -53.37 11.77
C ARG B 248 -0.32 -52.14 10.97
N PRO B 249 -1.60 -51.81 10.83
CA PRO B 249 -1.97 -50.68 9.97
C PRO B 249 -2.07 -49.34 10.69
N TYR B 250 -1.55 -48.30 10.02
CA TYR B 250 -1.75 -46.90 10.40
C TYR B 250 -2.64 -46.29 9.33
N VAL B 251 -3.82 -45.83 9.72
CA VAL B 251 -4.77 -45.30 8.74
C VAL B 251 -4.77 -43.78 8.80
N PHE B 252 -4.72 -43.15 7.62
CA PHE B 252 -4.74 -41.70 7.53
C PHE B 252 -5.85 -41.27 6.58
N ALA B 253 -6.40 -40.09 6.81
CA ALA B 253 -7.38 -39.51 5.91
C ALA B 253 -7.33 -38.00 6.11
N SER B 254 -8.00 -37.27 5.25
CA SER B 254 -7.91 -35.81 5.19
C SER B 254 -9.13 -35.24 4.52
N THR B 255 -9.50 -34.00 4.91
CA THR B 255 -10.53 -33.25 4.17
C THR B 255 -9.94 -32.23 3.24
N SER B 256 -8.62 -32.34 2.97
CA SER B 256 -7.92 -31.34 2.13
C SER B 256 -8.58 -31.21 0.76
N LYS B 257 -9.04 -32.33 0.18
CA LYS B 257 -9.74 -32.33 -1.09
C LYS B 257 -11.22 -32.59 -0.90
N ILE B 258 -11.75 -32.28 0.27
CA ILE B 258 -13.17 -32.27 0.55
C ILE B 258 -13.63 -30.85 0.80
N THR B 259 -12.89 -30.13 1.64
CA THR B 259 -13.21 -28.75 1.96
C THR B 259 -12.14 -27.82 1.41
N PHE B 260 -11.11 -27.46 2.21
CA PHE B 260 -10.02 -26.56 1.82
C PHE B 260 -8.67 -27.27 1.89
N ALA B 261 -7.87 -27.16 0.85
CA ALA B 261 -6.55 -27.79 0.81
C ALA B 261 -5.60 -26.95 1.66
N GLY B 262 -5.20 -27.48 2.80
CA GLY B 262 -4.43 -26.74 3.79
C GLY B 262 -5.24 -26.08 4.88
N GLY B 263 -6.58 -26.13 4.78
CA GLY B 263 -7.45 -25.56 5.78
C GLY B 263 -8.47 -26.57 6.29
N GLY B 264 -8.19 -27.85 6.07
CA GLY B 264 -9.09 -28.93 6.42
C GLY B 264 -8.70 -29.60 7.73
N VAL B 265 -9.16 -30.85 7.91
CA VAL B 265 -8.92 -31.61 9.13
C VAL B 265 -8.34 -32.96 8.73
N SER B 266 -7.33 -33.43 9.48
CA SER B 266 -6.70 -34.72 9.23
C SER B 266 -7.24 -35.75 10.21
N PHE B 267 -6.99 -37.03 9.89
CA PHE B 267 -7.43 -38.13 10.74
C PHE B 267 -6.37 -39.21 10.80
N PHE B 268 -6.27 -39.86 11.96
CA PHE B 268 -5.39 -41.01 12.14
C PHE B 268 -6.19 -42.13 12.81
N GLY B 269 -6.12 -43.35 12.27
CA GLY B 269 -6.83 -44.49 12.83
C GLY B 269 -5.93 -45.67 13.10
N GLY B 270 -6.21 -46.38 14.18
CA GLY B 270 -5.41 -47.55 14.49
C GLY B 270 -6.00 -48.34 15.63
N SER B 271 -5.26 -49.37 16.05
CA SER B 271 -5.62 -50.09 17.25
C SER B 271 -5.66 -49.13 18.43
N LEU B 272 -6.40 -49.51 19.48
CA LEU B 272 -6.39 -48.68 20.69
C LEU B 272 -4.96 -48.49 21.20
N GLY B 273 -4.13 -49.52 21.09
CA GLY B 273 -2.73 -49.38 21.48
C GLY B 273 -2.00 -48.35 20.62
N ASN B 274 -2.23 -48.37 19.32
CA ASN B 274 -1.56 -47.37 18.49
C ASN B 274 -2.09 -45.96 18.75
N ILE B 275 -3.39 -45.79 19.00
CA ILE B 275 -3.88 -44.46 19.35
C ILE B 275 -3.20 -43.95 20.62
N ALA B 276 -3.17 -44.77 21.68
CA ALA B 276 -2.56 -44.34 22.94
C ALA B 276 -1.06 -44.06 22.77
N TRP B 277 -0.38 -44.89 21.99
CA TRP B 277 1.04 -44.67 21.73
C TRP B 277 1.27 -43.33 21.03
N TYR B 278 0.53 -43.07 19.94
CA TYR B 278 0.66 -41.80 19.22
C TYR B 278 0.37 -40.61 20.13
N LEU B 279 -0.75 -40.66 20.86
CA LEU B 279 -1.13 -39.51 21.69
C LEU B 279 -0.15 -39.26 22.84
N GLN B 280 0.48 -40.32 23.35
CA GLN B 280 1.48 -40.16 24.39
C GLN B 280 2.60 -39.25 23.93
N TYR B 281 3.09 -39.47 22.72
CA TYR B 281 4.18 -38.65 22.22
C TYR B 281 3.68 -37.38 21.56
N ALA B 282 2.50 -37.43 20.92
CA ALA B 282 1.94 -36.20 20.37
C ALA B 282 1.63 -35.21 21.49
N GLY B 283 1.34 -35.72 22.68
CA GLY B 283 1.10 -34.85 23.81
C GLY B 283 2.33 -34.07 24.27
N LYS B 284 3.53 -34.49 23.85
CA LYS B 284 4.72 -33.71 24.17
C LYS B 284 4.93 -32.59 23.17
N LYS B 285 4.20 -32.64 22.05
CA LYS B 285 4.35 -31.70 20.95
C LYS B 285 3.32 -30.59 20.99
N SER B 286 2.12 -30.89 21.44
CA SER B 286 1.02 -29.95 21.42
C SER B 286 0.02 -30.24 22.50
N ILE B 287 -0.59 -29.18 23.03
CA ILE B 287 -1.70 -29.35 23.97
C ILE B 287 -2.87 -30.02 23.26
N GLY B 288 -2.98 -29.81 21.95
CA GLY B 288 -3.99 -30.50 21.16
C GLY B 288 -4.37 -29.79 19.88
N PRO B 289 -5.22 -30.44 19.10
CA PRO B 289 -5.60 -29.90 17.79
C PRO B 289 -6.63 -28.76 17.89
N ASP B 290 -6.89 -28.16 16.72
CA ASP B 290 -7.77 -27.01 16.59
C ASP B 290 -9.23 -27.47 16.57
N LYS B 291 -9.90 -27.35 17.72
CA LYS B 291 -11.26 -27.86 17.85
C LYS B 291 -12.25 -26.96 17.12
N VAL B 292 -11.94 -25.68 16.97
CA VAL B 292 -12.86 -24.77 16.28
C VAL B 292 -12.96 -25.15 14.80
N ASN B 293 -11.83 -25.50 14.18
CA ASN B 293 -11.93 -25.89 12.78
C ASN B 293 -12.64 -27.24 12.66
N GLN B 294 -12.47 -28.12 13.64
CA GLN B 294 -13.23 -29.36 13.65
C GLN B 294 -14.71 -29.07 13.81
N LEU B 295 -15.04 -28.05 14.60
CA LEU B 295 -16.45 -27.69 14.76
C LEU B 295 -17.03 -27.15 13.44
N ARG B 296 -16.29 -26.29 12.72
CA ARG B 296 -16.78 -25.79 11.43
C ARG B 296 -17.10 -26.93 10.47
N HIS B 297 -16.20 -27.91 10.41
CA HIS B 297 -16.39 -29.05 9.52
C HIS B 297 -17.58 -29.90 9.95
N LEU B 298 -17.74 -30.13 11.25
CA LEU B 298 -18.86 -30.92 11.71
C LEU B 298 -20.17 -30.22 11.38
N ARG B 299 -20.22 -28.91 11.62
CA ARG B 299 -21.42 -28.12 11.32
C ARG B 299 -21.69 -28.06 9.82
N PHE B 300 -20.63 -27.92 9.02
CA PHE B 300 -20.78 -27.84 7.57
C PHE B 300 -21.30 -29.15 6.99
N PHE B 301 -20.73 -30.29 7.40
CA PHE B 301 -21.05 -31.60 6.84
C PHE B 301 -22.36 -32.16 7.40
N GLY B 302 -22.59 -32.00 8.71
CA GLY B 302 -23.78 -32.53 9.33
C GLY B 302 -23.67 -34.02 9.60
N ASP B 303 -23.50 -34.83 8.56
CA ASP B 303 -23.32 -36.26 8.78
C ASP B 303 -22.61 -36.84 7.58
N ALA B 304 -22.42 -38.16 7.61
CA ALA B 304 -21.66 -38.85 6.58
C ALA B 304 -22.32 -38.70 5.21
N ASP B 305 -23.66 -38.77 5.17
CA ASP B 305 -24.36 -38.52 3.92
C ASP B 305 -24.09 -37.11 3.39
N GLY B 306 -23.91 -36.14 4.29
CA GLY B 306 -23.54 -34.80 3.86
C GLY B 306 -22.19 -34.77 3.16
N VAL B 307 -21.22 -35.54 3.64
CA VAL B 307 -19.91 -35.64 2.97
C VAL B 307 -20.07 -36.27 1.60
N ARG B 308 -20.83 -37.36 1.51
CA ARG B 308 -21.01 -38.03 0.23
C ARG B 308 -21.60 -37.08 -0.79
N LEU B 309 -22.65 -36.33 -0.42
CA LEU B 309 -23.24 -35.44 -1.42
C LEU B 309 -22.25 -34.38 -1.84
N HIS B 310 -21.50 -33.86 -0.87
CA HIS B 310 -20.44 -32.92 -1.18
C HIS B 310 -19.41 -33.51 -2.17
N MET B 311 -19.02 -34.77 -1.98
CA MET B 311 -18.09 -35.38 -2.92
C MET B 311 -18.66 -35.52 -4.33
N LEU B 312 -19.96 -35.76 -4.45
CA LEU B 312 -20.58 -35.80 -5.77
C LEU B 312 -20.58 -34.44 -6.43
N ARG B 313 -20.65 -33.36 -5.65
CA ARG B 313 -20.49 -32.03 -6.23
C ARG B 313 -19.09 -31.85 -6.80
N HIS B 314 -18.07 -32.36 -6.12
CA HIS B 314 -16.71 -32.37 -6.66
C HIS B 314 -16.62 -33.19 -7.95
N GLN B 315 -17.21 -34.38 -7.92
CA GLN B 315 -17.18 -35.27 -9.07
C GLN B 315 -17.69 -34.58 -10.33
N GLN B 316 -18.74 -33.77 -10.20
CA GLN B 316 -19.30 -33.06 -11.38
C GLN B 316 -18.34 -32.06 -11.98
N ILE B 317 -17.47 -31.47 -11.15
CA ILE B 317 -16.45 -30.56 -11.65
C ILE B 317 -15.28 -31.35 -12.25
N LEU B 318 -14.84 -32.39 -11.55
CA LEU B 318 -13.65 -33.13 -11.94
C LEU B 318 -13.90 -34.06 -13.12
N ALA B 319 -15.00 -34.79 -13.12
CA ALA B 319 -15.18 -35.82 -14.15
C ALA B 319 -15.03 -35.26 -15.57
N PRO B 320 -15.58 -34.10 -15.95
CA PRO B 320 -15.32 -33.61 -17.32
C PRO B 320 -13.84 -33.31 -17.57
N LYS B 321 -13.09 -32.89 -16.56
CA LYS B 321 -11.67 -32.66 -16.76
C LYS B 321 -10.93 -33.97 -16.98
N PHE B 322 -11.24 -35.01 -16.20
CA PHE B 322 -10.63 -36.30 -16.47
C PHE B 322 -11.07 -36.85 -17.82
N ALA B 323 -12.35 -36.66 -18.17
CA ALA B 323 -12.81 -37.12 -19.47
C ALA B 323 -12.08 -36.42 -20.62
N LEU B 324 -11.91 -35.08 -20.53
CA LEU B 324 -11.20 -34.33 -21.56
C LEU B 324 -9.78 -34.83 -21.76
N VAL B 325 -9.03 -35.01 -20.66
CA VAL B 325 -7.67 -35.51 -20.78
C VAL B 325 -7.68 -36.85 -21.49
N ALA B 326 -8.58 -37.74 -21.09
CA ALA B 326 -8.65 -39.05 -21.72
C ALA B 326 -8.99 -38.90 -23.20
N GLU B 327 -9.92 -38.00 -23.54
CA GLU B 327 -10.28 -37.86 -24.95
C GLU B 327 -9.11 -37.36 -25.78
N VAL B 328 -8.36 -36.38 -25.27
CA VAL B 328 -7.26 -35.81 -26.04
C VAL B 328 -6.13 -36.82 -26.22
N LEU B 329 -5.74 -37.49 -25.13
CA LEU B 329 -4.71 -38.52 -25.25
C LEU B 329 -5.11 -39.57 -26.28
N ASP B 330 -6.37 -39.99 -26.26
CA ASP B 330 -6.82 -41.01 -27.19
C ASP B 330 -6.69 -40.54 -28.63
N GLN B 331 -7.22 -39.35 -28.94
CA GLN B 331 -7.21 -38.90 -30.31
C GLN B 331 -5.79 -38.63 -30.83
N ARG B 332 -4.89 -38.11 -29.99
CA ARG B 332 -3.52 -37.81 -30.43
C ARG B 332 -2.52 -38.98 -30.38
N LEU B 333 -2.64 -39.92 -29.44
CA LEU B 333 -1.62 -40.92 -29.20
C LEU B 333 -2.02 -42.35 -29.56
N SER B 334 -3.31 -42.65 -29.64
CA SER B 334 -3.74 -44.04 -29.73
C SER B 334 -3.16 -44.78 -30.95
N GLU B 335 -3.18 -44.11 -32.11
CA GLU B 335 -2.71 -44.75 -33.34
C GLU B 335 -1.22 -45.08 -33.29
N SER B 336 -0.42 -44.22 -32.66
CA SER B 336 1.01 -44.46 -32.59
C SER B 336 1.42 -45.66 -31.74
N LYS B 337 0.59 -46.09 -30.78
CA LYS B 337 0.98 -47.17 -29.85
C LYS B 337 2.29 -46.87 -29.12
N ILE B 338 2.64 -45.59 -28.91
CA ILE B 338 3.86 -45.31 -28.13
C ILE B 338 3.56 -45.19 -26.64
N ALA B 339 2.29 -45.09 -26.25
CA ALA B 339 1.93 -44.65 -24.91
C ALA B 339 0.77 -45.47 -24.38
N SER B 340 0.59 -45.40 -23.06
CA SER B 340 -0.62 -45.91 -22.42
C SER B 340 -0.90 -45.06 -21.19
N TRP B 341 -2.15 -45.06 -20.75
CA TRP B 341 -2.46 -44.19 -19.63
C TRP B 341 -3.58 -44.82 -18.83
N THR B 342 -3.66 -44.43 -17.55
CA THR B 342 -4.74 -44.91 -16.71
C THR B 342 -6.04 -44.17 -16.98
N GLU B 343 -7.14 -44.82 -16.62
CA GLU B 343 -8.46 -44.21 -16.66
C GLU B 343 -9.05 -44.40 -15.28
N PRO B 344 -8.67 -43.56 -14.32
CA PRO B 344 -9.00 -43.81 -12.92
C PRO B 344 -10.47 -43.57 -12.65
N LYS B 345 -10.99 -44.30 -11.66
CA LYS B 345 -12.37 -44.13 -11.21
C LYS B 345 -12.50 -43.11 -10.11
N GLY B 346 -11.39 -42.58 -9.61
CA GLY B 346 -11.37 -41.66 -8.49
C GLY B 346 -9.96 -41.14 -8.35
N GLY B 347 -9.77 -40.26 -7.36
CA GLY B 347 -8.45 -39.70 -7.13
C GLY B 347 -8.20 -38.45 -7.97
N TYR B 348 -6.94 -38.05 -8.01
CA TYR B 348 -6.61 -36.75 -8.56
C TYR B 348 -5.65 -36.77 -9.75
N PHE B 349 -5.27 -37.95 -10.25
CA PHE B 349 -4.21 -38.03 -11.25
C PHE B 349 -4.50 -39.08 -12.33
N ILE B 350 -3.90 -38.84 -13.49
CA ILE B 350 -3.82 -39.80 -14.58
C ILE B 350 -2.34 -40.12 -14.74
N SER B 351 -2.01 -41.40 -14.88
CA SER B 351 -0.62 -41.81 -15.05
C SER B 351 -0.38 -42.19 -16.50
N LEU B 352 0.52 -41.45 -17.16
CA LEU B 352 0.83 -41.64 -18.56
C LEU B 352 2.23 -42.24 -18.72
N ASP B 353 2.35 -43.32 -19.49
CA ASP B 353 3.64 -43.85 -19.90
C ASP B 353 3.82 -43.55 -21.38
N VAL B 354 4.86 -42.80 -21.70
CA VAL B 354 5.18 -42.56 -23.09
C VAL B 354 6.23 -43.60 -23.50
N LEU B 355 6.84 -43.42 -24.66
CA LEU B 355 7.81 -44.39 -25.13
C LEU B 355 8.98 -44.47 -24.15
N PRO B 356 9.38 -45.66 -23.72
CA PRO B 356 10.47 -45.74 -22.74
C PRO B 356 11.73 -45.08 -23.29
N GLY B 357 12.44 -44.35 -22.42
CA GLY B 357 13.57 -43.54 -22.81
C GLY B 357 13.25 -42.13 -23.25
N THR B 358 11.98 -41.69 -23.20
CA THR B 358 11.63 -40.37 -23.69
C THR B 358 10.90 -39.47 -22.70
N ALA B 359 10.69 -39.89 -21.44
CA ALA B 359 9.89 -39.07 -20.52
C ALA B 359 10.62 -37.77 -20.17
N ARG B 360 11.93 -37.85 -19.86
CA ARG B 360 12.68 -36.64 -19.56
C ARG B 360 12.66 -35.66 -20.72
N ARG B 361 12.90 -36.17 -21.93
CA ARG B 361 12.88 -35.34 -23.14
C ARG B 361 11.51 -34.73 -23.37
N THR B 362 10.47 -35.54 -23.20
CA THR B 362 9.10 -35.04 -23.35
C THR B 362 8.84 -33.87 -22.43
N VAL B 363 9.24 -33.99 -21.16
CA VAL B 363 9.05 -32.91 -20.20
C VAL B 363 9.82 -31.65 -20.60
N ALA B 364 11.06 -31.81 -21.04
CA ALA B 364 11.86 -30.66 -21.44
C ALA B 364 11.27 -29.97 -22.66
N LEU B 365 10.85 -30.76 -23.65
CA LEU B 365 10.19 -30.20 -24.82
C LEU B 365 8.93 -29.42 -24.44
N ALA B 366 8.10 -29.97 -23.56
CA ALA B 366 6.90 -29.24 -23.16
C ALA B 366 7.22 -27.95 -22.44
N LYS B 367 8.19 -27.98 -21.52
CA LYS B 367 8.52 -26.77 -20.80
C LYS B 367 9.02 -25.70 -21.75
N ASP B 368 9.69 -26.12 -22.83
CA ASP B 368 10.26 -25.15 -23.75
C ASP B 368 9.24 -24.52 -24.66
N VAL B 369 7.99 -25.00 -24.63
CA VAL B 369 6.86 -24.34 -25.27
C VAL B 369 5.86 -23.85 -24.24
N GLY B 370 6.28 -23.77 -22.98
CA GLY B 370 5.48 -23.14 -21.96
C GLY B 370 4.43 -24.03 -21.33
N ILE B 371 4.60 -25.35 -21.39
CA ILE B 371 3.71 -26.28 -20.74
C ILE B 371 4.49 -26.96 -19.63
N ALA B 372 4.15 -26.67 -18.38
CA ALA B 372 4.83 -27.30 -17.27
C ALA B 372 4.22 -28.67 -17.02
N VAL B 373 5.06 -29.70 -17.03
CA VAL B 373 4.65 -31.08 -16.89
C VAL B 373 5.50 -31.69 -15.78
N THR B 374 4.89 -32.57 -14.98
CA THR B 374 5.63 -33.13 -13.85
C THR B 374 6.88 -33.85 -14.32
N GLU B 375 7.99 -33.61 -13.63
CA GLU B 375 9.29 -34.11 -14.05
C GLU B 375 9.33 -35.62 -14.05
N ALA B 376 10.13 -36.18 -14.96
CA ALA B 376 10.32 -37.62 -15.03
C ALA B 376 10.90 -38.15 -13.73
N GLY B 377 10.38 -39.29 -13.27
CA GLY B 377 10.86 -39.91 -12.06
C GLY B 377 10.19 -39.41 -10.79
N ALA B 378 9.33 -38.40 -10.90
CA ALA B 378 8.74 -37.75 -9.72
C ALA B 378 7.96 -38.71 -8.85
N SER B 379 7.37 -39.76 -9.43
CA SER B 379 6.56 -40.70 -8.67
C SER B 379 7.35 -41.91 -8.19
N PHE B 380 8.67 -41.82 -8.14
CA PHE B 380 9.52 -42.95 -7.77
C PHE B 380 10.45 -42.52 -6.65
N PRO B 381 10.81 -43.43 -5.75
CA PRO B 381 11.82 -43.09 -4.72
C PRO B 381 13.11 -42.61 -5.37
N TYR B 382 13.71 -41.56 -4.77
CA TYR B 382 14.96 -40.98 -5.26
C TYR B 382 14.79 -40.39 -6.65
N ARG B 383 13.54 -40.18 -7.07
CA ARG B 383 13.21 -39.68 -8.40
C ARG B 383 13.77 -40.55 -9.53
N LYS B 384 13.76 -41.86 -9.35
CA LYS B 384 14.35 -42.80 -10.32
C LYS B 384 13.26 -43.67 -10.97
N ASP B 385 12.76 -43.23 -12.12
CA ASP B 385 12.00 -44.08 -13.01
C ASP B 385 12.96 -44.87 -13.89
N PRO B 386 13.12 -46.18 -13.65
CA PRO B 386 14.13 -46.93 -14.43
C PRO B 386 13.82 -47.05 -15.91
N ASP B 387 12.59 -46.80 -16.36
CA ASP B 387 12.26 -46.89 -17.79
C ASP B 387 12.16 -45.54 -18.48
N ASP B 388 12.29 -44.44 -17.75
CA ASP B 388 12.19 -43.09 -18.30
C ASP B 388 10.97 -42.98 -19.22
N LYS B 389 9.83 -43.37 -18.67
CA LYS B 389 8.57 -43.38 -19.40
C LYS B 389 7.43 -42.70 -18.66
N ASN B 390 7.46 -42.60 -17.32
CA ASN B 390 6.27 -42.21 -16.57
C ASN B 390 6.15 -40.69 -16.46
N ILE B 391 4.96 -40.19 -16.77
CA ILE B 391 4.56 -38.82 -16.58
C ILE B 391 3.24 -38.75 -15.81
N ARG B 392 3.20 -37.91 -14.80
CA ARG B 392 1.98 -37.71 -14.03
C ARG B 392 1.22 -36.53 -14.60
N ILE B 393 -0.10 -36.67 -14.70
CA ILE B 393 -0.96 -35.59 -15.15
C ILE B 393 -1.90 -35.25 -14.00
N ALA B 394 -1.99 -33.95 -13.66
CA ALA B 394 -2.88 -33.43 -12.64
C ALA B 394 -4.00 -32.66 -13.32
N PRO B 395 -5.19 -33.25 -13.50
CA PRO B 395 -6.23 -32.56 -14.27
C PRO B 395 -7.07 -31.56 -13.51
N SER B 396 -6.98 -31.53 -12.18
CA SER B 396 -8.03 -30.87 -11.38
C SER B 396 -8.04 -29.36 -11.54
N PHE B 397 -6.87 -28.73 -11.61
CA PHE B 397 -6.84 -27.27 -11.40
C PHE B 397 -7.20 -26.41 -12.59
N PRO B 398 -6.64 -26.63 -13.79
CA PRO B 398 -6.87 -25.68 -14.90
C PRO B 398 -8.28 -25.65 -15.44
N SER B 399 -8.59 -24.55 -16.13
CA SER B 399 -9.84 -24.42 -16.86
C SER B 399 -9.87 -25.41 -18.00
N VAL B 400 -11.07 -25.72 -18.48
CA VAL B 400 -11.20 -26.65 -19.61
C VAL B 400 -10.37 -26.20 -20.81
N PRO B 401 -10.39 -24.92 -21.23
CA PRO B 401 -9.57 -24.58 -22.40
C PRO B 401 -8.08 -24.72 -22.14
N ASP B 402 -7.62 -24.38 -20.93
CA ASP B 402 -6.20 -24.57 -20.62
C ASP B 402 -5.87 -26.05 -20.55
N LEU B 403 -6.78 -26.86 -20.01
CA LEU B 403 -6.48 -28.27 -19.90
C LEU B 403 -6.36 -28.88 -21.29
N ARG B 404 -7.28 -28.51 -22.19
CA ARG B 404 -7.24 -28.98 -23.57
C ARG B 404 -5.94 -28.59 -24.27
N ASN B 405 -5.56 -27.30 -24.16
CA ASN B 405 -4.33 -26.88 -24.81
C ASN B 405 -3.12 -27.59 -24.23
N ALA B 406 -3.09 -27.77 -22.91
CA ALA B 406 -1.91 -28.35 -22.26
C ALA B 406 -1.74 -29.81 -22.62
N VAL B 407 -2.81 -30.60 -22.58
CA VAL B 407 -2.66 -32.02 -22.87
C VAL B 407 -2.35 -32.22 -24.35
N ASP B 408 -2.93 -31.39 -25.21
CA ASP B 408 -2.63 -31.49 -26.63
C ASP B 408 -1.17 -31.14 -26.91
N GLY B 409 -0.64 -30.15 -26.19
CA GLY B 409 0.78 -29.83 -26.32
C GLY B 409 1.67 -30.97 -25.86
N LEU B 410 1.33 -31.55 -24.70
CA LEU B 410 2.09 -32.68 -24.17
C LEU B 410 2.17 -33.81 -25.18
N ALA B 411 1.05 -34.13 -25.84
CA ALA B 411 1.03 -35.19 -26.85
C ALA B 411 1.97 -34.89 -28.00
N THR B 412 1.93 -33.67 -28.52
CA THR B 412 2.89 -33.31 -29.55
C THR B 412 4.33 -33.53 -29.10
N CYS B 413 4.69 -33.10 -27.88
CA CYS B 413 6.03 -33.33 -27.37
C CYS B 413 6.32 -34.82 -27.20
N ALA B 414 5.33 -35.58 -26.74
CA ALA B 414 5.57 -37.00 -26.55
C ALA B 414 5.78 -37.67 -27.90
N LEU B 415 4.98 -37.26 -28.88
CA LEU B 415 5.14 -37.80 -30.23
C LEU B 415 6.48 -37.39 -30.84
N LEU B 416 6.86 -36.12 -30.69
CA LEU B 416 8.12 -35.67 -31.27
C LEU B 416 9.31 -36.37 -30.61
N ALA B 417 9.26 -36.52 -29.28
CA ALA B 417 10.30 -37.25 -28.55
C ALA B 417 10.41 -38.69 -28.99
N ALA B 418 9.28 -39.32 -29.31
CA ALA B 418 9.28 -40.71 -29.74
C ALA B 418 10.04 -40.87 -31.05
N THR B 419 9.72 -40.03 -32.05
CA THR B 419 10.39 -40.16 -33.34
C THR B 419 11.89 -39.87 -33.21
N GLU B 420 12.27 -38.90 -32.36
CA GLU B 420 13.69 -38.64 -32.14
C GLU B 420 14.44 -39.89 -31.70
N THR B 421 13.92 -40.63 -30.71
CA THR B 421 14.64 -41.79 -30.19
C THR B 421 14.62 -42.92 -31.19
N LEU B 422 13.48 -43.12 -31.85
CA LEU B 422 13.37 -44.16 -32.87
C LEU B 422 14.42 -43.97 -33.95
N LEU B 423 14.66 -42.75 -34.43
CA LEU B 423 15.68 -42.66 -35.46
C LEU B 423 17.06 -42.91 -34.87
N ASN B 424 17.31 -42.44 -33.64
CA ASN B 424 18.59 -42.75 -33.00
C ASN B 424 18.80 -44.24 -32.73
N SER C 2 -57.75 -13.28 16.32
CA SER C 2 -57.49 -12.31 15.25
C SER C 2 -57.49 -10.88 15.78
N PHE C 3 -56.71 -10.03 15.17
CA PHE C 3 -56.60 -8.69 15.67
C PHE C 3 -57.83 -7.85 15.69
N ASP C 4 -58.62 -7.87 14.64
CA ASP C 4 -59.81 -7.03 14.61
C ASP C 4 -60.90 -7.38 15.62
N SER C 5 -61.10 -8.67 15.87
CA SER C 5 -62.08 -9.10 16.83
C SER C 5 -61.48 -9.12 18.22
N LEU C 6 -61.13 -7.94 18.74
CA LEU C 6 -60.55 -7.84 20.06
C LEU C 6 -61.12 -6.70 20.88
N SER C 7 -61.36 -6.99 22.15
CA SER C 7 -61.83 -6.03 23.11
C SER C 7 -60.71 -5.09 23.52
N PRO C 8 -60.96 -3.79 23.44
CA PRO C 8 -59.84 -2.88 23.80
C PRO C 8 -58.93 -3.36 24.90
N GLN C 9 -59.51 -4.01 25.90
CA GLN C 9 -58.73 -4.56 26.99
C GLN C 9 -57.72 -5.56 26.43
N GLU C 10 -58.19 -6.42 25.54
CA GLU C 10 -57.34 -7.40 24.86
C GLU C 10 -56.29 -6.76 23.94
N LEU C 11 -56.70 -5.73 23.19
CA LEU C 11 -55.80 -5.02 22.27
C LEU C 11 -54.68 -4.28 22.98
N ALA C 12 -54.98 -3.69 24.13
CA ALA C 12 -53.95 -3.00 24.88
C ALA C 12 -52.88 -3.95 25.41
N ALA C 13 -53.28 -5.13 25.87
CA ALA C 13 -52.30 -6.11 26.32
C ALA C 13 -51.43 -6.63 25.18
N LEU C 14 -52.06 -6.86 24.02
CA LEU C 14 -51.34 -7.32 22.84
C LEU C 14 -50.30 -6.28 22.37
N HIS C 15 -50.69 -5.00 22.37
CA HIS C 15 -49.76 -3.93 22.02
C HIS C 15 -48.57 -3.90 22.97
N ALA C 16 -48.84 -4.13 24.26
CA ALA C 16 -47.77 -4.14 25.24
C ALA C 16 -46.75 -5.25 24.96
N ARG C 17 -47.21 -6.47 24.69
CA ARG C 17 -46.26 -7.54 24.40
C ARG C 17 -45.43 -7.19 23.17
N HIS C 18 -46.09 -6.75 22.11
CA HIS C 18 -45.38 -6.34 20.89
C HIS C 18 -44.29 -5.35 21.22
N GLN C 19 -44.58 -4.38 22.09
CA GLN C 19 -43.56 -3.41 22.51
C GLN C 19 -42.40 -4.12 23.22
N GLN C 20 -42.70 -5.15 24.02
CA GLN C 20 -41.64 -5.88 24.70
C GLN C 20 -40.84 -6.68 23.68
N ASP C 21 -41.54 -7.30 22.72
CA ASP C 21 -40.85 -7.96 21.61
C ASP C 21 -39.96 -6.97 20.87
N TYR C 22 -40.45 -5.73 20.67
CA TYR C 22 -39.67 -4.78 19.88
C TYR C 22 -38.44 -4.30 20.66
N ALA C 23 -38.59 -4.06 21.97
CA ALA C 23 -37.47 -3.67 22.82
C ALA C 23 -36.39 -4.74 22.84
N ALA C 24 -36.81 -6.00 22.94
CA ALA C 24 -35.85 -7.10 22.93
C ALA C 24 -35.08 -7.08 21.62
N LEU C 25 -35.80 -6.92 20.50
CA LEU C 25 -35.17 -6.83 19.18
C LEU C 25 -34.10 -5.75 19.12
N GLN C 26 -34.36 -4.55 19.66
CA GLN C 26 -33.31 -3.55 19.58
C GLN C 26 -32.08 -4.02 20.34
N GLY C 27 -32.27 -4.73 21.45
CA GLY C 27 -31.09 -5.22 22.16
C GLY C 27 -30.24 -6.21 21.37
N MET C 28 -30.79 -6.81 20.30
CA MET C 28 -29.96 -7.72 19.52
C MET C 28 -28.92 -7.01 18.66
N LYS C 29 -28.92 -5.68 18.63
CA LYS C 29 -28.00 -4.88 17.80
C LYS C 29 -27.80 -5.51 16.42
N LEU C 30 -28.91 -5.64 15.70
CA LEU C 30 -28.87 -6.34 14.42
C LEU C 30 -28.32 -5.43 13.33
N ALA C 31 -27.84 -6.06 12.25
CA ALA C 31 -27.41 -5.39 11.03
C ALA C 31 -27.83 -6.28 9.85
N LEU C 32 -29.11 -6.24 9.50
CA LEU C 32 -29.66 -7.13 8.49
C LEU C 32 -30.28 -6.28 7.38
N ASP C 33 -30.50 -6.90 6.23
CA ASP C 33 -30.92 -6.15 5.06
C ASP C 33 -31.78 -7.02 4.16
N LEU C 34 -32.97 -6.52 3.81
CA LEU C 34 -33.88 -7.22 2.90
C LEU C 34 -34.17 -6.40 1.65
N THR C 35 -33.27 -5.48 1.28
CA THR C 35 -33.61 -4.56 0.20
C THR C 35 -32.96 -4.91 -1.10
N ARG C 36 -31.94 -5.79 -1.09
CA ARG C 36 -31.06 -5.97 -2.23
C ARG C 36 -31.60 -7.13 -3.06
N GLY C 37 -32.20 -6.82 -4.20
CA GLY C 37 -32.68 -7.88 -5.07
C GLY C 37 -31.56 -8.44 -5.93
N LYS C 38 -30.45 -8.83 -5.36
CA LYS C 38 -29.33 -9.25 -6.19
C LYS C 38 -28.87 -10.64 -5.81
N PRO C 39 -28.21 -11.35 -6.73
CA PRO C 39 -27.79 -12.71 -6.41
C PRO C 39 -26.84 -12.74 -5.24
N SER C 40 -26.91 -13.84 -4.49
CA SER C 40 -25.95 -14.02 -3.41
C SER C 40 -24.59 -14.36 -4.01
N ALA C 41 -23.55 -14.21 -3.17
CA ALA C 41 -22.22 -14.66 -3.59
C ALA C 41 -22.24 -16.12 -4.01
N GLU C 42 -22.97 -16.94 -3.27
CA GLU C 42 -23.07 -18.35 -3.62
C GLU C 42 -23.68 -18.57 -5.01
N GLN C 43 -24.71 -17.79 -5.40
CA GLN C 43 -25.22 -17.90 -6.76
C GLN C 43 -24.18 -17.46 -7.80
N LEU C 44 -23.46 -16.38 -7.51
CA LEU C 44 -22.49 -15.88 -8.47
C LEU C 44 -21.38 -16.91 -8.68
N ASP C 45 -21.00 -17.62 -7.62
CA ASP C 45 -19.97 -18.65 -7.72
C ASP C 45 -20.29 -19.70 -8.79
N LEU C 46 -21.58 -19.96 -9.04
CA LEU C 46 -21.98 -20.90 -10.08
C LEU C 46 -21.40 -20.54 -11.42
N SER C 47 -21.11 -19.26 -11.67
CA SER C 47 -20.61 -18.85 -12.97
C SER C 47 -19.14 -18.43 -12.97
N ASN C 48 -18.36 -18.78 -11.95
CA ASN C 48 -16.95 -18.36 -11.96
C ASN C 48 -16.14 -18.91 -13.14
N GLN C 49 -16.57 -19.99 -13.78
CA GLN C 49 -15.86 -20.43 -14.99
C GLN C 49 -15.78 -19.32 -16.04
N LEU C 50 -16.75 -18.39 -16.03
CA LEU C 50 -16.71 -17.28 -16.98
C LEU C 50 -15.46 -16.44 -16.86
N LEU C 51 -14.87 -16.40 -15.68
CA LEU C 51 -13.73 -15.51 -15.45
C LEU C 51 -12.49 -15.93 -16.25
N SER C 52 -12.51 -17.09 -16.90
CA SER C 52 -11.37 -17.61 -17.65
C SER C 52 -11.75 -17.95 -19.07
N LEU C 53 -12.95 -17.60 -19.50
CA LEU C 53 -13.45 -17.87 -20.82
C LEU C 53 -13.37 -16.59 -21.64
N PRO C 54 -13.30 -16.68 -22.96
CA PRO C 54 -13.37 -17.89 -23.79
C PRO C 54 -12.03 -18.60 -24.01
N GLY C 55 -10.96 -17.99 -23.51
CA GLY C 55 -9.60 -18.44 -23.74
C GLY C 55 -9.20 -18.06 -25.18
N ASP C 56 -8.16 -18.76 -25.68
CA ASP C 56 -7.52 -18.40 -26.95
C ASP C 56 -8.44 -18.45 -28.15
N ASP C 57 -9.44 -19.32 -28.16
CA ASP C 57 -10.26 -19.40 -29.36
C ASP C 57 -11.34 -18.31 -29.27
N TYR C 58 -11.05 -17.19 -29.96
CA TYR C 58 -11.86 -15.97 -29.96
C TYR C 58 -12.87 -15.93 -31.10
N ARG C 59 -13.01 -16.98 -31.90
CA ARG C 59 -13.94 -16.95 -33.04
C ARG C 59 -15.26 -17.61 -32.67
N ASP C 60 -16.35 -17.01 -33.11
CA ASP C 60 -17.67 -17.61 -32.94
C ASP C 60 -17.91 -18.66 -34.02
N PRO C 61 -19.06 -19.36 -33.99
CA PRO C 61 -19.32 -20.39 -35.02
C PRO C 61 -19.36 -19.86 -36.45
N GLU C 62 -19.51 -18.55 -36.66
CA GLU C 62 -19.47 -17.99 -38.00
C GLU C 62 -18.06 -17.60 -38.43
N GLY C 63 -17.04 -17.85 -37.59
CA GLY C 63 -15.71 -17.39 -37.93
C GLY C 63 -15.45 -15.93 -37.61
N THR C 64 -16.39 -15.23 -37.00
CA THR C 64 -16.19 -13.82 -36.67
C THR C 64 -15.10 -13.65 -35.63
N ASP C 65 -14.13 -12.79 -35.93
CA ASP C 65 -13.15 -12.39 -34.92
C ASP C 65 -13.85 -11.47 -33.92
N THR C 66 -14.18 -12.00 -32.73
CA THR C 66 -14.96 -11.22 -31.77
C THR C 66 -14.14 -10.08 -31.16
N ARG C 67 -12.81 -10.06 -31.37
CA ARG C 67 -11.97 -9.03 -30.78
C ARG C 67 -12.03 -7.73 -31.57
N ASN C 68 -12.69 -7.72 -32.73
CA ASN C 68 -12.64 -6.56 -33.62
C ASN C 68 -14.02 -5.93 -33.82
N TYR C 69 -14.01 -4.69 -34.33
CA TYR C 69 -15.24 -3.94 -34.52
C TYR C 69 -16.20 -4.67 -35.47
N GLY C 70 -17.49 -4.42 -35.27
CA GLY C 70 -18.46 -4.79 -36.27
C GLY C 70 -19.58 -5.68 -35.78
N GLY C 71 -20.78 -5.47 -36.33
CA GLY C 71 -21.89 -6.37 -36.08
C GLY C 71 -22.81 -5.82 -35.01
N GLN C 72 -23.97 -5.27 -35.39
CA GLN C 72 -24.86 -4.68 -34.39
C GLN C 72 -25.79 -5.68 -33.73
N HIS C 73 -26.04 -6.82 -34.35
CA HIS C 73 -27.08 -7.71 -33.82
C HIS C 73 -26.59 -8.57 -32.65
N GLY C 74 -25.28 -8.77 -32.52
CA GLY C 74 -24.78 -9.74 -31.57
C GLY C 74 -24.60 -11.11 -32.22
N LEU C 75 -23.92 -11.98 -31.48
CA LEU C 75 -23.53 -13.27 -32.03
C LEU C 75 -24.73 -14.18 -32.25
N PRO C 76 -24.93 -14.71 -33.46
CA PRO C 76 -26.12 -15.56 -33.68
C PRO C 76 -26.16 -16.77 -32.79
N GLY C 77 -24.99 -17.30 -32.41
CA GLY C 77 -25.00 -18.52 -31.62
C GLY C 77 -25.52 -18.27 -30.22
N LEU C 78 -25.19 -17.11 -29.65
CA LEU C 78 -25.77 -16.82 -28.34
C LEU C 78 -27.23 -16.43 -28.46
N ARG C 79 -27.55 -15.62 -29.47
CA ARG C 79 -28.95 -15.30 -29.72
C ARG C 79 -29.80 -16.55 -29.94
N ALA C 80 -29.24 -17.57 -30.60
CA ALA C 80 -29.99 -18.80 -30.82
C ALA C 80 -30.37 -19.47 -29.52
N ILE C 81 -29.53 -19.37 -28.51
CA ILE C 81 -29.85 -19.99 -27.24
C ILE C 81 -31.06 -19.29 -26.61
N PHE C 82 -31.02 -17.98 -26.55
CA PHE C 82 -32.14 -17.27 -25.95
C PHE C 82 -33.35 -17.18 -26.86
N ALA C 83 -33.16 -17.28 -28.17
CA ALA C 83 -34.28 -17.42 -29.10
C ALA C 83 -35.13 -18.65 -28.77
N GLU C 84 -34.47 -19.79 -28.52
CA GLU C 84 -35.16 -21.01 -28.10
C GLU C 84 -35.84 -20.82 -26.75
N LEU C 85 -35.13 -20.25 -25.78
CA LEU C 85 -35.68 -20.06 -24.44
C LEU C 85 -36.90 -19.15 -24.48
N LEU C 86 -36.87 -18.13 -25.31
CA LEU C 86 -37.93 -17.12 -25.37
C LEU C 86 -38.98 -17.48 -26.42
N GLY C 87 -38.70 -18.43 -27.31
CA GLY C 87 -39.62 -18.73 -28.41
C GLY C 87 -39.70 -17.61 -29.42
N ILE C 88 -38.56 -17.02 -29.78
CA ILE C 88 -38.44 -15.92 -30.71
C ILE C 88 -37.42 -16.27 -31.75
N ALA C 89 -37.72 -16.06 -33.02
CA ALA C 89 -36.75 -16.43 -34.04
C ALA C 89 -35.48 -15.58 -33.92
N VAL C 90 -34.35 -16.20 -34.30
CA VAL C 90 -33.04 -15.54 -34.24
C VAL C 90 -33.01 -14.18 -34.93
N PRO C 91 -33.53 -14.01 -36.14
CA PRO C 91 -33.52 -12.67 -36.76
C PRO C 91 -34.35 -11.65 -35.99
N ASN C 92 -35.25 -12.08 -35.10
CA ASN C 92 -36.06 -11.15 -34.32
C ASN C 92 -35.46 -10.82 -32.96
N LEU C 93 -34.24 -11.27 -32.70
CA LEU C 93 -33.63 -11.13 -31.38
C LEU C 93 -32.21 -10.61 -31.56
N ILE C 94 -31.85 -9.56 -30.81
CA ILE C 94 -30.47 -9.10 -30.79
C ILE C 94 -29.94 -9.19 -29.37
N ALA C 95 -28.60 -9.24 -29.27
CA ALA C 95 -27.89 -9.27 -28.01
C ALA C 95 -27.07 -7.99 -27.83
N GLY C 96 -27.18 -7.39 -26.65
CA GLY C 96 -26.54 -6.13 -26.35
C GLY C 96 -25.40 -6.24 -25.36
N ASN C 97 -25.24 -5.19 -24.52
CA ASN C 97 -24.20 -5.21 -23.49
C ASN C 97 -24.76 -5.70 -22.17
N ASN C 98 -24.34 -5.12 -21.04
CA ASN C 98 -24.53 -5.73 -19.73
C ASN C 98 -25.85 -5.32 -19.06
N SER C 99 -26.73 -4.61 -19.76
CA SER C 99 -27.93 -4.02 -19.14
C SER C 99 -29.13 -4.07 -20.09
N SER C 100 -30.16 -4.83 -19.72
CA SER C 100 -31.45 -4.74 -20.43
C SER C 100 -32.17 -3.43 -20.11
N LEU C 101 -31.98 -2.89 -18.89
CA LEU C 101 -32.57 -1.61 -18.55
C LEU C 101 -32.15 -0.53 -19.55
N GLU C 102 -30.89 -0.59 -19.97
CA GLU C 102 -30.32 0.37 -20.91
C GLU C 102 -30.99 0.27 -22.29
N LEU C 103 -31.34 -0.94 -22.71
CA LEU C 103 -32.12 -1.11 -23.95
C LEU C 103 -33.49 -0.46 -23.83
N MET C 104 -34.19 -0.72 -22.72
CA MET C 104 -35.52 -0.16 -22.46
C MET C 104 -35.46 1.36 -22.42
N HIS C 105 -34.46 1.89 -21.71
CA HIS C 105 -34.28 3.33 -21.63
C HIS C 105 -34.07 3.94 -23.01
N ASP C 106 -33.17 3.36 -23.82
CA ASP C 106 -32.87 3.96 -25.13
C ASP C 106 -34.06 3.91 -26.06
N ILE C 107 -34.86 2.84 -25.99
CA ILE C 107 -36.06 2.77 -26.82
C ILE C 107 -37.06 3.86 -26.42
N VAL C 108 -37.25 4.09 -25.12
CA VAL C 108 -38.10 5.20 -24.69
C VAL C 108 -37.53 6.53 -25.16
N ALA C 109 -36.20 6.74 -24.95
CA ALA C 109 -35.54 7.97 -25.42
C ALA C 109 -35.66 8.12 -26.93
N PHE C 110 -35.46 7.05 -27.70
CA PHE C 110 -35.63 7.13 -29.15
C PHE C 110 -37.08 7.47 -29.50
N SER C 111 -38.04 6.89 -28.79
CA SER C 111 -39.43 7.20 -29.07
C SER C 111 -39.73 8.68 -28.81
N MET C 112 -39.16 9.24 -27.75
CA MET C 112 -39.29 10.68 -27.50
C MET C 112 -38.67 11.51 -28.61
N LEU C 113 -37.43 11.21 -29.00
CA LEU C 113 -36.73 12.11 -29.92
C LEU C 113 -37.14 11.88 -31.37
N TYR C 114 -37.34 10.63 -31.77
CA TYR C 114 -37.54 10.29 -33.16
C TYR C 114 -38.92 9.74 -33.47
N GLY C 115 -39.63 9.24 -32.48
CA GLY C 115 -40.80 8.43 -32.70
C GLY C 115 -40.45 6.98 -32.98
N GLY C 116 -41.41 6.09 -32.75
CA GLY C 116 -41.25 4.70 -33.09
C GLY C 116 -41.36 4.48 -34.60
N VAL C 117 -41.28 3.22 -34.99
CA VAL C 117 -41.17 2.88 -36.41
C VAL C 117 -42.40 3.36 -37.19
N ASP C 118 -43.55 3.47 -36.54
CA ASP C 118 -44.78 3.84 -37.20
C ASP C 118 -45.51 4.94 -36.43
N SER C 119 -44.75 5.78 -35.69
CA SER C 119 -45.35 6.88 -34.96
C SER C 119 -45.71 8.02 -35.90
N PRO C 120 -46.82 8.71 -35.64
CA PRO C 120 -47.10 9.92 -36.43
C PRO C 120 -46.10 11.03 -36.20
N ARG C 121 -45.45 11.08 -35.04
CA ARG C 121 -44.46 12.11 -34.77
C ARG C 121 -43.67 11.69 -33.54
N PRO C 122 -42.50 12.27 -33.31
CA PRO C 122 -41.80 12.02 -32.05
C PRO C 122 -42.69 12.35 -30.86
N TRP C 123 -42.56 11.54 -29.80
CA TRP C 123 -43.43 11.72 -28.64
C TRP C 123 -43.21 13.05 -27.96
N ILE C 124 -41.99 13.61 -28.05
CA ILE C 124 -41.72 14.94 -27.48
C ILE C 124 -42.46 16.07 -28.19
N GLN C 125 -43.07 15.79 -29.34
CA GLN C 125 -43.85 16.74 -30.13
C GLN C 125 -45.34 16.61 -29.87
N GLU C 126 -45.73 15.73 -28.97
CA GLU C 126 -47.12 15.52 -28.59
C GLU C 126 -47.52 16.63 -27.63
N GLN C 127 -48.38 17.54 -28.11
CA GLN C 127 -48.72 18.70 -27.30
C GLN C 127 -49.43 18.33 -26.00
N ASP C 128 -50.15 17.21 -25.96
CA ASP C 128 -50.80 16.79 -24.73
C ASP C 128 -50.00 15.78 -23.90
N GLY C 129 -48.73 15.52 -24.22
CA GLY C 129 -47.96 14.71 -23.30
C GLY C 129 -48.24 13.23 -23.56
N ILE C 130 -47.54 12.38 -22.81
CA ILE C 130 -47.49 10.94 -23.04
C ILE C 130 -47.79 10.24 -21.71
N LYS C 131 -48.43 9.07 -21.79
CA LYS C 131 -48.74 8.31 -20.59
C LYS C 131 -48.34 6.84 -20.74
N PHE C 132 -47.88 6.20 -19.65
CA PHE C 132 -47.69 4.77 -19.67
C PHE C 132 -48.60 4.15 -18.62
N LEU C 133 -49.15 3.00 -18.95
CA LEU C 133 -49.89 2.19 -17.99
C LEU C 133 -48.92 1.38 -17.17
N CYS C 134 -49.15 1.37 -15.85
CA CYS C 134 -48.21 0.70 -14.94
C CYS C 134 -48.94 -0.29 -14.01
N PRO C 135 -48.99 -1.58 -14.36
CA PRO C 135 -49.47 -2.57 -13.40
C PRO C 135 -48.66 -2.50 -12.11
N VAL C 136 -49.37 -2.50 -10.98
CA VAL C 136 -48.73 -2.38 -9.68
C VAL C 136 -49.16 -3.55 -8.79
N PRO C 137 -48.35 -3.96 -7.80
CA PRO C 137 -46.99 -3.44 -7.57
C PRO C 137 -46.06 -3.80 -8.74
N GLY C 138 -45.11 -2.92 -9.08
CA GLY C 138 -44.23 -3.10 -10.22
C GLY C 138 -42.80 -2.71 -9.97
N TYR C 139 -42.02 -2.55 -11.03
CA TYR C 139 -40.58 -2.42 -10.95
C TYR C 139 -40.24 -0.93 -10.90
N ASP C 140 -39.64 -0.49 -9.79
CA ASP C 140 -39.39 0.93 -9.60
C ASP C 140 -38.49 1.52 -10.68
N ARG C 141 -37.53 0.74 -11.23
CA ARG C 141 -36.67 1.27 -12.29
C ARG C 141 -37.37 1.43 -13.63
N HIS C 142 -38.44 0.67 -13.91
CA HIS C 142 -39.28 1.02 -15.05
C HIS C 142 -39.85 2.41 -14.84
N PHE C 143 -40.41 2.65 -13.65
CA PHE C 143 -41.06 3.93 -13.34
C PHE C 143 -40.08 5.10 -13.38
N ALA C 144 -38.81 4.88 -12.99
CA ALA C 144 -37.83 5.97 -13.03
C ALA C 144 -37.58 6.44 -14.46
N ILE C 145 -37.64 5.53 -15.43
CA ILE C 145 -37.41 5.92 -16.81
C ILE C 145 -38.54 6.84 -17.27
N THR C 146 -39.79 6.41 -17.05
CA THR C 146 -40.92 7.24 -17.51
C THR C 146 -40.98 8.55 -16.71
N GLU C 147 -40.66 8.50 -15.41
CA GLU C 147 -40.71 9.74 -14.61
C GLU C 147 -39.69 10.73 -15.14
N THR C 148 -38.47 10.26 -15.45
CA THR C 148 -37.40 11.18 -15.85
C THR C 148 -37.70 11.79 -17.23
N MET C 149 -38.38 11.03 -18.09
CA MET C 149 -38.77 11.53 -19.39
C MET C 149 -40.04 12.35 -19.34
N GLY C 150 -40.62 12.56 -18.17
CA GLY C 150 -41.82 13.37 -18.08
C GLY C 150 -43.03 12.63 -18.62
N ILE C 151 -43.00 11.30 -18.59
CA ILE C 151 -44.10 10.49 -19.08
C ILE C 151 -44.99 10.17 -17.91
N GLU C 152 -46.27 10.54 -18.01
CA GLU C 152 -47.19 10.30 -16.92
C GLU C 152 -47.45 8.81 -16.74
N MET C 153 -47.53 8.37 -15.49
CA MET C 153 -47.77 6.97 -15.16
C MET C 153 -49.14 6.73 -14.55
N ILE C 154 -49.87 5.76 -15.11
CA ILE C 154 -51.21 5.39 -14.67
C ILE C 154 -51.10 4.02 -14.01
N PRO C 155 -51.29 3.92 -12.69
CA PRO C 155 -51.26 2.60 -12.03
C PRO C 155 -52.48 1.73 -12.36
N ILE C 156 -52.24 0.44 -12.51
CA ILE C 156 -53.26 -0.57 -12.84
C ILE C 156 -53.18 -1.71 -11.83
N PRO C 157 -54.29 -2.12 -11.18
CA PRO C 157 -54.25 -3.29 -10.28
C PRO C 157 -53.74 -4.56 -10.94
N MET C 158 -52.97 -5.34 -10.20
CA MET C 158 -52.53 -6.64 -10.68
C MET C 158 -53.54 -7.71 -10.24
N LEU C 159 -53.85 -8.66 -11.14
CA LEU C 159 -54.66 -9.83 -10.82
C LEU C 159 -53.81 -11.11 -10.91
N GLN C 160 -54.42 -12.26 -10.60
CA GLN C 160 -53.60 -13.46 -10.40
C GLN C 160 -53.09 -14.05 -11.70
N ASP C 161 -53.66 -13.69 -12.85
CA ASP C 161 -53.12 -14.20 -14.10
C ASP C 161 -52.70 -13.08 -15.03
N GLY C 162 -52.44 -11.89 -14.49
CA GLY C 162 -52.04 -10.76 -15.27
C GLY C 162 -52.55 -9.49 -14.63
N PRO C 163 -52.30 -8.35 -15.26
CA PRO C 163 -52.87 -7.10 -14.77
C PRO C 163 -54.38 -7.06 -15.04
N ASP C 164 -55.04 -5.97 -14.66
CA ASP C 164 -56.49 -5.79 -14.91
C ASP C 164 -56.69 -5.39 -16.37
N VAL C 165 -56.80 -6.40 -17.23
CA VAL C 165 -56.90 -6.13 -18.66
C VAL C 165 -58.23 -5.42 -19.03
N ASP C 166 -59.34 -5.71 -18.34
CA ASP C 166 -60.56 -4.93 -18.60
C ASP C 166 -60.27 -3.45 -18.45
N LEU C 167 -59.60 -3.07 -17.37
CA LEU C 167 -59.31 -1.66 -17.18
C LEU C 167 -58.35 -1.15 -18.23
N ILE C 168 -57.29 -1.93 -18.50
CA ILE C 168 -56.30 -1.53 -19.50
C ILE C 168 -56.97 -1.30 -20.85
N GLU C 169 -57.79 -2.27 -21.28
CA GLU C 169 -58.50 -2.16 -22.55
C GLU C 169 -59.35 -0.90 -22.62
N GLU C 170 -60.10 -0.61 -21.55
CA GLU C 170 -60.93 0.59 -21.52
C GLU C 170 -60.10 1.84 -21.75
N LEU C 171 -58.97 1.96 -21.05
CA LEU C 171 -58.18 3.20 -21.11
C LEU C 171 -57.48 3.38 -22.46
N VAL C 172 -56.81 2.33 -22.96
CA VAL C 172 -56.06 2.52 -24.21
C VAL C 172 -57.01 2.79 -25.37
N ALA C 173 -58.25 2.32 -25.26
CA ALA C 173 -59.16 2.47 -26.37
C ALA C 173 -59.54 3.94 -26.59
N VAL C 174 -59.53 4.75 -25.54
CA VAL C 174 -60.04 6.11 -25.66
C VAL C 174 -59.00 7.19 -25.46
N ASP C 175 -57.75 6.87 -25.13
CA ASP C 175 -56.80 7.93 -24.81
C ASP C 175 -55.57 7.80 -25.69
N PRO C 176 -55.45 8.63 -26.73
CA PRO C 176 -54.33 8.47 -27.67
C PRO C 176 -53.00 8.89 -27.07
N ALA C 177 -53.01 9.52 -25.89
CA ALA C 177 -51.76 9.85 -25.21
C ALA C 177 -51.13 8.62 -24.54
N ILE C 178 -51.88 7.54 -24.35
CA ILE C 178 -51.31 6.37 -23.72
C ILE C 178 -50.51 5.62 -24.78
N LYS C 179 -49.18 5.68 -24.67
CA LYS C 179 -48.30 5.13 -25.69
C LYS C 179 -47.69 3.80 -25.29
N GLY C 180 -47.67 3.48 -24.00
CA GLY C 180 -46.94 2.30 -23.58
C GLY C 180 -47.47 1.72 -22.29
N MET C 181 -47.04 0.49 -22.02
CA MET C 181 -47.34 -0.20 -20.79
C MET C 181 -46.13 -1.03 -20.31
N TRP C 182 -45.65 -0.77 -19.09
CA TRP C 182 -44.59 -1.57 -18.50
C TRP C 182 -45.14 -2.90 -18.04
N THR C 183 -44.42 -3.98 -18.37
CA THR C 183 -44.77 -5.30 -17.89
C THR C 183 -43.54 -6.09 -17.51
N VAL C 184 -43.73 -7.02 -16.59
CA VAL C 184 -42.81 -8.13 -16.38
C VAL C 184 -43.66 -9.38 -16.47
N PRO C 185 -43.70 -10.07 -17.62
CA PRO C 185 -44.81 -11.00 -17.87
C PRO C 185 -44.62 -12.39 -17.29
N VAL C 186 -43.46 -12.70 -16.70
CA VAL C 186 -43.23 -13.97 -16.02
C VAL C 186 -42.63 -13.69 -14.64
N PHE C 187 -43.24 -14.27 -13.58
CA PHE C 187 -42.75 -14.04 -12.22
C PHE C 187 -42.51 -12.55 -11.94
N GLY C 188 -43.55 -11.74 -12.09
CA GLY C 188 -43.40 -10.30 -11.96
C GLY C 188 -42.68 -9.77 -10.74
N ASN C 189 -41.88 -8.71 -10.94
CA ASN C 189 -41.21 -7.99 -9.85
C ASN C 189 -42.15 -6.89 -9.37
N PRO C 190 -42.76 -7.01 -8.18
CA PRO C 190 -42.56 -8.05 -7.18
C PRO C 190 -43.79 -8.92 -6.97
N SER C 191 -44.81 -8.78 -7.85
CA SER C 191 -46.07 -9.53 -7.65
C SER C 191 -45.89 -11.02 -7.77
N GLY C 192 -44.86 -11.49 -8.48
CA GLY C 192 -44.71 -12.89 -8.76
C GLY C 192 -45.67 -13.43 -9.79
N VAL C 193 -46.52 -12.58 -10.35
CA VAL C 193 -47.55 -12.99 -11.29
C VAL C 193 -46.96 -13.28 -12.67
N THR C 194 -47.40 -14.38 -13.28
CA THR C 194 -47.07 -14.74 -14.65
C THR C 194 -48.32 -14.59 -15.51
N TYR C 195 -48.21 -13.86 -16.62
CA TYR C 195 -49.37 -13.62 -17.49
C TYR C 195 -49.76 -14.90 -18.23
N SER C 196 -51.04 -15.24 -18.19
CA SER C 196 -51.55 -16.41 -18.92
C SER C 196 -51.54 -16.16 -20.43
N TRP C 197 -51.59 -17.25 -21.20
CA TRP C 197 -51.67 -17.12 -22.65
C TRP C 197 -52.81 -16.20 -23.09
N GLU C 198 -54.00 -16.40 -22.53
CA GLU C 198 -55.15 -15.57 -22.90
C GLU C 198 -54.93 -14.09 -22.53
N THR C 199 -54.32 -13.84 -21.37
CA THR C 199 -53.99 -12.46 -21.01
C THR C 199 -53.09 -11.84 -22.06
N VAL C 200 -52.08 -12.58 -22.50
CA VAL C 200 -51.14 -12.04 -23.48
C VAL C 200 -51.86 -11.78 -24.80
N ARG C 201 -52.65 -12.76 -25.25
CA ARG C 201 -53.42 -12.57 -26.50
C ARG C 201 -54.29 -11.31 -26.45
N ARG C 202 -54.99 -11.08 -25.34
CA ARG C 202 -55.82 -9.88 -25.24
C ARG C 202 -54.97 -8.62 -25.31
N LEU C 203 -53.80 -8.64 -24.66
CA LEU C 203 -52.96 -7.44 -24.66
C LEU C 203 -52.42 -7.14 -26.05
N VAL C 204 -52.15 -8.17 -26.87
CA VAL C 204 -51.65 -7.89 -28.22
C VAL C 204 -52.76 -7.69 -29.25
N GLN C 205 -54.01 -8.10 -28.94
CA GLN C 205 -55.14 -7.90 -29.82
C GLN C 205 -55.98 -6.65 -29.52
N MET C 206 -55.94 -6.14 -28.29
CA MET C 206 -56.84 -5.04 -27.92
C MET C 206 -56.57 -3.81 -28.79
N ARG C 207 -57.63 -3.08 -29.15
CA ARG C 207 -57.42 -1.90 -29.98
C ARG C 207 -56.96 -0.75 -29.10
N THR C 208 -56.17 0.15 -29.68
CA THR C 208 -55.62 1.27 -28.91
C THR C 208 -55.81 2.56 -29.70
N ALA C 209 -56.20 3.63 -29.00
CA ALA C 209 -56.29 4.93 -29.65
C ALA C 209 -54.95 5.39 -30.19
N ALA C 210 -53.86 5.06 -29.51
CA ALA C 210 -52.57 5.42 -30.08
C ALA C 210 -52.17 4.35 -31.08
N PRO C 211 -51.93 4.73 -32.34
CA PRO C 211 -51.58 3.73 -33.36
C PRO C 211 -50.22 3.11 -33.15
N ASP C 212 -49.39 3.68 -32.29
CA ASP C 212 -48.02 3.24 -32.11
C ASP C 212 -47.79 2.79 -30.67
N PHE C 213 -48.86 2.32 -30.03
CA PHE C 213 -48.81 1.81 -28.67
C PHE C 213 -47.85 0.63 -28.60
N ARG C 214 -47.12 0.55 -27.49
CA ARG C 214 -46.11 -0.46 -27.28
C ARG C 214 -46.27 -1.15 -25.93
N LEU C 215 -46.09 -2.46 -25.93
CA LEU C 215 -45.97 -3.24 -24.70
C LEU C 215 -44.49 -3.40 -24.39
N PHE C 216 -44.06 -2.87 -23.26
CA PHE C 216 -42.68 -3.08 -22.85
C PHE C 216 -42.65 -4.39 -22.08
N TRP C 217 -42.24 -5.43 -22.79
CA TRP C 217 -42.38 -6.83 -22.40
C TRP C 217 -41.05 -7.25 -21.79
N ASP C 218 -40.85 -6.84 -20.54
CA ASP C 218 -39.57 -7.04 -19.85
C ASP C 218 -39.56 -8.42 -19.19
N ASN C 219 -39.15 -9.42 -19.96
CA ASN C 219 -39.14 -10.82 -19.48
C ASN C 219 -37.84 -11.08 -18.70
N ALA C 220 -37.63 -10.27 -17.66
CA ALA C 220 -36.42 -10.34 -16.82
C ALA C 220 -36.27 -11.68 -16.12
N TYR C 221 -37.36 -12.39 -15.85
CA TYR C 221 -37.36 -13.61 -15.04
C TYR C 221 -37.82 -14.82 -15.85
N ALA C 222 -37.61 -14.77 -17.17
CA ALA C 222 -38.14 -15.74 -18.13
C ALA C 222 -37.88 -17.19 -17.76
N VAL C 223 -36.70 -17.48 -17.22
CA VAL C 223 -36.38 -18.86 -16.89
C VAL C 223 -36.04 -19.04 -15.41
N HIS C 224 -36.51 -18.15 -14.55
CA HIS C 224 -35.98 -18.02 -13.18
C HIS C 224 -36.94 -18.70 -12.21
N THR C 225 -37.10 -19.98 -12.44
CA THR C 225 -38.02 -20.78 -11.64
C THR C 225 -37.52 -21.04 -10.23
N LEU C 226 -38.46 -21.11 -9.30
CA LEU C 226 -38.20 -21.58 -7.95
C LEU C 226 -38.67 -23.02 -7.76
N THR C 227 -39.12 -23.67 -8.83
CA THR C 227 -39.51 -25.07 -8.76
C THR C 227 -38.65 -25.79 -9.78
N LEU C 228 -38.94 -27.06 -9.96
CA LEU C 228 -38.16 -27.81 -10.93
C LEU C 228 -38.76 -27.69 -12.32
N ASP C 229 -39.76 -26.83 -12.53
CA ASP C 229 -40.36 -26.70 -13.85
C ASP C 229 -40.11 -25.32 -14.42
N PHE C 230 -39.95 -25.24 -15.74
CA PHE C 230 -39.83 -23.96 -16.39
C PHE C 230 -41.12 -23.55 -17.06
N PRO C 231 -41.51 -22.28 -16.98
CA PRO C 231 -42.73 -21.83 -17.67
C PRO C 231 -42.55 -21.86 -19.18
N ARG C 232 -43.59 -22.30 -19.89
CA ARG C 232 -43.56 -22.20 -21.35
C ARG C 232 -43.86 -20.76 -21.75
N GLN C 233 -42.95 -20.16 -22.52
CA GLN C 233 -43.08 -18.78 -22.98
C GLN C 233 -44.24 -18.57 -23.94
N VAL C 234 -45.11 -17.63 -23.62
CA VAL C 234 -46.17 -17.27 -24.55
C VAL C 234 -45.52 -16.53 -25.71
N ASP C 235 -45.95 -16.85 -26.94
CA ASP C 235 -45.39 -16.28 -28.18
C ASP C 235 -45.96 -14.88 -28.44
N VAL C 236 -45.43 -13.90 -27.69
CA VAL C 236 -46.01 -12.55 -27.75
C VAL C 236 -45.81 -11.95 -29.14
N LEU C 237 -44.65 -12.19 -29.78
CA LEU C 237 -44.43 -11.60 -31.09
C LEU C 237 -45.31 -12.27 -32.14
N GLY C 238 -45.49 -13.59 -32.02
CA GLY C 238 -46.35 -14.30 -32.95
C GLY C 238 -47.81 -13.89 -32.82
N LEU C 239 -48.31 -13.81 -31.59
CA LEU C 239 -49.70 -13.43 -31.38
C LEU C 239 -49.96 -12.01 -31.87
N ALA C 240 -49.03 -11.10 -31.60
CA ALA C 240 -49.19 -9.72 -32.07
C ALA C 240 -49.23 -9.61 -33.60
N ALA C 241 -48.32 -10.30 -34.29
CA ALA C 241 -48.34 -10.28 -35.76
C ALA C 241 -49.63 -10.86 -36.32
N LYS C 242 -50.13 -11.99 -35.78
CA LYS C 242 -51.42 -12.52 -36.27
C LYS C 242 -52.56 -11.57 -36.02
N ALA C 243 -52.48 -10.77 -34.97
CA ALA C 243 -53.50 -9.77 -34.66
C ALA C 243 -53.37 -8.51 -35.49
N GLY C 244 -52.34 -8.42 -36.30
CA GLY C 244 -52.08 -7.22 -37.08
C GLY C 244 -51.36 -6.11 -36.35
N ASN C 245 -50.73 -6.42 -35.22
CA ASN C 245 -49.98 -5.42 -34.45
C ASN C 245 -48.55 -5.95 -34.27
N PRO C 246 -47.86 -6.33 -35.36
CA PRO C 246 -46.53 -6.93 -35.20
C PRO C 246 -45.57 -6.06 -34.45
N ASN C 247 -45.75 -4.74 -34.57
CA ASN C 247 -44.83 -3.80 -33.93
C ASN C 247 -45.13 -3.55 -32.45
N ARG C 248 -46.24 -4.08 -31.90
CA ARG C 248 -46.62 -3.72 -30.54
C ARG C 248 -45.65 -4.17 -29.45
N PRO C 249 -45.13 -5.41 -29.43
CA PRO C 249 -44.29 -5.80 -28.29
C PRO C 249 -42.81 -5.52 -28.49
N TYR C 250 -42.21 -5.02 -27.43
CA TYR C 250 -40.75 -4.94 -27.31
C TYR C 250 -40.36 -5.93 -26.24
N VAL C 251 -39.58 -6.95 -26.59
CA VAL C 251 -39.22 -7.99 -25.63
C VAL C 251 -37.80 -7.74 -25.13
N PHE C 252 -37.60 -7.83 -23.80
CA PHE C 252 -36.28 -7.66 -23.18
C PHE C 252 -36.02 -8.88 -22.30
N ALA C 253 -34.75 -9.23 -22.16
CA ALA C 253 -34.30 -10.30 -21.27
C ALA C 253 -32.86 -9.99 -20.94
N SER C 254 -32.31 -10.76 -19.99
CA SER C 254 -31.01 -10.47 -19.40
C SER C 254 -30.41 -11.72 -18.78
N THR C 255 -29.07 -11.78 -18.76
CA THR C 255 -28.39 -12.81 -17.97
C THR C 255 -27.89 -12.28 -16.64
N SER C 256 -28.32 -11.09 -16.20
CA SER C 256 -27.83 -10.54 -14.93
C SER C 256 -28.08 -11.47 -13.76
N LYS C 257 -29.20 -12.18 -13.76
CA LYS C 257 -29.47 -13.15 -12.70
C LYS C 257 -29.33 -14.59 -13.19
N ILE C 258 -28.56 -14.78 -14.23
CA ILE C 258 -28.16 -16.09 -14.71
C ILE C 258 -26.67 -16.30 -14.49
N THR C 259 -25.84 -15.31 -14.88
CA THR C 259 -24.38 -15.37 -14.71
C THR C 259 -23.92 -14.32 -13.72
N PHE C 260 -23.53 -13.13 -14.14
CA PHE C 260 -23.05 -12.05 -13.29
C PHE C 260 -23.98 -10.85 -13.38
N ALA C 261 -24.37 -10.31 -12.23
CA ALA C 261 -25.25 -9.14 -12.17
C ALA C 261 -24.42 -7.90 -12.49
N GLY C 262 -24.65 -7.33 -13.67
CA GLY C 262 -23.84 -6.25 -14.18
C GLY C 262 -22.71 -6.70 -15.10
N GLY C 263 -22.53 -8.01 -15.26
CA GLY C 263 -21.51 -8.52 -16.15
C GLY C 263 -22.05 -9.50 -17.18
N GLY C 264 -23.37 -9.47 -17.41
CA GLY C 264 -24.04 -10.40 -18.29
C GLY C 264 -24.30 -9.80 -19.66
N VAL C 265 -25.30 -10.38 -20.34
CA VAL C 265 -25.67 -9.99 -21.70
C VAL C 265 -27.16 -9.69 -21.71
N SER C 266 -27.54 -8.62 -22.40
CA SER C 266 -28.93 -8.25 -22.53
C SER C 266 -29.48 -8.69 -23.88
N PHE C 267 -30.81 -8.71 -23.97
CA PHE C 267 -31.48 -9.10 -25.21
C PHE C 267 -32.68 -8.20 -25.46
N PHE C 268 -32.91 -7.90 -26.75
CA PHE C 268 -34.08 -7.16 -27.22
C PHE C 268 -34.70 -7.95 -28.36
N GLY C 269 -36.00 -8.15 -28.30
CA GLY C 269 -36.70 -8.88 -29.34
C GLY C 269 -37.87 -8.07 -29.88
N GLY C 270 -38.11 -8.19 -31.17
CA GLY C 270 -39.23 -7.49 -31.77
C GLY C 270 -39.47 -7.92 -33.20
N SER C 271 -40.42 -7.25 -33.84
CA SER C 271 -40.62 -7.43 -35.27
C SER C 271 -39.34 -7.05 -36.00
N LEU C 272 -39.20 -7.58 -37.23
CA LEU C 272 -38.07 -7.18 -38.08
C LEU C 272 -38.05 -5.67 -38.27
N GLY C 273 -39.23 -5.05 -38.39
CA GLY C 273 -39.28 -3.60 -38.49
C GLY C 273 -38.74 -2.90 -37.25
N ASN C 274 -39.11 -3.39 -36.07
CA ASN C 274 -38.63 -2.81 -34.82
C ASN C 274 -37.15 -3.05 -34.60
N ILE C 275 -36.65 -4.24 -34.97
CA ILE C 275 -35.22 -4.47 -34.87
C ILE C 275 -34.47 -3.47 -35.75
N ALA C 276 -34.90 -3.31 -37.01
CA ALA C 276 -34.21 -2.37 -37.90
C ALA C 276 -34.34 -0.96 -37.38
N TRP C 277 -35.52 -0.60 -36.85
CA TRP C 277 -35.73 0.73 -36.30
C TRP C 277 -34.78 0.99 -35.13
N TYR C 278 -34.74 0.05 -34.17
CA TYR C 278 -33.83 0.21 -33.04
C TYR C 278 -32.37 0.31 -33.49
N LEU C 279 -31.94 -0.60 -34.36
CA LEU C 279 -30.53 -0.59 -34.76
C LEU C 279 -30.17 0.66 -35.54
N GLN C 280 -31.11 1.24 -36.30
CA GLN C 280 -30.78 2.46 -37.03
C GLN C 280 -30.34 3.58 -36.09
N TYR C 281 -31.06 3.77 -34.98
CA TYR C 281 -30.72 4.83 -34.04
C TYR C 281 -29.67 4.39 -33.05
N ALA C 282 -29.66 3.10 -32.70
CA ALA C 282 -28.60 2.60 -31.84
C ALA C 282 -27.25 2.72 -32.53
N GLY C 283 -27.27 2.66 -33.87
CA GLY C 283 -26.05 2.83 -34.66
C GLY C 283 -25.46 4.21 -34.60
N LYS C 284 -26.22 5.21 -34.15
CA LYS C 284 -25.62 6.53 -33.98
C LYS C 284 -24.93 6.63 -32.64
N LYS C 285 -25.22 5.71 -31.73
CA LYS C 285 -24.76 5.66 -30.35
C LYS C 285 -23.51 4.81 -30.18
N SER C 286 -23.43 3.67 -30.88
CA SER C 286 -22.33 2.74 -30.71
C SER C 286 -22.06 1.98 -32.00
N ILE C 287 -20.78 1.67 -32.23
CA ILE C 287 -20.41 0.80 -33.33
C ILE C 287 -21.00 -0.59 -33.13
N GLY C 288 -21.20 -0.98 -31.87
CA GLY C 288 -21.89 -2.22 -31.57
C GLY C 288 -21.55 -2.78 -30.20
N PRO C 289 -22.24 -3.87 -29.84
CA PRO C 289 -22.06 -4.45 -28.50
C PRO C 289 -20.77 -5.26 -28.38
N ASP C 290 -20.52 -5.70 -27.16
CA ASP C 290 -19.32 -6.42 -26.79
C ASP C 290 -19.46 -7.91 -27.15
N LYS C 291 -18.84 -8.27 -28.28
CA LYS C 291 -18.96 -9.64 -28.79
C LYS C 291 -18.16 -10.62 -27.95
N VAL C 292 -17.09 -10.16 -27.30
CA VAL C 292 -16.29 -11.05 -26.48
C VAL C 292 -17.09 -11.53 -25.28
N ASN C 293 -17.87 -10.64 -24.65
CA ASN C 293 -18.66 -11.12 -23.52
C ASN C 293 -19.76 -12.04 -24.00
N GLN C 294 -20.29 -11.78 -25.20
CA GLN C 294 -21.27 -12.70 -25.75
C GLN C 294 -20.65 -14.07 -26.04
N LEU C 295 -19.39 -14.09 -26.49
CA LEU C 295 -18.74 -15.37 -26.76
C LEU C 295 -18.51 -16.15 -25.47
N ARG C 296 -18.09 -15.49 -24.39
CA ARG C 296 -17.92 -16.20 -23.12
C ARG C 296 -19.21 -16.86 -22.70
N HIS C 297 -20.33 -16.13 -22.83
CA HIS C 297 -21.61 -16.68 -22.42
C HIS C 297 -21.99 -17.85 -23.32
N LEU C 298 -21.76 -17.73 -24.64
CA LEU C 298 -22.10 -18.84 -25.52
C LEU C 298 -21.27 -20.06 -25.17
N ARG C 299 -19.99 -19.86 -24.92
CA ARG C 299 -19.13 -20.97 -24.52
C ARG C 299 -19.52 -21.57 -23.19
N PHE C 300 -19.87 -20.73 -22.23
CA PHE C 300 -20.27 -21.21 -20.90
C PHE C 300 -21.56 -22.05 -20.97
N PHE C 301 -22.57 -21.53 -21.66
CA PHE C 301 -23.88 -22.17 -21.69
C PHE C 301 -23.91 -23.36 -22.63
N GLY C 302 -23.27 -23.23 -23.79
CA GLY C 302 -23.30 -24.30 -24.76
C GLY C 302 -24.62 -24.32 -25.53
N ASP C 303 -25.73 -24.52 -24.83
CA ASP C 303 -27.03 -24.49 -25.48
C ASP C 303 -28.13 -24.18 -24.45
N ALA C 304 -29.38 -24.18 -24.92
CA ALA C 304 -30.49 -23.82 -24.06
C ALA C 304 -30.63 -24.79 -22.90
N ASP C 305 -30.42 -26.08 -23.15
CA ASP C 305 -30.43 -27.02 -22.01
C ASP C 305 -29.36 -26.67 -20.99
N GLY C 306 -28.22 -26.14 -21.43
CA GLY C 306 -27.21 -25.68 -20.49
C GLY C 306 -27.73 -24.54 -19.62
N VAL C 307 -28.48 -23.62 -20.21
CA VAL C 307 -29.06 -22.53 -19.43
C VAL C 307 -30.07 -23.08 -18.44
N ARG C 308 -30.95 -23.99 -18.89
CA ARG C 308 -31.97 -24.55 -17.99
C ARG C 308 -31.32 -25.21 -16.81
N LEU C 309 -30.29 -26.01 -17.06
CA LEU C 309 -29.62 -26.72 -15.97
C LEU C 309 -28.98 -25.73 -15.01
N HIS C 310 -28.38 -24.68 -15.55
CA HIS C 310 -27.82 -23.62 -14.72
C HIS C 310 -28.88 -22.96 -13.83
N MET C 311 -30.08 -22.71 -14.37
CA MET C 311 -31.17 -22.13 -13.57
C MET C 311 -31.62 -23.08 -12.43
N LEU C 312 -31.59 -24.40 -12.67
CA LEU C 312 -31.93 -25.30 -11.56
C LEU C 312 -30.88 -25.24 -10.47
N ARG C 313 -29.63 -24.97 -10.84
CA ARG C 313 -28.59 -24.75 -9.83
C ARG C 313 -28.89 -23.51 -8.99
N HIS C 314 -29.38 -22.45 -9.63
CA HIS C 314 -29.84 -21.28 -8.87
C HIS C 314 -31.01 -21.63 -7.98
N GLN C 315 -32.00 -22.34 -8.54
CA GLN C 315 -33.18 -22.74 -7.80
C GLN C 315 -32.87 -23.48 -6.51
N GLN C 316 -31.88 -24.37 -6.53
CA GLN C 316 -31.55 -25.12 -5.33
C GLN C 316 -31.04 -24.19 -4.23
N ILE C 317 -30.42 -23.08 -4.61
CA ILE C 317 -30.00 -22.08 -3.62
C ILE C 317 -31.19 -21.22 -3.18
N LEU C 318 -31.99 -20.75 -4.14
CA LEU C 318 -33.05 -19.78 -3.83
C LEU C 318 -34.27 -20.42 -3.15
N ALA C 319 -34.74 -21.56 -3.62
CA ALA C 319 -36.00 -22.10 -3.11
C ALA C 319 -36.04 -22.25 -1.59
N PRO C 320 -34.99 -22.74 -0.90
CA PRO C 320 -35.09 -22.77 0.58
C PRO C 320 -35.21 -21.40 1.20
N LYS C 321 -34.63 -20.36 0.58
CA LYS C 321 -34.79 -19.02 1.13
C LYS C 321 -36.24 -18.53 1.00
N PHE C 322 -36.86 -18.76 -0.16
CA PHE C 322 -38.25 -18.39 -0.30
C PHE C 322 -39.14 -19.21 0.62
N ALA C 323 -38.85 -20.51 0.78
CA ALA C 323 -39.63 -21.33 1.70
C ALA C 323 -39.51 -20.80 3.13
N LEU C 324 -38.29 -20.44 3.54
CA LEU C 324 -38.05 -19.86 4.86
C LEU C 324 -38.86 -18.60 5.10
N VAL C 325 -38.84 -17.67 4.15
CA VAL C 325 -39.60 -16.43 4.30
C VAL C 325 -41.07 -16.73 4.51
N ALA C 326 -41.61 -17.63 3.69
CA ALA C 326 -43.03 -17.95 3.79
C ALA C 326 -43.37 -18.53 5.17
N GLU C 327 -42.52 -19.43 5.71
CA GLU C 327 -42.77 -20.03 7.02
C GLU C 327 -42.75 -18.99 8.14
N VAL C 328 -41.81 -18.06 8.11
CA VAL C 328 -41.72 -17.08 9.18
C VAL C 328 -42.93 -16.17 9.14
N LEU C 329 -43.28 -15.66 7.95
CA LEU C 329 -44.49 -14.86 7.85
C LEU C 329 -45.71 -15.62 8.33
N ASP C 330 -45.84 -16.89 7.92
CA ASP C 330 -46.99 -17.69 8.34
C ASP C 330 -47.01 -17.84 9.87
N GLN C 331 -45.88 -18.26 10.45
CA GLN C 331 -45.87 -18.54 11.87
C GLN C 331 -46.10 -17.28 12.69
N ARG C 332 -45.56 -16.13 12.25
CA ARG C 332 -45.75 -14.90 13.02
C ARG C 332 -47.03 -14.13 12.70
N LEU C 333 -47.51 -14.14 11.45
CA LEU C 333 -48.59 -13.23 11.06
C LEU C 333 -49.94 -13.84 10.74
N SER C 334 -50.02 -15.14 10.41
CA SER C 334 -51.25 -15.70 9.84
C SER C 334 -52.46 -15.54 10.75
N GLU C 335 -52.28 -15.85 12.03
CA GLU C 335 -53.36 -15.82 13.00
C GLU C 335 -53.91 -14.41 13.22
N SER C 336 -53.04 -13.40 13.18
CA SER C 336 -53.46 -12.03 13.40
C SER C 336 -54.35 -11.50 12.29
N LYS C 337 -54.27 -12.10 11.10
CA LYS C 337 -54.98 -11.67 9.90
C LYS C 337 -54.76 -10.19 9.54
N ILE C 338 -53.61 -9.63 9.88
CA ILE C 338 -53.36 -8.25 9.45
C ILE C 338 -52.70 -8.19 8.09
N ALA C 339 -52.23 -9.31 7.57
CA ALA C 339 -51.30 -9.29 6.47
C ALA C 339 -51.64 -10.34 5.44
N SER C 340 -51.08 -10.14 4.25
CA SER C 340 -51.09 -11.17 3.24
C SER C 340 -49.82 -11.04 2.41
N TRP C 341 -49.43 -12.15 1.75
CA TRP C 341 -48.18 -12.12 1.03
C TRP C 341 -48.26 -13.07 -0.16
N THR C 342 -47.43 -12.81 -1.18
CA THR C 342 -47.35 -13.71 -2.32
C THR C 342 -46.46 -14.92 -1.96
N GLU C 343 -46.67 -16.03 -2.66
CA GLU C 343 -45.80 -17.22 -2.56
C GLU C 343 -45.39 -17.58 -3.99
N PRO C 344 -44.40 -16.89 -4.54
CA PRO C 344 -44.12 -17.01 -5.97
C PRO C 344 -43.52 -18.34 -6.35
N LYS C 345 -43.86 -18.78 -7.56
CA LYS C 345 -43.23 -19.95 -8.15
C LYS C 345 -41.95 -19.61 -8.91
N GLY C 346 -41.54 -18.34 -8.89
CA GLY C 346 -40.35 -17.90 -9.61
C GLY C 346 -40.10 -16.44 -9.30
N GLY C 347 -39.02 -15.92 -9.89
CA GLY C 347 -38.69 -14.53 -9.67
C GLY C 347 -37.83 -14.33 -8.43
N TYR C 348 -37.72 -13.07 -8.03
CA TYR C 348 -36.76 -12.67 -7.01
C TYR C 348 -37.36 -12.00 -5.79
N PHE C 349 -38.69 -11.92 -5.68
CA PHE C 349 -39.31 -11.13 -4.65
C PHE C 349 -40.54 -11.79 -4.08
N ILE C 350 -40.85 -11.41 -2.84
CA ILE C 350 -42.11 -11.72 -2.20
C ILE C 350 -42.76 -10.38 -1.91
N SER C 351 -44.05 -10.26 -2.21
CA SER C 351 -44.79 -9.02 -1.95
C SER C 351 -45.69 -9.22 -0.73
N LEU C 352 -45.45 -8.42 0.30
CA LEU C 352 -46.17 -8.48 1.58
C LEU C 352 -47.10 -7.28 1.74
N ASP C 353 -48.35 -7.54 2.08
CA ASP C 353 -49.28 -6.49 2.49
C ASP C 353 -49.52 -6.62 3.98
N VAL C 354 -49.15 -5.58 4.74
CA VAL C 354 -49.42 -5.47 6.17
C VAL C 354 -50.68 -4.66 6.35
N LEU C 355 -50.96 -4.23 7.58
CA LEU C 355 -52.18 -3.47 7.85
C LEU C 355 -52.20 -2.15 7.09
N PRO C 356 -53.27 -1.84 6.37
CA PRO C 356 -53.30 -0.58 5.62
C PRO C 356 -53.09 0.59 6.55
N GLY C 357 -52.28 1.54 6.10
CA GLY C 357 -51.87 2.63 6.95
C GLY C 357 -50.66 2.37 7.80
N THR C 358 -50.01 1.21 7.68
CA THR C 358 -48.90 0.91 8.57
C THR C 358 -47.60 0.57 7.86
N ALA C 359 -47.55 0.60 6.52
CA ALA C 359 -46.35 0.14 5.84
C ALA C 359 -45.17 1.08 6.08
N ARG C 360 -45.40 2.39 5.99
CA ARG C 360 -44.30 3.33 6.24
C ARG C 360 -43.77 3.16 7.67
N ARG C 361 -44.69 3.06 8.63
CA ARG C 361 -44.33 2.86 10.02
C ARG C 361 -43.58 1.55 10.23
N THR C 362 -44.06 0.47 9.62
CA THR C 362 -43.38 -0.82 9.72
C THR C 362 -41.94 -0.76 9.24
N VAL C 363 -41.72 -0.14 8.08
CA VAL C 363 -40.38 -0.01 7.54
C VAL C 363 -39.51 0.83 8.47
N ALA C 364 -40.09 1.90 9.01
CA ALA C 364 -39.37 2.77 9.94
C ALA C 364 -39.02 2.05 11.23
N LEU C 365 -39.96 1.29 11.79
CA LEU C 365 -39.66 0.51 12.98
C LEU C 365 -38.52 -0.47 12.72
N ALA C 366 -38.58 -1.15 11.58
CA ALA C 366 -37.51 -2.09 11.25
C ALA C 366 -36.17 -1.42 11.09
N LYS C 367 -36.11 -0.27 10.41
CA LYS C 367 -34.81 0.37 10.24
C LYS C 367 -34.18 0.73 11.58
N ASP C 368 -34.99 1.10 12.59
CA ASP C 368 -34.43 1.51 13.87
C ASP C 368 -33.95 0.36 14.72
N VAL C 369 -34.20 -0.89 14.29
CA VAL C 369 -33.59 -2.06 14.91
C VAL C 369 -32.62 -2.73 13.95
N GLY C 370 -32.22 -2.01 12.90
CA GLY C 370 -31.15 -2.47 12.05
C GLY C 370 -31.56 -3.46 10.99
N ILE C 371 -32.83 -3.49 10.60
CA ILE C 371 -33.30 -4.34 9.53
C ILE C 371 -33.72 -3.37 8.43
N ALA C 372 -32.96 -3.38 7.33
CA ALA C 372 -33.25 -2.52 6.21
C ALA C 372 -34.33 -3.17 5.35
N VAL C 373 -35.39 -2.42 5.12
CA VAL C 373 -36.55 -2.89 4.40
C VAL C 373 -36.85 -1.90 3.29
N THR C 374 -37.28 -2.42 2.14
CA THR C 374 -37.50 -1.55 0.99
C THR C 374 -38.54 -0.48 1.34
N GLU C 375 -38.22 0.76 1.02
CA GLU C 375 -39.07 1.88 1.41
C GLU C 375 -40.52 1.65 1.01
N ALA C 376 -41.43 2.07 1.89
CA ALA C 376 -42.85 1.95 1.58
C ALA C 376 -43.16 2.68 0.30
N GLY C 377 -43.99 2.06 -0.55
CA GLY C 377 -44.38 2.68 -1.80
C GLY C 377 -43.43 2.43 -2.97
N ALA C 378 -42.31 1.76 -2.73
CA ALA C 378 -41.27 1.60 -3.76
C ALA C 378 -41.78 0.92 -5.02
N SER C 379 -42.80 0.07 -4.94
CA SER C 379 -43.29 -0.65 -6.11
C SER C 379 -44.40 0.08 -6.86
N PHE C 380 -44.55 1.37 -6.63
CA PHE C 380 -45.61 2.18 -7.21
C PHE C 380 -45.00 3.39 -7.88
N PRO C 381 -45.60 3.85 -8.98
CA PRO C 381 -45.15 5.10 -9.60
C PRO C 381 -45.23 6.21 -8.57
N TYR C 382 -44.21 7.06 -8.57
CA TYR C 382 -44.05 8.19 -7.67
C TYR C 382 -43.91 7.74 -6.23
N ARG C 383 -43.66 6.44 -6.03
CA ARG C 383 -43.59 5.85 -4.69
C ARG C 383 -44.86 6.09 -3.88
N LYS C 384 -46.02 6.05 -4.55
CA LYS C 384 -47.32 6.34 -3.95
C LYS C 384 -48.17 5.07 -3.91
N ASP C 385 -48.07 4.32 -2.82
CA ASP C 385 -48.97 3.22 -2.49
C ASP C 385 -50.21 3.80 -1.85
N PRO C 386 -51.36 3.84 -2.53
CA PRO C 386 -52.52 4.52 -1.94
C PRO C 386 -53.02 3.88 -0.67
N ASP C 387 -52.68 2.63 -0.39
CA ASP C 387 -53.14 2.01 0.84
C ASP C 387 -52.08 1.96 1.92
N ASP C 388 -50.84 2.39 1.62
CA ASP C 388 -49.72 2.36 2.57
C ASP C 388 -49.68 1.01 3.29
N LYS C 389 -49.67 -0.07 2.50
CA LYS C 389 -49.70 -1.43 3.03
C LYS C 389 -48.62 -2.35 2.48
N ASN C 390 -48.07 -2.06 1.29
CA ASN C 390 -47.23 -3.00 0.56
C ASN C 390 -45.77 -2.85 0.98
N ILE C 391 -45.14 -3.99 1.26
CA ILE C 391 -43.71 -4.07 1.51
C ILE C 391 -43.09 -5.13 0.60
N ARG C 392 -42.04 -4.76 -0.11
CA ARG C 392 -41.32 -5.74 -0.92
C ARG C 392 -40.24 -6.42 -0.10
N ILE C 393 -40.18 -7.75 -0.14
CA ILE C 393 -39.13 -8.53 0.51
C ILE C 393 -38.25 -9.17 -0.55
N ALA C 394 -36.93 -8.98 -0.42
CA ALA C 394 -35.93 -9.57 -1.32
C ALA C 394 -35.15 -10.68 -0.64
N PRO C 395 -35.50 -11.96 -0.85
CA PRO C 395 -34.86 -13.05 -0.11
C PRO C 395 -33.53 -13.52 -0.65
N SER C 396 -33.12 -13.06 -1.84
CA SER C 396 -32.05 -13.77 -2.52
C SER C 396 -30.70 -13.59 -1.83
N PHE C 397 -30.42 -12.41 -1.33
CA PHE C 397 -29.02 -12.16 -0.99
C PHE C 397 -28.56 -12.73 0.36
N PRO C 398 -29.26 -12.50 1.47
CA PRO C 398 -28.74 -12.90 2.79
C PRO C 398 -28.66 -14.40 3.01
N SER C 399 -27.82 -14.77 3.98
CA SER C 399 -27.77 -16.15 4.40
C SER C 399 -29.10 -16.53 5.02
N VAL C 400 -29.38 -17.83 5.04
CA VAL C 400 -30.63 -18.31 5.64
C VAL C 400 -30.76 -17.82 7.09
N PRO C 401 -29.72 -17.92 7.94
CA PRO C 401 -29.89 -17.45 9.32
C PRO C 401 -30.09 -15.95 9.38
N ASP C 402 -29.39 -15.20 8.53
CA ASP C 402 -29.61 -13.76 8.51
C ASP C 402 -31.02 -13.47 8.01
N LEU C 403 -31.47 -14.24 7.02
CA LEU C 403 -32.79 -14.01 6.45
C LEU C 403 -33.88 -14.27 7.49
N ARG C 404 -33.72 -15.36 8.26
CA ARG C 404 -34.69 -15.68 9.31
C ARG C 404 -34.81 -14.55 10.33
N ASN C 405 -33.68 -14.03 10.83
CA ASN C 405 -33.72 -12.94 11.78
C ASN C 405 -34.37 -11.69 11.18
N ALA C 406 -34.08 -11.41 9.91
CA ALA C 406 -34.60 -10.19 9.31
C ALA C 406 -36.13 -10.27 9.16
N VAL C 407 -36.63 -11.39 8.66
CA VAL C 407 -38.08 -11.52 8.45
C VAL C 407 -38.83 -11.67 9.76
N ASP C 408 -38.23 -12.36 10.75
CA ASP C 408 -38.92 -12.45 12.04
C ASP C 408 -39.01 -11.07 12.68
N GLY C 409 -37.96 -10.26 12.54
CA GLY C 409 -38.01 -8.89 13.03
C GLY C 409 -39.04 -8.07 12.30
N LEU C 410 -39.08 -8.18 10.96
CA LEU C 410 -40.05 -7.46 10.16
C LEU C 410 -41.46 -7.78 10.64
N ALA C 411 -41.74 -9.06 10.93
CA ALA C 411 -43.04 -9.44 11.44
C ALA C 411 -43.35 -8.75 12.77
N THR C 412 -42.38 -8.75 13.68
CA THR C 412 -42.55 -8.02 14.93
C THR C 412 -42.86 -6.55 14.70
N CYS C 413 -42.14 -5.89 13.79
CA CYS C 413 -42.45 -4.48 13.53
C CYS C 413 -43.83 -4.33 12.93
N ALA C 414 -44.21 -5.25 12.05
CA ALA C 414 -45.51 -5.19 11.39
C ALA C 414 -46.63 -5.38 12.39
N LEU C 415 -46.46 -6.32 13.32
CA LEU C 415 -47.48 -6.56 14.35
C LEU C 415 -47.63 -5.33 15.25
N LEU C 416 -46.51 -4.75 15.67
CA LEU C 416 -46.54 -3.58 16.53
C LEU C 416 -47.14 -2.36 15.84
N ALA C 417 -46.80 -2.15 14.57
CA ALA C 417 -47.40 -1.06 13.80
C ALA C 417 -48.90 -1.22 13.70
N ALA C 418 -49.36 -2.47 13.57
CA ALA C 418 -50.80 -2.77 13.48
C ALA C 418 -51.53 -2.39 14.76
N THR C 419 -51.04 -2.87 15.92
CA THR C 419 -51.73 -2.56 17.17
C THR C 419 -51.71 -1.06 17.46
N GLU C 420 -50.59 -0.39 17.15
CA GLU C 420 -50.51 1.06 17.32
C GLU C 420 -51.67 1.74 16.60
N THR C 421 -51.92 1.35 15.35
CA THR C 421 -52.94 1.97 14.52
C THR C 421 -54.35 1.63 15.02
N LEU C 422 -54.57 0.36 15.38
CA LEU C 422 -55.86 -0.05 15.93
C LEU C 422 -56.24 0.68 17.22
N LEU C 423 -55.28 1.23 17.96
CA LEU C 423 -55.68 1.91 19.19
C LEU C 423 -56.41 3.21 18.85
N ASN C 424 -55.77 4.10 18.10
CA ASN C 424 -56.43 5.34 17.70
C ASN C 424 -57.13 5.20 16.35
N SER D 2 -38.19 11.98 50.84
CA SER D 2 -38.11 11.94 52.30
C SER D 2 -37.62 13.26 52.90
N PHE D 3 -37.41 14.27 52.06
CA PHE D 3 -37.17 15.60 52.57
C PHE D 3 -38.54 16.31 52.45
N ASP D 4 -39.44 15.85 51.57
CA ASP D 4 -40.78 16.42 51.53
C ASP D 4 -41.80 15.57 52.31
N SER D 5 -41.35 14.77 53.28
CA SER D 5 -42.24 13.89 54.03
C SER D 5 -42.00 13.95 55.53
N LEU D 6 -41.33 14.98 56.04
CA LEU D 6 -40.78 14.92 57.39
C LEU D 6 -41.39 16.00 58.29
N SER D 7 -41.11 15.85 59.59
CA SER D 7 -41.60 16.71 60.66
C SER D 7 -40.85 18.04 60.69
N PRO D 8 -41.50 19.09 61.16
CA PRO D 8 -40.77 20.32 61.47
C PRO D 8 -39.55 20.11 62.36
N GLN D 9 -39.66 19.24 63.37
CA GLN D 9 -38.51 18.94 64.23
C GLN D 9 -37.38 18.31 63.42
N GLU D 10 -37.71 17.37 62.55
CA GLU D 10 -36.71 16.71 61.72
C GLU D 10 -36.07 17.70 60.76
N LEU D 11 -36.86 18.61 60.17
CA LEU D 11 -36.30 19.64 59.32
C LEU D 11 -35.41 20.61 60.07
N ALA D 12 -35.79 21.03 61.27
CA ALA D 12 -34.92 21.94 62.00
C ALA D 12 -33.62 21.30 62.44
N ALA D 13 -33.68 20.05 62.91
CA ALA D 13 -32.46 19.36 63.26
C ALA D 13 -31.61 19.06 62.04
N LEU D 14 -32.27 18.67 60.96
CA LEU D 14 -31.61 18.40 59.68
C LEU D 14 -30.95 19.66 59.10
N HIS D 15 -31.67 20.77 59.15
CA HIS D 15 -31.14 22.05 58.68
C HIS D 15 -29.93 22.48 59.51
N ALA D 16 -30.00 22.26 60.84
CA ALA D 16 -28.89 22.60 61.71
C ALA D 16 -27.65 21.77 61.38
N ARG D 17 -27.87 20.49 61.07
CA ARG D 17 -26.78 19.61 60.71
C ARG D 17 -26.11 20.16 59.46
N HIS D 18 -26.92 20.68 58.54
CA HIS D 18 -26.39 21.23 57.31
C HIS D 18 -25.59 22.48 57.58
N GLN D 19 -26.10 23.38 58.44
CA GLN D 19 -25.32 24.57 58.77
C GLN D 19 -24.00 24.24 59.44
N GLN D 20 -23.97 23.25 60.31
CA GLN D 20 -22.68 22.94 60.92
C GLN D 20 -21.76 22.27 59.87
N ASP D 21 -22.32 21.39 59.04
CA ASP D 21 -21.52 20.84 57.96
C ASP D 21 -20.94 21.95 57.11
N TYR D 22 -21.74 22.99 56.86
CA TYR D 22 -21.29 24.08 56.01
C TYR D 22 -20.22 24.93 56.72
N ALA D 23 -20.39 25.16 58.04
CA ALA D 23 -19.39 25.90 58.80
C ALA D 23 -18.01 25.24 58.77
N ALA D 24 -17.96 23.92 58.94
CA ALA D 24 -16.70 23.18 58.89
C ALA D 24 -16.05 23.32 57.53
N LEU D 25 -16.85 23.14 56.48
CA LEU D 25 -16.40 23.31 55.13
C LEU D 25 -15.75 24.68 54.95
N GLN D 26 -16.37 25.73 55.48
CA GLN D 26 -15.80 27.06 55.35
C GLN D 26 -14.44 27.15 56.03
N GLY D 27 -14.28 26.46 57.16
CA GLY D 27 -12.99 26.44 57.84
C GLY D 27 -11.88 25.77 57.06
N MET D 28 -12.21 24.84 56.16
CA MET D 28 -11.19 24.12 55.43
C MET D 28 -10.41 25.00 54.45
N LYS D 29 -10.84 26.24 54.24
CA LYS D 29 -10.19 27.19 53.34
C LYS D 29 -9.89 26.54 52.00
N LEU D 30 -10.94 26.07 51.34
CA LEU D 30 -10.71 25.34 50.11
C LEU D 30 -10.46 26.31 48.97
N ALA D 31 -9.83 25.77 47.91
CA ALA D 31 -9.61 26.45 46.66
C ALA D 31 -9.78 25.42 45.55
N LEU D 32 -11.03 25.11 45.23
CA LEU D 32 -11.35 24.04 44.30
C LEU D 32 -12.19 24.58 43.16
N ASP D 33 -12.24 23.81 42.08
CA ASP D 33 -12.90 24.28 40.86
C ASP D 33 -13.45 23.05 40.16
N LEU D 34 -14.76 23.08 39.86
CA LEU D 34 -15.49 22.03 39.17
C LEU D 34 -16.08 22.58 37.87
N THR D 35 -15.51 23.65 37.35
CA THR D 35 -16.09 24.33 36.22
C THR D 35 -15.38 24.05 34.92
N ARG D 36 -14.13 23.64 35.02
CA ARG D 36 -13.33 23.45 33.83
C ARG D 36 -13.50 22.08 33.23
N GLY D 37 -14.05 22.08 32.03
CA GLY D 37 -14.21 20.83 31.30
C GLY D 37 -12.90 20.52 30.60
N LYS D 38 -11.77 20.47 31.28
CA LYS D 38 -10.55 20.29 30.52
C LYS D 38 -9.79 19.08 31.01
N PRO D 39 -8.95 18.48 30.15
CA PRO D 39 -8.21 17.28 30.54
C PRO D 39 -7.28 17.53 31.70
N SER D 40 -7.07 16.50 32.52
CA SER D 40 -6.10 16.68 33.58
C SER D 40 -4.69 16.66 32.97
N ALA D 41 -3.73 17.13 33.77
CA ALA D 41 -2.33 17.02 33.39
C ALA D 41 -1.96 15.58 33.11
N GLU D 42 -2.48 14.66 33.94
CA GLU D 42 -2.22 13.25 33.75
C GLU D 42 -2.73 12.75 32.39
N GLN D 43 -3.90 13.21 31.96
CA GLN D 43 -4.37 12.86 30.61
C GLN D 43 -3.48 13.45 29.54
N LEU D 44 -3.05 14.70 29.72
CA LEU D 44 -2.24 15.35 28.69
C LEU D 44 -0.90 14.64 28.54
N ASP D 45 -0.34 14.15 29.65
CA ASP D 45 0.93 13.42 29.60
C ASP D 45 0.89 12.25 28.63
N LEU D 46 -0.29 11.63 28.44
CA LEU D 46 -0.47 10.53 27.48
C LEU D 46 -0.03 10.90 26.06
N SER D 47 -0.07 12.20 25.71
CA SER D 47 0.26 12.65 24.37
C SER D 47 1.60 13.42 24.33
N ASN D 48 2.44 13.32 25.34
CA ASN D 48 3.69 14.08 25.28
C ASN D 48 4.60 13.71 24.11
N GLN D 49 4.43 12.55 23.48
CA GLN D 49 5.20 12.30 22.25
C GLN D 49 4.89 13.32 21.17
N LEU D 50 3.69 13.92 21.17
CA LEU D 50 3.43 15.00 20.21
C LEU D 50 4.44 16.13 20.31
N LEU D 51 5.02 16.36 21.48
CA LEU D 51 5.93 17.50 21.65
C LEU D 51 7.23 17.30 20.89
N SER D 52 7.52 16.09 20.39
CA SER D 52 8.71 15.80 19.60
C SER D 52 8.38 15.33 18.19
N LEU D 53 7.16 15.37 17.82
CA LEU D 53 6.79 14.90 16.51
C LEU D 53 6.58 16.10 15.60
N PRO D 54 6.71 15.95 14.27
CA PRO D 54 6.93 14.70 13.54
C PRO D 54 8.39 14.30 13.45
N GLY D 55 9.28 15.11 13.98
CA GLY D 55 10.68 14.82 13.81
C GLY D 55 11.11 15.16 12.39
N ASP D 56 12.21 14.55 11.97
CA ASP D 56 12.89 14.94 10.72
C ASP D 56 12.03 14.78 9.47
N ASP D 57 11.15 13.81 9.42
CA ASP D 57 10.37 13.55 8.22
C ASP D 57 9.12 14.42 8.16
N TYR D 58 9.19 15.49 7.38
CA TYR D 58 8.13 16.48 7.30
C TYR D 58 7.11 16.20 6.18
N ARG D 59 7.23 15.07 5.48
CA ARG D 59 6.30 14.70 4.39
C ARG D 59 5.23 13.75 4.87
N ASP D 60 4.00 13.93 4.39
CA ASP D 60 2.93 12.97 4.66
C ASP D 60 3.08 11.79 3.71
N PRO D 61 2.22 10.76 3.81
CA PRO D 61 2.37 9.61 2.89
C PRO D 61 2.24 9.96 1.41
N GLU D 62 1.44 10.95 1.03
CA GLU D 62 1.44 11.28 -0.39
C GLU D 62 2.72 12.00 -0.83
N GLY D 63 3.70 12.25 0.04
CA GLY D 63 4.86 13.00 -0.37
C GLY D 63 4.74 14.51 -0.24
N THR D 64 3.64 15.01 0.29
CA THR D 64 3.43 16.44 0.44
C THR D 64 4.41 17.03 1.45
N ASP D 65 5.11 18.09 1.06
CA ASP D 65 5.93 18.89 1.99
C ASP D 65 5.00 19.71 2.89
N THR D 66 4.81 19.27 4.14
CA THR D 66 3.84 19.93 5.02
C THR D 66 4.30 21.30 5.49
N ARG D 67 5.56 21.67 5.26
CA ARG D 67 6.10 22.94 5.72
C ARG D 67 5.73 24.11 4.82
N ASN D 68 5.11 23.89 3.66
CA ASN D 68 4.87 24.95 2.69
C ASN D 68 3.37 25.15 2.45
N TYR D 69 3.03 26.28 1.84
CA TYR D 69 1.64 26.65 1.58
C TYR D 69 0.90 25.66 0.70
N GLY D 70 -0.41 25.56 0.92
CA GLY D 70 -1.27 24.87 -0.02
C GLY D 70 -2.10 23.75 0.59
N GLY D 71 -3.31 23.57 0.07
CA GLY D 71 -4.09 22.41 0.45
C GLY D 71 -5.11 22.78 1.52
N GLN D 72 -6.38 22.93 1.11
CA GLN D 72 -7.46 23.31 2.01
C GLN D 72 -8.12 22.14 2.72
N HIS D 73 -8.05 20.92 2.19
CA HIS D 73 -8.83 19.83 2.74
C HIS D 73 -8.19 19.22 3.99
N GLY D 74 -6.88 19.39 4.19
CA GLY D 74 -6.16 18.69 5.25
C GLY D 74 -5.54 17.39 4.77
N LEU D 75 -4.67 16.82 5.60
CA LEU D 75 -3.92 15.65 5.14
C LEU D 75 -4.85 14.44 4.98
N PRO D 76 -4.85 13.78 3.80
CA PRO D 76 -5.80 12.65 3.62
C PRO D 76 -5.55 11.53 4.63
N GLY D 77 -4.31 11.33 5.05
CA GLY D 77 -4.01 10.22 5.94
C GLY D 77 -4.62 10.41 7.31
N LEU D 78 -4.65 11.67 7.80
CA LEU D 78 -5.30 11.92 9.08
C LEU D 78 -6.82 11.89 8.94
N ARG D 79 -7.34 12.48 7.86
CA ARG D 79 -8.76 12.37 7.61
C ARG D 79 -9.23 10.92 7.50
N ALA D 80 -8.43 10.03 6.91
CA ALA D 80 -8.84 8.63 6.80
C ALA D 80 -9.03 7.99 8.16
N ILE D 81 -8.24 8.39 9.15
CA ILE D 81 -8.38 7.81 10.48
C ILE D 81 -9.73 8.23 11.08
N PHE D 82 -10.04 9.51 11.02
CA PHE D 82 -11.29 9.99 11.58
C PHE D 82 -12.49 9.68 10.69
N ALA D 83 -12.27 9.48 9.39
CA ALA D 83 -13.34 8.97 8.55
C ALA D 83 -13.83 7.62 9.07
N GLU D 84 -12.92 6.73 9.43
CA GLU D 84 -13.33 5.45 10.00
C GLU D 84 -14.04 5.64 11.34
N LEU D 85 -13.44 6.45 12.22
CA LEU D 85 -14.03 6.65 13.54
C LEU D 85 -15.39 7.31 13.46
N LEU D 86 -15.58 8.22 12.52
CA LEU D 86 -16.84 8.96 12.45
C LEU D 86 -17.84 8.31 11.50
N GLY D 87 -17.39 7.38 10.64
CA GLY D 87 -18.23 6.80 9.60
C GLY D 87 -18.60 7.77 8.50
N ILE D 88 -17.64 8.57 8.05
CA ILE D 88 -17.81 9.58 7.02
C ILE D 88 -16.71 9.36 5.99
N ALA D 89 -17.05 9.34 4.71
CA ALA D 89 -16.01 9.08 3.72
C ALA D 89 -14.99 10.22 3.68
N VAL D 90 -13.72 9.88 3.36
CA VAL D 90 -12.64 10.88 3.32
C VAL D 90 -12.97 12.12 2.48
N PRO D 91 -13.53 12.02 1.27
CA PRO D 91 -13.87 13.26 0.54
C PRO D 91 -14.92 14.11 1.20
N ASN D 92 -15.69 13.58 2.15
CA ASN D 92 -16.70 14.35 2.87
C ASN D 92 -16.19 14.90 4.18
N LEU D 93 -14.90 14.79 4.45
CA LEU D 93 -14.34 15.16 5.74
C LEU D 93 -13.09 15.98 5.46
N ILE D 94 -12.99 17.16 6.10
CA ILE D 94 -11.80 17.97 6.05
C ILE D 94 -11.24 18.13 7.46
N ALA D 95 -9.95 18.44 7.51
CA ALA D 95 -9.26 18.71 8.76
C ALA D 95 -8.81 20.17 8.81
N GLY D 96 -9.08 20.84 9.93
CA GLY D 96 -8.78 22.24 10.11
C GLY D 96 -7.64 22.50 11.09
N ASN D 97 -7.72 23.61 11.82
CA ASN D 97 -6.72 23.97 12.81
C ASN D 97 -7.13 23.46 14.18
N ASN D 98 -6.87 24.25 15.23
CA ASN D 98 -6.91 23.73 16.60
C ASN D 98 -8.29 23.83 17.24
N SER D 99 -9.32 24.20 16.48
CA SER D 99 -10.61 24.52 17.08
C SER D 99 -11.79 24.09 16.21
N SER D 100 -12.60 23.14 16.70
CA SER D 100 -13.87 22.84 16.07
C SER D 100 -14.90 23.95 16.27
N LEU D 101 -14.84 24.67 17.39
CA LEU D 101 -15.73 25.81 17.61
C LEU D 101 -15.58 26.83 16.48
N GLU D 102 -14.34 27.05 16.04
CA GLU D 102 -14.06 28.01 14.99
C GLU D 102 -14.66 27.60 13.65
N LEU D 103 -14.69 26.30 13.36
CA LEU D 103 -15.37 25.81 12.16
C LEU D 103 -16.86 26.10 12.24
N MET D 104 -17.47 25.80 13.38
CA MET D 104 -18.89 26.03 13.64
C MET D 104 -19.23 27.51 13.56
N HIS D 105 -18.41 28.35 14.21
CA HIS D 105 -18.62 29.79 14.17
C HIS D 105 -18.59 30.31 12.75
N ASP D 106 -17.58 29.92 11.99
CA ASP D 106 -17.44 30.44 10.64
C ASP D 106 -18.58 29.98 9.74
N ILE D 107 -19.07 28.76 9.93
CA ILE D 107 -20.20 28.30 9.13
C ILE D 107 -21.44 29.15 9.42
N VAL D 108 -21.69 29.44 10.69
CA VAL D 108 -22.80 30.34 11.02
C VAL D 108 -22.57 31.72 10.41
N ALA D 109 -21.35 32.28 10.56
CA ALA D 109 -21.03 33.59 9.98
C ALA D 109 -21.19 33.62 8.47
N PHE D 110 -20.72 32.59 7.78
CA PHE D 110 -20.89 32.51 6.34
C PHE D 110 -22.38 32.43 5.98
N SER D 111 -23.17 31.67 6.74
CA SER D 111 -24.59 31.57 6.45
C SER D 111 -25.28 32.93 6.59
N MET D 112 -24.89 33.71 7.60
CA MET D 112 -25.42 35.06 7.76
C MET D 112 -25.04 35.96 6.58
N LEU D 113 -23.75 35.97 6.21
CA LEU D 113 -23.25 36.93 5.22
C LEU D 113 -23.53 36.50 3.79
N TYR D 114 -23.42 35.21 3.50
CA TYR D 114 -23.52 34.70 2.15
C TYR D 114 -24.71 33.78 1.90
N GLY D 115 -25.28 33.19 2.94
CA GLY D 115 -26.20 32.09 2.80
C GLY D 115 -25.48 30.76 2.61
N GLY D 116 -26.19 29.68 2.93
CA GLY D 116 -25.71 28.33 2.70
C GLY D 116 -25.78 27.97 1.22
N VAL D 117 -25.42 26.71 0.93
CA VAL D 117 -25.24 26.29 -0.47
C VAL D 117 -26.54 26.42 -1.27
N ASP D 118 -27.68 26.31 -0.59
CA ASP D 118 -28.99 26.33 -1.24
C ASP D 118 -29.94 27.29 -0.51
N SER D 119 -29.40 28.30 0.13
CA SER D 119 -30.28 29.25 0.80
C SER D 119 -30.93 30.17 -0.22
N PRO D 120 -32.18 30.59 0.01
CA PRO D 120 -32.78 31.60 -0.89
C PRO D 120 -32.09 32.94 -0.82
N ARG D 121 -31.47 33.28 0.30
CA ARG D 121 -30.76 34.54 0.46
C ARG D 121 -29.90 34.43 1.70
N PRO D 122 -28.89 35.29 1.85
CA PRO D 122 -28.14 35.32 3.11
C PRO D 122 -29.07 35.54 4.30
N TRP D 123 -28.77 34.88 5.43
CA TRP D 123 -29.65 34.96 6.59
C TRP D 123 -29.75 36.37 7.13
N ILE D 124 -28.71 37.19 6.93
CA ILE D 124 -28.73 38.57 7.41
C ILE D 124 -29.81 39.39 6.72
N GLN D 125 -30.29 38.92 5.55
CA GLN D 125 -31.32 39.55 4.73
C GLN D 125 -32.73 39.05 5.03
N GLU D 126 -32.88 38.15 6.01
CA GLU D 126 -34.19 37.65 6.40
C GLU D 126 -34.84 38.71 7.25
N GLN D 127 -35.86 39.34 6.68
CA GLN D 127 -36.47 40.48 7.31
C GLN D 127 -37.13 40.13 8.63
N ASP D 128 -37.56 38.89 8.81
CA ASP D 128 -38.12 38.41 10.06
C ASP D 128 -37.12 37.69 10.97
N GLY D 129 -35.81 37.73 10.69
CA GLY D 129 -34.86 37.22 11.65
C GLY D 129 -34.68 35.71 11.55
N ILE D 130 -33.79 35.17 12.38
CA ILE D 130 -33.34 33.79 12.28
C ILE D 130 -33.46 33.14 13.66
N LYS D 131 -33.82 31.84 13.68
CA LYS D 131 -34.01 31.11 14.92
C LYS D 131 -33.26 29.78 14.89
N PHE D 132 -32.66 29.40 16.02
CA PHE D 132 -32.09 28.07 16.22
C PHE D 132 -32.81 27.34 17.34
N LEU D 133 -33.01 26.04 17.15
CA LEU D 133 -33.50 25.15 18.18
C LEU D 133 -32.34 24.73 19.06
N CYS D 134 -32.54 24.76 20.37
CA CYS D 134 -31.48 24.48 21.33
C CYS D 134 -31.92 23.43 22.34
N PRO D 135 -31.59 22.17 22.14
CA PRO D 135 -31.83 21.16 23.20
C PRO D 135 -31.14 21.53 24.50
N VAL D 136 -31.88 21.42 25.61
CA VAL D 136 -31.27 21.78 26.89
C VAL D 136 -31.41 20.62 27.85
N PRO D 137 -30.51 20.48 28.85
CA PRO D 137 -29.31 21.34 28.97
C PRO D 137 -28.35 21.10 27.80
N GLY D 138 -27.63 22.14 27.34
CA GLY D 138 -26.75 22.07 26.19
C GLY D 138 -25.46 22.85 26.41
N TYR D 139 -24.71 23.11 25.32
CA TYR D 139 -23.34 23.63 25.39
C TYR D 139 -23.38 25.16 25.30
N ASP D 140 -22.91 25.83 26.35
CA ASP D 140 -23.01 27.29 26.41
C ASP D 140 -22.28 27.98 25.27
N ARG D 141 -21.16 27.41 24.78
CA ARG D 141 -20.47 28.04 23.64
C ARG D 141 -21.20 27.88 22.31
N HIS D 142 -22.05 26.86 22.13
CA HIS D 142 -22.95 26.90 20.98
C HIS D 142 -23.87 28.11 21.07
N PHE D 143 -24.49 28.29 22.24
CA PHE D 143 -25.46 29.36 22.43
C PHE D 143 -24.80 30.72 22.28
N ALA D 144 -23.53 30.81 22.68
CA ALA D 144 -22.82 32.07 22.56
C ALA D 144 -22.66 32.48 21.09
N ILE D 145 -22.53 31.51 20.19
CA ILE D 145 -22.37 31.87 18.78
C ILE D 145 -23.67 32.48 18.26
N THR D 146 -24.79 31.79 18.47
CA THR D 146 -26.06 32.32 17.96
C THR D 146 -26.46 33.60 18.69
N GLU D 147 -26.19 33.69 20.00
CA GLU D 147 -26.57 34.90 20.72
C GLU D 147 -25.83 36.09 20.14
N THR D 148 -24.52 35.92 19.88
CA THR D 148 -23.68 37.02 19.45
C THR D 148 -24.05 37.45 18.04
N MET D 149 -24.50 36.49 17.23
CA MET D 149 -24.96 36.75 15.88
C MET D 149 -26.40 37.22 15.83
N GLY D 150 -27.05 37.36 16.98
CA GLY D 150 -28.41 37.85 17.06
C GLY D 150 -29.45 36.86 16.60
N ILE D 151 -29.14 35.57 16.68
CA ILE D 151 -30.05 34.51 16.27
C ILE D 151 -30.85 34.07 17.48
N GLU D 152 -32.17 34.14 17.39
CA GLU D 152 -33.01 33.76 18.52
C GLU D 152 -32.91 32.25 18.79
N MET D 153 -32.86 31.89 20.07
CA MET D 153 -32.75 30.51 20.53
C MET D 153 -34.00 30.00 21.24
N ILE D 154 -34.58 28.93 20.70
CA ILE D 154 -35.76 28.28 21.27
C ILE D 154 -35.31 27.04 22.04
N PRO D 155 -35.53 26.98 23.35
CA PRO D 155 -35.09 25.78 24.10
C PRO D 155 -36.00 24.58 23.87
N ILE D 156 -35.39 23.41 23.79
CA ILE D 156 -36.17 22.20 23.57
C ILE D 156 -35.77 21.23 24.68
N PRO D 157 -36.72 20.65 25.44
CA PRO D 157 -36.37 19.64 26.45
C PRO D 157 -35.66 18.43 25.86
N MET D 158 -34.69 17.94 26.62
CA MET D 158 -33.98 16.73 26.27
C MET D 158 -34.66 15.53 26.92
N LEU D 159 -34.83 14.42 26.19
CA LEU D 159 -35.29 13.18 26.82
C LEU D 159 -34.22 12.11 26.78
N GLN D 160 -34.59 10.89 27.21
CA GLN D 160 -33.63 9.82 27.42
C GLN D 160 -32.90 9.44 26.14
N ASP D 161 -33.53 9.63 24.98
CA ASP D 161 -32.96 9.14 23.74
C ASP D 161 -32.73 10.22 22.70
N GLY D 162 -32.69 11.47 23.12
CA GLY D 162 -32.47 12.52 22.17
C GLY D 162 -33.27 13.69 22.64
N PRO D 163 -33.29 14.77 21.88
CA PRO D 163 -34.16 15.88 22.24
C PRO D 163 -35.62 15.50 21.95
N ASP D 164 -36.56 16.39 22.24
CA ASP D 164 -37.99 16.20 22.02
C ASP D 164 -38.31 16.38 20.53
N VAL D 165 -38.21 15.30 19.76
CA VAL D 165 -38.41 15.38 18.31
C VAL D 165 -39.85 15.73 17.91
N ASP D 166 -40.87 15.28 18.67
CA ASP D 166 -42.23 15.75 18.37
C ASP D 166 -42.33 17.26 18.36
N LEU D 167 -41.74 17.92 19.35
CA LEU D 167 -41.84 19.37 19.40
C LEU D 167 -41.06 20.01 18.26
N ILE D 168 -39.85 19.50 18.00
CA ILE D 168 -39.01 20.04 16.93
C ILE D 168 -39.75 19.95 15.60
N GLU D 169 -40.29 18.76 15.29
CA GLU D 169 -41.02 18.60 14.04
C GLU D 169 -42.17 19.58 13.94
N GLU D 170 -42.88 19.81 15.06
CA GLU D 170 -43.97 20.79 15.04
C GLU D 170 -43.46 22.19 14.74
N LEU D 171 -42.35 22.60 15.34
CA LEU D 171 -41.88 23.98 15.13
C LEU D 171 -41.37 24.19 13.71
N VAL D 172 -40.39 23.38 13.29
CA VAL D 172 -39.75 23.57 11.98
C VAL D 172 -40.75 23.45 10.83
N ALA D 173 -41.84 22.70 11.03
CA ALA D 173 -42.77 22.49 9.93
C ALA D 173 -43.48 23.77 9.55
N VAL D 174 -43.68 24.68 10.50
CA VAL D 174 -44.49 25.86 10.26
C VAL D 174 -43.70 27.15 10.32
N ASP D 175 -42.41 27.11 10.63
CA ASP D 175 -41.69 28.36 10.81
C ASP D 175 -40.44 28.40 9.94
N PRO D 176 -40.49 29.13 8.81
CA PRO D 176 -39.34 29.15 7.89
C PRO D 176 -38.16 29.94 8.45
N ALA D 177 -38.34 30.65 9.57
CA ALA D 177 -37.24 31.35 10.23
C ALA D 177 -36.33 30.42 11.03
N ILE D 178 -36.76 29.20 11.35
CA ILE D 178 -35.93 28.27 12.10
C ILE D 178 -34.97 27.67 11.09
N LYS D 179 -33.70 28.08 11.17
CA LYS D 179 -32.69 27.70 10.17
C LYS D 179 -31.75 26.62 10.66
N GLY D 180 -31.66 26.40 11.97
CA GLY D 180 -30.65 25.51 12.48
C GLY D 180 -31.05 24.91 13.81
N MET D 181 -30.31 23.87 14.17
CA MET D 181 -30.40 23.23 15.47
C MET D 181 -28.99 22.88 15.93
N TRP D 182 -28.65 23.28 17.16
CA TRP D 182 -27.41 22.83 17.78
C TRP D 182 -27.60 21.44 18.35
N THR D 183 -26.63 20.56 18.10
CA THR D 183 -26.65 19.24 18.74
C THR D 183 -25.25 18.83 19.15
N VAL D 184 -25.20 18.00 20.18
CA VAL D 184 -24.05 17.17 20.49
C VAL D 184 -24.59 15.75 20.58
N PRO D 185 -24.47 14.94 19.52
CA PRO D 185 -25.33 13.75 19.41
C PRO D 185 -24.84 12.48 20.10
N VAL D 186 -23.61 12.48 20.64
CA VAL D 186 -23.08 11.36 21.43
C VAL D 186 -22.51 11.92 22.73
N PHE D 187 -22.92 11.37 23.87
CA PHE D 187 -22.46 11.84 25.18
C PHE D 187 -22.54 13.37 25.30
N GLY D 188 -23.76 13.88 25.11
CA GLY D 188 -23.99 15.32 25.08
C GLY D 188 -23.43 16.12 26.22
N ASN D 189 -22.93 17.31 25.89
CA ASN D 189 -22.48 18.25 26.90
C ASN D 189 -23.67 19.13 27.30
N PRO D 190 -24.25 18.96 28.50
CA PRO D 190 -23.80 18.09 29.59
C PRO D 190 -24.76 16.95 29.92
N SER D 191 -25.79 16.75 29.10
CA SER D 191 -26.79 15.74 29.45
C SER D 191 -26.24 14.33 29.45
N GLY D 192 -25.14 14.10 28.71
CA GLY D 192 -24.63 12.76 28.54
C GLY D 192 -25.46 11.91 27.62
N VAL D 193 -26.54 12.46 27.06
CA VAL D 193 -27.48 11.74 26.21
C VAL D 193 -26.88 11.52 24.82
N THR D 194 -27.06 10.31 24.30
CA THR D 194 -26.67 9.93 22.95
C THR D 194 -27.93 9.75 22.11
N TYR D 195 -27.98 10.42 20.96
CA TYR D 195 -29.18 10.35 20.15
C TYR D 195 -29.30 8.95 19.57
N SER D 196 -30.50 8.36 19.72
CA SER D 196 -30.83 7.05 19.19
C SER D 196 -30.96 7.07 17.65
N TRP D 197 -30.88 5.87 17.06
CA TRP D 197 -31.10 5.72 15.63
C TRP D 197 -32.41 6.35 15.20
N GLU D 198 -33.48 6.09 15.95
CA GLU D 198 -34.75 6.67 15.57
C GLU D 198 -34.71 8.18 15.62
N THR D 199 -34.08 8.74 16.65
CA THR D 199 -33.92 10.20 16.74
C THR D 199 -33.17 10.75 15.54
N VAL D 200 -32.04 10.13 15.18
CA VAL D 200 -31.27 10.69 14.06
C VAL D 200 -32.05 10.60 12.77
N ARG D 201 -32.62 9.42 12.47
CA ARG D 201 -33.45 9.28 11.27
C ARG D 201 -34.58 10.29 11.22
N ARG D 202 -35.30 10.47 12.32
CA ARG D 202 -36.40 11.44 12.29
C ARG D 202 -35.89 12.86 12.03
N LEU D 203 -34.75 13.23 12.62
CA LEU D 203 -34.26 14.60 12.43
C LEU D 203 -33.85 14.87 10.99
N VAL D 204 -33.35 13.86 10.25
CA VAL D 204 -32.98 14.09 8.85
C VAL D 204 -34.12 13.91 7.87
N GLN D 205 -35.22 13.30 8.28
CA GLN D 205 -36.39 13.13 7.41
C GLN D 205 -37.44 14.21 7.56
N MET D 206 -37.52 14.87 8.72
CA MET D 206 -38.61 15.78 8.98
C MET D 206 -38.67 16.89 7.94
N ARG D 207 -39.88 17.39 7.70
CA ARG D 207 -40.08 18.45 6.73
C ARG D 207 -39.87 19.79 7.42
N THR D 208 -39.04 20.64 6.85
CA THR D 208 -38.75 21.95 7.42
C THR D 208 -39.28 23.03 6.51
N ALA D 209 -39.89 24.05 7.12
CA ALA D 209 -40.35 25.20 6.35
C ALA D 209 -39.18 25.93 5.67
N ALA D 210 -38.02 25.97 6.31
CA ALA D 210 -36.83 26.56 5.68
C ALA D 210 -36.12 25.54 4.79
N PRO D 211 -35.94 25.83 3.50
CA PRO D 211 -35.28 24.85 2.60
C PRO D 211 -33.81 24.63 2.91
N ASP D 212 -33.21 25.47 3.74
CA ASP D 212 -31.79 25.43 4.02
C ASP D 212 -31.56 25.17 5.51
N PHE D 213 -32.50 24.47 6.14
CA PHE D 213 -32.36 24.09 7.54
C PHE D 213 -31.11 23.23 7.73
N ARG D 214 -30.42 23.45 8.84
CA ARG D 214 -29.19 22.73 9.10
C ARG D 214 -29.16 22.13 10.49
N LEU D 215 -28.65 20.90 10.56
CA LEU D 215 -28.33 20.24 11.83
C LEU D 215 -26.83 20.46 12.07
N PHE D 216 -26.50 21.16 13.16
CA PHE D 216 -25.10 21.33 13.54
C PHE D 216 -24.75 20.13 14.40
N TRP D 217 -24.08 19.17 13.78
CA TRP D 217 -23.92 17.84 14.34
C TRP D 217 -22.55 17.83 15.01
N ASP D 218 -22.51 18.41 16.19
CA ASP D 218 -21.25 18.61 16.89
C ASP D 218 -20.89 17.36 17.67
N ASN D 219 -20.22 16.42 16.98
CA ASN D 219 -19.86 15.14 17.58
C ASN D 219 -18.56 15.28 18.37
N ALA D 220 -18.62 16.20 19.34
CA ALA D 220 -17.44 16.52 20.17
C ALA D 220 -16.93 15.31 20.96
N TYR D 221 -17.81 14.36 21.28
CA TYR D 221 -17.44 13.25 22.17
C TYR D 221 -17.53 11.92 21.44
N ALA D 222 -17.32 11.95 20.12
CA ALA D 222 -17.55 10.80 19.26
C ALA D 222 -16.89 9.51 19.76
N VAL D 223 -15.68 9.60 20.34
CA VAL D 223 -15.03 8.38 20.80
C VAL D 223 -14.68 8.40 22.28
N HIS D 224 -15.38 9.20 23.07
CA HIS D 224 -14.91 9.56 24.41
C HIS D 224 -15.68 8.73 25.44
N THR D 225 -15.51 7.42 25.31
CA THR D 225 -16.19 6.47 26.15
C THR D 225 -15.62 6.48 27.56
N LEU D 226 -16.50 6.25 28.53
CA LEU D 226 -16.10 5.97 29.91
C LEU D 226 -16.16 4.48 30.23
N THR D 227 -16.40 3.63 29.24
CA THR D 227 -16.39 2.18 29.39
C THR D 227 -15.35 1.68 28.39
N LEU D 228 -15.24 0.37 28.23
CA LEU D 228 -14.30 -0.18 27.29
C LEU D 228 -14.91 -0.33 25.89
N ASP D 229 -16.10 0.22 25.66
CA ASP D 229 -16.72 0.06 24.35
C ASP D 229 -16.82 1.37 23.62
N PHE D 230 -16.69 1.30 22.29
CA PHE D 230 -16.92 2.54 21.61
C PHE D 230 -18.29 2.55 20.96
N PRO D 231 -19.02 3.67 21.00
CA PRO D 231 -20.33 3.73 20.34
C PRO D 231 -20.23 3.67 18.84
N ARG D 232 -21.20 3.00 18.22
CA ARG D 232 -21.37 3.08 16.78
C ARG D 232 -21.86 4.47 16.40
N GLN D 233 -21.25 5.05 15.38
CA GLN D 233 -21.67 6.36 14.89
C GLN D 233 -22.86 6.17 13.97
N VAL D 234 -23.96 6.85 14.25
CA VAL D 234 -25.07 6.80 13.32
C VAL D 234 -24.68 7.59 12.08
N ASP D 235 -25.00 7.05 10.90
CA ASP D 235 -24.62 7.64 9.61
C ASP D 235 -25.56 8.77 9.23
N VAL D 236 -25.33 9.92 9.87
CA VAL D 236 -26.24 11.05 9.70
C VAL D 236 -26.20 11.57 8.26
N LEU D 237 -25.03 11.58 7.61
CA LEU D 237 -24.96 12.10 6.25
C LEU D 237 -25.66 11.17 5.25
N GLY D 238 -25.51 9.86 5.43
CA GLY D 238 -26.15 8.91 4.55
C GLY D 238 -27.66 8.92 4.69
N LEU D 239 -28.15 8.93 5.92
CA LEU D 239 -29.59 8.94 6.12
C LEU D 239 -30.18 10.20 5.54
N ALA D 240 -29.50 11.33 5.72
CA ALA D 240 -29.96 12.60 5.16
C ALA D 240 -30.00 12.56 3.64
N ALA D 241 -28.96 12.02 3.01
CA ALA D 241 -28.98 11.89 1.56
C ALA D 241 -30.11 10.98 1.06
N LYS D 242 -30.33 9.85 1.72
CA LYS D 242 -31.45 9.01 1.33
C LYS D 242 -32.79 9.68 1.52
N ALA D 243 -32.91 10.58 2.49
CA ALA D 243 -34.16 11.32 2.73
C ALA D 243 -34.37 12.49 1.77
N GLY D 244 -33.39 12.78 0.92
CA GLY D 244 -33.43 13.92 0.02
C GLY D 244 -33.00 15.24 0.64
N ASN D 245 -32.31 15.19 1.78
CA ASN D 245 -31.83 16.40 2.45
C ASN D 245 -30.32 16.27 2.67
N PRO D 246 -29.56 15.99 1.62
CA PRO D 246 -28.11 15.75 1.81
C PRO D 246 -27.35 16.88 2.44
N ASN D 247 -27.76 18.12 2.22
CA ASN D 247 -27.04 19.27 2.75
C ASN D 247 -27.38 19.56 4.20
N ARG D 248 -28.34 18.84 4.78
CA ARG D 248 -28.83 19.17 6.12
C ARG D 248 -27.78 19.05 7.24
N PRO D 249 -26.96 18.01 7.34
CA PRO D 249 -26.06 17.94 8.48
C PRO D 249 -24.70 18.56 8.23
N TYR D 250 -24.23 19.29 9.24
CA TYR D 250 -22.85 19.78 9.34
C TYR D 250 -22.23 18.98 10.48
N VAL D 251 -21.20 18.18 10.19
CA VAL D 251 -20.60 17.32 11.22
C VAL D 251 -19.30 17.94 11.70
N PHE D 252 -19.10 17.98 13.03
CA PHE D 252 -17.88 18.53 13.62
C PHE D 252 -17.26 17.51 14.57
N ALA D 253 -15.93 17.54 14.67
CA ALA D 253 -15.21 16.72 15.63
C ALA D 253 -13.86 17.38 15.90
N SER D 254 -13.17 16.84 16.93
CA SER D 254 -11.97 17.49 17.44
C SER D 254 -11.10 16.47 18.19
N THR D 255 -9.79 16.75 18.21
CA THR D 255 -8.89 16.03 19.08
C THR D 255 -8.52 16.80 20.33
N SER D 256 -9.25 17.88 20.66
CA SER D 256 -8.90 18.65 21.87
C SER D 256 -8.90 17.79 23.11
N LYS D 257 -9.81 16.81 23.20
CA LYS D 257 -9.84 15.92 24.35
C LYS D 257 -9.30 14.55 24.00
N ILE D 258 -8.50 14.47 22.95
CA ILE D 258 -7.76 13.26 22.61
C ILE D 258 -6.27 13.47 22.80
N THR D 259 -5.74 14.59 22.30
CA THR D 259 -4.32 14.90 22.42
C THR D 259 -4.17 16.12 23.32
N PHE D 260 -4.14 17.34 22.76
CA PHE D 260 -3.96 18.59 23.50
C PHE D 260 -5.17 19.50 23.35
N ALA D 261 -5.67 20.02 24.47
CA ALA D 261 -6.81 20.93 24.44
C ALA D 261 -6.31 22.30 23.99
N GLY D 262 -6.67 22.70 22.76
CA GLY D 262 -6.15 23.90 22.15
C GLY D 262 -4.93 23.68 21.27
N GLY D 263 -4.40 22.44 21.22
CA GLY D 263 -3.28 22.09 20.38
C GLY D 263 -3.57 20.91 19.45
N GLY D 264 -4.85 20.62 19.23
CA GLY D 264 -5.28 19.49 18.43
C GLY D 264 -5.68 19.86 17.01
N VAL D 265 -6.49 18.98 16.42
CA VAL D 265 -6.94 19.13 15.04
C VAL D 265 -8.45 19.00 15.02
N SER D 266 -9.09 19.86 14.26
CA SER D 266 -10.53 19.85 14.13
C SER D 266 -10.94 19.17 12.82
N PHE D 267 -12.21 18.81 12.73
CA PHE D 267 -12.73 18.18 11.53
C PHE D 267 -14.11 18.74 11.21
N PHE D 268 -14.40 18.87 9.93
CA PHE D 268 -15.73 19.25 9.46
C PHE D 268 -16.15 18.24 8.39
N GLY D 269 -17.36 17.72 8.51
CA GLY D 269 -17.88 16.77 7.54
C GLY D 269 -19.24 17.18 7.00
N GLY D 270 -19.47 16.89 5.73
CA GLY D 270 -20.75 17.19 5.11
C GLY D 270 -20.84 16.59 3.73
N SER D 271 -21.94 16.88 3.04
CA SER D 271 -22.05 16.52 1.63
C SER D 271 -20.93 17.18 0.86
N LEU D 272 -20.60 16.61 -0.31
CA LEU D 272 -19.60 17.25 -1.17
C LEU D 272 -20.00 18.69 -1.49
N GLY D 273 -21.30 18.94 -1.67
CA GLY D 273 -21.75 20.31 -1.90
C GLY D 273 -21.43 21.22 -0.71
N ASN D 274 -21.65 20.72 0.51
CA ASN D 274 -21.34 21.54 1.67
C ASN D 274 -19.84 21.75 1.85
N ILE D 275 -19.02 20.72 1.56
CA ILE D 275 -17.56 20.88 1.62
C ILE D 275 -17.09 21.97 0.67
N ALA D 276 -17.56 21.90 -0.58
CA ALA D 276 -17.17 22.90 -1.57
C ALA D 276 -17.65 24.29 -1.17
N TRP D 277 -18.85 24.38 -0.60
CA TRP D 277 -19.37 25.66 -0.16
C TRP D 277 -18.50 26.28 0.93
N TYR D 278 -18.21 25.49 1.98
CA TYR D 278 -17.35 25.98 3.06
C TYR D 278 -15.98 26.41 2.55
N LEU D 279 -15.33 25.58 1.73
CA LEU D 279 -13.97 25.90 1.28
C LEU D 279 -13.91 27.13 0.38
N GLN D 280 -14.96 27.41 -0.40
CA GLN D 280 -14.96 28.62 -1.22
C GLN D 280 -14.78 29.84 -0.35
N TYR D 281 -15.51 29.89 0.76
CA TYR D 281 -15.42 31.05 1.65
C TYR D 281 -14.27 30.93 2.63
N ALA D 282 -13.92 29.73 3.08
CA ALA D 282 -12.75 29.59 3.93
C ALA D 282 -11.50 29.99 3.17
N GLY D 283 -11.51 29.81 1.84
CA GLY D 283 -10.38 30.23 1.04
C GLY D 283 -10.18 31.74 0.98
N LYS D 284 -11.19 32.53 1.38
CA LYS D 284 -10.98 33.98 1.44
C LYS D 284 -10.36 34.39 2.77
N LYS D 285 -10.41 33.50 3.76
CA LYS D 285 -9.97 33.73 5.12
C LYS D 285 -8.55 33.28 5.35
N SER D 286 -8.13 32.20 4.70
CA SER D 286 -6.82 31.61 4.95
C SER D 286 -6.40 30.78 3.76
N ILE D 287 -5.08 30.76 3.52
CA ILE D 287 -4.46 29.91 2.50
C ILE D 287 -4.65 28.43 2.85
N GLY D 288 -4.78 28.10 4.14
CA GLY D 288 -5.12 26.75 4.50
C GLY D 288 -4.71 26.39 5.91
N PRO D 289 -5.09 25.19 6.37
CA PRO D 289 -4.79 24.80 7.75
C PRO D 289 -3.34 24.38 7.92
N ASP D 290 -3.00 24.13 9.17
CA ASP D 290 -1.65 23.79 9.59
C ASP D 290 -1.40 22.31 9.35
N LYS D 291 -0.70 22.01 8.24
CA LYS D 291 -0.49 20.63 7.86
C LYS D 291 0.54 19.96 8.78
N VAL D 292 1.46 20.74 9.35
CA VAL D 292 2.47 20.14 10.21
C VAL D 292 1.83 19.57 11.47
N ASN D 293 0.87 20.30 12.04
CA ASN D 293 0.22 19.74 13.23
C ASN D 293 -0.62 18.54 12.84
N GLN D 294 -1.21 18.56 11.64
CA GLN D 294 -1.92 17.39 11.17
C GLN D 294 -0.96 16.23 10.97
N LEU D 295 0.27 16.52 10.51
CA LEU D 295 1.22 15.42 10.32
C LEU D 295 1.64 14.81 11.65
N ARG D 296 1.93 15.62 12.67
CA ARG D 296 2.27 15.05 13.97
C ARG D 296 1.12 14.18 14.50
N HIS D 297 -0.13 14.62 14.34
CA HIS D 297 -1.23 13.79 14.83
C HIS D 297 -1.29 12.48 14.05
N LEU D 298 -1.10 12.54 12.73
CA LEU D 298 -1.14 11.30 11.95
C LEU D 298 -0.06 10.33 12.39
N ARG D 299 1.16 10.84 12.58
CA ARG D 299 2.26 10.00 13.03
C ARG D 299 2.01 9.48 14.44
N PHE D 300 1.46 10.32 15.32
CA PHE D 300 1.18 9.89 16.69
C PHE D 300 0.12 8.78 16.70
N PHE D 301 -0.98 8.96 15.96
CA PHE D 301 -2.04 7.98 16.02
C PHE D 301 -1.69 6.75 15.19
N GLY D 302 -1.12 6.95 14.00
CA GLY D 302 -0.84 5.79 13.19
C GLY D 302 -2.09 5.29 12.49
N ASP D 303 -3.09 4.90 13.27
CA ASP D 303 -4.35 4.45 12.68
C ASP D 303 -5.50 4.58 13.66
N ALA D 304 -6.68 4.16 13.19
CA ALA D 304 -7.89 4.32 13.99
C ALA D 304 -7.81 3.51 15.28
N ASP D 305 -7.26 2.29 15.19
CA ASP D 305 -7.03 1.52 16.41
C ASP D 305 -6.10 2.25 17.37
N GLY D 306 -5.14 3.03 16.84
CA GLY D 306 -4.30 3.83 17.71
C GLY D 306 -5.08 4.86 18.49
N VAL D 307 -6.07 5.48 17.85
CA VAL D 307 -6.92 6.43 18.56
C VAL D 307 -7.71 5.70 19.63
N ARG D 308 -8.28 4.55 19.27
CA ARG D 308 -9.08 3.76 20.21
C ARG D 308 -8.25 3.38 21.42
N LEU D 309 -7.04 2.91 21.20
CA LEU D 309 -6.21 2.49 22.32
C LEU D 309 -5.90 3.67 23.21
N HIS D 310 -5.62 4.82 22.59
CA HIS D 310 -5.40 6.06 23.31
C HIS D 310 -6.62 6.49 24.14
N MET D 311 -7.83 6.36 23.57
CA MET D 311 -9.03 6.70 24.35
C MET D 311 -9.22 5.79 25.56
N LEU D 312 -8.87 4.50 25.45
CA LEU D 312 -9.00 3.70 26.66
C LEU D 312 -8.00 4.14 27.71
N ARG D 313 -6.84 4.65 27.30
CA ARG D 313 -5.97 5.20 28.33
C ARG D 313 -6.59 6.43 29.00
N HIS D 314 -7.29 7.29 28.26
CA HIS D 314 -8.05 8.38 28.89
C HIS D 314 -9.15 7.83 29.80
N GLN D 315 -9.92 6.84 29.30
CA GLN D 315 -11.00 6.24 30.06
C GLN D 315 -10.52 5.71 31.40
N GLN D 316 -9.33 5.12 31.43
CA GLN D 316 -8.81 4.60 32.69
C GLN D 316 -8.54 5.69 33.70
N ILE D 317 -8.21 6.90 33.25
CA ILE D 317 -8.04 8.04 34.14
C ILE D 317 -9.39 8.65 34.52
N LEU D 318 -10.29 8.83 33.53
CA LEU D 318 -11.54 9.54 33.77
C LEU D 318 -12.57 8.70 34.51
N ALA D 319 -12.72 7.43 34.13
CA ALA D 319 -13.81 6.62 34.70
C ALA D 319 -13.79 6.61 36.22
N PRO D 320 -12.65 6.46 36.90
CA PRO D 320 -12.70 6.53 38.37
C PRO D 320 -13.17 7.87 38.87
N LYS D 321 -12.89 8.95 38.15
CA LYS D 321 -13.39 10.25 38.58
C LYS D 321 -14.91 10.34 38.46
N PHE D 322 -15.49 9.85 37.37
CA PHE D 322 -16.95 9.85 37.26
C PHE D 322 -17.60 8.93 38.28
N ALA D 323 -17.01 7.76 38.52
CA ALA D 323 -17.57 6.86 39.52
C ALA D 323 -17.54 7.53 40.90
N LEU D 324 -16.44 8.20 41.23
CA LEU D 324 -16.31 8.94 42.48
C LEU D 324 -17.41 9.98 42.64
N VAL D 325 -17.65 10.81 41.62
CA VAL D 325 -18.71 11.81 41.73
C VAL D 325 -20.03 11.11 42.03
N ALA D 326 -20.32 10.04 41.30
CA ALA D 326 -21.56 9.32 41.52
C ALA D 326 -21.64 8.75 42.94
N GLU D 327 -20.53 8.20 43.45
CA GLU D 327 -20.61 7.64 44.79
C GLU D 327 -20.89 8.72 45.81
N VAL D 328 -20.25 9.90 45.68
CA VAL D 328 -20.41 10.95 46.67
C VAL D 328 -21.82 11.53 46.60
N LEU D 329 -22.29 11.82 45.38
CA LEU D 329 -23.66 12.31 45.23
C LEU D 329 -24.66 11.34 45.82
N ASP D 330 -24.48 10.03 45.53
CA ASP D 330 -25.39 9.01 46.05
C ASP D 330 -25.37 8.98 47.57
N GLN D 331 -24.17 8.93 48.14
CA GLN D 331 -24.01 8.78 49.59
C GLN D 331 -24.55 10.00 50.32
N ARG D 332 -24.36 11.20 49.75
CA ARG D 332 -24.87 12.39 50.43
C ARG D 332 -26.32 12.75 50.09
N LEU D 333 -26.81 12.49 48.87
CA LEU D 333 -28.10 13.04 48.45
C LEU D 333 -29.24 12.05 48.25
N SER D 334 -28.95 10.75 48.05
CA SER D 334 -30.00 9.82 47.62
C SER D 334 -31.16 9.73 48.61
N GLU D 335 -30.87 9.65 49.91
CA GLU D 335 -31.93 9.51 50.92
C GLU D 335 -32.85 10.73 50.96
N SER D 336 -32.30 11.93 50.76
CA SER D 336 -33.10 13.13 50.80
C SER D 336 -34.09 13.24 49.65
N LYS D 337 -33.82 12.58 48.54
CA LYS D 337 -34.65 12.70 47.34
C LYS D 337 -34.87 14.15 46.87
N ILE D 338 -33.90 15.03 47.12
CA ILE D 338 -34.02 16.39 46.59
C ILE D 338 -33.42 16.52 45.19
N ALA D 339 -32.68 15.52 44.73
CA ALA D 339 -31.82 15.70 43.58
C ALA D 339 -31.85 14.50 42.65
N SER D 340 -31.40 14.72 41.43
CA SER D 340 -31.12 13.63 40.52
C SER D 340 -29.95 14.05 39.65
N TRP D 341 -29.25 13.07 39.10
CA TRP D 341 -28.06 13.40 38.33
C TRP D 341 -27.86 12.33 37.27
N THR D 342 -27.15 12.68 36.21
CA THR D 342 -26.83 11.70 35.19
C THR D 342 -25.66 10.81 35.63
N GLU D 343 -25.60 9.62 35.04
CA GLU D 343 -24.47 8.71 35.19
C GLU D 343 -24.06 8.35 33.77
N PRO D 344 -23.29 9.22 33.12
CA PRO D 344 -23.05 9.07 31.68
C PRO D 344 -22.11 7.91 31.38
N LYS D 345 -22.22 7.43 30.14
CA LYS D 345 -21.36 6.37 29.61
C LYS D 345 -20.14 6.93 28.86
N GLY D 346 -19.98 8.24 28.83
CA GLY D 346 -18.92 8.86 28.08
C GLY D 346 -19.10 10.36 28.16
N GLY D 347 -18.17 11.07 27.52
CA GLY D 347 -18.27 12.51 27.54
C GLY D 347 -17.55 13.06 28.76
N TYR D 348 -17.79 14.34 29.04
CA TYR D 348 -16.97 15.04 30.03
C TYR D 348 -17.73 15.62 31.20
N PHE D 349 -19.02 15.38 31.32
CA PHE D 349 -19.80 16.11 32.33
C PHE D 349 -20.85 15.25 33.01
N ILE D 350 -21.22 15.65 34.22
CA ILE D 350 -22.36 15.10 34.92
C ILE D 350 -23.35 16.26 35.11
N SER D 351 -24.63 16.00 34.83
CA SER D 351 -25.67 17.01 34.97
C SER D 351 -26.47 16.71 36.23
N LEU D 352 -26.44 17.62 37.19
CA LEU D 352 -27.09 17.48 38.49
C LEU D 352 -28.28 18.42 38.57
N ASP D 353 -29.43 17.89 38.97
CA ASP D 353 -30.61 18.69 39.29
C ASP D 353 -30.79 18.66 40.80
N VAL D 354 -30.73 19.84 41.42
CA VAL D 354 -31.01 19.97 42.86
C VAL D 354 -32.46 20.39 43.06
N LEU D 355 -32.81 20.79 44.26
CA LEU D 355 -34.19 21.19 44.55
C LEU D 355 -34.55 22.39 43.69
N PRO D 356 -35.68 22.36 42.98
CA PRO D 356 -36.02 23.47 42.10
C PRO D 356 -36.08 24.78 42.86
N GLY D 357 -35.56 25.82 42.26
CA GLY D 357 -35.45 27.07 42.99
C GLY D 357 -34.19 27.20 43.82
N THR D 358 -33.27 26.23 43.78
CA THR D 358 -32.09 26.34 44.65
C THR D 358 -30.75 26.25 43.93
N ALA D 359 -30.71 26.14 42.59
CA ALA D 359 -29.43 25.92 41.93
C ALA D 359 -28.54 27.14 42.08
N ARG D 360 -29.10 28.33 41.85
CA ARG D 360 -28.32 29.56 42.02
C ARG D 360 -27.83 29.67 43.45
N ARG D 361 -28.71 29.40 44.41
CA ARG D 361 -28.33 29.45 45.81
C ARG D 361 -27.22 28.46 46.12
N THR D 362 -27.33 27.23 45.59
CA THR D 362 -26.27 26.24 45.79
C THR D 362 -24.93 26.73 45.27
N VAL D 363 -24.90 27.32 44.08
CA VAL D 363 -23.64 27.82 43.52
C VAL D 363 -23.01 28.94 44.36
N ALA D 364 -23.83 29.89 44.85
CA ALA D 364 -23.29 30.96 45.67
C ALA D 364 -22.75 30.43 47.00
N LEU D 365 -23.48 29.53 47.66
CA LEU D 365 -22.97 28.93 48.89
C LEU D 365 -21.64 28.20 48.67
N ALA D 366 -21.53 27.42 47.59
CA ALA D 366 -20.28 26.73 47.30
C ALA D 366 -19.15 27.71 47.02
N LYS D 367 -19.44 28.77 46.25
CA LYS D 367 -18.44 29.78 45.93
C LYS D 367 -17.90 30.43 47.20
N ASP D 368 -18.76 30.56 48.19
CA ASP D 368 -18.43 31.20 49.45
C ASP D 368 -17.62 30.32 50.41
N VAL D 369 -17.43 29.04 50.11
CA VAL D 369 -16.48 28.16 50.79
C VAL D 369 -15.35 27.70 49.86
N GLY D 370 -15.19 28.37 48.73
CA GLY D 370 -14.05 28.13 47.87
C GLY D 370 -14.19 26.98 46.90
N ILE D 371 -15.42 26.58 46.57
CA ILE D 371 -15.67 25.56 45.56
C ILE D 371 -16.35 26.29 44.42
N ALA D 372 -15.64 26.41 43.32
CA ALA D 372 -16.19 27.06 42.14
C ALA D 372 -17.03 26.06 41.36
N VAL D 373 -18.26 26.43 41.11
CA VAL D 373 -19.22 25.56 40.47
C VAL D 373 -19.78 26.34 39.30
N THR D 374 -20.06 25.65 38.19
CA THR D 374 -20.52 26.31 36.99
C THR D 374 -21.80 27.06 37.28
N GLU D 375 -21.90 28.29 36.76
CA GLU D 375 -23.00 29.18 37.11
C GLU D 375 -24.36 28.56 36.75
N ALA D 376 -25.32 28.74 37.64
CA ALA D 376 -26.66 28.22 37.39
C ALA D 376 -27.16 28.76 36.05
N GLY D 377 -27.80 27.88 35.27
CA GLY D 377 -28.32 28.32 34.00
C GLY D 377 -27.33 28.26 32.86
N ALA D 378 -26.07 27.92 33.16
CA ALA D 378 -24.99 27.97 32.17
C ALA D 378 -25.28 27.09 30.97
N SER D 379 -26.05 26.01 31.14
CA SER D 379 -26.35 25.08 30.06
C SER D 379 -27.65 25.41 29.32
N PHE D 380 -28.15 26.64 29.43
CA PHE D 380 -29.41 27.04 28.81
C PHE D 380 -29.13 28.31 28.01
N PRO D 381 -29.83 28.50 26.89
CA PRO D 381 -29.71 29.76 26.16
C PRO D 381 -30.05 30.92 27.08
N TYR D 382 -29.27 32.00 26.96
CA TYR D 382 -29.43 33.21 27.76
C TYR D 382 -29.21 32.97 29.24
N ARG D 383 -28.59 31.84 29.59
CA ARG D 383 -28.37 31.46 30.99
C ARG D 383 -29.65 31.38 31.81
N LYS D 384 -30.77 31.06 31.18
CA LYS D 384 -32.04 31.02 31.89
C LYS D 384 -32.56 29.59 31.99
N ASP D 385 -32.51 29.03 33.19
CA ASP D 385 -33.06 27.73 33.57
C ASP D 385 -34.37 28.00 34.27
N PRO D 386 -35.53 27.74 33.65
CA PRO D 386 -36.78 28.13 34.31
C PRO D 386 -37.03 27.41 35.62
N ASP D 387 -36.35 26.29 35.89
CA ASP D 387 -36.62 25.64 37.16
C ASP D 387 -35.55 25.95 38.19
N ASP D 388 -34.49 26.67 37.81
CA ASP D 388 -33.37 27.00 38.71
C ASP D 388 -32.94 25.76 39.52
N LYS D 389 -32.66 24.70 38.80
CA LYS D 389 -32.31 23.43 39.42
C LYS D 389 -31.03 22.80 38.90
N ASN D 390 -30.59 23.12 37.68
CA ASN D 390 -29.52 22.39 37.01
C ASN D 390 -28.15 22.97 37.36
N ILE D 391 -27.22 22.10 37.73
CA ILE D 391 -25.82 22.42 37.92
C ILE D 391 -24.98 21.44 37.13
N ARG D 392 -23.93 21.94 36.47
CA ARG D 392 -23.02 21.08 35.73
C ARG D 392 -21.81 20.74 36.58
N ILE D 393 -21.40 19.47 36.55
CA ILE D 393 -20.17 19.07 37.22
C ILE D 393 -19.16 18.63 36.17
N ALA D 394 -17.94 19.19 36.23
CA ALA D 394 -16.85 18.80 35.33
C ALA D 394 -15.82 18.03 36.14
N PRO D 395 -15.81 16.70 36.10
CA PRO D 395 -14.91 15.93 36.97
C PRO D 395 -13.50 15.78 36.42
N SER D 396 -13.25 16.18 35.17
CA SER D 396 -12.04 15.71 34.48
C SER D 396 -10.76 16.30 35.07
N PHE D 397 -10.75 17.57 35.46
CA PHE D 397 -9.47 18.23 35.73
C PHE D 397 -8.90 17.92 37.10
N PRO D 398 -9.63 18.03 38.20
CA PRO D 398 -8.99 17.88 39.51
C PRO D 398 -8.50 16.48 39.80
N SER D 399 -7.56 16.43 40.73
CA SER D 399 -7.11 15.16 41.27
C SER D 399 -8.24 14.48 42.01
N VAL D 400 -8.11 13.17 42.19
CA VAL D 400 -9.13 12.42 42.91
C VAL D 400 -9.39 13.03 44.30
N PRO D 401 -8.37 13.35 45.10
CA PRO D 401 -8.67 13.91 46.43
C PRO D 401 -9.35 15.27 46.36
N ASP D 402 -8.96 16.11 45.40
CA ASP D 402 -9.60 17.40 45.23
C ASP D 402 -11.03 17.22 44.73
N LEU D 403 -11.25 16.24 43.84
CA LEU D 403 -12.59 16.02 43.31
C LEU D 403 -13.53 15.56 44.42
N ARG D 404 -13.05 14.67 45.29
CA ARG D 404 -13.88 14.21 46.41
C ARG D 404 -14.29 15.38 47.29
N ASN D 405 -13.32 16.22 47.67
CA ASN D 405 -13.60 17.36 48.52
C ASN D 405 -14.54 18.35 47.82
N ALA D 406 -14.37 18.55 46.53
CA ALA D 406 -15.19 19.52 45.84
C ALA D 406 -16.65 19.04 45.74
N VAL D 407 -16.84 17.77 45.37
CA VAL D 407 -18.20 17.24 45.22
C VAL D 407 -18.85 17.08 46.59
N ASP D 408 -18.08 16.70 47.60
CA ASP D 408 -18.67 16.61 48.93
C ASP D 408 -19.12 17.96 49.45
N GLY D 409 -18.34 19.01 49.18
CA GLY D 409 -18.76 20.34 49.54
C GLY D 409 -20.00 20.76 48.80
N LEU D 410 -20.02 20.49 47.48
CA LEU D 410 -21.17 20.81 46.65
C LEU D 410 -22.44 20.17 47.19
N ALA D 411 -22.36 18.89 47.59
CA ALA D 411 -23.50 18.19 48.17
C ALA D 411 -23.99 18.87 49.43
N THR D 412 -23.06 19.23 50.32
CA THR D 412 -23.41 19.98 51.51
C THR D 412 -24.14 21.28 51.17
N CYS D 413 -23.66 22.01 50.16
CA CYS D 413 -24.31 23.27 49.75
C CYS D 413 -25.71 23.02 49.20
N ALA D 414 -25.87 21.94 48.44
CA ALA D 414 -27.17 21.63 47.89
C ALA D 414 -28.14 21.25 48.99
N LEU D 415 -27.67 20.49 49.98
CA LEU D 415 -28.52 20.10 51.11
C LEU D 415 -28.95 21.31 51.93
N LEU D 416 -28.00 22.20 52.22
CA LEU D 416 -28.30 23.38 53.01
C LEU D 416 -29.27 24.30 52.28
N ALA D 417 -29.08 24.48 50.97
CA ALA D 417 -30.03 25.27 50.19
C ALA D 417 -31.43 24.67 50.19
N ALA D 418 -31.54 23.33 50.16
CA ALA D 418 -32.85 22.68 50.17
C ALA D 418 -33.59 22.94 51.47
N THR D 419 -32.93 22.67 52.60
CA THR D 419 -33.58 22.86 53.90
C THR D 419 -33.88 24.32 54.13
N GLU D 420 -32.99 25.21 53.69
CA GLU D 420 -33.27 26.63 53.78
C GLU D 420 -34.59 26.95 53.11
N THR D 421 -34.82 26.41 51.89
CA THR D 421 -36.04 26.73 51.14
C THR D 421 -37.26 26.11 51.79
N LEU D 422 -37.15 24.86 52.24
CA LEU D 422 -38.26 24.23 52.94
C LEU D 422 -38.64 25.01 54.20
N LEU D 423 -37.66 25.48 54.97
CA LEU D 423 -38.03 26.20 56.17
C LEU D 423 -38.67 27.53 55.82
N ASN D 424 -38.22 28.21 54.76
CA ASN D 424 -38.83 29.49 54.42
C ASN D 424 -40.23 29.34 53.83
N GLN D 425 -40.54 28.21 53.19
CA GLN D 425 -41.91 28.00 52.75
C GLN D 425 -42.83 27.79 53.95
N GLY D 426 -42.40 26.98 54.92
CA GLY D 426 -43.16 26.84 56.16
C GLY D 426 -43.33 28.17 56.88
N LEU D 427 -42.25 28.95 56.99
CA LEU D 427 -42.34 30.24 57.66
C LEU D 427 -43.19 31.25 56.89
N ALA D 428 -43.33 31.11 55.56
CA ALA D 428 -44.05 32.11 54.76
C ALA D 428 -45.56 31.99 54.86
N SER D 429 -46.08 30.86 55.35
CA SER D 429 -47.51 30.61 55.39
C SER D 429 -48.25 31.71 56.16
N SER D 430 -49.49 31.99 55.72
CA SER D 430 -50.31 33.05 56.30
C SER D 430 -51.22 32.52 57.41
N SER E 2 16.32 50.45 -29.60
CA SER E 2 15.12 51.01 -28.99
C SER E 2 13.89 50.89 -29.88
N PHE E 3 12.85 50.20 -29.38
CA PHE E 3 11.61 49.99 -30.14
C PHE E 3 10.83 51.28 -30.34
N ASP E 4 11.29 52.37 -29.73
CA ASP E 4 10.71 53.70 -29.89
C ASP E 4 10.95 54.25 -31.29
N SER E 5 12.13 54.01 -31.83
CA SER E 5 12.57 54.52 -33.13
C SER E 5 12.92 53.31 -33.98
N LEU E 6 12.09 53.03 -34.98
CA LEU E 6 12.36 51.98 -35.94
C LEU E 6 11.44 52.05 -37.16
N SER E 7 11.98 51.67 -38.28
CA SER E 7 11.20 51.70 -39.50
C SER E 7 10.14 50.64 -39.42
N PRO E 8 9.13 50.74 -40.27
CA PRO E 8 8.16 49.66 -40.28
C PRO E 8 8.83 48.37 -40.66
N GLN E 9 9.71 48.38 -41.65
CA GLN E 9 10.44 47.20 -42.03
C GLN E 9 11.38 46.81 -40.90
N GLU E 10 12.01 47.80 -40.25
CA GLU E 10 13.00 47.52 -39.21
C GLU E 10 12.37 46.73 -38.07
N LEU E 11 11.16 47.15 -37.70
CA LEU E 11 10.38 46.47 -36.68
C LEU E 11 9.97 45.10 -37.14
N ALA E 12 9.64 44.98 -38.43
CA ALA E 12 9.25 43.70 -38.98
C ALA E 12 10.37 42.68 -38.96
N ALA E 13 11.61 43.12 -39.23
CA ALA E 13 12.71 42.17 -39.13
C ALA E 13 12.92 41.74 -37.69
N LEU E 14 12.81 42.69 -36.76
CA LEU E 14 12.93 42.34 -35.35
C LEU E 14 11.83 41.38 -34.91
N HIS E 15 10.58 41.64 -35.32
CA HIS E 15 9.45 40.77 -34.99
C HIS E 15 9.69 39.33 -35.45
N ALA E 16 10.26 39.17 -36.63
CA ALA E 16 10.57 37.83 -37.15
C ALA E 16 11.58 37.11 -36.26
N ARG E 17 12.57 37.84 -35.73
CA ARG E 17 13.56 37.17 -34.89
C ARG E 17 12.95 36.78 -33.55
N HIS E 18 12.16 37.67 -32.96
CA HIS E 18 11.40 37.30 -31.77
C HIS E 18 10.59 36.04 -32.00
N GLN E 19 9.95 35.92 -33.18
CA GLN E 19 9.20 34.71 -33.48
C GLN E 19 10.10 33.47 -33.48
N GLN E 20 11.31 33.59 -34.01
CA GLN E 20 12.19 32.42 -33.96
C GLN E 20 12.67 32.18 -32.54
N ASP E 21 12.96 33.26 -31.82
CA ASP E 21 13.27 33.11 -30.40
C ASP E 21 12.14 32.38 -29.70
N TYR E 22 10.90 32.72 -30.06
CA TYR E 22 9.77 32.12 -29.38
C TYR E 22 9.63 30.66 -29.78
N ALA E 23 9.86 30.38 -31.07
CA ALA E 23 9.84 29.00 -31.57
C ALA E 23 10.88 28.13 -30.88
N ALA E 24 12.08 28.66 -30.68
CA ALA E 24 13.12 27.91 -29.98
C ALA E 24 12.65 27.59 -28.57
N LEU E 25 12.11 28.59 -27.90
CA LEU E 25 11.56 28.40 -26.57
C LEU E 25 10.54 27.25 -26.53
N GLN E 26 9.62 27.18 -27.53
CA GLN E 26 8.67 26.07 -27.52
C GLN E 26 9.39 24.72 -27.63
N GLY E 27 10.45 24.66 -28.42
CA GLY E 27 11.20 23.43 -28.56
C GLY E 27 11.89 22.95 -27.30
N MET E 28 11.98 23.78 -26.29
CA MET E 28 12.62 23.34 -25.11
C MET E 28 11.75 22.57 -24.18
N LYS E 29 10.45 22.55 -24.46
CA LYS E 29 9.49 21.84 -23.64
C LYS E 29 9.62 22.20 -22.20
N LEU E 30 9.54 23.46 -21.87
CA LEU E 30 9.80 23.85 -20.49
C LEU E 30 8.62 23.51 -19.59
N ALA E 31 8.88 23.41 -18.28
CA ALA E 31 7.81 23.27 -17.27
C ALA E 31 8.24 24.08 -16.04
N LEU E 32 8.09 25.40 -16.14
CA LEU E 32 8.58 26.33 -15.14
C LEU E 32 7.44 27.19 -14.62
N ASP E 33 7.68 27.83 -13.48
CA ASP E 33 6.63 28.55 -12.77
C ASP E 33 7.21 29.70 -11.97
N LEU E 34 6.66 30.90 -12.18
CA LEU E 34 7.06 32.13 -11.49
C LEU E 34 5.89 32.73 -10.71
N THR E 35 4.90 31.90 -10.33
CA THR E 35 3.67 32.38 -9.71
C THR E 35 3.64 32.17 -8.22
N ARG E 36 4.55 31.36 -7.68
CA ARG E 36 4.40 30.86 -6.32
C ARG E 36 5.16 31.80 -5.38
N GLY E 37 4.44 32.62 -4.62
CA GLY E 37 5.07 33.50 -3.66
C GLY E 37 5.39 32.75 -2.37
N LYS E 38 6.08 31.63 -2.47
CA LYS E 38 6.34 30.81 -1.30
C LYS E 38 7.80 30.49 -1.10
N PRO E 39 8.21 30.20 0.13
CA PRO E 39 9.64 29.93 0.39
C PRO E 39 10.11 28.72 -0.38
N SER E 40 11.39 28.71 -0.75
CA SER E 40 11.93 27.54 -1.41
C SER E 40 12.05 26.44 -0.36
N ALA E 41 12.21 25.21 -0.81
CA ALA E 41 12.52 24.11 0.10
C ALA E 41 13.76 24.40 0.93
N GLU E 42 14.79 24.98 0.30
CA GLU E 42 16.01 25.34 1.01
C GLU E 42 15.79 26.33 2.14
N GLN E 43 14.92 27.33 1.93
CA GLN E 43 14.58 28.25 3.01
C GLN E 43 13.87 27.52 4.14
N LEU E 44 12.95 26.61 3.78
CA LEU E 44 12.21 25.89 4.81
C LEU E 44 13.15 25.04 5.63
N ASP E 45 14.15 24.46 4.98
CA ASP E 45 15.13 23.64 5.69
C ASP E 45 15.79 24.40 6.84
N LEU E 46 15.93 25.73 6.72
CA LEU E 46 16.51 26.55 7.78
C LEU E 46 15.76 26.39 9.11
N SER E 47 14.47 26.05 9.06
CA SER E 47 13.68 25.95 10.29
C SER E 47 13.31 24.51 10.65
N ASN E 48 13.98 23.51 10.07
CA ASN E 48 13.65 22.12 10.42
C ASN E 48 13.86 21.77 11.88
N GLN E 49 14.57 22.59 12.67
CA GLN E 49 14.62 22.26 14.10
C GLN E 49 13.24 22.28 14.72
N LEU E 50 12.33 23.09 14.17
CA LEU E 50 10.98 23.18 14.71
C LEU E 50 10.26 21.84 14.77
N LEU E 51 10.60 20.91 13.89
CA LEU E 51 9.91 19.62 13.76
C LEU E 51 10.12 18.71 14.96
N SER E 52 11.08 19.01 15.84
CA SER E 52 11.29 18.25 17.07
C SER E 52 11.14 19.09 18.32
N LEU E 53 10.67 20.37 18.18
CA LEU E 53 10.50 21.23 19.33
C LEU E 53 9.04 21.26 19.76
N PRO E 54 8.72 21.56 21.04
CA PRO E 54 9.60 21.97 22.13
C PRO E 54 10.22 20.84 22.93
N GLY E 55 9.87 19.60 22.62
CA GLY E 55 10.32 18.47 23.44
C GLY E 55 9.54 18.44 24.76
N ASP E 56 10.12 17.76 25.78
CA ASP E 56 9.38 17.48 27.02
C ASP E 56 8.95 18.71 27.79
N ASP E 57 9.70 19.80 27.76
CA ASP E 57 9.28 20.91 28.60
C ASP E 57 8.25 21.77 27.87
N TYR E 58 6.98 21.52 28.20
CA TYR E 58 5.82 22.12 27.56
C TYR E 58 5.37 23.41 28.25
N ARG E 59 6.09 23.89 29.25
CA ARG E 59 5.70 25.09 29.99
C ARG E 59 6.45 26.28 29.41
N ASP E 60 5.76 27.41 29.29
CA ASP E 60 6.41 28.64 28.86
C ASP E 60 7.12 29.28 30.05
N PRO E 61 7.83 30.40 29.84
CA PRO E 61 8.54 31.01 30.97
C PRO E 61 7.62 31.42 32.12
N GLU E 62 6.35 31.73 31.87
CA GLU E 62 5.43 32.04 32.95
C GLU E 62 4.91 30.80 33.66
N GLY E 63 5.25 29.60 33.19
CA GLY E 63 4.74 28.40 33.81
C GLY E 63 3.45 27.88 33.23
N THR E 64 2.92 28.50 32.18
CA THR E 64 1.67 28.04 31.58
C THR E 64 1.86 26.68 30.92
N ASP E 65 0.98 25.74 31.27
CA ASP E 65 0.92 24.47 30.56
C ASP E 65 0.32 24.73 29.19
N THR E 66 1.17 24.75 28.17
CA THR E 66 0.70 25.13 26.85
C THR E 66 -0.18 24.06 26.22
N ARG E 67 -0.24 22.85 26.79
CA ARG E 67 -1.00 21.73 26.24
C ARG E 67 -2.49 21.81 26.56
N ASN E 68 -2.91 22.74 27.43
CA ASN E 68 -4.28 22.79 27.92
C ASN E 68 -4.97 24.09 27.51
N TYR E 69 -6.30 24.09 27.62
CA TYR E 69 -7.09 25.22 27.19
C TYR E 69 -6.74 26.51 27.94
N GLY E 70 -6.94 27.63 27.26
CA GLY E 70 -6.94 28.92 27.93
C GLY E 70 -5.98 29.93 27.36
N GLY E 71 -6.40 31.20 27.41
CA GLY E 71 -5.48 32.26 27.06
C GLY E 71 -5.67 32.72 25.64
N GLN E 72 -6.33 33.86 25.45
CA GLN E 72 -6.61 34.39 24.11
C GLN E 72 -5.48 35.22 23.53
N HIS E 73 -4.60 35.80 24.36
CA HIS E 73 -3.63 36.75 23.84
C HIS E 73 -2.43 36.08 23.19
N GLY E 74 -2.12 34.82 23.52
CA GLY E 74 -0.89 34.20 23.09
C GLY E 74 0.23 34.36 24.12
N LEU E 75 1.30 33.60 23.91
CA LEU E 75 2.37 33.53 24.93
C LEU E 75 3.14 34.85 25.03
N PRO E 76 3.26 35.43 26.23
CA PRO E 76 3.96 36.72 26.35
C PRO E 76 5.40 36.64 25.88
N GLY E 77 6.05 35.49 26.04
CA GLY E 77 7.45 35.43 25.66
C GLY E 77 7.63 35.55 24.17
N LEU E 78 6.72 34.95 23.40
CA LEU E 78 6.79 35.09 21.94
C LEU E 78 6.33 36.47 21.50
N ARG E 79 5.26 36.99 22.10
CA ARG E 79 4.85 38.35 21.82
C ARG E 79 5.97 39.36 22.11
N ALA E 80 6.76 39.11 23.16
CA ALA E 80 7.86 40.03 23.48
C ALA E 80 8.89 40.09 22.37
N ILE E 81 9.13 38.99 21.68
CA ILE E 81 10.13 39.01 20.61
C ILE E 81 9.67 39.90 19.46
N PHE E 82 8.43 39.69 19.00
CA PHE E 82 7.87 40.47 17.89
C PHE E 82 7.45 41.87 18.32
N ALA E 83 7.17 42.05 19.62
CA ALA E 83 6.99 43.39 20.14
C ALA E 83 8.23 44.23 19.87
N GLU E 84 9.39 43.67 20.14
CA GLU E 84 10.63 44.37 19.82
C GLU E 84 10.80 44.56 18.32
N LEU E 85 10.57 43.52 17.53
CA LEU E 85 10.75 43.66 16.08
C LEU E 85 9.81 44.69 15.45
N LEU E 86 8.58 44.77 15.92
CA LEU E 86 7.59 45.65 15.31
C LEU E 86 7.54 47.01 15.98
N GLY E 87 8.13 47.16 17.17
CA GLY E 87 8.00 48.39 17.92
C GLY E 87 6.60 48.60 18.47
N ILE E 88 6.00 47.55 19.01
CA ILE E 88 4.66 47.58 19.57
C ILE E 88 4.73 46.95 20.96
N ALA E 89 4.14 47.60 21.96
CA ALA E 89 4.24 47.00 23.30
C ALA E 89 3.48 45.68 23.35
N VAL E 90 3.98 44.79 24.22
CA VAL E 90 3.39 43.46 24.39
C VAL E 90 1.89 43.47 24.64
N PRO E 91 1.34 44.32 25.53
CA PRO E 91 -0.11 44.31 25.71
C PRO E 91 -0.87 44.75 24.47
N ASN E 92 -0.20 45.38 23.52
CA ASN E 92 -0.82 45.82 22.29
C ASN E 92 -0.66 44.83 21.16
N LEU E 93 -0.11 43.65 21.44
CA LEU E 93 0.21 42.67 20.39
C LEU E 93 -0.30 41.33 20.87
N ILE E 94 -1.06 40.64 20.01
CA ILE E 94 -1.44 39.28 20.31
C ILE E 94 -0.88 38.38 19.23
N ALA E 95 -0.74 37.10 19.60
CA ALA E 95 -0.27 36.04 18.72
C ALA E 95 -1.41 35.05 18.49
N GLY E 96 -1.63 34.70 17.24
CA GLY E 96 -2.69 33.82 16.83
C GLY E 96 -2.22 32.47 16.35
N ASN E 97 -2.94 31.92 15.38
CA ASN E 97 -2.62 30.65 14.77
C ASN E 97 -1.77 30.84 13.51
N ASN E 98 -1.99 30.02 12.48
CA ASN E 98 -1.02 29.91 11.40
C ASN E 98 -1.26 30.90 10.26
N SER E 99 -2.17 31.85 10.42
CA SER E 99 -2.58 32.69 9.30
C SER E 99 -2.86 34.11 9.77
N SER E 100 -2.06 35.06 9.29
CA SER E 100 -2.40 36.47 9.48
C SER E 100 -3.59 36.86 8.61
N LEU E 101 -3.73 36.24 7.44
CA LEU E 101 -4.89 36.54 6.58
C LEU E 101 -6.19 36.34 7.33
N GLU E 102 -6.24 35.30 8.14
CA GLU E 102 -7.42 34.96 8.92
C GLU E 102 -7.76 36.04 9.95
N LEU E 103 -6.74 36.69 10.53
CA LEU E 103 -6.94 37.82 11.43
C LEU E 103 -7.60 38.99 10.70
N MET E 104 -7.06 39.31 9.52
CA MET E 104 -7.60 40.40 8.70
C MET E 104 -9.03 40.12 8.28
N HIS E 105 -9.28 38.89 7.80
CA HIS E 105 -10.63 38.52 7.38
C HIS E 105 -11.62 38.64 8.54
N ASP E 106 -11.26 38.09 9.71
CA ASP E 106 -12.20 38.08 10.81
C ASP E 106 -12.47 39.49 11.30
N ILE E 107 -11.46 40.36 11.27
CA ILE E 107 -11.67 41.75 11.65
C ILE E 107 -12.65 42.41 10.68
N VAL E 108 -12.47 42.16 9.38
CA VAL E 108 -13.44 42.69 8.40
C VAL E 108 -14.82 42.10 8.66
N ALA E 109 -14.91 40.78 8.84
CA ALA E 109 -16.20 40.16 9.14
C ALA E 109 -16.84 40.72 10.39
N PHE E 110 -16.04 40.92 11.46
CA PHE E 110 -16.59 41.52 12.68
C PHE E 110 -17.08 42.95 12.41
N SER E 111 -16.37 43.71 11.60
CA SER E 111 -16.83 45.07 11.31
C SER E 111 -18.16 45.04 10.58
N MET E 112 -18.32 44.08 9.67
CA MET E 112 -19.60 43.90 8.97
C MET E 112 -20.72 43.51 9.95
N LEU E 113 -20.48 42.52 10.80
CA LEU E 113 -21.58 42.00 11.61
C LEU E 113 -21.85 42.87 12.83
N TYR E 114 -20.79 43.39 13.47
CA TYR E 114 -20.89 44.09 14.74
C TYR E 114 -20.49 45.56 14.69
N GLY E 115 -19.73 45.98 13.70
CA GLY E 115 -19.07 47.27 13.76
C GLY E 115 -17.78 47.18 14.56
N GLY E 116 -16.89 48.14 14.31
CA GLY E 116 -15.67 48.28 15.08
C GLY E 116 -15.94 48.87 16.45
N VAL E 117 -14.85 49.10 17.21
CA VAL E 117 -14.96 49.50 18.62
C VAL E 117 -15.69 50.83 18.76
N ASP E 118 -15.63 51.68 17.74
CA ASP E 118 -16.23 53.00 17.78
C ASP E 118 -17.07 53.27 16.53
N SER E 119 -17.61 52.21 15.92
CA SER E 119 -18.44 52.41 14.74
C SER E 119 -19.82 52.93 15.15
N PRO E 120 -20.43 53.81 14.33
CA PRO E 120 -21.82 54.21 14.61
C PRO E 120 -22.81 53.06 14.47
N ARG E 121 -22.49 52.05 13.66
CA ARG E 121 -23.34 50.88 13.47
C ARG E 121 -22.51 49.82 12.76
N PRO E 122 -22.95 48.56 12.80
CA PRO E 122 -22.28 47.53 11.99
C PRO E 122 -22.25 47.93 10.53
N TRP E 123 -21.14 47.60 9.86
CA TRP E 123 -21.00 48.03 8.46
C TRP E 123 -22.07 47.40 7.56
N ILE E 124 -22.63 46.25 7.95
CA ILE E 124 -23.67 45.62 7.14
C ILE E 124 -24.97 46.41 7.18
N GLN E 125 -25.09 47.40 8.08
CA GLN E 125 -26.30 48.20 8.15
C GLN E 125 -26.21 49.52 7.39
N GLU E 126 -25.09 49.82 6.76
CA GLU E 126 -24.96 51.05 5.99
C GLU E 126 -25.62 50.89 4.61
N GLN E 127 -26.77 51.52 4.39
CA GLN E 127 -27.45 51.35 3.09
C GLN E 127 -26.66 51.92 1.92
N ASP E 128 -25.76 52.86 2.14
CA ASP E 128 -24.99 53.34 1.02
C ASP E 128 -23.69 52.57 0.81
N GLY E 129 -23.52 51.45 1.49
CA GLY E 129 -22.41 50.58 1.17
C GLY E 129 -21.13 51.02 1.84
N ILE E 130 -20.09 50.22 1.62
CA ILE E 130 -18.82 50.33 2.30
C ILE E 130 -17.75 50.31 1.22
N LYS E 131 -16.68 51.09 1.41
CA LYS E 131 -15.62 51.14 0.41
C LYS E 131 -14.25 51.03 1.08
N PHE E 132 -13.30 50.44 0.35
CA PHE E 132 -11.91 50.43 0.77
C PHE E 132 -11.03 51.05 -0.31
N LEU E 133 -10.03 51.81 0.13
CA LEU E 133 -8.98 52.29 -0.76
C LEU E 133 -7.93 51.20 -0.93
N CYS E 134 -7.49 50.98 -2.18
CA CYS E 134 -6.56 49.91 -2.49
C CYS E 134 -5.39 50.46 -3.30
N PRO E 135 -4.27 50.77 -2.68
CA PRO E 135 -3.06 51.08 -3.45
C PRO E 135 -2.69 49.96 -4.41
N VAL E 136 -2.38 50.32 -5.65
CA VAL E 136 -2.06 49.29 -6.64
C VAL E 136 -0.70 49.61 -7.24
N PRO E 137 0.06 48.61 -7.73
CA PRO E 137 -0.30 47.19 -7.61
C PRO E 137 -0.32 46.73 -6.16
N GLY E 138 -1.23 45.82 -5.79
CA GLY E 138 -1.40 45.39 -4.41
C GLY E 138 -1.65 43.90 -4.24
N TYR E 139 -2.10 43.48 -3.06
CA TYR E 139 -2.13 42.06 -2.70
C TYR E 139 -3.52 41.49 -3.03
N ASP E 140 -3.56 40.53 -3.95
CA ASP E 140 -4.85 40.01 -4.42
C ASP E 140 -5.66 39.37 -3.29
N ARG E 141 -5.02 38.76 -2.29
CA ARG E 141 -5.83 38.17 -1.21
C ARG E 141 -6.44 39.23 -0.29
N HIS E 142 -5.84 40.41 -0.18
CA HIS E 142 -6.58 41.51 0.46
C HIS E 142 -7.84 41.79 -0.34
N PHE E 143 -7.70 41.96 -1.65
CA PHE E 143 -8.84 42.31 -2.49
C PHE E 143 -9.90 41.24 -2.47
N ALA E 144 -9.51 39.96 -2.34
CA ALA E 144 -10.49 38.89 -2.29
C ALA E 144 -11.40 39.02 -1.07
N ILE E 145 -10.85 39.52 0.04
CA ILE E 145 -11.64 39.67 1.26
C ILE E 145 -12.73 40.71 1.06
N THR E 146 -12.34 41.89 0.55
CA THR E 146 -13.32 42.95 0.38
C THR E 146 -14.33 42.60 -0.71
N GLU E 147 -13.86 41.94 -1.78
CA GLU E 147 -14.76 41.57 -2.89
C GLU E 147 -15.83 40.62 -2.40
N THR E 148 -15.45 39.63 -1.59
CA THR E 148 -16.38 38.59 -1.17
C THR E 148 -17.44 39.13 -0.23
N MET E 149 -17.08 40.16 0.54
CA MET E 149 -18.00 40.78 1.47
C MET E 149 -18.86 41.88 0.84
N GLY E 150 -18.60 42.21 -0.43
CA GLY E 150 -19.38 43.26 -1.07
C GLY E 150 -18.90 44.67 -0.75
N ILE E 151 -17.62 44.83 -0.42
CA ILE E 151 -17.04 46.13 -0.11
C ILE E 151 -16.43 46.68 -1.39
N GLU E 152 -16.86 47.85 -1.83
CA GLU E 152 -16.34 48.40 -3.07
C GLU E 152 -14.88 48.78 -2.89
N MET E 153 -14.07 48.52 -3.92
CA MET E 153 -12.66 48.83 -3.92
C MET E 153 -12.34 49.95 -4.89
N ILE E 154 -11.69 50.99 -4.40
CA ILE E 154 -11.19 52.11 -5.20
C ILE E 154 -9.67 51.99 -5.29
N PRO E 155 -9.11 51.79 -6.48
CA PRO E 155 -7.65 51.70 -6.64
C PRO E 155 -6.96 53.05 -6.45
N ILE E 156 -5.78 53.03 -5.83
CA ILE E 156 -5.03 54.26 -5.59
C ILE E 156 -3.64 54.05 -6.18
N PRO E 157 -3.13 54.93 -7.05
CA PRO E 157 -1.75 54.76 -7.54
C PRO E 157 -0.72 54.72 -6.42
N MET E 158 0.28 53.86 -6.59
CA MET E 158 1.41 53.74 -5.69
C MET E 158 2.50 54.69 -6.19
N LEU E 159 3.17 55.38 -5.26
CA LEU E 159 4.32 56.21 -5.62
C LEU E 159 5.60 55.61 -5.02
N GLN E 160 6.69 56.38 -5.10
CA GLN E 160 7.99 55.81 -4.77
C GLN E 160 8.16 55.63 -3.27
N ASP E 161 7.45 56.41 -2.44
CA ASP E 161 7.56 56.24 -0.99
C ASP E 161 6.22 55.97 -0.35
N GLY E 162 5.25 55.45 -1.10
CA GLY E 162 3.95 55.17 -0.53
C GLY E 162 2.88 55.37 -1.58
N PRO E 163 1.64 55.21 -1.20
CA PRO E 163 0.56 55.54 -2.14
C PRO E 163 0.41 57.04 -2.35
N ASP E 164 -0.54 57.41 -3.21
CA ASP E 164 -0.88 58.81 -3.51
C ASP E 164 -1.72 59.34 -2.37
N VAL E 165 -1.05 59.87 -1.33
CA VAL E 165 -1.77 60.34 -0.14
C VAL E 165 -2.64 61.56 -0.45
N ASP E 166 -2.19 62.43 -1.37
CA ASP E 166 -3.06 63.53 -1.79
C ASP E 166 -4.42 63.04 -2.24
N LEU E 167 -4.43 62.00 -3.09
CA LEU E 167 -5.71 61.48 -3.58
C LEU E 167 -6.49 60.83 -2.44
N ILE E 168 -5.80 60.04 -1.62
CA ILE E 168 -6.45 59.37 -0.50
C ILE E 168 -7.11 60.41 0.39
N GLU E 169 -6.35 61.45 0.76
CA GLU E 169 -6.88 62.51 1.61
C GLU E 169 -8.12 63.18 1.00
N GLU E 170 -8.14 63.41 -0.32
CA GLU E 170 -9.33 64.02 -0.91
C GLU E 170 -10.54 63.12 -0.75
N LEU E 171 -10.34 61.82 -0.97
CA LEU E 171 -11.45 60.86 -0.98
C LEU E 171 -12.05 60.68 0.41
N VAL E 172 -11.22 60.29 1.39
CA VAL E 172 -11.75 59.97 2.72
C VAL E 172 -12.26 61.20 3.44
N ALA E 173 -11.81 62.39 3.05
CA ALA E 173 -12.30 63.58 3.74
C ALA E 173 -13.77 63.83 3.43
N VAL E 174 -14.24 63.41 2.26
CA VAL E 174 -15.59 63.74 1.83
C VAL E 174 -16.51 62.53 1.69
N ASP E 175 -16.03 61.31 1.90
CA ASP E 175 -16.86 60.13 1.62
C ASP E 175 -16.97 59.21 2.82
N PRO E 176 -18.09 59.27 3.55
CA PRO E 176 -18.21 58.48 4.78
C PRO E 176 -18.36 57.00 4.53
N ALA E 177 -18.54 56.57 3.26
CA ALA E 177 -18.60 55.16 2.93
C ALA E 177 -17.23 54.49 2.93
N ILE E 178 -16.16 55.28 2.89
CA ILE E 178 -14.80 54.74 2.88
C ILE E 178 -14.42 54.38 4.31
N LYS E 179 -14.38 53.09 4.61
CA LYS E 179 -14.16 52.63 5.98
C LYS E 179 -12.75 52.11 6.21
N GLY E 180 -12.02 51.74 5.16
CA GLY E 180 -10.75 51.08 5.36
C GLY E 180 -9.85 51.30 4.16
N MET E 181 -8.55 51.02 4.35
CA MET E 181 -7.56 51.00 3.28
C MET E 181 -6.61 49.82 3.50
N TRP E 182 -6.37 49.01 2.46
CA TRP E 182 -5.37 47.94 2.51
C TRP E 182 -3.97 48.50 2.29
N THR E 183 -3.01 48.05 3.13
CA THR E 183 -1.62 48.41 2.92
C THR E 183 -0.72 47.22 3.23
N VAL E 184 0.44 47.23 2.58
CA VAL E 184 1.60 46.46 3.01
C VAL E 184 2.73 47.47 3.12
N PRO E 185 3.04 47.98 4.33
CA PRO E 185 3.81 49.23 4.44
C PRO E 185 5.32 49.06 4.38
N VAL E 186 5.85 47.85 4.37
CA VAL E 186 7.27 47.60 4.20
C VAL E 186 7.42 46.55 3.11
N PHE E 187 8.23 46.84 2.09
CA PHE E 187 8.45 45.92 0.96
C PHE E 187 7.12 45.38 0.41
N GLY E 188 6.25 46.29 -0.03
CA GLY E 188 4.91 45.92 -0.47
C GLY E 188 4.82 44.79 -1.47
N ASN E 189 3.72 44.05 -1.39
CA ASN E 189 3.49 42.97 -2.32
C ASN E 189 2.70 43.56 -3.47
N PRO E 190 3.27 43.50 -4.69
CA PRO E 190 4.71 43.34 -4.87
C PRO E 190 5.46 44.63 -5.24
N SER E 191 4.82 45.81 -5.17
CA SER E 191 5.52 47.03 -5.59
C SER E 191 6.91 47.16 -4.97
N GLY E 192 7.15 46.53 -3.82
CA GLY E 192 8.38 46.72 -3.08
C GLY E 192 8.49 48.05 -2.35
N VAL E 193 7.47 48.87 -2.41
CA VAL E 193 7.49 50.19 -1.82
C VAL E 193 7.35 50.09 -0.31
N THR E 194 8.17 50.86 0.40
CA THR E 194 8.08 51.01 1.84
C THR E 194 7.54 52.39 2.16
N TYR E 195 6.51 52.46 2.99
CA TYR E 195 5.91 53.77 3.25
C TYR E 195 6.90 54.61 4.06
N SER E 196 7.13 55.84 3.60
CA SER E 196 8.01 56.76 4.30
C SER E 196 7.40 57.21 5.60
N TRP E 197 8.26 57.69 6.50
CA TRP E 197 7.81 58.25 7.77
C TRP E 197 6.76 59.33 7.55
N GLU E 198 7.02 60.25 6.62
CA GLU E 198 6.06 61.32 6.37
C GLU E 198 4.74 60.76 5.85
N THR E 199 4.80 59.77 4.96
CA THR E 199 3.59 59.10 4.48
C THR E 199 2.78 58.48 5.63
N VAL E 200 3.45 57.76 6.54
CA VAL E 200 2.69 57.09 7.61
C VAL E 200 2.02 58.14 8.49
N ARG E 201 2.80 59.14 8.87
CA ARG E 201 2.28 60.23 9.69
C ARG E 201 1.06 60.90 9.04
N ARG E 202 1.12 61.18 7.73
CA ARG E 202 -0.03 61.80 7.08
C ARG E 202 -1.25 60.88 7.12
N LEU E 203 -1.04 59.57 6.90
CA LEU E 203 -2.17 58.64 6.88
C LEU E 203 -2.82 58.50 8.25
N VAL E 204 -2.05 58.63 9.33
CA VAL E 204 -2.70 58.50 10.62
C VAL E 204 -3.28 59.82 11.09
N GLN E 205 -2.90 60.94 10.46
CA GLN E 205 -3.45 62.23 10.82
C GLN E 205 -4.62 62.71 9.97
N MET E 206 -4.74 62.26 8.73
CA MET E 206 -5.72 62.86 7.85
C MET E 206 -7.13 62.71 8.40
N ARG E 207 -7.95 63.73 8.13
CA ARG E 207 -9.35 63.73 8.53
C ARG E 207 -10.10 62.73 7.66
N THR E 208 -11.03 61.99 8.25
CA THR E 208 -11.80 61.02 7.48
C THR E 208 -13.27 61.28 7.76
N ALA E 209 -14.09 61.23 6.71
CA ALA E 209 -15.53 61.36 6.91
C ALA E 209 -16.07 60.25 7.79
N ALA E 210 -15.52 59.04 7.69
CA ALA E 210 -15.94 57.95 8.57
C ALA E 210 -15.19 58.03 9.89
N PRO E 211 -15.89 58.13 11.02
CA PRO E 211 -15.19 58.25 12.30
C PRO E 211 -14.46 56.97 12.68
N ASP E 212 -14.73 55.87 11.99
CA ASP E 212 -14.19 54.56 12.33
C ASP E 212 -13.33 54.01 11.19
N PHE E 213 -12.75 54.91 10.40
CA PHE E 213 -11.84 54.54 9.33
C PHE E 213 -10.66 53.76 9.89
N ARG E 214 -10.22 52.76 9.13
CA ARG E 214 -9.14 51.89 9.56
C ARG E 214 -8.08 51.73 8.49
N LEU E 215 -6.82 51.75 8.93
CA LEU E 215 -5.66 51.39 8.13
C LEU E 215 -5.36 49.93 8.43
N PHE E 216 -5.49 49.07 7.44
CA PHE E 216 -5.13 47.66 7.61
C PHE E 216 -3.65 47.59 7.30
N TRP E 217 -2.86 47.55 8.37
CA TRP E 217 -1.42 47.77 8.33
C TRP E 217 -0.81 46.37 8.32
N ASP E 218 -0.82 45.75 7.13
CA ASP E 218 -0.42 44.36 6.99
C ASP E 218 1.10 44.31 6.80
N ASN E 219 1.83 44.26 7.91
CA ASN E 219 3.29 44.28 7.87
C ASN E 219 3.88 42.90 7.65
N ALA E 220 3.46 42.29 6.53
CA ALA E 220 3.88 40.94 6.18
C ALA E 220 5.37 40.78 5.98
N TYR E 221 6.09 41.85 5.57
CA TYR E 221 7.49 41.72 5.19
C TYR E 221 8.39 42.54 6.10
N ALA E 222 7.91 42.71 7.34
CA ALA E 222 8.50 43.62 8.32
C ALA E 222 10.01 43.45 8.50
N VAL E 223 10.52 42.21 8.48
CA VAL E 223 11.95 41.95 8.68
C VAL E 223 12.57 41.18 7.51
N HIS E 224 11.96 41.27 6.34
CA HIS E 224 12.24 40.34 5.25
C HIS E 224 13.16 41.04 4.25
N THR E 225 14.32 41.42 4.76
CA THR E 225 15.32 42.14 3.99
C THR E 225 16.02 41.28 2.96
N LEU E 226 16.37 41.91 1.83
CA LEU E 226 17.26 41.33 0.85
C LEU E 226 18.69 41.86 0.96
N THR E 227 18.97 42.65 1.99
CA THR E 227 20.32 43.16 2.26
C THR E 227 20.68 42.71 3.67
N LEU E 228 21.85 43.14 4.16
CA LEU E 228 22.22 42.77 5.53
C LEU E 228 21.74 43.74 6.61
N ASP E 229 20.87 44.71 6.26
CA ASP E 229 20.31 45.69 7.19
C ASP E 229 18.80 45.47 7.33
N PHE E 230 18.29 45.76 8.54
CA PHE E 230 16.85 45.69 8.65
C PHE E 230 16.25 47.08 8.61
N PRO E 231 15.11 47.28 7.95
CA PRO E 231 14.48 48.60 7.94
C PRO E 231 13.92 48.98 9.29
N ARG E 232 13.80 50.28 9.48
CA ARG E 232 13.20 50.76 10.70
C ARG E 232 11.69 50.55 10.64
N GLN E 233 11.08 50.25 11.78
CA GLN E 233 9.64 50.14 11.84
C GLN E 233 9.07 51.49 12.25
N VAL E 234 8.19 52.06 11.43
CA VAL E 234 7.53 53.28 11.82
C VAL E 234 6.49 53.01 12.90
N ASP E 235 6.45 53.87 13.89
CA ASP E 235 5.54 53.65 15.02
C ASP E 235 4.14 54.11 14.66
N VAL E 236 3.46 53.28 13.85
CA VAL E 236 2.16 53.68 13.35
C VAL E 236 1.17 53.83 14.50
N LEU E 237 1.24 52.95 15.50
CA LEU E 237 0.29 53.04 16.60
C LEU E 237 0.56 54.27 17.46
N GLY E 238 1.83 54.58 17.69
CA GLY E 238 2.18 55.76 18.48
C GLY E 238 1.79 57.05 17.79
N LEU E 239 2.11 57.14 16.49
CA LEU E 239 1.78 58.35 15.75
C LEU E 239 0.28 58.56 15.68
N ALA E 240 -0.47 57.48 15.47
CA ALA E 240 -1.91 57.58 15.42
C ALA E 240 -2.47 58.07 16.74
N ALA E 241 -1.97 57.53 17.86
CA ALA E 241 -2.41 57.99 19.16
C ALA E 241 -2.10 59.47 19.38
N LYS E 242 -0.90 59.93 18.98
CA LYS E 242 -0.59 61.36 19.12
C LYS E 242 -1.51 62.22 18.29
N ALA E 243 -1.97 61.72 17.16
CA ALA E 243 -2.91 62.44 16.30
C ALA E 243 -4.33 62.37 16.81
N GLY E 244 -4.59 61.59 17.85
CA GLY E 244 -5.95 61.45 18.32
C GLY E 244 -6.80 60.45 17.59
N ASN E 245 -6.20 59.54 16.83
CA ASN E 245 -6.90 58.48 16.12
C ASN E 245 -6.28 57.16 16.55
N PRO E 246 -6.19 56.88 17.86
CA PRO E 246 -5.50 55.65 18.32
C PRO E 246 -6.06 54.37 17.74
N ASN E 247 -7.37 54.32 17.45
CA ASN E 247 -7.99 53.10 16.96
C ASN E 247 -7.81 52.91 15.46
N ARG E 248 -7.22 53.87 14.76
CA ARG E 248 -7.16 53.78 13.31
C ARG E 248 -6.33 52.61 12.76
N PRO E 249 -5.14 52.30 13.27
CA PRO E 249 -4.37 51.22 12.62
C PRO E 249 -4.61 49.84 13.19
N TYR E 250 -4.70 48.85 12.29
CA TYR E 250 -4.68 47.43 12.62
C TYR E 250 -3.38 46.85 12.08
N VAL E 251 -2.52 46.35 12.95
CA VAL E 251 -1.21 45.86 12.51
C VAL E 251 -1.22 44.32 12.45
N PHE E 252 -0.68 43.77 11.35
CA PHE E 252 -0.60 42.32 11.19
C PHE E 252 0.82 41.92 10.86
N ALA E 253 1.20 40.72 11.27
CA ALA E 253 2.48 40.16 10.92
C ALA E 253 2.39 38.64 11.01
N SER E 254 3.42 37.97 10.52
CA SER E 254 3.40 36.52 10.37
C SER E 254 4.81 35.95 10.30
N THR E 255 4.95 34.69 10.74
CA THR E 255 6.18 33.92 10.54
C THR E 255 6.09 32.96 9.35
N SER E 256 5.07 33.10 8.48
CA SER E 256 4.93 32.18 7.35
C SER E 256 6.19 32.16 6.49
N LYS E 257 6.83 33.30 6.32
CA LYS E 257 8.07 33.35 5.54
C LYS E 257 9.28 33.57 6.43
N ILE E 258 9.14 33.19 7.70
CA ILE E 258 10.25 33.12 8.63
C ILE E 258 10.53 31.67 9.03
N THR E 259 9.47 30.89 9.36
CA THR E 259 9.63 29.49 9.72
C THR E 259 8.98 28.62 8.66
N PHE E 260 7.72 28.22 8.81
CA PHE E 260 7.00 27.36 7.87
C PHE E 260 5.80 28.10 7.30
N ALA E 261 5.65 28.06 5.97
CA ALA E 261 4.53 28.74 5.30
C ALA E 261 3.24 27.93 5.50
N GLY E 262 2.33 28.45 6.32
CA GLY E 262 1.16 27.71 6.71
C GLY E 262 1.33 26.96 8.02
N GLY E 263 2.54 26.97 8.60
CA GLY E 263 2.79 26.32 9.89
C GLY E 263 3.40 27.26 10.92
N GLY E 264 3.27 28.56 10.71
CA GLY E 264 3.86 29.57 11.56
C GLY E 264 2.85 30.15 12.54
N VAL E 265 3.16 31.37 13.03
CA VAL E 265 2.37 32.08 14.03
C VAL E 265 2.06 33.49 13.52
N SER E 266 0.83 33.94 13.69
CA SER E 266 0.39 35.26 13.27
C SER E 266 0.33 36.23 14.46
N PHE E 267 0.26 37.52 14.14
CA PHE E 267 0.20 38.54 15.16
C PHE E 267 -0.77 39.63 14.74
N PHE E 268 -1.47 40.18 15.72
CA PHE E 268 -2.34 41.34 15.50
C PHE E 268 -1.99 42.38 16.56
N GLY E 269 -1.79 43.63 16.13
CA GLY E 269 -1.47 44.71 17.04
C GLY E 269 -2.39 45.91 16.88
N GLY E 270 -2.69 46.57 17.99
CA GLY E 270 -3.53 47.75 17.94
C GLY E 270 -3.58 48.44 19.28
N SER E 271 -4.43 49.48 19.36
CA SER E 271 -4.70 50.09 20.65
C SER E 271 -5.26 49.04 21.60
N LEU E 272 -5.14 49.30 22.90
CA LEU E 272 -5.76 48.40 23.87
C LEU E 272 -7.26 48.24 23.62
N GLY E 273 -7.93 49.31 23.19
CA GLY E 273 -9.34 49.21 22.85
C GLY E 273 -9.61 48.24 21.71
N ASN E 274 -8.78 48.31 20.66
CA ASN E 274 -8.94 47.40 19.52
C ASN E 274 -8.59 45.97 19.90
N ILE E 275 -7.56 45.76 20.73
CA ILE E 275 -7.29 44.39 21.18
C ILE E 275 -8.49 43.80 21.91
N ALA E 276 -9.04 44.55 22.87
CA ALA E 276 -10.17 44.05 23.64
C ALA E 276 -11.38 43.81 22.75
N TRP E 277 -11.62 44.70 21.78
CA TRP E 277 -12.72 44.55 20.83
C TRP E 277 -12.55 43.27 20.01
N TYR E 278 -11.36 43.07 19.42
CA TYR E 278 -11.11 41.85 18.65
C TYR E 278 -11.30 40.60 19.52
N LEU E 279 -10.70 40.58 20.71
CA LEU E 279 -10.76 39.39 21.55
C LEU E 279 -12.17 39.09 22.03
N GLN E 280 -13.00 40.12 22.22
CA GLN E 280 -14.37 39.89 22.63
C GLN E 280 -15.10 39.03 21.61
N TYR E 281 -14.94 39.34 20.32
CA TYR E 281 -15.63 38.59 19.29
C TYR E 281 -14.89 37.32 18.88
N ALA E 282 -13.56 37.35 18.91
CA ALA E 282 -12.81 36.13 18.64
C ALA E 282 -13.09 35.09 19.71
N GLY E 283 -13.42 35.52 20.93
CA GLY E 283 -13.76 34.58 21.99
C GLY E 283 -15.04 33.81 21.74
N LYS E 284 -15.87 34.25 20.80
CA LYS E 284 -17.05 33.48 20.42
C LYS E 284 -16.73 32.43 19.37
N LYS E 285 -15.59 32.58 18.70
CA LYS E 285 -15.12 31.75 17.61
C LYS E 285 -14.24 30.60 18.10
N SER E 286 -13.41 30.84 19.12
CA SER E 286 -12.45 29.86 19.59
C SER E 286 -12.07 30.11 21.05
N ILE E 287 -11.81 29.01 21.76
CA ILE E 287 -11.27 29.09 23.12
C ILE E 287 -9.89 29.75 23.12
N GLY E 288 -9.16 29.65 22.02
CA GLY E 288 -7.92 30.38 21.89
C GLY E 288 -6.94 29.76 20.90
N PRO E 289 -5.83 30.46 20.66
CA PRO E 289 -4.85 29.98 19.67
C PRO E 289 -4.00 28.82 20.18
N ASP E 290 -3.18 28.29 19.27
CA ASP E 290 -2.36 27.10 19.56
C ASP E 290 -1.08 27.51 20.32
N LYS E 291 -1.10 27.32 21.64
CA LYS E 291 0.01 27.76 22.47
C LYS E 291 1.23 26.87 22.30
N VAL E 292 1.03 25.59 21.92
CA VAL E 292 2.17 24.70 21.73
C VAL E 292 2.98 25.18 20.52
N ASN E 293 2.30 25.60 19.45
CA ASN E 293 3.07 26.08 18.31
C ASN E 293 3.75 27.40 18.62
N GLN E 294 3.13 28.25 19.46
CA GLN E 294 3.79 29.48 19.92
C GLN E 294 5.01 29.15 20.78
N LEU E 295 4.94 28.10 21.61
CA LEU E 295 6.10 27.72 22.42
C LEU E 295 7.27 27.21 21.58
N ARG E 296 7.03 26.34 20.59
CA ARG E 296 8.14 25.87 19.75
C ARG E 296 8.81 27.07 19.08
N HIS E 297 8.00 28.02 18.58
CA HIS E 297 8.61 29.18 17.94
C HIS E 297 9.41 29.99 18.94
N LEU E 298 8.89 30.16 20.16
CA LEU E 298 9.64 30.92 21.16
C LEU E 298 10.96 30.21 21.46
N ARG E 299 10.91 28.90 21.60
CA ARG E 299 12.13 28.12 21.86
C ARG E 299 13.10 28.15 20.69
N PHE E 300 12.57 28.08 19.46
CA PHE E 300 13.41 28.12 18.27
C PHE E 300 14.10 29.47 18.12
N PHE E 301 13.37 30.56 18.29
CA PHE E 301 13.92 31.89 18.06
C PHE E 301 14.82 32.38 19.19
N GLY E 302 14.44 32.14 20.44
CA GLY E 302 15.20 32.63 21.58
C GLY E 302 14.94 34.10 21.87
N ASP E 303 15.26 34.99 20.93
CA ASP E 303 14.96 36.41 21.10
C ASP E 303 14.93 37.09 19.73
N ALA E 304 14.74 38.41 19.74
CA ALA E 304 14.60 39.16 18.49
C ALA E 304 15.88 39.06 17.66
N ASP E 305 17.04 39.11 18.32
CA ASP E 305 18.28 38.91 17.59
C ASP E 305 18.34 37.53 16.91
N GLY E 306 17.73 36.52 17.53
CA GLY E 306 17.65 35.22 16.87
C GLY E 306 16.87 35.27 15.58
N VAL E 307 15.76 36.04 15.58
CA VAL E 307 14.96 36.23 14.39
C VAL E 307 15.74 36.99 13.33
N ARG E 308 16.44 38.06 13.74
CA ARG E 308 17.22 38.83 12.78
C ARG E 308 18.26 37.95 12.11
N LEU E 309 18.97 37.15 12.89
CA LEU E 309 20.01 36.33 12.27
C LEU E 309 19.39 35.33 11.31
N HIS E 310 18.28 34.73 11.71
CA HIS E 310 17.52 33.82 10.86
C HIS E 310 17.06 34.48 9.56
N MET E 311 16.58 35.73 9.62
CA MET E 311 16.19 36.43 8.40
C MET E 311 17.36 36.64 7.45
N LEU E 312 18.58 36.85 7.99
CA LEU E 312 19.75 36.96 7.13
C LEU E 312 20.09 35.64 6.47
N ARG E 313 19.80 34.50 7.11
CA ARG E 313 20.00 33.20 6.46
C ARG E 313 19.06 33.06 5.27
N HIS E 314 17.82 33.55 5.42
CA HIS E 314 16.90 33.62 4.29
C HIS E 314 17.47 34.53 3.21
N GLN E 315 17.99 35.70 3.64
CA GLN E 315 18.56 36.67 2.71
C GLN E 315 19.64 36.06 1.83
N GLN E 316 20.49 35.19 2.41
CA GLN E 316 21.55 34.57 1.62
C GLN E 316 21.01 33.66 0.53
N ILE E 317 19.84 33.05 0.74
CA ILE E 317 19.22 32.25 -0.29
C ILE E 317 18.48 33.13 -1.31
N LEU E 318 17.70 34.11 -0.83
CA LEU E 318 16.83 34.90 -1.71
C LEU E 318 17.59 35.94 -2.54
N ALA E 319 18.53 36.67 -1.93
CA ALA E 319 19.15 37.79 -2.62
C ALA E 319 19.77 37.39 -3.96
N PRO E 320 20.48 36.27 -4.10
CA PRO E 320 20.99 35.90 -5.45
C PRO E 320 19.89 35.66 -6.47
N LYS E 321 18.73 35.16 -6.05
CA LYS E 321 17.63 34.96 -6.97
C LYS E 321 17.07 36.28 -7.48
N PHE E 322 16.89 37.26 -6.60
CA PHE E 322 16.45 38.59 -7.04
C PHE E 322 17.49 39.25 -7.91
N ALA E 323 18.77 39.07 -7.58
CA ALA E 323 19.81 39.64 -8.43
C ALA E 323 19.81 39.04 -9.85
N LEU E 324 19.67 37.71 -9.95
CA LEU E 324 19.59 37.05 -11.24
C LEU E 324 18.46 37.58 -12.10
N VAL E 325 17.26 37.68 -11.52
CA VAL E 325 16.13 38.20 -12.27
C VAL E 325 16.44 39.59 -12.80
N ALA E 326 16.99 40.47 -11.95
CA ALA E 326 17.27 41.83 -12.38
C ALA E 326 18.27 41.83 -13.54
N GLU E 327 19.29 40.97 -13.49
CA GLU E 327 20.26 40.92 -14.57
C GLU E 327 19.62 40.46 -15.88
N VAL E 328 18.73 39.46 -15.80
CA VAL E 328 18.12 38.95 -17.03
C VAL E 328 17.20 40.00 -17.62
N LEU E 329 16.35 40.60 -16.79
CA LEU E 329 15.48 41.66 -17.29
C LEU E 329 16.32 42.77 -17.91
N ASP E 330 17.41 43.15 -17.26
CA ASP E 330 18.25 44.20 -17.81
C ASP E 330 18.85 43.73 -19.14
N GLN E 331 19.43 42.51 -19.15
CA GLN E 331 20.12 42.01 -20.34
C GLN E 331 19.14 41.81 -21.50
N ARG E 332 17.92 41.33 -21.23
CA ARG E 332 16.99 41.12 -22.33
C ARG E 332 16.17 42.35 -22.71
N LEU E 333 15.81 43.22 -21.76
CA LEU E 333 14.84 44.28 -22.02
C LEU E 333 15.35 45.72 -22.03
N SER E 334 16.50 46.01 -21.40
CA SER E 334 16.85 47.43 -21.20
C SER E 334 16.92 48.20 -22.52
N GLU E 335 17.55 47.62 -23.53
CA GLU E 335 17.70 48.31 -24.80
C GLU E 335 16.35 48.61 -25.47
N SER E 336 15.37 47.72 -25.36
CA SER E 336 14.09 47.96 -26.01
C SER E 336 13.28 49.13 -25.45
N LYS E 337 13.49 49.54 -24.21
CA LYS E 337 12.68 50.56 -23.51
C LYS E 337 11.18 50.27 -23.52
N ILE E 338 10.80 49.00 -23.59
CA ILE E 338 9.38 48.66 -23.52
C ILE E 338 8.94 48.42 -22.09
N ALA E 339 9.89 48.34 -21.16
CA ALA E 339 9.60 47.77 -19.86
C ALA E 339 10.21 48.57 -18.74
N SER E 340 9.68 48.32 -17.54
CA SER E 340 10.27 48.81 -16.32
C SER E 340 9.99 47.79 -15.22
N TRP E 341 10.84 47.81 -14.19
CA TRP E 341 10.66 46.85 -13.12
C TRP E 341 11.24 47.42 -11.83
N THR E 342 10.74 46.91 -10.71
CA THR E 342 11.28 47.27 -9.41
C THR E 342 12.58 46.50 -9.13
N GLU E 343 13.42 47.04 -8.24
CA GLU E 343 14.59 46.32 -7.73
C GLU E 343 14.44 46.41 -6.21
N PRO E 344 13.59 45.58 -5.62
CA PRO E 344 13.24 45.80 -4.22
C PRO E 344 14.39 45.46 -3.29
N LYS E 345 14.31 46.01 -2.08
CA LYS E 345 15.30 45.74 -1.06
C LYS E 345 14.83 44.69 -0.06
N GLY E 346 13.59 44.24 -0.19
CA GLY E 346 13.00 43.26 0.71
C GLY E 346 11.70 42.79 0.11
N GLY E 347 11.05 41.88 0.81
CA GLY E 347 9.80 41.36 0.33
C GLY E 347 10.04 40.19 -0.60
N TYR E 348 8.96 39.81 -1.30
CA TYR E 348 8.96 38.55 -2.02
C TYR E 348 8.73 38.66 -3.52
N PHE E 349 8.64 39.86 -4.08
CA PHE E 349 8.20 40.02 -5.45
C PHE E 349 8.97 41.10 -6.19
N ILE E 350 9.01 40.94 -7.51
CA ILE E 350 9.47 41.98 -8.42
C ILE E 350 8.26 42.34 -9.28
N SER E 351 8.02 43.62 -9.46
CA SER E 351 6.91 44.10 -10.28
C SER E 351 7.42 44.60 -11.62
N LEU E 352 6.99 43.95 -12.69
CA LEU E 352 7.40 44.27 -14.06
C LEU E 352 6.25 44.90 -14.82
N ASP E 353 6.52 46.04 -15.47
CA ASP E 353 5.58 46.65 -16.41
C ASP E 353 6.15 46.47 -17.81
N VAL E 354 5.42 45.78 -18.68
CA VAL E 354 5.81 45.65 -20.08
C VAL E 354 5.07 46.70 -20.90
N LEU E 355 5.08 46.57 -22.22
CA LEU E 355 4.42 47.57 -23.04
C LEU E 355 2.94 47.61 -22.69
N PRO E 356 2.39 48.82 -22.51
CA PRO E 356 0.96 48.87 -22.18
C PRO E 356 0.10 48.26 -23.29
N GLY E 357 -0.92 47.51 -22.88
CA GLY E 357 -1.71 46.76 -23.82
C GLY E 357 -1.20 45.38 -24.14
N THR E 358 -0.11 44.93 -23.51
CA THR E 358 0.47 43.64 -23.85
C THR E 358 0.64 42.68 -22.70
N ALA E 359 0.21 43.02 -21.47
CA ALA E 359 0.52 42.14 -20.34
C ALA E 359 -0.21 40.81 -20.44
N ARG E 360 -1.51 40.84 -20.74
CA ARG E 360 -2.25 39.59 -20.87
C ARG E 360 -1.66 38.73 -21.98
N ARG E 361 -1.36 39.34 -23.13
CA ARG E 361 -0.77 38.62 -24.25
C ARG E 361 0.56 38.00 -23.87
N THR E 362 1.41 38.74 -23.16
CA THR E 362 2.68 38.19 -22.71
C THR E 362 2.49 36.95 -21.82
N VAL E 363 1.56 37.01 -20.86
CA VAL E 363 1.29 35.88 -19.95
C VAL E 363 0.79 34.67 -20.73
N ALA E 364 -0.07 34.91 -21.71
CA ALA E 364 -0.55 33.80 -22.53
C ALA E 364 0.60 33.18 -23.33
N LEU E 365 1.46 34.01 -23.91
CA LEU E 365 2.62 33.50 -24.63
C LEU E 365 3.53 32.65 -23.74
N ALA E 366 3.81 33.13 -22.53
CA ALA E 366 4.63 32.37 -21.60
C ALA E 366 3.96 31.05 -21.23
N LYS E 367 2.65 31.10 -20.96
CA LYS E 367 1.92 29.89 -20.61
C LYS E 367 2.00 28.84 -21.71
N ASP E 368 2.01 29.28 -22.97
CA ASP E 368 2.00 28.32 -24.07
C ASP E 368 3.35 27.70 -24.33
N VAL E 369 4.42 28.14 -23.67
CA VAL E 369 5.71 27.45 -23.72
C VAL E 369 6.08 26.88 -22.35
N GLY E 370 5.10 26.78 -21.47
CA GLY E 370 5.30 26.09 -20.21
C GLY E 370 5.91 26.90 -19.10
N ILE E 371 5.80 28.22 -19.15
CA ILE E 371 6.26 29.12 -18.09
C ILE E 371 4.99 29.74 -17.51
N ALA E 372 4.67 29.37 -16.27
CA ALA E 372 3.50 29.92 -15.62
C ALA E 372 3.81 31.28 -15.01
N VAL E 373 3.01 32.27 -15.37
CA VAL E 373 3.22 33.64 -14.95
C VAL E 373 1.90 34.12 -14.35
N THR E 374 1.99 34.92 -13.30
CA THR E 374 0.81 35.35 -12.61
C THR E 374 -0.08 36.09 -13.61
N GLU E 375 -1.38 35.83 -13.54
CA GLU E 375 -2.28 36.30 -14.58
C GLU E 375 -2.41 37.82 -14.55
N ALA E 376 -2.55 38.41 -15.73
CA ALA E 376 -2.58 39.87 -15.85
C ALA E 376 -3.67 40.46 -14.98
N GLY E 377 -3.35 41.55 -14.31
CA GLY E 377 -4.34 42.20 -13.48
C GLY E 377 -4.43 41.65 -12.08
N ALA E 378 -3.66 40.59 -11.78
CA ALA E 378 -3.80 39.91 -10.49
C ALA E 378 -3.56 40.85 -9.31
N SER E 379 -2.75 41.89 -9.50
CA SER E 379 -2.43 42.80 -8.42
C SER E 379 -3.38 43.98 -8.35
N PHE E 380 -4.54 43.88 -8.98
CA PHE E 380 -5.47 44.98 -9.02
C PHE E 380 -6.81 44.46 -8.55
N PRO E 381 -7.61 45.29 -7.88
CA PRO E 381 -8.97 44.87 -7.53
C PRO E 381 -9.72 44.46 -8.78
N TYR E 382 -10.48 43.37 -8.67
CA TYR E 382 -11.28 42.82 -9.77
C TYR E 382 -10.41 42.35 -10.93
N ARG E 383 -9.10 42.20 -10.70
CA ARG E 383 -8.14 41.85 -11.74
C ARG E 383 -8.14 42.82 -12.91
N LYS E 384 -8.49 44.09 -12.69
CA LYS E 384 -8.53 45.08 -13.77
C LYS E 384 -7.29 46.00 -13.67
N ASP E 385 -6.25 45.67 -14.43
CA ASP E 385 -5.12 46.56 -14.69
C ASP E 385 -5.53 47.44 -15.86
N PRO E 386 -5.85 48.73 -15.64
CA PRO E 386 -6.37 49.56 -16.74
C PRO E 386 -5.37 49.81 -17.86
N ASP E 387 -4.08 49.59 -17.63
CA ASP E 387 -3.09 49.81 -18.66
C ASP E 387 -2.62 48.51 -19.30
N ASP E 388 -3.09 47.36 -18.79
CA ASP E 388 -2.71 46.02 -19.28
C ASP E 388 -1.20 45.96 -19.50
N LYS E 389 -0.47 46.30 -18.45
CA LYS E 389 0.98 46.37 -18.48
C LYS E 389 1.68 45.62 -17.36
N ASN E 390 1.03 45.38 -16.22
CA ASN E 390 1.71 44.89 -15.02
C ASN E 390 1.80 43.37 -15.00
N ILE E 391 2.98 42.86 -14.72
CA ILE E 391 3.24 41.46 -14.49
C ILE E 391 4.00 41.31 -13.18
N ARG E 392 3.60 40.33 -12.37
CA ARG E 392 4.25 40.04 -11.10
C ARG E 392 5.19 38.85 -11.25
N ILE E 393 6.40 38.99 -10.74
CA ILE E 393 7.38 37.91 -10.74
C ILE E 393 7.64 37.47 -9.30
N ALA E 394 7.54 36.16 -9.07
CA ALA E 394 7.82 35.57 -7.76
C ALA E 394 9.13 34.79 -7.81
N PRO E 395 10.25 35.35 -7.36
CA PRO E 395 11.55 34.66 -7.52
C PRO E 395 11.91 33.62 -6.46
N SER E 396 11.16 33.50 -5.37
CA SER E 396 11.68 32.79 -4.20
C SER E 396 11.80 31.28 -4.40
N PHE E 397 10.84 30.67 -5.08
CA PHE E 397 10.74 29.22 -5.01
C PHE E 397 11.68 28.45 -5.92
N PRO E 398 11.78 28.77 -7.22
CA PRO E 398 12.59 27.94 -8.11
C PRO E 398 14.07 28.02 -7.84
N SER E 399 14.77 26.99 -8.30
CA SER E 399 16.22 27.02 -8.25
C SER E 399 16.73 28.14 -9.15
N VAL E 400 17.96 28.59 -8.91
CA VAL E 400 18.54 29.64 -9.77
C VAL E 400 18.52 29.23 -11.27
N PRO E 401 18.90 27.98 -11.64
CA PRO E 401 18.89 27.68 -13.10
C PRO E 401 17.51 27.73 -13.72
N ASP E 402 16.50 27.26 -12.96
CA ASP E 402 15.12 27.31 -13.41
C ASP E 402 14.64 28.74 -13.48
N LEU E 403 15.08 29.55 -12.52
CA LEU E 403 14.65 30.95 -12.48
C LEU E 403 15.19 31.68 -13.71
N ARG E 404 16.45 31.40 -14.08
CA ARG E 404 17.04 32.00 -15.27
C ARG E 404 16.26 31.66 -16.53
N ASN E 405 15.94 30.36 -16.70
CA ASN E 405 15.21 29.95 -17.88
C ASN E 405 13.83 30.59 -17.91
N ALA E 406 13.18 30.68 -16.74
CA ALA E 406 11.82 31.20 -16.71
C ALA E 406 11.79 32.69 -17.03
N VAL E 407 12.69 33.46 -16.42
CA VAL E 407 12.66 34.91 -16.67
C VAL E 407 13.15 35.20 -18.08
N ASP E 408 14.13 34.44 -18.58
CA ASP E 408 14.54 34.67 -19.96
C ASP E 408 13.42 34.33 -20.94
N GLY E 409 12.64 33.27 -20.65
CA GLY E 409 11.50 32.97 -21.50
C GLY E 409 10.47 34.06 -21.43
N LEU E 410 10.18 34.53 -20.21
CA LEU E 410 9.23 35.62 -20.01
C LEU E 410 9.63 36.85 -20.82
N ALA E 411 10.92 37.18 -20.80
CA ALA E 411 11.43 38.32 -21.57
C ALA E 411 11.22 38.16 -23.06
N THR E 412 11.55 36.98 -23.61
CA THR E 412 11.29 36.72 -25.00
C THR E 412 9.83 36.92 -25.34
N CYS E 413 8.93 36.41 -24.49
CA CYS E 413 7.50 36.57 -24.75
C CYS E 413 7.09 38.03 -24.70
N ALA E 414 7.65 38.80 -23.77
CA ALA E 414 7.28 40.21 -23.65
C ALA E 414 7.72 41.00 -24.89
N LEU E 415 8.91 40.69 -25.39
CA LEU E 415 9.42 41.35 -26.60
C LEU E 415 8.55 41.02 -27.79
N LEU E 416 8.17 39.74 -27.94
CA LEU E 416 7.33 39.33 -29.04
C LEU E 416 5.94 39.97 -28.96
N ALA E 417 5.36 40.03 -27.76
CA ALA E 417 4.08 40.69 -27.56
C ALA E 417 4.14 42.17 -27.92
N ALA E 418 5.27 42.81 -27.62
CA ALA E 418 5.48 44.23 -27.92
C ALA E 418 5.49 44.48 -29.42
N THR E 419 6.28 43.70 -30.16
CA THR E 419 6.37 43.92 -31.61
C THR E 419 5.02 43.68 -32.27
N GLU E 420 4.26 42.67 -31.80
CA GLU E 420 2.93 42.43 -32.32
C GLU E 420 2.06 43.68 -32.23
N THR E 421 2.08 44.33 -31.07
CA THR E 421 1.23 45.49 -30.82
C THR E 421 1.69 46.68 -31.65
N LEU E 422 3.01 46.85 -31.76
CA LEU E 422 3.59 47.90 -32.58
C LEU E 422 3.15 47.78 -34.05
N LEU E 423 3.12 46.56 -34.59
CA LEU E 423 2.72 46.45 -35.98
C LEU E 423 1.23 46.76 -36.17
N ASN E 424 0.44 46.87 -35.11
CA ASN E 424 -0.91 47.44 -35.20
C ASN E 424 -0.95 48.84 -34.62
N PHE F 3 33.45 12.40 46.22
CA PHE F 3 32.90 11.04 46.36
C PHE F 3 33.79 10.05 47.13
N ASP F 4 35.11 10.09 46.89
CA ASP F 4 35.97 9.04 47.42
C ASP F 4 36.34 9.29 48.88
N SER F 5 36.63 10.53 49.27
CA SER F 5 36.82 10.89 50.68
C SER F 5 35.45 11.16 51.30
N LEU F 6 34.66 10.10 51.39
CA LEU F 6 33.29 10.17 51.86
C LEU F 6 33.15 9.28 53.09
N SER F 7 32.49 9.80 54.12
CA SER F 7 32.15 8.98 55.27
C SER F 7 31.10 7.94 54.87
N PRO F 8 31.11 6.76 55.50
CA PRO F 8 30.10 5.73 55.17
C PRO F 8 28.67 6.21 55.29
N GLN F 9 28.36 7.02 56.32
CA GLN F 9 27.03 7.61 56.44
C GLN F 9 26.69 8.49 55.27
N GLU F 10 27.64 9.30 54.83
CA GLU F 10 27.45 10.18 53.71
C GLU F 10 27.28 9.41 52.40
N LEU F 11 28.01 8.30 52.24
CA LEU F 11 27.84 7.45 51.06
C LEU F 11 26.45 6.82 51.00
N ALA F 12 25.90 6.39 52.13
CA ALA F 12 24.55 5.82 52.08
C ALA F 12 23.50 6.87 51.73
N ALA F 13 23.64 8.08 52.28
CA ALA F 13 22.73 9.16 51.92
C ALA F 13 22.88 9.61 50.48
N LEU F 14 24.13 9.73 50.00
CA LEU F 14 24.36 10.07 48.60
C LEU F 14 23.80 9.01 47.67
N HIS F 15 24.03 7.74 47.99
CA HIS F 15 23.48 6.64 47.20
C HIS F 15 21.96 6.71 47.14
N ALA F 16 21.33 7.04 48.27
CA ALA F 16 19.88 7.16 48.31
C ALA F 16 19.36 8.26 47.40
N ARG F 17 20.06 9.40 47.34
CA ARG F 17 19.62 10.49 46.48
C ARG F 17 19.71 10.11 45.02
N HIS F 18 20.83 9.48 44.65
CA HIS F 18 20.99 8.92 43.32
C HIS F 18 19.89 7.92 43.00
N GLN F 19 19.54 7.06 43.97
CA GLN F 19 18.48 6.09 43.73
C GLN F 19 17.14 6.75 43.43
N GLN F 20 16.83 7.83 44.15
CA GLN F 20 15.58 8.53 43.94
C GLN F 20 15.62 9.32 42.64
N ASP F 21 16.77 9.96 42.34
CA ASP F 21 16.92 10.61 41.04
C ASP F 21 16.65 9.62 39.90
N TYR F 22 17.11 8.37 40.07
CA TYR F 22 16.94 7.36 39.03
C TYR F 22 15.49 6.89 38.91
N ALA F 23 14.79 6.76 40.05
CA ALA F 23 13.37 6.39 40.03
C ALA F 23 12.54 7.39 39.26
N ALA F 24 12.81 8.69 39.46
CA ALA F 24 12.10 9.72 38.72
C ALA F 24 12.37 9.55 37.23
N LEU F 25 13.62 9.33 36.90
CA LEU F 25 14.04 9.07 35.52
C LEU F 25 13.24 7.90 34.94
N GLN F 26 13.03 6.82 35.70
CA GLN F 26 12.25 5.70 35.16
C GLN F 26 10.82 6.13 34.83
N GLY F 27 10.25 7.00 35.65
CA GLY F 27 8.91 7.52 35.43
C GLY F 27 8.66 8.38 34.21
N MET F 28 9.70 8.66 33.42
CA MET F 28 9.66 9.71 32.41
C MET F 28 9.51 9.18 30.99
N LYS F 29 9.30 7.88 30.84
CA LYS F 29 8.98 7.24 29.58
C LYS F 29 9.97 7.71 28.52
N LEU F 30 11.27 7.58 28.75
CA LEU F 30 12.17 8.16 27.75
C LEU F 30 12.40 7.20 26.57
N ALA F 31 12.82 7.79 25.46
CA ALA F 31 13.25 7.02 24.31
C ALA F 31 14.42 7.75 23.64
N LEU F 32 15.63 7.66 24.21
CA LEU F 32 16.71 8.46 23.67
C LEU F 32 17.88 7.58 23.25
N ASP F 33 18.76 8.13 22.41
CA ASP F 33 19.82 7.33 21.81
C ASP F 33 21.01 8.24 21.59
N LEU F 34 22.17 7.83 22.13
CA LEU F 34 23.43 8.55 22.02
C LEU F 34 24.51 7.72 21.33
N THR F 35 24.12 6.75 20.52
CA THR F 35 25.06 5.81 19.97
C THR F 35 25.39 6.12 18.52
N ARG F 36 24.61 6.99 17.86
CA ARG F 36 24.68 7.11 16.40
C ARG F 36 25.67 8.20 15.99
N GLY F 37 26.81 7.77 15.49
CA GLY F 37 27.84 8.66 14.99
C GLY F 37 27.53 9.10 13.57
N LYS F 38 26.36 9.65 13.32
CA LYS F 38 25.99 10.03 11.97
C LYS F 38 25.54 11.48 11.93
N PRO F 39 25.66 12.15 10.78
CA PRO F 39 25.26 13.55 10.71
C PRO F 39 23.77 13.68 11.00
N SER F 40 23.38 14.80 11.59
CA SER F 40 21.95 15.00 11.78
C SER F 40 21.32 15.32 10.43
N ALA F 41 19.99 15.21 10.37
CA ALA F 41 19.24 15.64 9.19
C ALA F 41 19.55 17.10 8.84
N GLU F 42 19.69 17.95 9.86
CA GLU F 42 20.06 19.33 9.62
C GLU F 42 21.41 19.46 8.90
N GLN F 43 22.39 18.64 9.28
CA GLN F 43 23.66 18.65 8.53
C GLN F 43 23.46 18.16 7.11
N LEU F 44 22.67 17.10 6.93
CA LEU F 44 22.47 16.56 5.59
C LEU F 44 21.77 17.59 4.70
N ASP F 45 20.83 18.36 5.28
CA ASP F 45 20.13 19.41 4.54
C ASP F 45 21.11 20.38 3.89
N LEU F 46 22.28 20.57 4.50
CA LEU F 46 23.28 21.44 3.88
C LEU F 46 23.67 21.04 2.48
N SER F 47 23.52 19.75 2.16
CA SER F 47 23.92 19.20 0.87
C SER F 47 22.77 18.78 -0.04
N ASN F 48 21.54 19.25 0.22
CA ASN F 48 20.41 18.80 -0.60
C ASN F 48 20.54 19.16 -2.07
N GLN F 49 21.34 20.17 -2.39
CA GLN F 49 21.62 20.51 -3.77
C GLN F 49 22.14 19.30 -4.55
N LEU F 50 22.87 18.38 -3.89
CA LEU F 50 23.37 17.20 -4.59
C LEU F 50 22.24 16.38 -5.20
N LEU F 51 21.05 16.46 -4.61
CA LEU F 51 19.94 15.63 -5.07
C LEU F 51 19.47 16.05 -6.46
N SER F 52 19.90 17.22 -6.93
CA SER F 52 19.53 17.75 -8.23
C SER F 52 20.71 17.83 -9.20
N LEU F 53 21.89 17.38 -8.80
CA LEU F 53 23.11 17.53 -9.59
C LEU F 53 23.48 16.20 -10.20
N PRO F 54 24.23 16.19 -11.32
CA PRO F 54 24.86 17.33 -12.01
C PRO F 54 23.98 18.05 -13.03
N GLY F 55 22.75 17.56 -13.25
CA GLY F 55 21.92 18.13 -14.30
C GLY F 55 22.38 17.68 -15.69
N ASP F 56 21.98 18.46 -16.71
CA ASP F 56 22.18 18.03 -18.10
C ASP F 56 23.64 17.82 -18.47
N ASP F 57 24.55 18.57 -17.89
CA ASP F 57 25.94 18.46 -18.31
C ASP F 57 26.65 17.34 -17.53
N TYR F 58 26.77 16.17 -18.17
CA TYR F 58 27.32 14.95 -17.59
C TYR F 58 28.83 14.80 -17.80
N ARG F 59 29.48 15.81 -18.39
CA ARG F 59 30.91 15.78 -18.67
C ARG F 59 31.72 16.49 -17.61
N ASP F 60 32.86 15.92 -17.26
CA ASP F 60 33.76 16.61 -16.35
C ASP F 60 34.54 17.64 -17.17
N PRO F 61 35.39 18.44 -16.52
CA PRO F 61 36.14 19.46 -17.29
C PRO F 61 37.04 18.89 -18.38
N GLU F 62 37.54 17.66 -18.24
CA GLU F 62 38.34 17.07 -19.31
C GLU F 62 37.49 16.53 -20.45
N GLY F 63 36.17 16.70 -20.41
CA GLY F 63 35.34 16.16 -21.46
C GLY F 63 34.91 14.71 -21.28
N THR F 64 35.26 14.05 -20.17
CA THR F 64 34.85 12.67 -19.98
C THR F 64 33.33 12.55 -19.80
N ASP F 65 32.72 11.68 -20.59
CA ASP F 65 31.33 11.30 -20.40
C ASP F 65 31.24 10.42 -19.14
N THR F 66 30.75 11.00 -18.04
CA THR F 66 30.75 10.28 -16.77
C THR F 66 29.73 9.16 -16.72
N ARG F 67 28.81 9.10 -17.69
CA ARG F 67 27.75 8.10 -17.71
C ARG F 67 28.21 6.74 -18.23
N ASN F 68 29.45 6.63 -18.76
CA ASN F 68 29.88 5.42 -19.44
C ASN F 68 31.06 4.78 -18.73
N TYR F 69 31.32 3.52 -19.08
CA TYR F 69 32.39 2.75 -18.46
C TYR F 69 33.76 3.38 -18.64
N GLY F 70 34.64 3.13 -17.66
CA GLY F 70 36.05 3.41 -17.84
C GLY F 70 36.65 4.32 -16.79
N GLY F 71 37.91 4.07 -16.43
CA GLY F 71 38.64 4.98 -15.57
C GLY F 71 38.67 4.54 -14.12
N GLN F 72 39.80 4.00 -13.68
CA GLN F 72 39.91 3.50 -12.32
C GLN F 72 40.30 4.55 -11.29
N HIS F 73 40.92 5.68 -11.70
CA HIS F 73 41.48 6.62 -10.74
C HIS F 73 40.45 7.58 -10.16
N GLY F 74 39.33 7.78 -10.82
CA GLY F 74 38.41 8.83 -10.42
C GLY F 74 38.68 10.14 -11.14
N LEU F 75 37.73 11.06 -11.01
CA LEU F 75 37.78 12.30 -11.77
C LEU F 75 38.92 13.17 -11.29
N PRO F 76 39.82 13.61 -12.17
CA PRO F 76 40.97 14.41 -11.71
C PRO F 76 40.57 15.70 -11.02
N GLY F 77 39.46 16.32 -11.42
CA GLY F 77 39.11 17.60 -10.83
C GLY F 77 38.69 17.47 -9.38
N LEU F 78 37.98 16.39 -9.03
CA LEU F 78 37.60 16.17 -7.64
C LEU F 78 38.79 15.72 -6.82
N ARG F 79 39.60 14.82 -7.37
CA ARG F 79 40.83 14.45 -6.70
C ARG F 79 41.69 15.68 -6.45
N ALA F 80 41.68 16.63 -7.38
CA ALA F 80 42.47 17.86 -7.20
C ALA F 80 41.99 18.66 -5.99
N ILE F 81 40.70 18.64 -5.70
CA ILE F 81 40.20 19.38 -4.54
C ILE F 81 40.73 18.77 -3.26
N PHE F 82 40.58 17.46 -3.12
CA PHE F 82 41.02 16.76 -1.93
C PHE F 82 42.53 16.59 -1.87
N ALA F 83 43.20 16.64 -3.02
CA ALA F 83 44.66 16.69 -3.03
C ALA F 83 45.19 17.90 -2.27
N GLU F 84 44.59 19.07 -2.50
CA GLU F 84 44.95 20.27 -1.76
C GLU F 84 44.62 20.16 -0.28
N LEU F 85 43.42 19.67 0.04
CA LEU F 85 43.02 19.56 1.44
C LEU F 85 43.90 18.59 2.21
N LEU F 86 44.32 17.51 1.57
CA LEU F 86 45.09 16.47 2.25
C LEU F 86 46.60 16.69 2.09
N GLY F 87 47.03 17.54 1.16
CA GLY F 87 48.46 17.69 0.86
C GLY F 87 49.06 16.47 0.18
N ILE F 88 48.36 15.91 -0.79
CA ILE F 88 48.79 14.72 -1.53
C ILE F 88 48.67 15.00 -3.01
N ALA F 89 49.70 14.69 -3.80
CA ALA F 89 49.60 15.00 -5.22
C ALA F 89 48.51 14.18 -5.91
N VAL F 90 47.90 14.80 -6.95
CA VAL F 90 46.81 14.15 -7.68
C VAL F 90 47.15 12.73 -8.15
N PRO F 91 48.31 12.45 -8.75
CA PRO F 91 48.62 11.06 -9.14
C PRO F 91 48.71 10.10 -7.97
N ASN F 92 48.86 10.60 -6.74
CA ASN F 92 48.94 9.74 -5.56
C ASN F 92 47.59 9.55 -4.87
N LEU F 93 46.50 10.03 -5.46
CA LEU F 93 45.20 10.01 -4.83
C LEU F 93 44.20 9.52 -5.87
N ILE F 94 43.38 8.54 -5.49
CA ILE F 94 42.28 8.08 -6.33
C ILE F 94 40.97 8.30 -5.57
N ALA F 95 39.87 8.38 -6.33
CA ALA F 95 38.53 8.52 -5.77
C ALA F 95 37.71 7.26 -6.09
N GLY F 96 37.04 6.74 -5.06
CA GLY F 96 36.28 5.52 -5.15
C GLY F 96 34.79 5.74 -5.08
N ASN F 97 34.08 4.76 -4.49
CA ASN F 97 32.64 4.83 -4.30
C ASN F 97 32.27 5.40 -2.94
N ASN F 98 31.23 4.89 -2.32
CA ASN F 98 30.59 5.56 -1.20
C ASN F 98 31.16 5.20 0.16
N SER F 99 32.27 4.46 0.21
CA SER F 99 32.76 3.92 1.47
C SER F 99 34.28 3.93 1.48
N SER F 100 34.87 4.70 2.39
CA SER F 100 36.29 4.58 2.65
C SER F 100 36.61 3.28 3.37
N LEU F 101 35.68 2.80 4.20
CA LEU F 101 35.84 1.52 4.88
C LEU F 101 36.07 0.39 3.88
N GLU F 102 35.36 0.43 2.77
CA GLU F 102 35.50 -0.62 1.75
C GLU F 102 36.89 -0.63 1.12
N LEU F 103 37.50 0.55 0.94
CA LEU F 103 38.88 0.62 0.45
C LEU F 103 39.82 -0.03 1.45
N MET F 104 39.64 0.30 2.74
CA MET F 104 40.46 -0.27 3.82
C MET F 104 40.32 -1.77 3.86
N HIS F 105 39.08 -2.26 3.81
CA HIS F 105 38.82 -3.69 3.80
C HIS F 105 39.49 -4.38 2.62
N ASP F 106 39.34 -3.83 1.41
CA ASP F 106 39.89 -4.48 0.23
C ASP F 106 41.41 -4.51 0.29
N ILE F 107 42.03 -3.45 0.83
CA ILE F 107 43.48 -3.47 0.96
C ILE F 107 43.93 -4.59 1.91
N VAL F 108 43.24 -4.78 3.05
CA VAL F 108 43.58 -5.90 3.92
C VAL F 108 43.37 -7.23 3.20
N ALA F 109 42.23 -7.38 2.52
CA ALA F 109 41.97 -8.59 1.73
C ALA F 109 43.02 -8.81 0.64
N PHE F 110 43.42 -7.76 -0.08
CA PHE F 110 44.47 -7.93 -1.08
C PHE F 110 45.77 -8.35 -0.41
N SER F 111 46.09 -7.75 0.75
CA SER F 111 47.32 -8.10 1.47
C SER F 111 47.32 -9.55 1.92
N MET F 112 46.18 -10.06 2.39
CA MET F 112 46.07 -11.47 2.75
C MET F 112 46.27 -12.40 1.56
N LEU F 113 45.56 -12.13 0.46
CA LEU F 113 45.54 -13.06 -0.67
C LEU F 113 46.76 -12.94 -1.57
N TYR F 114 47.23 -11.71 -1.80
CA TYR F 114 48.27 -11.42 -2.76
C TYR F 114 49.55 -10.90 -2.15
N GLY F 115 49.50 -10.36 -0.93
CA GLY F 115 50.61 -9.60 -0.39
C GLY F 115 50.61 -8.16 -0.89
N GLY F 116 51.28 -7.30 -0.14
CA GLY F 116 51.45 -5.93 -0.59
C GLY F 116 52.50 -5.82 -1.68
N VAL F 117 52.73 -4.57 -2.09
CA VAL F 117 53.56 -4.32 -3.26
C VAL F 117 54.98 -4.85 -3.05
N ASP F 118 55.44 -4.94 -1.81
CA ASP F 118 56.80 -5.36 -1.52
C ASP F 118 56.83 -6.44 -0.45
N SER F 119 55.75 -7.23 -0.33
CA SER F 119 55.69 -8.32 0.63
C SER F 119 56.51 -9.52 0.16
N PRO F 120 57.15 -10.25 1.08
CA PRO F 120 57.80 -11.52 0.68
C PRO F 120 56.80 -12.59 0.25
N ARG F 121 55.58 -12.55 0.75
CA ARG F 121 54.56 -13.53 0.40
C ARG F 121 53.21 -12.98 0.85
N PRO F 122 52.11 -13.50 0.30
CA PRO F 122 50.80 -13.15 0.81
C PRO F 122 50.71 -13.41 2.30
N TRP F 123 50.00 -12.53 3.03
CA TRP F 123 49.93 -12.65 4.49
C TRP F 123 49.27 -13.95 4.90
N ILE F 124 48.38 -14.48 4.06
CA ILE F 124 47.69 -15.72 4.38
C ILE F 124 48.68 -16.88 4.52
N GLN F 125 49.82 -16.78 3.86
CA GLN F 125 50.83 -17.81 3.84
C GLN F 125 51.77 -17.72 5.02
N GLU F 126 51.58 -16.75 5.92
CA GLU F 126 52.43 -16.60 7.08
C GLU F 126 52.05 -17.62 8.14
N GLN F 127 52.92 -18.61 8.30
CA GLN F 127 52.65 -19.74 9.19
C GLN F 127 52.55 -19.31 10.65
N ASP F 128 53.21 -18.22 11.05
CA ASP F 128 53.06 -17.70 12.40
C ASP F 128 52.00 -16.60 12.55
N GLY F 129 51.17 -16.35 11.53
CA GLY F 129 50.04 -15.45 11.72
C GLY F 129 50.41 -13.99 11.55
N ILE F 130 49.38 -13.15 11.66
CA ILE F 130 49.42 -11.71 11.34
C ILE F 130 48.85 -10.94 12.53
N LYS F 131 49.46 -9.79 12.84
CA LYS F 131 49.04 -8.94 13.96
C LYS F 131 48.94 -7.48 13.53
N PHE F 132 47.96 -6.74 14.09
CA PHE F 132 47.87 -5.29 13.93
C PHE F 132 47.90 -4.61 15.29
N LEU F 133 48.58 -3.46 15.34
CA LEU F 133 48.55 -2.58 16.51
C LEU F 133 47.32 -1.69 16.49
N CYS F 134 46.65 -1.58 17.64
CA CYS F 134 45.40 -0.84 17.71
C CYS F 134 45.43 0.19 18.83
N PRO F 135 45.74 1.45 18.55
CA PRO F 135 45.58 2.49 19.56
C PRO F 135 44.14 2.56 20.07
N VAL F 136 43.99 2.60 21.39
CA VAL F 136 42.67 2.64 22.01
C VAL F 136 42.52 3.82 22.97
N PRO F 137 41.30 4.33 23.19
CA PRO F 137 40.11 3.85 22.45
C PRO F 137 40.18 4.18 20.94
N GLY F 138 39.64 3.28 20.11
CA GLY F 138 39.72 3.43 18.67
C GLY F 138 38.43 3.05 17.96
N TYR F 139 38.51 2.87 16.64
CA TYR F 139 37.32 2.75 15.79
C TYR F 139 36.97 1.28 15.63
N ASP F 140 35.80 0.89 16.12
CA ASP F 140 35.41 -0.52 16.12
C ASP F 140 35.31 -1.11 14.73
N ARG F 141 34.94 -0.33 13.70
CA ARG F 141 34.88 -0.94 12.38
C ARG F 141 36.26 -1.21 11.79
N HIS F 142 37.30 -0.49 12.21
CA HIS F 142 38.64 -0.94 11.90
C HIS F 142 38.88 -2.31 12.51
N PHE F 143 38.56 -2.45 13.80
CA PHE F 143 38.83 -3.71 14.50
C PHE F 143 38.04 -4.89 13.91
N ALA F 144 36.82 -4.62 13.41
CA ALA F 144 36.01 -5.70 12.82
C ALA F 144 36.68 -6.27 11.57
N ILE F 145 37.41 -5.44 10.83
CA ILE F 145 38.07 -5.93 9.64
C ILE F 145 39.17 -6.91 10.03
N THR F 146 40.05 -6.50 10.96
CA THR F 146 41.14 -7.40 11.33
C THR F 146 40.58 -8.62 12.05
N GLU F 147 39.54 -8.42 12.86
CA GLU F 147 38.97 -9.55 13.59
C GLU F 147 38.41 -10.58 12.61
N THR F 148 37.71 -10.13 11.58
CA THR F 148 37.04 -11.05 10.66
C THR F 148 38.06 -11.80 9.81
N MET F 149 39.21 -11.19 9.56
CA MET F 149 40.27 -11.82 8.77
C MET F 149 41.14 -12.78 9.60
N GLY F 150 40.94 -12.82 10.91
CA GLY F 150 41.75 -13.65 11.77
C GLY F 150 43.08 -13.00 12.09
N ILE F 151 43.15 -11.67 12.03
CA ILE F 151 44.37 -10.91 12.31
C ILE F 151 44.34 -10.49 13.77
N GLU F 152 45.35 -10.90 14.53
CA GLU F 152 45.36 -10.61 15.96
C GLU F 152 45.55 -9.11 16.20
N MET F 153 44.82 -8.58 17.19
CA MET F 153 44.90 -7.18 17.55
C MET F 153 45.57 -6.94 18.89
N ILE F 154 46.55 -6.04 18.91
CA ILE F 154 47.26 -5.69 20.14
C ILE F 154 46.89 -4.26 20.50
N PRO F 155 46.23 -4.02 21.62
CA PRO F 155 45.80 -2.65 21.96
C PRO F 155 46.98 -1.80 22.44
N ILE F 156 46.98 -0.52 22.05
CA ILE F 156 48.05 0.40 22.45
C ILE F 156 47.43 1.63 23.11
N PRO F 157 47.87 2.03 24.31
CA PRO F 157 47.36 3.25 24.94
C PRO F 157 47.55 4.49 24.08
N MET F 158 46.55 5.36 24.11
CA MET F 158 46.58 6.65 23.44
C MET F 158 47.12 7.70 24.42
N LEU F 159 47.97 8.60 23.94
CA LEU F 159 48.44 9.73 24.72
C LEU F 159 47.90 11.05 24.12
N GLN F 160 48.40 12.18 24.62
CA GLN F 160 47.79 13.46 24.26
C GLN F 160 48.13 13.89 22.83
N ASP F 161 49.27 13.46 22.29
CA ASP F 161 49.62 13.84 20.92
C ASP F 161 49.82 12.65 20.01
N GLY F 162 49.24 11.49 20.35
CA GLY F 162 49.38 10.31 19.54
C GLY F 162 49.33 9.05 20.38
N PRO F 163 49.50 7.91 19.75
CA PRO F 163 49.60 6.67 20.52
C PRO F 163 50.91 6.57 21.28
N ASP F 164 51.07 5.47 22.02
CA ASP F 164 52.29 5.19 22.78
C ASP F 164 53.36 4.72 21.80
N VAL F 165 54.08 5.69 21.22
CA VAL F 165 55.05 5.34 20.18
C VAL F 165 56.25 4.54 20.72
N ASP F 166 56.69 4.80 21.97
CA ASP F 166 57.73 3.94 22.56
C ASP F 166 57.30 2.48 22.55
N LEU F 167 56.07 2.21 22.97
CA LEU F 167 55.64 0.83 23.01
C LEU F 167 55.51 0.30 21.60
N ILE F 168 54.94 1.10 20.69
CA ILE F 168 54.78 0.68 19.30
C ILE F 168 56.13 0.32 18.70
N GLU F 169 57.12 1.23 18.86
CA GLU F 169 58.48 1.03 18.33
C GLU F 169 59.11 -0.25 18.87
N GLU F 170 58.95 -0.52 20.16
CA GLU F 170 59.49 -1.76 20.71
C GLU F 170 58.84 -2.97 20.06
N LEU F 171 57.50 -2.99 20.00
CA LEU F 171 56.82 -4.18 19.48
C LEU F 171 57.19 -4.46 18.03
N VAL F 172 57.23 -3.44 17.16
CA VAL F 172 57.45 -3.70 15.74
C VAL F 172 58.89 -4.08 15.43
N ALA F 173 59.84 -3.73 16.30
CA ALA F 173 61.23 -4.06 16.04
C ALA F 173 61.49 -5.54 16.18
N VAL F 174 60.73 -6.26 16.99
CA VAL F 174 61.06 -7.66 17.26
C VAL F 174 60.02 -8.65 16.77
N ASP F 175 58.89 -8.21 16.20
CA ASP F 175 57.86 -9.20 15.86
C ASP F 175 57.50 -9.01 14.39
N PRO F 176 58.01 -9.88 13.51
CA PRO F 176 57.76 -9.70 12.07
C PRO F 176 56.34 -10.03 11.67
N ALA F 177 55.55 -10.58 12.61
CA ALA F 177 54.12 -10.85 12.38
C ALA F 177 53.30 -9.57 12.46
N ILE F 178 53.84 -8.49 13.01
CA ILE F 178 53.10 -7.23 13.09
C ILE F 178 53.19 -6.55 11.73
N LYS F 179 52.08 -6.56 10.98
CA LYS F 179 52.09 -6.07 9.61
C LYS F 179 51.48 -4.68 9.48
N GLY F 180 50.68 -4.25 10.46
CA GLY F 180 49.91 -3.03 10.32
C GLY F 180 49.56 -2.36 11.64
N MET F 181 49.13 -1.10 11.54
CA MET F 181 48.59 -0.36 12.67
C MET F 181 47.38 0.44 12.19
N TRP F 182 46.25 0.34 12.92
CA TRP F 182 45.11 1.20 12.66
C TRP F 182 45.34 2.58 13.28
N THR F 183 45.05 3.64 12.52
CA THR F 183 45.10 4.98 13.08
C THR F 183 43.95 5.84 12.56
N VAL F 184 43.58 6.82 13.37
CA VAL F 184 42.79 7.96 12.91
C VAL F 184 43.60 9.17 13.33
N PRO F 185 44.40 9.76 12.45
CA PRO F 185 45.49 10.65 12.91
C PRO F 185 45.06 12.08 13.18
N VAL F 186 43.81 12.44 12.86
CA VAL F 186 43.26 13.75 13.15
C VAL F 186 41.89 13.55 13.81
N PHE F 187 41.68 14.19 14.98
CA PHE F 187 40.42 14.07 15.71
C PHE F 187 39.95 12.62 15.82
N GLY F 188 40.81 11.80 16.41
CA GLY F 188 40.52 10.37 16.48
C GLY F 188 39.15 9.98 17.00
N ASN F 189 38.60 8.94 16.38
CA ASN F 189 37.34 8.34 16.82
C ASN F 189 37.67 7.24 17.83
N PRO F 190 37.39 7.43 19.12
CA PRO F 190 36.66 8.55 19.73
C PRO F 190 37.53 9.36 20.69
N SER F 191 38.85 9.13 20.73
CA SER F 191 39.70 9.83 21.69
C SER F 191 39.77 11.32 21.43
N GLY F 192 39.51 11.75 20.20
CA GLY F 192 39.68 13.12 19.76
C GLY F 192 41.12 13.56 19.58
N VAL F 193 42.06 12.65 19.77
CA VAL F 193 43.49 12.97 19.70
C VAL F 193 43.94 13.13 18.25
N THR F 194 44.72 14.18 18.01
CA THR F 194 45.37 14.44 16.73
C THR F 194 46.86 14.17 16.86
N TYR F 195 47.42 13.37 15.96
CA TYR F 195 48.83 12.99 16.05
C TYR F 195 49.71 14.20 15.76
N SER F 196 50.68 14.44 16.65
CA SER F 196 51.63 15.53 16.43
C SER F 196 52.56 15.22 15.28
N TRP F 197 53.16 16.27 14.74
CA TRP F 197 54.14 16.12 13.67
C TRP F 197 55.24 15.16 14.12
N GLU F 198 55.72 15.34 15.35
CA GLU F 198 56.80 14.50 15.83
C GLU F 198 56.37 13.04 15.93
N THR F 199 55.12 12.80 16.38
CA THR F 199 54.60 11.44 16.41
C THR F 199 54.60 10.81 15.03
N VAL F 200 54.15 11.56 14.03
CA VAL F 200 54.07 11.02 12.67
C VAL F 200 55.46 10.71 12.14
N ARG F 201 56.40 11.64 12.33
CA ARG F 201 57.78 11.39 11.89
C ARG F 201 58.32 10.08 12.49
N ARG F 202 58.09 9.87 13.79
CA ARG F 202 58.58 8.65 14.41
C ARG F 202 57.92 7.41 13.81
N LEU F 203 56.61 7.47 13.54
CA LEU F 203 55.93 6.28 13.00
C LEU F 203 56.40 5.92 11.59
N VAL F 204 56.77 6.89 10.77
CA VAL F 204 57.24 6.57 9.43
C VAL F 204 58.74 6.28 9.37
N GLN F 205 59.50 6.64 10.40
CA GLN F 205 60.94 6.34 10.42
C GLN F 205 61.30 5.07 11.18
N MET F 206 60.46 4.64 12.11
CA MET F 206 60.83 3.55 13.00
C MET F 206 61.13 2.28 12.23
N ARG F 207 61.95 1.43 12.84
CA ARG F 207 62.40 0.18 12.23
C ARG F 207 61.39 -0.91 12.52
N THR F 208 60.95 -1.62 11.49
CA THR F 208 59.96 -2.67 11.68
C THR F 208 60.54 -4.02 11.27
N ALA F 209 60.27 -5.03 12.08
CA ALA F 209 60.68 -6.38 11.73
C ALA F 209 60.03 -6.84 10.44
N ALA F 210 58.79 -6.44 10.20
CA ALA F 210 58.14 -6.75 8.94
C ALA F 210 58.52 -5.72 7.89
N PRO F 211 59.11 -6.12 6.76
CA PRO F 211 59.52 -5.13 5.74
C PRO F 211 58.34 -4.49 5.04
N ASP F 212 57.14 -5.02 5.22
CA ASP F 212 55.95 -4.57 4.52
C ASP F 212 54.90 -4.07 5.51
N PHE F 213 55.40 -3.59 6.65
CA PHE F 213 54.57 -2.99 7.66
C PHE F 213 53.85 -1.79 7.06
N ARG F 214 52.60 -1.61 7.45
CA ARG F 214 51.78 -0.53 6.90
C ARG F 214 51.10 0.26 8.01
N LEU F 215 51.09 1.57 7.84
CA LEU F 215 50.29 2.44 8.68
C LEU F 215 48.97 2.67 7.95
N PHE F 216 47.86 2.23 8.54
CA PHE F 216 46.55 2.49 7.97
C PHE F 216 46.12 3.84 8.51
N TRP F 217 46.30 4.84 7.66
CA TRP F 217 46.24 6.25 8.01
C TRP F 217 44.85 6.74 7.62
N ASP F 218 43.87 6.41 8.46
CA ASP F 218 42.46 6.66 8.17
C ASP F 218 42.11 8.08 8.59
N ASN F 219 42.32 9.03 7.69
CA ASN F 219 42.10 10.43 7.99
C ASN F 219 40.62 10.78 7.78
N ALA F 220 39.76 10.05 8.50
CA ALA F 220 38.30 10.23 8.38
C ALA F 220 37.83 11.64 8.75
N TYR F 221 38.55 12.36 9.63
CA TYR F 221 38.08 13.64 10.14
C TYR F 221 39.01 14.77 9.70
N ALA F 222 39.67 14.58 8.56
CA ALA F 222 40.73 15.48 8.11
C ALA F 222 40.35 16.95 8.15
N VAL F 223 39.13 17.28 7.78
CA VAL F 223 38.76 18.69 7.77
C VAL F 223 37.58 18.99 8.68
N HIS F 224 37.35 18.14 9.68
CA HIS F 224 36.08 18.08 10.41
C HIS F 224 36.24 18.77 11.76
N THR F 225 36.58 20.04 11.66
CA THR F 225 36.84 20.88 12.81
C THR F 225 35.58 21.26 13.57
N LEU F 226 35.72 21.40 14.90
CA LEU F 226 34.70 22.01 15.74
C LEU F 226 34.99 23.47 16.09
N THR F 227 36.04 24.06 15.52
CA THR F 227 36.35 25.47 15.73
C THR F 227 36.39 26.10 14.34
N LEU F 228 36.80 27.36 14.28
CA LEU F 228 36.89 28.02 13.00
C LEU F 228 38.24 27.80 12.31
N ASP F 229 39.10 26.93 12.81
CA ASP F 229 40.39 26.73 12.15
C ASP F 229 40.48 25.32 11.59
N PHE F 230 41.17 25.19 10.46
CA PHE F 230 41.35 23.82 10.03
C PHE F 230 42.73 23.33 10.41
N PRO F 231 42.84 22.06 10.83
CA PRO F 231 44.15 21.51 11.20
C PRO F 231 45.09 21.37 10.00
N ARG F 232 46.37 21.56 10.27
CA ARG F 232 47.40 21.37 9.26
C ARG F 232 47.68 19.88 9.10
N GLN F 233 47.67 19.41 7.85
CA GLN F 233 47.88 18.00 7.56
C GLN F 233 49.38 17.71 7.53
N VAL F 234 49.82 16.76 8.34
CA VAL F 234 51.21 16.33 8.29
C VAL F 234 51.43 15.55 7.00
N ASP F 235 52.56 15.81 6.35
CA ASP F 235 52.86 15.15 5.07
C ASP F 235 53.39 13.75 5.31
N VAL F 236 52.46 12.85 5.63
CA VAL F 236 52.83 11.49 6.00
C VAL F 236 53.50 10.77 4.82
N LEU F 237 53.01 11.00 3.60
CA LEU F 237 53.60 10.32 2.46
C LEU F 237 55.00 10.85 2.16
N GLY F 238 55.17 12.18 2.28
CA GLY F 238 56.47 12.78 2.04
C GLY F 238 57.51 12.37 3.08
N LEU F 239 57.13 12.41 4.35
CA LEU F 239 58.04 12.03 5.43
C LEU F 239 58.44 10.58 5.29
N ALA F 240 57.47 9.72 4.95
CA ALA F 240 57.78 8.32 4.75
C ALA F 240 58.78 8.11 3.63
N ALA F 241 58.58 8.81 2.50
CA ALA F 241 59.54 8.69 1.40
C ALA F 241 60.94 9.15 1.82
N LYS F 242 61.01 10.26 2.56
CA LYS F 242 62.27 10.76 3.07
C LYS F 242 62.93 9.77 4.04
N ALA F 243 62.14 9.00 4.76
CA ALA F 243 62.67 7.99 5.67
C ALA F 243 63.07 6.70 4.97
N GLY F 244 62.81 6.60 3.66
CA GLY F 244 63.09 5.40 2.91
C GLY F 244 62.03 4.32 3.03
N ASN F 245 60.86 4.67 3.51
CA ASN F 245 59.74 3.74 3.62
C ASN F 245 58.54 4.35 2.90
N PRO F 246 58.70 4.74 1.62
CA PRO F 246 57.59 5.43 0.93
C PRO F 246 56.28 4.66 0.92
N ASN F 247 56.33 3.33 0.91
CA ASN F 247 55.13 2.50 0.83
C ASN F 247 54.42 2.32 2.17
N ARG F 248 55.00 2.82 3.26
CA ARG F 248 54.45 2.53 4.58
C ARG F 248 53.03 3.10 4.77
N PRO F 249 52.72 4.33 4.37
CA PRO F 249 51.37 4.82 4.67
C PRO F 249 50.34 4.54 3.58
N TYR F 250 49.15 4.12 4.03
CA TYR F 250 47.94 4.05 3.21
C TYR F 250 47.01 5.13 3.75
N VAL F 251 46.68 6.12 2.95
CA VAL F 251 45.87 7.23 3.42
C VAL F 251 44.43 7.07 2.94
N PHE F 252 43.46 7.30 3.85
CA PHE F 252 42.05 7.20 3.49
C PHE F 252 41.31 8.47 3.89
N ALA F 253 40.27 8.79 3.13
CA ALA F 253 39.38 9.90 3.45
C ALA F 253 38.02 9.64 2.81
N SER F 254 37.06 10.48 3.15
CA SER F 254 35.65 10.31 2.81
C SER F 254 34.90 11.62 2.87
N THR F 255 33.85 11.73 2.06
CA THR F 255 32.90 12.82 2.19
C THR F 255 31.63 12.40 2.92
N SER F 256 31.65 11.23 3.58
CA SER F 256 30.46 10.73 4.28
C SER F 256 29.96 11.73 5.33
N LYS F 257 30.87 12.41 6.02
CA LYS F 257 30.49 13.43 6.97
C LYS F 257 30.81 14.82 6.44
N ILE F 258 30.86 14.94 5.13
CA ILE F 258 30.92 16.21 4.43
C ILE F 258 29.62 16.45 3.64
N THR F 259 29.15 15.46 2.88
CA THR F 259 27.90 15.58 2.12
C THR F 259 26.86 14.64 2.68
N PHE F 260 26.75 13.41 2.15
CA PHE F 260 25.78 12.40 2.56
C PHE F 260 26.49 11.18 3.13
N ALA F 261 26.04 10.72 4.29
CA ALA F 261 26.66 9.55 4.91
C ALA F 261 26.19 8.30 4.17
N GLY F 262 27.09 7.68 3.42
CA GLY F 262 26.72 6.57 2.55
C GLY F 262 26.41 6.98 1.12
N GLY F 263 26.40 8.28 0.81
CA GLY F 263 26.17 8.72 -0.55
C GLY F 263 27.28 9.62 -1.05
N GLY F 264 28.44 9.56 -0.38
CA GLY F 264 29.57 10.42 -0.67
C GLY F 264 30.61 9.74 -1.54
N VAL F 265 31.85 10.24 -1.45
CA VAL F 265 32.96 9.74 -2.26
C VAL F 265 34.12 9.41 -1.32
N SER F 266 34.78 8.29 -1.57
CA SER F 266 35.93 7.87 -0.77
C SER F 266 37.23 8.22 -1.51
N PHE F 267 38.33 8.21 -0.77
CA PHE F 267 39.64 8.50 -1.32
C PHE F 267 40.72 7.57 -0.77
N PHE F 268 41.68 7.21 -1.61
CA PHE F 268 42.83 6.41 -1.16
C PHE F 268 44.08 7.11 -1.67
N GLY F 269 45.04 7.31 -0.77
CA GLY F 269 46.29 7.96 -1.12
C GLY F 269 47.47 7.13 -0.70
N GLY F 270 48.51 7.14 -1.53
CA GLY F 270 49.73 6.42 -1.24
C GLY F 270 50.78 6.77 -2.27
N SER F 271 51.91 6.08 -2.15
CA SER F 271 52.97 6.16 -3.16
C SER F 271 52.41 5.70 -4.51
N LEU F 272 53.09 6.13 -5.58
CA LEU F 272 52.73 5.65 -6.91
C LEU F 272 52.77 4.12 -7.00
N GLY F 273 53.71 3.49 -6.32
CA GLY F 273 53.74 2.04 -6.27
C GLY F 273 52.51 1.45 -5.61
N ASN F 274 52.08 2.04 -4.49
CA ASN F 274 50.88 1.56 -3.81
C ASN F 274 49.62 1.85 -4.63
N ILE F 275 49.56 3.00 -5.28
CA ILE F 275 48.41 3.25 -6.15
C ILE F 275 48.31 2.18 -7.22
N ALA F 276 49.42 1.90 -7.92
CA ALA F 276 49.41 0.88 -8.97
C ALA F 276 49.10 -0.50 -8.43
N TRP F 277 49.62 -0.83 -7.26
CA TRP F 277 49.33 -2.13 -6.64
C TRP F 277 47.85 -2.29 -6.35
N TYR F 278 47.24 -1.30 -5.70
CA TYR F 278 45.81 -1.34 -5.39
C TYR F 278 44.98 -1.47 -6.68
N LEU F 279 45.24 -0.62 -7.68
CA LEU F 279 44.42 -0.62 -8.90
C LEU F 279 44.57 -1.92 -9.69
N GLN F 280 45.72 -2.56 -9.64
CA GLN F 280 45.91 -3.84 -10.33
C GLN F 280 44.88 -4.84 -9.84
N TYR F 281 44.72 -4.92 -8.53
CA TYR F 281 43.79 -5.87 -7.97
C TYR F 281 42.37 -5.33 -7.93
N ALA F 282 42.19 -4.03 -7.73
CA ALA F 282 40.84 -3.46 -7.79
C ALA F 282 40.24 -3.61 -9.18
N GLY F 283 41.07 -3.62 -10.23
CA GLY F 283 40.58 -3.84 -11.57
C GLY F 283 40.03 -5.23 -11.83
N LYS F 284 40.34 -6.20 -10.96
CA LYS F 284 39.75 -7.53 -11.08
C LYS F 284 38.38 -7.59 -10.43
N LYS F 285 38.13 -6.67 -9.49
CA LYS F 285 36.89 -6.52 -8.74
C LYS F 285 35.86 -5.65 -9.48
N SER F 286 36.27 -4.52 -10.07
CA SER F 286 35.33 -3.58 -10.67
C SER F 286 35.91 -2.90 -11.91
N ILE F 287 35.04 -2.61 -12.87
CA ILE F 287 35.42 -1.80 -14.01
C ILE F 287 35.82 -0.40 -13.57
N GLY F 288 35.28 0.07 -12.46
CA GLY F 288 35.71 1.34 -11.90
C GLY F 288 34.65 2.00 -11.03
N PRO F 289 35.02 3.12 -10.42
CA PRO F 289 34.10 3.80 -9.49
C PRO F 289 33.03 4.55 -10.26
N ASP F 290 32.09 5.11 -9.50
CA ASP F 290 30.93 5.83 -10.00
C ASP F 290 31.32 7.27 -10.34
N LYS F 291 31.54 7.55 -11.63
CA LYS F 291 32.01 8.87 -12.05
C LYS F 291 30.93 9.94 -11.95
N VAL F 292 29.65 9.55 -12.06
CA VAL F 292 28.59 10.55 -11.98
C VAL F 292 28.51 11.12 -10.57
N ASN F 293 28.64 10.27 -9.56
CA ASN F 293 28.59 10.80 -8.21
C ASN F 293 29.82 11.64 -7.90
N GLN F 294 30.96 11.27 -8.47
CA GLN F 294 32.14 12.11 -8.34
C GLN F 294 31.92 13.45 -9.03
N LEU F 295 31.22 13.45 -10.15
CA LEU F 295 30.93 14.70 -10.85
C LEU F 295 30.01 15.60 -10.03
N ARG F 296 28.97 15.02 -9.39
CA ARG F 296 28.09 15.82 -8.55
C ARG F 296 28.88 16.52 -7.46
N HIS F 297 29.79 15.79 -6.83
CA HIS F 297 30.60 16.34 -5.76
C HIS F 297 31.52 17.42 -6.28
N LEU F 298 32.12 17.19 -7.45
CA LEU F 298 33.02 18.22 -7.98
C LEU F 298 32.22 19.47 -8.25
N ARG F 299 31.02 19.32 -8.83
CA ARG F 299 30.15 20.45 -9.12
C ARG F 299 29.65 21.13 -7.85
N PHE F 300 29.31 20.33 -6.83
CA PHE F 300 28.84 20.90 -5.58
C PHE F 300 29.93 21.70 -4.87
N PHE F 301 31.14 21.13 -4.78
CA PHE F 301 32.20 21.75 -4.00
C PHE F 301 32.86 22.90 -4.72
N GLY F 302 33.09 22.75 -6.03
CA GLY F 302 33.75 23.78 -6.82
C GLY F 302 35.26 23.76 -6.64
N ASP F 303 35.73 24.00 -5.41
CA ASP F 303 37.15 23.96 -5.11
C ASP F 303 37.33 23.70 -3.62
N ALA F 304 38.59 23.68 -3.18
CA ALA F 304 38.90 23.33 -1.80
C ALA F 304 38.29 24.34 -0.82
N ASP F 305 38.32 25.62 -1.17
CA ASP F 305 37.67 26.62 -0.34
C ASP F 305 36.18 26.35 -0.20
N GLY F 306 35.54 25.78 -1.24
CA GLY F 306 34.16 25.40 -1.09
C GLY F 306 33.97 24.35 -0.02
N VAL F 307 34.88 23.39 0.06
CA VAL F 307 34.80 22.38 1.11
C VAL F 307 34.99 23.01 2.48
N ARG F 308 36.00 23.88 2.61
CA ARG F 308 36.25 24.51 3.91
C ARG F 308 35.03 25.27 4.38
N LEU F 309 34.42 26.06 3.50
CA LEU F 309 33.27 26.83 3.92
C LEU F 309 32.11 25.90 4.30
N HIS F 310 31.93 24.84 3.53
CA HIS F 310 30.93 23.82 3.86
C HIS F 310 31.18 23.19 5.24
N MET F 311 32.44 22.88 5.56
CA MET F 311 32.79 22.34 6.88
C MET F 311 32.50 23.32 8.02
N LEU F 312 32.68 24.62 7.79
CA LEU F 312 32.31 25.59 8.81
C LEU F 312 30.79 25.62 9.00
N ARG F 313 30.03 25.34 7.95
CA ARG F 313 28.59 25.22 8.12
C ARG F 313 28.23 24.02 9.00
N HIS F 314 28.94 22.90 8.82
CA HIS F 314 28.74 21.79 9.75
C HIS F 314 29.13 22.19 11.17
N GLN F 315 30.30 22.85 11.31
CA GLN F 315 30.79 23.28 12.62
C GLN F 315 29.76 24.15 13.35
N GLN F 316 29.08 25.03 12.62
CA GLN F 316 28.11 25.89 13.29
C GLN F 316 26.95 25.06 13.86
N ILE F 317 26.63 23.93 13.24
CA ILE F 317 25.60 23.02 13.75
C ILE F 317 26.16 22.15 14.88
N LEU F 318 27.36 21.58 14.69
CA LEU F 318 27.90 20.62 15.65
C LEU F 318 28.45 21.24 16.94
N ALA F 319 29.22 22.33 16.84
CA ALA F 319 29.90 22.86 18.02
C ALA F 319 28.95 23.14 19.18
N PRO F 320 27.76 23.71 18.97
CA PRO F 320 26.84 23.88 20.11
C PRO F 320 26.40 22.57 20.73
N LYS F 321 26.27 21.50 19.95
CA LYS F 321 25.90 20.21 20.55
C LYS F 321 27.03 19.66 21.43
N PHE F 322 28.28 19.76 20.97
CA PHE F 322 29.41 19.32 21.79
C PHE F 322 29.53 20.19 23.04
N ALA F 323 29.33 21.49 22.90
CA ALA F 323 29.38 22.39 24.07
C ALA F 323 28.31 22.01 25.09
N LEU F 324 27.09 21.69 24.61
CA LEU F 324 26.01 21.24 25.50
C LEU F 324 26.37 20.01 26.32
N VAL F 325 26.92 18.97 25.66
CA VAL F 325 27.32 17.76 26.39
C VAL F 325 28.31 18.11 27.48
N ALA F 326 29.31 18.93 27.15
CA ALA F 326 30.33 19.29 28.14
C ALA F 326 29.70 20.02 29.34
N GLU F 327 28.76 20.94 29.09
CA GLU F 327 28.14 21.66 30.21
C GLU F 327 27.39 20.70 31.12
N VAL F 328 26.66 19.73 30.55
CA VAL F 328 25.87 18.84 31.39
C VAL F 328 26.79 17.94 32.20
N LEU F 329 27.79 17.33 31.54
CA LEU F 329 28.77 16.50 32.26
C LEU F 329 29.45 17.29 33.37
N ASP F 330 29.85 18.53 33.07
CA ASP F 330 30.49 19.34 34.10
C ASP F 330 29.55 19.57 35.27
N GLN F 331 28.32 20.00 34.97
CA GLN F 331 27.36 20.36 36.00
C GLN F 331 26.98 19.14 36.83
N ARG F 332 26.83 17.98 36.20
CA ARG F 332 26.46 16.78 36.96
C ARG F 332 27.63 16.00 37.57
N LEU F 333 28.79 15.96 36.93
CA LEU F 333 29.83 15.04 37.37
C LEU F 333 31.10 15.66 37.96
N SER F 334 31.40 16.93 37.66
CA SER F 334 32.71 17.47 38.02
C SER F 334 33.01 17.40 39.51
N GLU F 335 32.04 17.77 40.34
CA GLU F 335 32.25 17.78 41.78
C GLU F 335 32.55 16.39 42.34
N SER F 336 31.89 15.36 41.79
CA SER F 336 32.07 14.00 42.30
C SER F 336 33.47 13.47 42.07
N LYS F 337 34.18 14.01 41.09
CA LYS F 337 35.49 13.53 40.69
C LYS F 337 35.49 12.03 40.37
N ILE F 338 34.37 11.48 39.92
CA ILE F 338 34.37 10.07 39.52
C ILE F 338 34.71 9.91 38.04
N ALA F 339 34.74 11.00 37.28
CA ALA F 339 34.74 10.90 35.83
C ALA F 339 35.70 11.91 35.23
N SER F 340 36.06 11.67 33.96
CA SER F 340 36.77 12.65 33.15
C SER F 340 36.36 12.43 31.70
N TRP F 341 36.50 13.47 30.88
CA TRP F 341 36.03 13.33 29.52
C TRP F 341 36.85 14.22 28.61
N THR F 342 36.86 13.89 27.33
CA THR F 342 37.52 14.73 26.35
C THR F 342 36.65 15.92 26.00
N GLU F 343 37.28 16.97 25.51
CA GLU F 343 36.60 18.13 24.96
C GLU F 343 37.24 18.36 23.59
N PRO F 344 36.84 17.60 22.57
CA PRO F 344 37.59 17.60 21.32
C PRO F 344 37.42 18.90 20.55
N LYS F 345 38.42 19.18 19.72
CA LYS F 345 38.40 20.31 18.80
C LYS F 345 37.95 19.92 17.39
N GLY F 346 37.56 18.66 17.20
CA GLY F 346 37.10 18.17 15.90
C GLY F 346 36.65 16.73 16.06
N GLY F 347 36.17 16.17 14.95
CA GLY F 347 35.71 14.80 15.01
C GLY F 347 34.24 14.75 15.43
N TYR F 348 33.81 13.53 15.77
CA TYR F 348 32.39 13.25 15.95
C TYR F 348 32.04 12.71 17.33
N PHE F 349 32.99 12.64 18.26
CA PHE F 349 32.73 11.94 19.50
C PHE F 349 33.35 12.64 20.71
N ILE F 350 32.75 12.38 21.86
CA ILE F 350 33.32 12.73 23.14
C ILE F 350 33.56 11.40 23.83
N SER F 351 34.72 11.25 24.45
CA SER F 351 35.05 10.02 25.15
C SER F 351 34.93 10.28 26.65
N LEU F 352 34.03 9.54 27.30
CA LEU F 352 33.74 9.69 28.72
C LEU F 352 34.29 8.50 29.49
N ASP F 353 35.03 8.78 30.55
CA ASP F 353 35.45 7.74 31.50
C ASP F 353 34.70 7.95 32.81
N VAL F 354 33.91 6.96 33.21
CA VAL F 354 33.25 6.99 34.51
C VAL F 354 34.08 6.20 35.52
N LEU F 355 33.52 5.91 36.69
CA LEU F 355 34.29 5.22 37.72
C LEU F 355 34.72 3.84 37.22
N PRO F 356 36.00 3.49 37.32
CA PRO F 356 36.45 2.20 36.80
C PRO F 356 35.67 1.06 37.44
N GLY F 357 35.30 0.09 36.62
CA GLY F 357 34.44 -0.94 37.12
C GLY F 357 32.95 -0.67 37.03
N THR F 358 32.52 0.47 36.45
CA THR F 358 31.09 0.80 36.40
C THR F 358 30.50 1.12 35.02
N ALA F 359 31.28 1.03 33.92
CA ALA F 359 30.73 1.44 32.63
C ALA F 359 29.63 0.48 32.18
N ARG F 360 29.85 -0.83 32.33
CA ARG F 360 28.83 -1.80 31.96
C ARG F 360 27.57 -1.58 32.78
N ARG F 361 27.72 -1.40 34.09
CA ARG F 361 26.57 -1.13 34.93
C ARG F 361 25.88 0.16 34.52
N THR F 362 26.67 1.21 34.26
CA THR F 362 26.11 2.48 33.81
C THR F 362 25.29 2.33 32.54
N VAL F 363 25.82 1.60 31.54
CA VAL F 363 25.12 1.38 30.27
C VAL F 363 23.81 0.62 30.49
N ALA F 364 23.84 -0.40 31.33
CA ALA F 364 22.65 -1.20 31.61
C ALA F 364 21.57 -0.39 32.33
N LEU F 365 21.97 0.40 33.33
CA LEU F 365 21.02 1.29 34.02
C LEU F 365 20.37 2.28 33.06
N ALA F 366 21.16 2.89 32.18
CA ALA F 366 20.60 3.83 31.23
C ALA F 366 19.60 3.16 30.27
N LYS F 367 19.94 1.98 29.77
CA LYS F 367 19.02 1.29 28.86
C LYS F 367 17.67 1.02 29.54
N ASP F 368 17.68 0.74 30.85
CA ASP F 368 16.43 0.41 31.53
C ASP F 368 15.57 1.62 31.81
N VAL F 369 16.05 2.82 31.54
CA VAL F 369 15.22 4.00 31.55
C VAL F 369 15.10 4.59 30.15
N GLY F 370 15.46 3.78 29.13
CA GLY F 370 15.21 4.15 27.77
C GLY F 370 16.22 5.06 27.13
N ILE F 371 17.46 5.07 27.64
CA ILE F 371 18.54 5.86 27.05
C ILE F 371 19.56 4.87 26.49
N ALA F 372 19.69 4.83 25.17
CA ALA F 372 20.69 3.95 24.57
C ALA F 372 22.05 4.62 24.60
N VAL F 373 23.04 3.92 25.17
CA VAL F 373 24.40 4.43 25.35
C VAL F 373 25.36 3.38 24.79
N THR F 374 26.45 3.81 24.16
CA THR F 374 27.35 2.85 23.52
C THR F 374 27.86 1.85 24.55
N GLU F 375 27.71 0.55 24.21
CA GLU F 375 28.08 -0.56 25.11
C GLU F 375 29.48 -0.38 25.67
N ALA F 376 29.70 -0.87 26.90
CA ALA F 376 31.04 -0.88 27.45
C ALA F 376 31.95 -1.73 26.57
N GLY F 377 33.16 -1.24 26.32
CA GLY F 377 34.14 -1.96 25.52
C GLY F 377 34.05 -1.73 24.03
N ALA F 378 33.06 -0.99 23.54
CA ALA F 378 32.85 -0.87 22.11
C ALA F 378 34.06 -0.30 21.34
N SER F 379 34.88 0.55 21.95
CA SER F 379 36.01 1.18 21.26
C SER F 379 37.33 0.41 21.41
N PHE F 380 37.28 -0.86 21.79
CA PHE F 380 38.46 -1.65 22.05
C PHE F 380 38.38 -2.93 21.22
N PRO F 381 39.53 -3.45 20.79
CA PRO F 381 39.51 -4.75 20.10
C PRO F 381 38.86 -5.79 20.97
N TYR F 382 38.04 -6.63 20.33
CA TYR F 382 37.32 -7.72 20.99
C TYR F 382 36.33 -7.20 22.03
N ARG F 383 36.00 -5.91 21.98
CA ARG F 383 35.10 -5.27 22.94
C ARG F 383 35.57 -5.38 24.39
N LYS F 384 36.89 -5.36 24.62
CA LYS F 384 37.46 -5.53 25.95
C LYS F 384 38.08 -4.20 26.40
N ASP F 385 37.45 -3.57 27.40
CA ASP F 385 38.00 -2.42 28.08
C ASP F 385 38.50 -2.88 29.45
N PRO F 386 39.80 -2.97 29.67
CA PRO F 386 40.26 -3.55 30.94
C PRO F 386 39.88 -2.71 32.14
N ASP F 387 39.50 -1.44 31.97
CA ASP F 387 39.13 -0.68 33.14
C ASP F 387 37.63 -0.57 33.31
N ASP F 388 36.84 -1.07 32.34
CA ASP F 388 35.38 -1.00 32.38
C ASP F 388 34.95 0.40 32.80
N LYS F 389 35.48 1.39 32.08
CA LYS F 389 35.22 2.79 32.38
C LYS F 389 34.81 3.64 31.17
N ASN F 390 35.15 3.25 29.95
CA ASN F 390 35.03 4.14 28.81
C ASN F 390 33.64 4.03 28.20
N ILE F 391 33.03 5.19 27.95
CA ILE F 391 31.78 5.31 27.22
C ILE F 391 31.94 6.33 26.10
N ARG F 392 31.68 5.91 24.86
CA ARG F 392 31.63 6.84 23.74
C ARG F 392 30.29 7.60 23.76
N ILE F 393 30.34 8.91 23.48
CA ILE F 393 29.14 9.74 23.30
C ILE F 393 29.15 10.32 21.90
N ALA F 394 28.04 10.17 21.18
CA ALA F 394 27.89 10.71 19.84
C ALA F 394 26.91 11.88 19.88
N PRO F 395 27.40 13.13 19.90
CA PRO F 395 26.46 14.25 20.07
C PRO F 395 25.78 14.69 18.80
N SER F 396 26.18 14.19 17.62
CA SER F 396 25.80 14.87 16.37
C SER F 396 24.31 14.74 16.05
N PHE F 397 23.70 13.58 16.29
CA PHE F 397 22.39 13.32 15.68
C PHE F 397 21.16 13.89 16.40
N PRO F 398 21.01 13.69 17.71
CA PRO F 398 19.75 14.08 18.38
C PRO F 398 19.50 15.57 18.42
N SER F 399 18.22 15.88 18.64
CA SER F 399 17.83 17.26 18.87
C SER F 399 18.47 17.78 20.13
N VAL F 400 18.57 19.11 20.21
CA VAL F 400 19.16 19.72 21.40
C VAL F 400 18.44 19.28 22.68
N PRO F 401 17.10 19.31 22.75
CA PRO F 401 16.43 18.88 24.00
C PRO F 401 16.65 17.41 24.30
N ASP F 402 16.66 16.56 23.26
CA ASP F 402 16.92 15.15 23.50
C ASP F 402 18.34 14.92 23.96
N LEU F 403 19.30 15.69 23.41
CA LEU F 403 20.68 15.49 23.80
C LEU F 403 20.86 15.83 25.27
N ARG F 404 20.26 16.95 25.70
CA ARG F 404 20.31 17.37 27.08
C ARG F 404 19.71 16.32 28.00
N ASN F 405 18.50 15.82 27.66
CA ASN F 405 17.89 14.79 28.50
C ASN F 405 18.74 13.52 28.52
N ALA F 406 19.32 13.14 27.39
CA ALA F 406 20.07 11.89 27.32
C ALA F 406 21.36 11.97 28.14
N VAL F 407 22.11 13.06 28.01
CA VAL F 407 23.37 13.13 28.75
C VAL F 407 23.10 13.31 30.22
N ASP F 408 22.05 14.05 30.57
CA ASP F 408 21.72 14.19 31.97
C ASP F 408 21.28 12.87 32.59
N GLY F 409 20.54 12.05 31.83
CA GLY F 409 20.18 10.72 32.32
C GLY F 409 21.40 9.84 32.49
N LEU F 410 22.28 9.88 31.48
CA LEU F 410 23.52 9.12 31.55
C LEU F 410 24.31 9.48 32.80
N ALA F 411 24.41 10.78 33.10
CA ALA F 411 25.12 11.23 34.30
C ALA F 411 24.51 10.66 35.56
N THR F 412 23.17 10.73 35.66
CA THR F 412 22.48 10.12 36.79
C THR F 412 22.81 8.63 36.90
N CYS F 413 22.82 7.90 35.78
CA CYS F 413 23.16 6.48 35.84
C CYS F 413 24.62 6.27 36.26
N ALA F 414 25.53 7.11 35.79
CA ALA F 414 26.94 6.96 36.15
C ALA F 414 27.14 7.23 37.64
N LEU F 415 26.45 8.24 38.18
CA LEU F 415 26.55 8.53 39.60
C LEU F 415 26.00 7.37 40.42
N LEU F 416 24.84 6.83 40.03
CA LEU F 416 24.28 5.71 40.78
C LEU F 416 25.17 4.47 40.72
N ALA F 417 25.74 4.15 39.55
CA ALA F 417 26.66 3.03 39.43
C ALA F 417 27.89 3.21 40.33
N ALA F 418 28.37 4.45 40.45
CA ALA F 418 29.54 4.74 41.28
C ALA F 418 29.26 4.46 42.76
N THR F 419 28.16 4.98 43.31
CA THR F 419 27.88 4.75 44.72
C THR F 419 27.63 3.26 44.96
N GLU F 420 26.97 2.58 44.01
CA GLU F 420 26.79 1.13 44.15
C GLU F 420 28.14 0.44 44.35
N THR F 421 29.12 0.79 43.53
CA THR F 421 30.45 0.15 43.58
C THR F 421 31.20 0.53 44.84
N LEU F 422 31.13 1.81 45.23
CA LEU F 422 31.79 2.27 46.45
C LEU F 422 31.29 1.51 47.67
N LEU F 423 29.98 1.27 47.76
CA LEU F 423 29.49 0.56 48.93
C LEU F 423 29.92 -0.92 48.95
N ASN F 424 30.05 -1.56 47.79
CA ASN F 424 30.54 -2.95 47.78
C ASN F 424 32.06 -3.03 47.60
N SER G 2 32.76 -22.11 -52.89
CA SER G 2 33.24 -22.38 -51.53
C SER G 2 34.75 -22.62 -51.52
N PHE G 3 35.36 -22.63 -50.34
CA PHE G 3 36.82 -22.51 -50.28
C PHE G 3 37.54 -23.86 -50.27
N ASP G 4 37.09 -24.82 -49.48
CA ASP G 4 37.82 -26.09 -49.52
C ASP G 4 37.44 -26.94 -50.73
N SER G 5 36.38 -26.57 -51.47
CA SER G 5 36.04 -27.11 -52.79
C SER G 5 37.08 -26.71 -53.91
N LEU G 6 38.24 -26.17 -53.57
CA LEU G 6 39.14 -25.58 -54.56
C LEU G 6 40.40 -26.42 -54.77
N SER G 7 40.97 -26.26 -55.97
CA SER G 7 42.25 -26.81 -56.38
C SER G 7 43.39 -25.89 -55.94
N PRO G 8 44.63 -26.41 -55.82
CA PRO G 8 45.75 -25.52 -55.41
C PRO G 8 45.89 -24.26 -56.27
N GLN G 9 45.75 -24.33 -57.59
CA GLN G 9 45.79 -23.15 -58.45
C GLN G 9 44.65 -22.18 -58.16
N GLU G 10 43.44 -22.71 -57.96
CA GLU G 10 42.32 -21.82 -57.67
C GLU G 10 42.52 -21.10 -56.34
N LEU G 11 43.08 -21.78 -55.35
CA LEU G 11 43.42 -21.10 -54.10
C LEU G 11 44.47 -20.03 -54.31
N ALA G 12 45.46 -20.31 -55.17
CA ALA G 12 46.48 -19.32 -55.45
C ALA G 12 45.91 -18.14 -56.20
N ALA G 13 45.00 -18.38 -57.15
CA ALA G 13 44.36 -17.25 -57.81
C ALA G 13 43.48 -16.49 -56.83
N LEU G 14 42.76 -17.21 -55.99
CA LEU G 14 41.95 -16.57 -54.94
C LEU G 14 42.79 -15.82 -53.91
N HIS G 15 43.90 -16.41 -53.45
CA HIS G 15 44.76 -15.74 -52.49
C HIS G 15 45.24 -14.38 -53.01
N ALA G 16 45.57 -14.31 -54.30
CA ALA G 16 45.99 -13.06 -54.89
C ALA G 16 44.91 -11.99 -54.82
N ARG G 17 43.66 -12.37 -55.12
CA ARG G 17 42.60 -11.36 -55.13
C ARG G 17 42.30 -10.85 -53.73
N HIS G 18 42.32 -11.74 -52.74
CA HIS G 18 42.31 -11.30 -51.34
C HIS G 18 43.46 -10.33 -51.04
N GLN G 19 44.64 -10.62 -51.56
CA GLN G 19 45.80 -9.74 -51.35
C GLN G 19 45.54 -8.34 -51.91
N GLN G 20 44.83 -8.24 -53.04
CA GLN G 20 44.53 -6.92 -53.60
C GLN G 20 43.50 -6.20 -52.73
N ASP G 21 42.48 -6.91 -52.25
CA ASP G 21 41.50 -6.36 -51.31
C ASP G 21 42.15 -5.83 -50.04
N TYR G 22 43.15 -6.54 -49.51
CA TYR G 22 43.72 -6.11 -48.23
C TYR G 22 44.53 -4.84 -48.41
N ALA G 23 45.27 -4.75 -49.53
CA ALA G 23 46.03 -3.54 -49.84
C ALA G 23 45.13 -2.31 -49.99
N ALA G 24 44.01 -2.46 -50.69
CA ALA G 24 43.06 -1.36 -50.87
C ALA G 24 42.52 -0.87 -49.53
N LEU G 25 42.11 -1.81 -48.67
CA LEU G 25 41.64 -1.47 -47.33
C LEU G 25 42.65 -0.64 -46.56
N GLN G 26 43.93 -1.03 -46.60
CA GLN G 26 44.93 -0.23 -45.88
C GLN G 26 44.99 1.19 -46.44
N GLY G 27 44.82 1.35 -47.76
CA GLY G 27 44.81 2.69 -48.30
C GLY G 27 43.65 3.54 -47.81
N MET G 28 42.69 2.94 -47.12
CA MET G 28 41.55 3.68 -46.58
C MET G 28 41.94 4.55 -45.37
N LYS G 29 42.89 4.08 -44.58
CA LYS G 29 43.35 4.81 -43.39
C LYS G 29 42.29 4.93 -42.29
N LEU G 30 41.59 3.82 -42.07
CA LEU G 30 40.51 3.68 -41.10
C LEU G 30 41.00 3.92 -39.67
N ALA G 31 40.05 4.27 -38.78
CA ALA G 31 40.31 4.37 -37.34
C ALA G 31 39.05 3.88 -36.61
N LEU G 32 38.86 2.58 -36.60
CA LEU G 32 37.64 2.00 -36.05
C LEU G 32 37.93 1.01 -34.94
N ASP G 33 36.87 0.70 -34.21
CA ASP G 33 36.96 -0.09 -32.99
C ASP G 33 35.69 -0.91 -32.81
N LEU G 34 35.87 -2.22 -32.63
CA LEU G 34 34.81 -3.18 -32.39
C LEU G 34 35.00 -3.86 -31.04
N THR G 35 35.71 -3.21 -30.11
CA THR G 35 36.07 -3.86 -28.87
C THR G 35 35.25 -3.41 -27.67
N ARG G 36 34.53 -2.29 -27.75
CA ARG G 36 33.97 -1.67 -26.55
C ARG G 36 32.53 -2.19 -26.38
N GLY G 37 32.33 -3.06 -25.41
CA GLY G 37 31.00 -3.56 -25.16
C GLY G 37 30.23 -2.55 -24.34
N LYS G 38 30.17 -1.32 -24.76
CA LYS G 38 29.52 -0.35 -23.89
C LYS G 38 28.41 0.37 -24.62
N PRO G 39 27.43 0.89 -23.88
CA PRO G 39 26.31 1.57 -24.53
C PRO G 39 26.79 2.78 -25.31
N SER G 40 26.06 3.07 -26.39
CA SER G 40 26.36 4.28 -27.15
C SER G 40 25.88 5.49 -26.35
N ALA G 41 26.37 6.67 -26.74
CA ALA G 41 25.86 7.91 -26.17
C ALA G 41 24.34 8.01 -26.34
N GLU G 42 23.83 7.60 -27.50
CA GLU G 42 22.39 7.61 -27.74
C GLU G 42 21.63 6.74 -26.75
N GLN G 43 22.17 5.57 -26.39
CA GLN G 43 21.53 4.77 -25.36
C GLN G 43 21.55 5.47 -24.01
N LEU G 44 22.68 6.09 -23.65
CA LEU G 44 22.82 6.75 -22.36
C LEU G 44 21.87 7.93 -22.27
N ASP G 45 21.68 8.64 -23.38
CA ASP G 45 20.74 9.76 -23.43
C ASP G 45 19.33 9.37 -22.98
N LEU G 46 18.93 8.11 -23.21
CA LEU G 46 17.62 7.62 -22.76
C LEU G 46 17.43 7.79 -21.25
N SER G 47 18.51 7.83 -20.48
CA SER G 47 18.44 7.91 -19.02
C SER G 47 18.91 9.26 -18.47
N ASN G 48 18.99 10.31 -19.29
CA ASN G 48 19.48 11.58 -18.78
C ASN G 48 18.64 12.19 -17.67
N GLN G 49 17.37 11.78 -17.50
CA GLN G 49 16.59 12.31 -16.37
C GLN G 49 17.20 11.94 -15.03
N LEU G 50 17.95 10.84 -14.98
CA LEU G 50 18.68 10.49 -13.76
C LEU G 50 19.58 11.62 -13.31
N LEU G 51 20.05 12.45 -14.24
CA LEU G 51 21.00 13.50 -13.87
C LEU G 51 20.40 14.58 -13.00
N SER G 52 19.08 14.63 -12.85
CA SER G 52 18.43 15.62 -11.99
C SER G 52 17.61 15.02 -10.87
N LEU G 53 17.60 13.68 -10.70
CA LEU G 53 16.84 12.92 -9.72
C LEU G 53 17.71 12.62 -8.51
N PRO G 54 17.12 12.39 -7.34
CA PRO G 54 15.69 12.30 -7.03
C PRO G 54 15.02 13.63 -6.71
N GLY G 55 15.77 14.74 -6.68
CA GLY G 55 15.25 16.03 -6.25
C GLY G 55 15.08 16.12 -4.73
N ASP G 56 14.21 17.06 -4.27
CA ASP G 56 14.12 17.37 -2.84
C ASP G 56 13.67 16.23 -1.96
N ASP G 57 12.83 15.34 -2.47
CA ASP G 57 12.31 14.28 -1.65
C ASP G 57 13.30 13.13 -1.64
N TYR G 58 14.11 13.07 -0.58
CA TYR G 58 15.22 12.13 -0.45
C TYR G 58 14.76 10.85 0.24
N ARG G 59 13.47 10.72 0.53
CA ARG G 59 12.93 9.55 1.23
C ARG G 59 12.36 8.53 0.28
N ASP G 60 12.60 7.25 0.57
CA ASP G 60 12.00 6.17 -0.19
C ASP G 60 10.57 5.96 0.32
N PRO G 61 9.81 5.05 -0.29
CA PRO G 61 8.43 4.82 0.16
C PRO G 61 8.32 4.32 1.60
N GLU G 62 9.34 3.68 2.16
CA GLU G 62 9.27 3.27 3.56
C GLU G 62 9.60 4.40 4.53
N GLY G 63 9.94 5.60 4.04
CA GLY G 63 10.32 6.70 4.91
C GLY G 63 11.80 6.80 5.22
N THR G 64 12.63 5.94 4.65
CA THR G 64 14.07 5.98 4.93
C THR G 64 14.72 7.25 4.37
N ASP G 65 15.47 7.93 5.23
CA ASP G 65 16.33 9.03 4.78
C ASP G 65 17.50 8.44 4.00
N THR G 66 17.46 8.54 2.66
CA THR G 66 18.49 7.88 1.85
C THR G 66 19.83 8.57 1.93
N ARG G 67 19.90 9.79 2.50
CA ARG G 67 21.12 10.59 2.61
C ARG G 67 22.01 10.18 3.80
N ASN G 68 21.52 9.30 4.67
CA ASN G 68 22.19 8.94 5.91
C ASN G 68 22.54 7.46 5.96
N TYR G 69 23.43 7.11 6.90
CA TYR G 69 23.92 5.75 7.05
C TYR G 69 22.82 4.72 7.34
N GLY G 70 23.05 3.48 6.90
CA GLY G 70 22.26 2.37 7.39
C GLY G 70 21.56 1.58 6.31
N GLY G 71 21.44 0.27 6.50
CA GLY G 71 20.62 -0.55 5.60
C GLY G 71 21.47 -1.26 4.57
N GLN G 72 21.71 -2.55 4.80
CA GLN G 72 22.55 -3.37 3.94
C GLN G 72 21.82 -3.96 2.76
N HIS G 73 20.49 -4.09 2.82
CA HIS G 73 19.80 -4.83 1.77
C HIS G 73 19.56 -4.01 0.51
N GLY G 74 19.55 -2.67 0.59
CA GLY G 74 19.11 -1.83 -0.50
C GLY G 74 17.62 -1.50 -0.38
N LEU G 75 17.16 -0.55 -1.18
CA LEU G 75 15.80 -0.06 -1.02
C LEU G 75 14.80 -1.14 -1.44
N PRO G 76 13.84 -1.49 -0.58
CA PRO G 76 12.89 -2.56 -0.95
C PRO G 76 12.10 -2.24 -2.21
N GLY G 77 11.82 -0.96 -2.47
CA GLY G 77 11.00 -0.61 -3.62
C GLY G 77 11.75 -0.87 -4.93
N LEU G 78 13.06 -0.63 -4.94
CA LEU G 78 13.83 -0.95 -6.15
C LEU G 78 14.03 -2.45 -6.30
N ARG G 79 14.33 -3.14 -5.20
CA ARG G 79 14.39 -4.60 -5.22
C ARG G 79 13.09 -5.23 -5.70
N ALA G 80 11.93 -4.65 -5.33
CA ALA G 80 10.68 -5.23 -5.80
C ALA G 80 10.57 -5.20 -7.30
N ILE G 81 11.11 -4.18 -7.94
CA ILE G 81 11.03 -4.10 -9.40
C ILE G 81 11.85 -5.21 -10.05
N PHE G 82 13.11 -5.36 -9.64
CA PHE G 82 13.94 -6.39 -10.26
C PHE G 82 13.61 -7.80 -9.77
N ALA G 83 13.02 -7.93 -8.58
CA ALA G 83 12.47 -9.21 -8.13
C ALA G 83 11.40 -9.71 -9.11
N GLU G 84 10.53 -8.82 -9.56
CA GLU G 84 9.57 -9.22 -10.59
C GLU G 84 10.27 -9.58 -11.89
N LEU G 85 11.22 -8.74 -12.32
CA LEU G 85 11.94 -8.99 -13.57
C LEU G 85 12.75 -10.28 -13.53
N LEU G 86 13.37 -10.59 -12.39
CA LEU G 86 14.26 -11.76 -12.29
C LEU G 86 13.53 -13.00 -11.79
N GLY G 87 12.32 -12.85 -11.24
CA GLY G 87 11.60 -13.95 -10.61
C GLY G 87 12.20 -14.45 -9.31
N ILE G 88 12.62 -13.53 -8.45
CA ILE G 88 13.22 -13.83 -7.16
C ILE G 88 12.51 -13.00 -6.09
N ALA G 89 12.12 -13.62 -4.99
CA ALA G 89 11.38 -12.86 -3.98
C ALA G 89 12.27 -11.76 -3.39
N VAL G 90 11.62 -10.66 -2.98
CA VAL G 90 12.34 -9.51 -2.42
C VAL G 90 13.31 -9.86 -1.28
N PRO G 91 12.94 -10.67 -0.28
CA PRO G 91 13.92 -11.01 0.78
C PRO G 91 15.12 -11.79 0.31
N ASN G 92 15.04 -12.40 -0.88
CA ASN G 92 16.12 -13.17 -1.49
C ASN G 92 16.98 -12.35 -2.43
N LEU G 93 16.77 -11.03 -2.49
CA LEU G 93 17.43 -10.14 -3.43
C LEU G 93 17.91 -8.91 -2.68
N ILE G 94 19.17 -8.55 -2.86
CA ILE G 94 19.68 -7.30 -2.33
C ILE G 94 20.20 -6.43 -3.48
N ALA G 95 20.25 -5.12 -3.22
CA ALA G 95 20.77 -4.16 -4.18
C ALA G 95 22.04 -3.54 -3.61
N GLY G 96 23.09 -3.47 -4.43
CA GLY G 96 24.40 -2.98 -4.07
C GLY G 96 24.75 -1.64 -4.69
N ASN G 97 26.04 -1.45 -5.00
CA ASN G 97 26.52 -0.23 -5.65
C ASN G 97 26.55 -0.40 -7.17
N ASN G 98 27.57 0.16 -7.81
CA ASN G 98 27.57 0.37 -9.24
C ASN G 98 28.14 -0.82 -10.02
N SER G 99 28.42 -1.95 -9.36
CA SER G 99 29.15 -3.04 -10.01
C SER G 99 28.65 -4.39 -9.55
N SER G 100 28.07 -5.17 -10.47
CA SER G 100 27.81 -6.58 -10.19
C SER G 100 29.10 -7.40 -10.17
N LEU G 101 30.09 -7.01 -10.98
CA LEU G 101 31.39 -7.69 -10.95
C LEU G 101 31.97 -7.69 -9.53
N GLU G 102 31.82 -6.56 -8.84
CA GLU G 102 32.32 -6.39 -7.48
C GLU G 102 31.62 -7.35 -6.51
N LEU G 103 30.33 -7.59 -6.71
CA LEU G 103 29.61 -8.60 -5.91
C LEU G 103 30.18 -10.01 -6.14
N MET G 104 30.37 -10.36 -7.40
CA MET G 104 30.91 -11.67 -7.77
C MET G 104 32.30 -11.85 -7.19
N HIS G 105 33.14 -10.82 -7.34
CA HIS G 105 34.49 -10.86 -6.79
C HIS G 105 34.48 -11.08 -5.28
N ASP G 106 33.66 -10.30 -4.57
CA ASP G 106 33.67 -10.40 -3.11
C ASP G 106 33.16 -11.75 -2.63
N ILE G 107 32.16 -12.31 -3.32
CA ILE G 107 31.70 -13.63 -2.94
C ILE G 107 32.81 -14.66 -3.14
N VAL G 108 33.54 -14.56 -4.26
CA VAL G 108 34.67 -15.47 -4.44
C VAL G 108 35.72 -15.25 -3.34
N ALA G 109 36.06 -13.99 -3.07
CA ALA G 109 37.01 -13.68 -1.99
C ALA G 109 36.54 -14.19 -0.63
N PHE G 110 35.25 -14.01 -0.31
CA PHE G 110 34.74 -14.54 0.96
C PHE G 110 34.87 -16.06 0.98
N SER G 111 34.59 -16.71 -0.14
CA SER G 111 34.69 -18.15 -0.21
C SER G 111 36.13 -18.61 0.03
N MET G 112 37.09 -17.88 -0.51
CA MET G 112 38.50 -18.18 -0.26
C MET G 112 38.87 -18.01 1.22
N LEU G 113 38.52 -16.84 1.79
CA LEU G 113 39.00 -16.52 3.14
C LEU G 113 38.19 -17.19 4.23
N TYR G 114 36.88 -17.27 4.06
CA TYR G 114 35.98 -17.73 5.10
C TYR G 114 35.26 -19.02 4.79
N GLY G 115 35.16 -19.41 3.51
CA GLY G 115 34.26 -20.45 3.08
C GLY G 115 32.84 -19.94 2.87
N GLY G 116 32.08 -20.70 2.07
CA GLY G 116 30.67 -20.39 1.90
C GLY G 116 29.89 -20.81 3.13
N VAL G 117 28.56 -20.61 3.06
CA VAL G 117 27.71 -20.78 4.25
C VAL G 117 27.77 -22.20 4.79
N ASP G 118 28.04 -23.17 3.93
CA ASP G 118 28.06 -24.56 4.34
C ASP G 118 29.34 -25.26 3.85
N SER G 119 30.40 -24.50 3.71
CA SER G 119 31.66 -25.08 3.27
C SER G 119 32.30 -25.84 4.44
N PRO G 120 32.99 -26.95 4.15
CA PRO G 120 33.77 -27.61 5.21
C PRO G 120 34.92 -26.78 5.74
N ARG G 121 35.47 -25.88 4.94
CA ARG G 121 36.56 -25.02 5.36
C ARG G 121 36.70 -23.91 4.34
N PRO G 122 37.38 -22.80 4.70
CA PRO G 122 37.69 -21.79 3.69
C PRO G 122 38.42 -22.44 2.54
N TRP G 123 38.10 -22.00 1.32
CA TRP G 123 38.70 -22.62 0.15
C TRP G 123 40.20 -22.44 0.09
N ILE G 124 40.72 -21.34 0.65
CA ILE G 124 42.17 -21.17 0.68
C ILE G 124 42.86 -22.23 1.55
N GLN G 125 42.14 -22.94 2.41
CA GLN G 125 42.73 -24.00 3.22
C GLN G 125 42.74 -25.36 2.54
N GLU G 126 42.22 -25.47 1.32
CA GLU G 126 42.23 -26.72 0.54
C GLU G 126 43.59 -26.92 -0.12
N GLN G 127 44.40 -27.87 0.40
CA GLN G 127 45.75 -28.07 -0.15
C GLN G 127 45.79 -28.58 -1.59
N ASP G 128 44.77 -29.24 -2.10
CA ASP G 128 44.84 -29.60 -3.51
C ASP G 128 44.21 -28.56 -4.43
N GLY G 129 43.88 -27.36 -3.92
CA GLY G 129 43.46 -26.30 -4.80
C GLY G 129 42.00 -26.30 -5.16
N ILE G 130 41.62 -25.30 -5.94
CA ILE G 130 40.22 -25.00 -6.24
C ILE G 130 40.09 -24.90 -7.75
N LYS G 131 39.00 -25.44 -8.30
CA LYS G 131 38.75 -25.42 -9.73
C LYS G 131 37.36 -24.88 -10.04
N PHE G 132 37.27 -24.00 -11.04
CA PHE G 132 35.99 -23.58 -11.61
C PHE G 132 35.82 -24.13 -13.02
N LEU G 133 34.60 -24.54 -13.34
CA LEU G 133 34.23 -24.90 -14.71
C LEU G 133 33.88 -23.64 -15.51
N CYS G 134 34.37 -23.53 -16.73
CA CYS G 134 34.18 -22.31 -17.52
C CYS G 134 33.60 -22.61 -18.91
N PRO G 135 32.29 -22.50 -19.09
CA PRO G 135 31.74 -22.60 -20.46
C PRO G 135 32.35 -21.55 -21.40
N VAL G 136 32.75 -22.01 -22.58
CA VAL G 136 33.38 -21.08 -23.53
C VAL G 136 32.63 -21.10 -24.86
N PRO G 137 32.67 -20.01 -25.65
CA PRO G 137 33.28 -18.73 -25.25
C PRO G 137 32.54 -18.07 -24.08
N GLY G 138 33.27 -17.37 -23.19
CA GLY G 138 32.69 -16.77 -22.00
C GLY G 138 33.22 -15.40 -21.66
N TYR G 139 32.96 -14.95 -20.44
CA TYR G 139 33.20 -13.56 -20.08
C TYR G 139 34.61 -13.44 -19.48
N ASP G 140 35.48 -12.69 -20.12
CA ASP G 140 36.87 -12.62 -19.67
C ASP G 140 37.02 -12.07 -18.25
N ARG G 141 36.16 -11.14 -17.84
CA ARG G 141 36.27 -10.63 -16.47
C ARG G 141 35.87 -11.66 -15.43
N HIS G 142 34.99 -12.62 -15.76
CA HIS G 142 34.83 -13.74 -14.87
C HIS G 142 36.14 -14.49 -14.69
N PHE G 143 36.79 -14.81 -15.83
CA PHE G 143 38.02 -15.61 -15.80
C PHE G 143 39.14 -14.87 -15.07
N ALA G 144 39.15 -13.53 -15.14
CA ALA G 144 40.16 -12.74 -14.45
C ALA G 144 40.06 -12.88 -12.93
N ILE G 145 38.83 -13.07 -12.41
CA ILE G 145 38.67 -13.22 -10.98
C ILE G 145 39.29 -14.53 -10.53
N THR G 146 38.93 -15.63 -11.19
CA THR G 146 39.42 -16.94 -10.79
C THR G 146 40.92 -17.06 -11.05
N GLU G 147 41.41 -16.48 -12.15
CA GLU G 147 42.85 -16.58 -12.43
C GLU G 147 43.64 -15.89 -11.32
N THR G 148 43.18 -14.70 -10.91
CA THR G 148 43.94 -13.88 -9.98
C THR G 148 43.96 -14.51 -8.60
N MET G 149 42.88 -15.22 -8.24
CA MET G 149 42.83 -15.95 -6.98
C MET G 149 43.45 -17.33 -7.08
N GLY G 150 44.02 -17.70 -8.21
CA GLY G 150 44.68 -18.97 -8.29
C GLY G 150 43.75 -20.13 -8.36
N ILE G 151 42.56 -19.92 -8.88
CA ILE G 151 41.58 -20.99 -9.02
C ILE G 151 41.76 -21.53 -10.43
N GLU G 152 42.05 -22.83 -10.56
CA GLU G 152 42.26 -23.38 -11.89
C GLU G 152 40.93 -23.35 -12.65
N MET G 153 40.99 -23.03 -13.94
CA MET G 153 39.81 -22.96 -14.80
C MET G 153 39.78 -24.07 -15.84
N ILE G 154 38.63 -24.72 -15.96
CA ILE G 154 38.41 -25.85 -16.84
C ILE G 154 37.39 -25.44 -17.90
N PRO G 155 37.78 -25.31 -19.17
CA PRO G 155 36.80 -24.91 -20.20
C PRO G 155 35.80 -25.99 -20.55
N ILE G 156 34.56 -25.57 -20.80
CA ILE G 156 33.46 -26.47 -21.14
C ILE G 156 32.83 -25.97 -22.45
N PRO G 157 32.67 -26.82 -23.47
CA PRO G 157 32.00 -26.37 -24.71
C PRO G 157 30.60 -25.84 -24.47
N MET G 158 30.26 -24.79 -25.20
CA MET G 158 28.91 -24.27 -25.16
C MET G 158 28.15 -25.01 -26.27
N LEU G 159 26.92 -25.42 -25.98
CA LEU G 159 26.04 -26.00 -26.98
C LEU G 159 24.88 -25.03 -27.19
N GLN G 160 23.91 -25.45 -28.00
CA GLN G 160 22.90 -24.47 -28.39
C GLN G 160 21.90 -24.17 -27.28
N ASP G 161 21.79 -25.07 -26.31
CA ASP G 161 20.89 -24.87 -25.16
C ASP G 161 21.60 -24.73 -23.81
N GLY G 162 22.91 -24.47 -23.79
CA GLY G 162 23.59 -24.38 -22.53
C GLY G 162 24.94 -24.98 -22.74
N PRO G 163 25.74 -25.07 -21.69
CA PRO G 163 27.01 -25.76 -21.83
C PRO G 163 26.81 -27.27 -21.95
N ASP G 164 27.91 -27.99 -22.07
CA ASP G 164 27.93 -29.45 -22.17
C ASP G 164 27.71 -30.03 -20.77
N VAL G 165 26.43 -30.23 -20.43
CA VAL G 165 26.09 -30.69 -19.08
C VAL G 165 26.56 -32.12 -18.81
N ASP G 166 26.55 -33.01 -19.81
CA ASP G 166 27.15 -34.34 -19.62
C ASP G 166 28.59 -34.26 -19.15
N LEU G 167 29.39 -33.40 -19.78
CA LEU G 167 30.78 -33.33 -19.36
C LEU G 167 30.88 -32.74 -17.95
N ILE G 168 30.11 -31.67 -17.70
CA ILE G 168 30.11 -31.02 -16.40
C ILE G 168 29.76 -32.04 -15.32
N GLU G 169 28.67 -32.80 -15.54
CA GLU G 169 28.26 -33.82 -14.57
C GLU G 169 29.34 -34.85 -14.31
N GLU G 170 30.05 -35.30 -15.36
CA GLU G 170 31.11 -36.28 -15.16
C GLU G 170 32.21 -35.71 -14.28
N LEU G 171 32.68 -34.50 -14.61
CA LEU G 171 33.79 -33.90 -13.86
C LEU G 171 33.41 -33.65 -12.41
N VAL G 172 32.28 -32.98 -12.17
CA VAL G 172 31.97 -32.55 -10.80
C VAL G 172 31.69 -33.73 -9.89
N ALA G 173 31.31 -34.88 -10.47
CA ALA G 173 30.92 -36.01 -9.65
C ALA G 173 32.10 -36.64 -8.94
N VAL G 174 33.30 -36.56 -9.50
CA VAL G 174 34.45 -37.28 -8.95
C VAL G 174 35.55 -36.37 -8.44
N ASP G 175 35.41 -35.05 -8.55
CA ASP G 175 36.51 -34.15 -8.19
C ASP G 175 36.04 -33.09 -7.19
N PRO G 176 36.37 -33.26 -5.91
CA PRO G 176 35.88 -32.32 -4.88
C PRO G 176 36.53 -30.95 -4.96
N ALA G 177 37.57 -30.79 -5.78
CA ALA G 177 38.19 -29.49 -5.97
C ALA G 177 37.36 -28.55 -6.85
N ILE G 178 36.39 -29.07 -7.59
CA ILE G 178 35.56 -28.20 -8.44
C ILE G 178 34.49 -27.54 -7.57
N LYS G 179 34.67 -26.25 -7.29
CA LYS G 179 33.81 -25.52 -6.37
C LYS G 179 32.79 -24.61 -7.04
N GLY G 180 32.98 -24.25 -8.30
CA GLY G 180 32.13 -23.25 -8.91
C GLY G 180 32.08 -23.40 -10.41
N MET G 181 31.10 -22.73 -11.02
CA MET G 181 30.99 -22.61 -12.45
C MET G 181 30.55 -21.20 -12.81
N TRP G 182 31.26 -20.57 -13.75
CA TRP G 182 30.81 -19.29 -14.28
C TRP G 182 29.71 -19.53 -15.32
N THR G 183 28.64 -18.73 -15.25
CA THR G 183 27.61 -18.78 -16.27
C THR G 183 27.13 -17.39 -16.58
N VAL G 184 26.64 -17.23 -17.81
CA VAL G 184 25.78 -16.11 -18.14
C VAL G 184 24.54 -16.75 -18.74
N PRO G 185 23.46 -16.93 -17.97
CA PRO G 185 22.44 -17.92 -18.38
C PRO G 185 21.43 -17.38 -19.35
N VAL G 186 21.44 -16.09 -19.65
CA VAL G 186 20.57 -15.49 -20.66
C VAL G 186 21.40 -14.63 -21.57
N PHE G 187 21.29 -14.85 -22.88
CA PHE G 187 22.06 -14.08 -23.86
C PHE G 187 23.54 -13.99 -23.47
N GLY G 188 24.18 -15.15 -23.31
CA GLY G 188 25.56 -15.22 -22.85
C GLY G 188 26.55 -14.31 -23.55
N ASN G 189 27.50 -13.76 -22.77
CA ASN G 189 28.59 -12.96 -23.32
C ASN G 189 29.75 -13.89 -23.65
N PRO G 190 30.05 -14.17 -24.93
CA PRO G 190 29.49 -13.59 -26.15
C PRO G 190 28.71 -14.60 -26.99
N SER G 191 28.46 -15.81 -26.46
CA SER G 191 27.80 -16.85 -27.26
C SER G 191 26.38 -16.49 -27.67
N GLY G 192 25.72 -15.61 -26.92
CA GLY G 192 24.32 -15.31 -27.14
C GLY G 192 23.37 -16.39 -26.73
N VAL G 193 23.88 -17.47 -26.17
CA VAL G 193 23.10 -18.64 -25.77
C VAL G 193 22.34 -18.37 -24.48
N THR G 194 21.09 -18.79 -24.45
CA THR G 194 20.24 -18.74 -23.27
C THR G 194 20.00 -20.15 -22.75
N TYR G 195 20.24 -20.37 -21.46
CA TYR G 195 20.12 -21.73 -20.93
C TYR G 195 18.66 -22.15 -20.90
N SER G 196 18.40 -23.34 -21.43
CA SER G 196 17.07 -23.92 -21.40
C SER G 196 16.73 -24.35 -19.97
N TRP G 197 15.42 -24.52 -19.73
CA TRP G 197 14.95 -25.07 -18.45
C TRP G 197 15.64 -26.38 -18.12
N GLU G 198 15.72 -27.26 -19.10
CA GLU G 198 16.33 -28.57 -18.86
C GLU G 198 17.79 -28.44 -18.46
N THR G 199 18.53 -27.52 -19.09
CA THR G 199 19.91 -27.29 -18.67
C THR G 199 19.95 -26.87 -17.20
N VAL G 200 19.08 -25.92 -16.84
CA VAL G 200 19.10 -25.41 -15.48
C VAL G 200 18.73 -26.49 -14.49
N ARG G 201 17.66 -27.23 -14.79
CA ARG G 201 17.25 -28.33 -13.92
C ARG G 201 18.39 -29.30 -13.67
N ARG G 202 19.11 -29.68 -14.72
CA ARG G 202 20.21 -30.61 -14.54
C ARG G 202 21.34 -30.01 -13.69
N LEU G 203 21.65 -28.72 -13.91
CA LEU G 203 22.75 -28.10 -13.17
C LEU G 203 22.44 -27.95 -11.68
N VAL G 204 21.17 -27.75 -11.30
CA VAL G 204 20.84 -27.62 -9.88
C VAL G 204 20.56 -28.95 -9.20
N GLN G 205 20.33 -30.02 -9.96
CA GLN G 205 20.09 -31.35 -9.40
C GLN G 205 21.34 -32.23 -9.35
N MET G 206 22.33 -31.97 -10.21
CA MET G 206 23.46 -32.88 -10.36
C MET G 206 24.23 -33.03 -9.06
N ARG G 207 24.74 -34.25 -8.82
CA ARG G 207 25.52 -34.53 -7.62
C ARG G 207 26.94 -34.02 -7.81
N THR G 208 27.46 -33.31 -6.80
CA THR G 208 28.82 -32.78 -6.83
C THR G 208 29.65 -33.36 -5.71
N ALA G 209 30.90 -33.70 -6.02
CA ALA G 209 31.81 -34.17 -4.98
C ALA G 209 32.05 -33.10 -3.92
N ALA G 210 32.09 -31.83 -4.31
CA ALA G 210 32.21 -30.74 -3.32
C ALA G 210 30.83 -30.41 -2.79
N PRO G 211 30.60 -30.49 -1.47
CA PRO G 211 29.26 -30.23 -0.92
C PRO G 211 28.80 -28.80 -1.02
N ASP G 212 29.69 -27.88 -1.33
CA ASP G 212 29.40 -26.46 -1.35
C ASP G 212 29.62 -25.90 -2.75
N PHE G 213 29.42 -26.74 -3.75
CA PHE G 213 29.54 -26.31 -5.14
C PHE G 213 28.58 -25.17 -5.41
N ARG G 214 29.01 -24.21 -6.22
CA ARG G 214 28.22 -23.03 -6.50
C ARG G 214 28.11 -22.75 -7.99
N LEU G 215 26.90 -22.37 -8.40
CA LEU G 215 26.63 -21.86 -9.73
C LEU G 215 26.68 -20.34 -9.68
N PHE G 216 27.61 -19.73 -10.40
CA PHE G 216 27.66 -18.28 -10.49
C PHE G 216 26.77 -17.86 -11.64
N TRP G 217 25.56 -17.44 -11.31
CA TRP G 217 24.46 -17.28 -12.25
C TRP G 217 24.41 -15.78 -12.60
N ASP G 218 25.30 -15.38 -13.49
CA ASP G 218 25.47 -13.96 -13.79
C ASP G 218 24.48 -13.55 -14.87
N ASN G 219 23.26 -13.17 -14.44
CA ASN G 219 22.18 -12.81 -15.37
C ASN G 219 22.32 -11.35 -15.80
N ALA G 220 23.49 -11.04 -16.39
CA ALA G 220 23.83 -9.69 -16.85
C ALA G 220 22.90 -9.17 -17.93
N TYR G 221 22.29 -10.05 -18.72
CA TYR G 221 21.50 -9.60 -19.87
C TYR G 221 20.04 -10.02 -19.68
N ALA G 222 19.64 -10.10 -18.40
CA ALA G 222 18.35 -10.65 -17.98
C ALA G 222 17.16 -10.07 -18.75
N VAL G 223 17.19 -8.77 -19.05
CA VAL G 223 16.08 -8.18 -19.76
C VAL G 223 16.51 -7.52 -21.08
N HIS G 224 17.63 -7.95 -21.66
CA HIS G 224 18.30 -7.15 -22.70
C HIS G 224 18.00 -7.72 -24.09
N THR G 225 16.72 -7.73 -24.40
CA THR G 225 16.23 -8.28 -25.65
C THR G 225 16.57 -7.40 -26.86
N LEU G 226 16.80 -8.07 -27.99
CA LEU G 226 16.90 -7.41 -29.29
C LEU G 226 15.63 -7.54 -30.13
N THR G 227 14.57 -8.09 -29.56
CA THR G 227 13.26 -8.21 -30.21
C THR G 227 12.29 -7.48 -29.27
N LEU G 228 10.99 -7.55 -29.56
CA LEU G 228 10.01 -6.91 -28.69
C LEU G 228 9.53 -7.80 -27.55
N ASP G 229 10.15 -8.97 -27.34
CA ASP G 229 9.71 -9.86 -26.29
C ASP G 229 10.76 -9.99 -25.20
N PHE G 230 10.29 -10.16 -23.97
CA PHE G 230 11.29 -10.40 -22.94
C PHE G 230 11.36 -11.88 -22.62
N PRO G 231 12.58 -12.35 -22.39
CA PRO G 231 12.78 -13.77 -22.04
C PRO G 231 12.24 -14.14 -20.67
N ARG G 232 11.73 -15.37 -20.59
CA ARG G 232 11.22 -15.91 -19.34
C ARG G 232 12.38 -16.37 -18.48
N GLN G 233 12.38 -15.95 -17.23
CA GLN G 233 13.47 -16.26 -16.32
C GLN G 233 13.26 -17.66 -15.75
N VAL G 234 14.25 -18.54 -15.90
CA VAL G 234 14.16 -19.83 -15.25
C VAL G 234 14.36 -19.65 -13.76
N ASP G 235 13.53 -20.36 -12.97
CA ASP G 235 13.56 -20.23 -11.50
C ASP G 235 14.68 -21.07 -10.91
N VAL G 236 15.90 -20.55 -11.06
CA VAL G 236 17.08 -21.33 -10.65
C VAL G 236 17.06 -21.55 -9.13
N LEU G 237 16.64 -20.53 -8.37
CA LEU G 237 16.64 -20.68 -6.92
C LEU G 237 15.57 -21.66 -6.45
N GLY G 238 14.40 -21.61 -7.07
CA GLY G 238 13.33 -22.53 -6.70
C GLY G 238 13.67 -23.97 -7.05
N LEU G 239 14.19 -24.19 -8.26
CA LEU G 239 14.55 -25.54 -8.68
C LEU G 239 15.66 -26.09 -7.80
N ALA G 240 16.64 -25.24 -7.46
CA ALA G 240 17.71 -25.71 -6.61
C ALA G 240 17.17 -26.12 -5.24
N ALA G 241 16.29 -25.31 -4.66
CA ALA G 241 15.70 -25.67 -3.38
C ALA G 241 14.89 -26.98 -3.45
N LYS G 242 14.11 -27.15 -4.51
CA LYS G 242 13.34 -28.38 -4.66
C LYS G 242 14.23 -29.61 -4.78
N ALA G 243 15.42 -29.44 -5.35
CA ALA G 243 16.43 -30.49 -5.49
C ALA G 243 17.24 -30.74 -4.23
N GLY G 244 17.07 -29.93 -3.18
CA GLY G 244 17.86 -30.06 -1.98
C GLY G 244 19.22 -29.37 -2.02
N ASN G 245 19.44 -28.47 -2.98
CA ASN G 245 20.68 -27.72 -3.08
C ASN G 245 20.32 -26.24 -3.06
N PRO G 246 19.55 -25.77 -2.06
CA PRO G 246 19.10 -24.36 -2.09
C PRO G 246 20.22 -23.35 -2.17
N ASN G 247 21.39 -23.66 -1.60
CA ASN G 247 22.53 -22.76 -1.54
C ASN G 247 23.37 -22.73 -2.82
N ARG G 248 23.09 -23.60 -3.78
CA ARG G 248 23.94 -23.72 -4.96
C ARG G 248 24.01 -22.48 -5.84
N PRO G 249 22.90 -21.79 -6.18
CA PRO G 249 23.04 -20.65 -7.10
C PRO G 249 23.24 -19.30 -6.43
N TYR G 250 24.16 -18.52 -7.01
CA TYR G 250 24.37 -17.11 -6.71
C TYR G 250 23.91 -16.32 -7.93
N VAL G 251 22.90 -15.49 -7.79
CA VAL G 251 22.33 -14.77 -8.93
C VAL G 251 22.82 -13.32 -8.89
N PHE G 252 23.25 -12.82 -10.05
CA PHE G 252 23.73 -11.45 -10.17
C PHE G 252 22.98 -10.75 -11.30
N ALA G 253 22.80 -9.44 -11.17
CA ALA G 253 22.21 -8.63 -12.22
C ALA G 253 22.68 -7.20 -12.02
N SER G 254 22.38 -6.35 -12.99
CA SER G 254 22.93 -5.00 -13.04
C SER G 254 22.07 -4.09 -13.90
N THR G 255 22.09 -2.78 -13.61
CA THR G 255 21.50 -1.77 -14.50
C THR G 255 22.54 -1.04 -15.35
N SER G 256 23.78 -1.59 -15.44
CA SER G 256 24.85 -0.88 -16.18
C SER G 256 24.46 -0.62 -17.63
N LYS G 257 23.74 -1.57 -18.24
CA LYS G 257 23.28 -1.41 -19.60
C LYS G 257 21.79 -1.15 -19.66
N ILE G 258 21.24 -0.63 -18.57
CA ILE G 258 19.87 -0.14 -18.52
C ILE G 258 19.89 1.37 -18.34
N THR G 259 20.70 1.85 -17.39
CA THR G 259 20.79 3.28 -17.15
C THR G 259 22.18 3.78 -17.54
N PHE G 260 23.12 3.84 -16.62
CA PHE G 260 24.47 4.31 -16.86
C PHE G 260 25.46 3.19 -16.61
N ALA G 261 26.38 2.98 -17.55
CA ALA G 261 27.40 1.94 -17.42
C ALA G 261 28.46 2.46 -16.45
N GLY G 262 28.50 1.87 -15.26
CA GLY G 262 29.34 2.35 -14.20
C GLY G 262 28.67 3.30 -13.24
N GLY G 263 27.42 3.71 -13.50
CA GLY G 263 26.68 4.58 -12.60
C GLY G 263 25.33 4.02 -12.18
N GLY G 264 25.17 2.71 -12.34
CA GLY G 264 23.92 1.99 -12.09
C GLY G 264 23.88 1.30 -10.75
N VAL G 265 23.03 0.27 -10.65
CA VAL G 265 22.82 -0.47 -9.41
C VAL G 265 22.99 -1.96 -9.68
N SER G 266 23.67 -2.66 -8.76
CA SER G 266 23.88 -4.09 -8.87
C SER G 266 22.91 -4.86 -7.97
N PHE G 267 22.78 -6.16 -8.22
CA PHE G 267 21.90 -7.02 -7.43
C PHE G 267 22.54 -8.37 -7.18
N PHE G 268 22.27 -8.93 -6.02
CA PHE G 268 22.68 -10.28 -5.68
C PHE G 268 21.45 -11.01 -5.17
N GLY G 269 21.21 -12.22 -5.67
CA GLY G 269 20.08 -13.03 -5.23
C GLY G 269 20.52 -14.41 -4.82
N GLY G 270 19.86 -14.95 -3.79
CA GLY G 270 20.20 -16.30 -3.36
C GLY G 270 19.21 -16.81 -2.34
N SER G 271 19.50 -18.01 -1.82
CA SER G 271 18.76 -18.57 -0.69
C SER G 271 18.85 -17.60 0.50
N LEU G 272 17.88 -17.70 1.42
CA LEU G 272 17.96 -16.88 2.63
C LEU G 272 19.26 -17.09 3.40
N GLY G 273 19.76 -18.33 3.44
CA GLY G 273 21.05 -18.60 4.08
C GLY G 273 22.20 -17.89 3.38
N ASN G 274 22.19 -17.89 2.05
CA ASN G 274 23.24 -17.19 1.32
C ASN G 274 23.14 -15.69 1.51
N ILE G 275 21.92 -15.15 1.55
CA ILE G 275 21.77 -13.71 1.81
C ILE G 275 22.38 -13.35 3.16
N ALA G 276 22.04 -14.10 4.20
CA ALA G 276 22.59 -13.80 5.53
C ALA G 276 24.09 -13.98 5.54
N TRP G 277 24.58 -15.01 4.86
CA TRP G 277 26.02 -15.24 4.80
C TRP G 277 26.73 -14.07 4.12
N TYR G 278 26.25 -13.68 2.94
CA TYR G 278 26.86 -12.55 2.22
C TYR G 278 26.83 -11.28 3.08
N LEU G 279 25.66 -10.96 3.67
CA LEU G 279 25.57 -9.71 4.43
C LEU G 279 26.42 -9.70 5.68
N GLN G 280 26.64 -10.83 6.37
CA GLN G 280 27.54 -10.78 7.52
C GLN G 280 28.94 -10.30 7.14
N TYR G 281 29.47 -10.80 6.02
CA TYR G 281 30.83 -10.43 5.63
C TYR G 281 30.86 -9.11 4.87
N ALA G 282 29.81 -8.82 4.09
CA ALA G 282 29.75 -7.50 3.46
C ALA G 282 29.64 -6.41 4.53
N GLY G 283 29.04 -6.75 5.68
CA GLY G 283 28.95 -5.78 6.76
C GLY G 283 30.28 -5.41 7.39
N LYS G 284 31.33 -6.20 7.17
CA LYS G 284 32.65 -5.83 7.66
C LYS G 284 33.37 -4.91 6.67
N LYS G 285 32.89 -4.86 5.43
CA LYS G 285 33.52 -4.15 4.34
C LYS G 285 32.97 -2.73 4.23
N SER G 286 31.69 -2.56 4.49
CA SER G 286 31.02 -1.30 4.24
C SER G 286 29.83 -1.15 5.16
N ILE G 287 29.54 0.09 5.55
CA ILE G 287 28.31 0.36 6.29
C ILE G 287 27.08 0.04 5.43
N GLY G 288 27.19 0.15 4.11
CA GLY G 288 26.13 -0.27 3.22
C GLY G 288 26.20 0.45 1.90
N PRO G 289 25.34 0.09 0.95
CA PRO G 289 25.39 0.66 -0.39
C PRO G 289 24.81 2.08 -0.43
N ASP G 290 24.91 2.69 -1.61
CA ASP G 290 24.47 4.06 -1.85
C ASP G 290 22.97 4.06 -2.11
N LYS G 291 22.22 4.44 -1.08
CA LYS G 291 20.77 4.40 -1.13
C LYS G 291 20.24 5.53 -2.00
N VAL G 292 21.01 6.62 -2.12
CA VAL G 292 20.55 7.74 -2.95
C VAL G 292 20.53 7.33 -4.42
N ASN G 293 21.55 6.59 -4.88
CA ASN G 293 21.51 6.17 -6.28
C ASN G 293 20.41 5.14 -6.52
N GLN G 294 20.14 4.28 -5.53
CA GLN G 294 19.03 3.34 -5.64
C GLN G 294 17.70 4.10 -5.69
N LEU G 295 17.59 5.21 -4.95
CA LEU G 295 16.38 6.02 -4.96
C LEU G 295 16.21 6.67 -6.33
N ARG G 296 17.30 7.19 -6.91
CA ARG G 296 17.22 7.76 -8.25
C ARG G 296 16.68 6.74 -9.22
N HIS G 297 17.17 5.50 -9.13
CA HIS G 297 16.70 4.45 -10.05
C HIS G 297 15.24 4.10 -9.81
N LEU G 298 14.81 4.00 -8.55
CA LEU G 298 13.42 3.68 -8.27
C LEU G 298 12.50 4.77 -8.81
N ARG G 299 12.88 6.04 -8.63
CA ARG G 299 12.10 7.17 -9.16
C ARG G 299 12.09 7.17 -10.68
N PHE G 300 13.24 6.89 -11.29
CA PHE G 300 13.32 6.86 -12.75
C PHE G 300 12.48 5.71 -13.32
N PHE G 301 12.61 4.51 -12.76
CA PHE G 301 11.92 3.36 -13.35
C PHE G 301 10.44 3.34 -12.99
N GLY G 302 10.10 3.65 -11.73
CA GLY G 302 8.72 3.59 -11.30
C GLY G 302 8.27 2.17 -11.01
N ASP G 303 8.32 1.31 -12.02
CA ASP G 303 7.95 -0.08 -11.85
C ASP G 303 8.61 -0.95 -12.92
N ALA G 304 8.31 -2.25 -12.86
CA ALA G 304 8.94 -3.21 -13.76
C ALA G 304 8.55 -2.92 -15.21
N ASP G 305 7.30 -2.54 -15.45
CA ASP G 305 6.91 -2.13 -16.79
C ASP G 305 7.71 -0.94 -17.27
N GLY G 306 8.12 -0.05 -16.36
CA GLY G 306 8.98 1.06 -16.77
C GLY G 306 10.32 0.58 -17.29
N VAL G 307 10.89 -0.46 -16.67
CA VAL G 307 12.13 -1.04 -17.16
C VAL G 307 11.90 -1.67 -18.52
N ARG G 308 10.82 -2.42 -18.67
CA ARG G 308 10.54 -3.06 -19.94
C ARG G 308 10.43 -2.00 -21.04
N LEU G 309 9.70 -0.92 -20.76
CA LEU G 309 9.54 0.10 -21.78
C LEU G 309 10.87 0.75 -22.14
N HIS G 310 11.69 1.02 -21.13
CA HIS G 310 13.05 1.52 -21.32
C HIS G 310 13.92 0.57 -22.15
N MET G 311 13.84 -0.73 -21.86
CA MET G 311 14.61 -1.69 -22.65
C MET G 311 14.19 -1.74 -24.12
N LEU G 312 12.89 -1.56 -24.42
CA LEU G 312 12.55 -1.50 -25.84
C LEU G 312 13.11 -0.25 -26.49
N ARG G 313 13.23 0.85 -25.75
CA ARG G 313 13.91 1.98 -26.35
C ARG G 313 15.38 1.65 -26.61
N HIS G 314 16.03 0.90 -25.72
CA HIS G 314 17.37 0.42 -26.03
C HIS G 314 17.36 -0.49 -27.25
N GLN G 315 16.40 -1.43 -27.28
CA GLN G 315 16.30 -2.36 -28.40
C GLN G 315 16.21 -1.68 -29.76
N GLN G 316 15.46 -0.57 -29.83
CA GLN G 316 15.32 0.18 -31.08
C GLN G 316 16.64 0.79 -31.55
N ILE G 317 17.54 1.13 -30.63
CA ILE G 317 18.86 1.61 -31.02
C ILE G 317 19.78 0.46 -31.41
N LEU G 318 19.79 -0.60 -30.62
CA LEU G 318 20.73 -1.69 -30.80
C LEU G 318 20.36 -2.61 -31.97
N ALA G 319 19.10 -2.97 -32.10
CA ALA G 319 18.74 -4.00 -33.08
C ALA G 319 19.22 -3.71 -34.50
N PRO G 320 19.12 -2.48 -35.04
CA PRO G 320 19.66 -2.26 -36.38
C PRO G 320 21.15 -2.45 -36.45
N LYS G 321 21.87 -2.17 -35.36
CA LYS G 321 23.31 -2.41 -35.35
C LYS G 321 23.63 -3.89 -35.42
N PHE G 322 22.93 -4.73 -34.66
CA PHE G 322 23.15 -6.18 -34.79
C PHE G 322 22.73 -6.71 -36.16
N ALA G 323 21.62 -6.21 -36.71
CA ALA G 323 21.19 -6.64 -38.03
C ALA G 323 22.22 -6.27 -39.10
N LEU G 324 22.76 -5.06 -39.02
CA LEU G 324 23.80 -4.64 -39.97
C LEU G 324 25.00 -5.57 -39.92
N VAL G 325 25.51 -5.87 -38.73
CA VAL G 325 26.68 -6.75 -38.60
C VAL G 325 26.40 -8.10 -39.25
N ALA G 326 25.24 -8.67 -38.96
CA ALA G 326 24.90 -9.98 -39.53
C ALA G 326 24.85 -9.92 -41.05
N GLU G 327 24.27 -8.84 -41.58
CA GLU G 327 24.14 -8.66 -43.02
C GLU G 327 25.52 -8.56 -43.70
N VAL G 328 26.47 -7.84 -43.09
CA VAL G 328 27.79 -7.69 -43.71
C VAL G 328 28.51 -9.02 -43.68
N LEU G 329 28.51 -9.70 -42.52
CA LEU G 329 29.11 -11.01 -42.44
C LEU G 329 28.48 -11.93 -43.47
N ASP G 330 27.16 -11.89 -43.62
CA ASP G 330 26.53 -12.75 -44.59
C ASP G 330 27.05 -12.43 -46.00
N GLN G 331 27.04 -11.14 -46.38
CA GLN G 331 27.40 -10.79 -47.75
C GLN G 331 28.84 -11.13 -48.08
N ARG G 332 29.74 -10.93 -47.14
CA ARG G 332 31.13 -11.22 -47.42
C ARG G 332 31.57 -12.68 -47.20
N LEU G 333 31.01 -13.39 -46.24
CA LEU G 333 31.57 -14.68 -45.85
C LEU G 333 30.75 -15.93 -46.18
N SER G 334 29.45 -15.84 -46.43
CA SER G 334 28.63 -17.05 -46.50
C SER G 334 29.12 -18.05 -47.56
N GLU G 335 29.44 -17.57 -48.76
CA GLU G 335 29.89 -18.45 -49.85
C GLU G 335 31.19 -19.14 -49.51
N SER G 336 32.09 -18.45 -48.81
CA SER G 336 33.38 -19.04 -48.51
C SER G 336 33.31 -20.26 -47.60
N LYS G 337 32.25 -20.37 -46.79
CA LYS G 337 32.11 -21.45 -45.80
C LYS G 337 33.36 -21.52 -44.89
N ILE G 338 34.05 -20.40 -44.69
CA ILE G 338 35.19 -20.45 -43.76
C ILE G 338 34.77 -20.10 -42.35
N ALA G 339 33.56 -19.58 -42.18
CA ALA G 339 33.20 -18.91 -40.94
C ALA G 339 31.78 -19.29 -40.54
N SER G 340 31.50 -19.04 -39.28
CA SER G 340 30.14 -19.07 -38.78
C SER G 340 30.05 -18.07 -37.66
N TRP G 341 28.84 -17.59 -37.40
CA TRP G 341 28.71 -16.54 -36.41
C TRP G 341 27.34 -16.69 -35.76
N THR G 342 27.22 -16.16 -34.56
CA THR G 342 25.93 -16.16 -33.88
C THR G 342 25.04 -15.04 -34.42
N GLU G 343 23.74 -15.24 -34.25
CA GLU G 343 22.71 -14.25 -34.57
C GLU G 343 21.90 -14.13 -33.28
N PRO G 344 22.38 -13.38 -32.30
CA PRO G 344 21.78 -13.42 -30.96
C PRO G 344 20.41 -12.76 -30.91
N LYS G 345 19.56 -13.25 -30.02
CA LYS G 345 18.25 -12.64 -29.83
C LYS G 345 18.24 -11.60 -28.72
N GLY G 346 19.40 -11.37 -28.12
CA GLY G 346 19.56 -10.40 -27.04
C GLY G 346 21.01 -10.34 -26.66
N GLY G 347 21.33 -9.48 -25.68
CA GLY G 347 22.71 -9.34 -25.23
C GLY G 347 23.47 -8.30 -26.02
N TYR G 348 24.79 -8.33 -25.84
CA TYR G 348 25.61 -7.23 -26.35
C TYR G 348 26.69 -7.66 -27.34
N PHE G 349 26.71 -8.93 -27.75
CA PHE G 349 27.83 -9.43 -28.53
C PHE G 349 27.42 -10.39 -29.65
N ILE G 350 28.28 -10.44 -30.67
CA ILE G 350 28.21 -11.48 -31.70
C ILE G 350 29.51 -12.27 -31.62
N SER G 351 29.41 -13.60 -31.64
CA SER G 351 30.58 -14.45 -31.58
C SER G 351 30.86 -15.01 -32.96
N LEU G 352 32.02 -14.67 -33.52
CA LEU G 352 32.43 -15.08 -34.87
C LEU G 352 33.55 -16.12 -34.81
N ASP G 353 33.37 -17.21 -35.54
CA ASP G 353 34.43 -18.20 -35.74
C ASP G 353 34.91 -18.10 -37.19
N VAL G 354 36.19 -17.78 -37.38
CA VAL G 354 36.80 -17.78 -38.71
C VAL G 354 37.49 -19.13 -38.91
N LEU G 355 38.33 -19.26 -39.94
CA LEU G 355 39.00 -20.54 -40.20
C LEU G 355 39.93 -20.90 -39.04
N PRO G 356 39.83 -22.12 -38.52
CA PRO G 356 40.67 -22.49 -37.38
C PRO G 356 42.14 -22.31 -37.71
N GLY G 357 42.89 -21.78 -36.74
CA GLY G 357 44.26 -21.39 -36.96
C GLY G 357 44.46 -20.00 -37.49
N THR G 358 43.39 -19.22 -37.64
CA THR G 358 43.53 -17.89 -38.21
C THR G 358 43.00 -16.73 -37.38
N ALA G 359 42.47 -16.98 -36.16
CA ALA G 359 41.84 -15.88 -35.42
C ALA G 359 42.88 -14.85 -34.98
N ARG G 360 44.01 -15.32 -34.42
CA ARG G 360 45.05 -14.37 -34.01
C ARG G 360 45.54 -13.59 -35.22
N ARG G 361 45.76 -14.32 -36.32
CA ARG G 361 46.20 -13.71 -37.56
C ARG G 361 45.22 -12.68 -38.09
N THR G 362 43.92 -13.02 -38.08
CA THR G 362 42.88 -12.09 -38.51
C THR G 362 42.88 -10.79 -37.71
N VAL G 363 42.97 -10.90 -36.38
CA VAL G 363 43.00 -9.71 -35.52
C VAL G 363 44.24 -8.85 -35.81
N ALA G 364 45.37 -9.51 -36.02
CA ALA G 364 46.60 -8.79 -36.34
C ALA G 364 46.47 -8.08 -37.67
N LEU G 365 45.90 -8.79 -38.65
CA LEU G 365 45.62 -8.18 -39.94
C LEU G 365 44.72 -6.96 -39.78
N ALA G 366 43.65 -7.08 -38.96
CA ALA G 366 42.76 -5.96 -38.70
C ALA G 366 43.46 -4.78 -38.02
N LYS G 367 44.29 -5.07 -37.01
CA LYS G 367 45.00 -4.01 -36.32
C LYS G 367 45.91 -3.23 -37.26
N ASP G 368 46.49 -3.90 -38.23
CA ASP G 368 47.42 -3.32 -39.17
C ASP G 368 46.76 -2.52 -40.29
N VAL G 369 45.44 -2.52 -40.40
CA VAL G 369 44.68 -1.61 -41.26
C VAL G 369 43.80 -0.65 -40.46
N GLY G 370 44.03 -0.52 -39.15
CA GLY G 370 43.37 0.48 -38.33
C GLY G 370 41.98 0.11 -37.82
N ILE G 371 41.66 -1.18 -37.73
CA ILE G 371 40.41 -1.70 -37.16
C ILE G 371 40.77 -2.48 -35.90
N ALA G 372 40.36 -1.97 -34.74
CA ALA G 372 40.62 -2.65 -33.49
C ALA G 372 39.61 -3.75 -33.22
N VAL G 373 40.10 -4.95 -33.00
CA VAL G 373 39.27 -6.12 -32.81
C VAL G 373 39.71 -6.80 -31.52
N THR G 374 38.75 -7.33 -30.76
CA THR G 374 39.06 -7.92 -29.48
C THR G 374 40.06 -9.05 -29.68
N GLU G 375 41.05 -9.14 -28.79
CA GLU G 375 42.12 -10.08 -29.00
C GLU G 375 41.60 -11.52 -29.05
N ALA G 376 42.16 -12.30 -29.98
CA ALA G 376 41.82 -13.70 -30.10
C ALA G 376 42.02 -14.39 -28.77
N GLY G 377 41.07 -15.24 -28.40
CA GLY G 377 41.16 -15.97 -27.15
C GLY G 377 40.58 -15.21 -25.98
N ALA G 378 40.16 -13.96 -26.20
CA ALA G 378 39.73 -13.10 -25.10
C ALA G 378 38.60 -13.75 -24.32
N SER G 379 37.80 -14.58 -24.99
CA SER G 379 36.64 -15.21 -24.37
C SER G 379 37.00 -16.57 -23.77
N PHE G 380 38.28 -16.84 -23.55
CA PHE G 380 38.68 -18.14 -23.04
C PHE G 380 39.54 -17.98 -21.80
N PRO G 381 39.46 -18.93 -20.85
CA PRO G 381 40.38 -18.88 -19.71
C PRO G 381 41.82 -18.86 -20.21
N TYR G 382 42.65 -18.04 -19.57
CA TYR G 382 44.05 -17.90 -19.90
C TYR G 382 44.26 -17.36 -21.30
N ARG G 383 43.19 -16.80 -21.90
CA ARG G 383 43.22 -16.30 -23.27
C ARG G 383 43.65 -17.38 -24.28
N LYS G 384 43.35 -18.65 -23.99
CA LYS G 384 43.74 -19.77 -24.85
C LYS G 384 42.50 -20.32 -25.57
N ASP G 385 42.33 -19.93 -26.84
CA ASP G 385 41.37 -20.58 -27.72
C ASP G 385 42.11 -21.71 -28.44
N PRO G 386 41.86 -22.98 -28.11
CA PRO G 386 42.68 -24.06 -28.70
C PRO G 386 42.51 -24.22 -30.22
N ASP G 387 41.47 -23.68 -30.83
CA ASP G 387 41.32 -23.81 -32.28
C ASP G 387 41.74 -22.53 -32.98
N ASP G 388 42.08 -21.50 -32.20
CA ASP G 388 42.48 -20.20 -32.71
C ASP G 388 41.52 -19.75 -33.81
N LYS G 389 40.22 -19.75 -33.49
CA LYS G 389 39.20 -19.40 -34.46
C LYS G 389 38.21 -18.33 -33.99
N ASN G 390 38.00 -18.14 -32.68
CA ASN G 390 36.90 -17.32 -32.19
C ASN G 390 37.30 -15.85 -32.06
N ILE G 391 36.46 -14.97 -32.59
CA ILE G 391 36.54 -13.51 -32.45
C ILE G 391 35.21 -12.97 -31.95
N ARG G 392 35.28 -11.91 -31.14
CA ARG G 392 34.12 -11.32 -30.47
C ARG G 392 33.89 -9.91 -30.99
N ILE G 393 32.68 -9.64 -31.49
CA ILE G 393 32.34 -8.34 -32.07
C ILE G 393 31.37 -7.62 -31.13
N ALA G 394 31.66 -6.34 -30.81
CA ALA G 394 30.81 -5.50 -29.98
C ALA G 394 30.11 -4.45 -30.83
N PRO G 395 28.86 -4.65 -31.23
CA PRO G 395 28.22 -3.71 -32.16
C PRO G 395 27.64 -2.46 -31.52
N SER G 396 27.55 -2.39 -30.19
CA SER G 396 26.68 -1.38 -29.56
C SER G 396 27.20 0.04 -29.74
N PHE G 397 28.52 0.26 -29.64
CA PHE G 397 28.98 1.63 -29.48
C PHE G 397 29.06 2.42 -30.79
N PRO G 398 29.71 1.91 -31.84
CA PRO G 398 29.92 2.72 -33.05
C PRO G 398 28.62 3.02 -33.79
N SER G 399 28.69 4.07 -34.60
CA SER G 399 27.61 4.41 -35.51
C SER G 399 27.45 3.33 -36.58
N VAL G 400 26.28 3.32 -37.20
CA VAL G 400 26.03 2.36 -38.27
C VAL G 400 27.10 2.46 -39.37
N PRO G 401 27.49 3.66 -39.85
CA PRO G 401 28.50 3.71 -40.92
C PRO G 401 29.87 3.20 -40.48
N ASP G 402 30.26 3.48 -39.23
CA ASP G 402 31.52 2.98 -38.72
C ASP G 402 31.47 1.48 -38.56
N LEU G 403 30.32 0.99 -38.13
CA LEU G 403 30.16 -0.42 -37.87
C LEU G 403 30.25 -1.20 -39.19
N ARG G 404 29.62 -0.68 -40.25
CA ARG G 404 29.70 -1.32 -41.56
C ARG G 404 31.13 -1.40 -42.06
N ASN G 405 31.86 -0.28 -41.98
CA ASN G 405 33.23 -0.25 -42.46
C ASN G 405 34.12 -1.18 -41.65
N ALA G 406 33.91 -1.23 -40.33
CA ALA G 406 34.77 -2.01 -39.46
C ALA G 406 34.56 -3.50 -39.72
N VAL G 407 33.29 -3.90 -39.81
CA VAL G 407 32.99 -5.30 -40.04
C VAL G 407 33.34 -5.70 -41.48
N ASP G 408 33.13 -4.81 -42.44
CA ASP G 408 33.53 -5.18 -43.80
C ASP G 408 35.03 -5.34 -43.92
N GLY G 409 35.79 -4.47 -43.24
CA GLY G 409 37.24 -4.63 -43.23
C GLY G 409 37.62 -5.90 -42.53
N LEU G 410 36.97 -6.17 -41.39
CA LEU G 410 37.22 -7.39 -40.65
C LEU G 410 37.02 -8.62 -41.54
N ALA G 411 35.97 -8.60 -42.36
CA ALA G 411 35.71 -9.71 -43.28
C ALA G 411 36.84 -9.91 -44.29
N THR G 412 37.31 -8.82 -44.92
CA THR G 412 38.45 -8.92 -45.82
C THR G 412 39.66 -9.55 -45.14
N CYS G 413 39.96 -9.14 -43.91
CA CYS G 413 41.11 -9.69 -43.18
C CYS G 413 40.91 -11.18 -42.88
N ALA G 414 39.68 -11.57 -42.53
CA ALA G 414 39.40 -12.97 -42.21
C ALA G 414 39.58 -13.87 -43.42
N LEU G 415 39.12 -13.40 -44.58
CA LEU G 415 39.26 -14.14 -45.82
C LEU G 415 40.74 -14.30 -46.22
N LEU G 416 41.53 -13.23 -46.11
CA LEU G 416 42.94 -13.34 -46.48
C LEU G 416 43.71 -14.31 -45.58
N ALA G 417 43.45 -14.27 -44.28
CA ALA G 417 44.05 -15.22 -43.35
C ALA G 417 43.67 -16.65 -43.69
N ALA G 418 42.43 -16.85 -44.13
CA ALA G 418 41.99 -18.19 -44.46
C ALA G 418 42.82 -18.73 -45.62
N THR G 419 42.95 -17.95 -46.71
CA THR G 419 43.71 -18.43 -47.86
C THR G 419 45.20 -18.60 -47.51
N GLU G 420 45.80 -17.69 -46.71
CA GLU G 420 47.19 -17.92 -46.33
C GLU G 420 47.38 -19.29 -45.69
N THR G 421 46.51 -19.66 -44.74
CA THR G 421 46.66 -20.92 -44.00
C THR G 421 46.39 -22.12 -44.90
N LEU G 422 45.38 -22.04 -45.76
CA LEU G 422 45.11 -23.13 -46.70
C LEU G 422 46.34 -23.39 -47.57
N LEU G 423 47.00 -22.33 -48.06
CA LEU G 423 48.17 -22.56 -48.90
C LEU G 423 49.35 -23.11 -48.08
N ASN G 424 49.39 -22.89 -46.77
CA ASN G 424 50.42 -23.40 -45.86
C ASN G 424 51.73 -22.65 -46.08
N PRO H 8 -0.32 21.23 -72.42
CA PRO H 8 -1.39 21.49 -73.39
C PRO H 8 -1.62 20.25 -74.24
N GLN H 9 -0.85 20.13 -75.30
CA GLN H 9 -0.87 18.92 -76.11
C GLN H 9 -0.44 17.77 -75.24
N GLU H 10 0.57 18.03 -74.41
CA GLU H 10 1.13 17.06 -73.48
C GLU H 10 0.11 16.62 -72.45
N LEU H 11 -0.72 17.55 -71.96
CA LEU H 11 -1.78 17.15 -71.02
C LEU H 11 -2.82 16.24 -71.66
N ALA H 12 -3.19 16.52 -72.92
CA ALA H 12 -4.14 15.64 -73.58
C ALA H 12 -3.50 14.29 -73.84
N ALA H 13 -2.22 14.32 -74.22
CA ALA H 13 -1.40 13.13 -74.42
C ALA H 13 -1.14 12.37 -73.12
N LEU H 14 -0.88 13.09 -72.02
CA LEU H 14 -0.66 12.47 -70.71
C LEU H 14 -1.88 11.68 -70.25
N HIS H 15 -3.07 12.23 -70.48
CA HIS H 15 -4.30 11.56 -70.11
C HIS H 15 -4.29 10.15 -70.71
N ALA H 16 -3.76 10.00 -71.94
CA ALA H 16 -3.68 8.67 -72.56
C ALA H 16 -2.78 7.72 -71.76
N ARG H 17 -1.70 8.22 -71.14
CA ARG H 17 -0.86 7.37 -70.29
C ARG H 17 -1.67 6.83 -69.10
N HIS H 18 -2.26 7.73 -68.31
CA HIS H 18 -3.09 7.37 -67.17
C HIS H 18 -4.26 6.50 -67.58
N GLN H 19 -4.91 6.84 -68.70
CA GLN H 19 -6.01 6.03 -69.21
C GLN H 19 -5.50 4.63 -69.47
N GLN H 20 -4.25 4.53 -69.95
CA GLN H 20 -3.60 3.25 -70.20
C GLN H 20 -3.27 2.55 -68.88
N ASP H 21 -2.74 3.31 -67.91
CA ASP H 21 -2.48 2.78 -66.56
C ASP H 21 -3.75 2.23 -65.91
N TYR H 22 -4.88 2.91 -66.07
CA TYR H 22 -6.10 2.48 -65.40
C TYR H 22 -6.65 1.20 -66.03
N ALA H 23 -6.53 1.08 -67.36
CA ALA H 23 -6.95 -0.13 -68.05
C ALA H 23 -6.19 -1.35 -67.57
N ALA H 24 -4.86 -1.21 -67.40
CA ALA H 24 -4.04 -2.31 -66.87
C ALA H 24 -4.50 -2.66 -65.47
N LEU H 25 -4.78 -1.63 -64.68
CA LEU H 25 -5.23 -1.80 -63.31
C LEU H 25 -6.53 -2.57 -63.32
N GLN H 26 -7.41 -2.26 -64.26
CA GLN H 26 -8.68 -2.97 -64.36
C GLN H 26 -8.50 -4.48 -64.56
N GLY H 27 -7.48 -4.90 -65.32
CA GLY H 27 -7.28 -6.33 -65.53
C GLY H 27 -6.96 -7.16 -64.30
N MET H 28 -6.32 -6.58 -63.29
CA MET H 28 -5.81 -7.41 -62.20
C MET H 28 -6.90 -7.98 -61.29
N LYS H 29 -8.16 -7.59 -61.48
CA LYS H 29 -9.30 -8.12 -60.74
C LYS H 29 -9.08 -8.09 -59.22
N LEU H 30 -8.79 -6.90 -58.70
CA LEU H 30 -8.54 -6.71 -57.26
C LEU H 30 -9.74 -6.61 -56.33
N ALA H 31 -9.55 -7.04 -55.09
CA ALA H 31 -10.54 -6.96 -54.03
C ALA H 31 -9.86 -6.44 -52.75
N LEU H 32 -9.61 -5.15 -52.68
CA LEU H 32 -8.87 -4.50 -51.60
C LEU H 32 -9.72 -3.41 -50.94
N ASP H 33 -9.31 -2.98 -49.75
CA ASP H 33 -10.13 -2.08 -48.93
C ASP H 33 -9.27 -1.16 -48.06
N LEU H 34 -9.52 0.15 -48.15
CA LEU H 34 -8.84 1.18 -47.36
C LEU H 34 -9.81 1.98 -46.48
N THR H 35 -10.97 1.41 -46.14
CA THR H 35 -12.02 2.15 -45.46
C THR H 35 -12.10 1.85 -43.98
N ARG H 36 -11.45 0.78 -43.52
CA ARG H 36 -11.68 0.23 -42.18
C ARG H 36 -10.66 0.82 -41.21
N GLY H 37 -11.10 1.73 -40.37
CA GLY H 37 -10.22 2.30 -39.37
C GLY H 37 -10.14 1.35 -38.18
N LYS H 38 -9.81 0.07 -38.39
CA LYS H 38 -9.81 -0.85 -37.26
C LYS H 38 -8.47 -1.57 -37.15
N PRO H 39 -8.10 -2.03 -35.95
CA PRO H 39 -6.80 -2.71 -35.76
C PRO H 39 -6.65 -4.02 -36.54
N SER H 40 -5.40 -4.33 -36.91
CA SER H 40 -5.19 -5.60 -37.56
C SER H 40 -5.31 -6.74 -36.55
N ALA H 41 -5.49 -7.95 -37.08
CA ALA H 41 -5.46 -9.15 -36.25
C ALA H 41 -4.17 -9.24 -35.46
N GLU H 42 -3.04 -8.90 -36.12
CA GLU H 42 -1.76 -8.91 -35.44
C GLU H 42 -1.75 -7.95 -34.26
N GLN H 43 -2.35 -6.77 -34.41
CA GLN H 43 -2.47 -5.87 -33.26
C GLN H 43 -3.33 -6.48 -32.17
N LEU H 44 -4.43 -7.11 -32.55
CA LEU H 44 -5.34 -7.67 -31.56
C LEU H 44 -4.66 -8.80 -30.80
N ASP H 45 -3.82 -9.57 -31.50
CA ASP H 45 -3.08 -10.66 -30.86
C ASP H 45 -2.27 -10.19 -29.67
N LEU H 46 -1.81 -8.94 -29.69
CA LEU H 46 -1.07 -8.39 -28.54
C LEU H 46 -1.86 -8.49 -27.24
N SER H 47 -3.19 -8.52 -27.30
CA SER H 47 -4.04 -8.52 -26.11
C SER H 47 -4.75 -9.86 -25.87
N ASN H 48 -4.33 -10.94 -26.50
CA ASN H 48 -5.04 -12.19 -26.28
C ASN H 48 -5.02 -12.67 -24.83
N GLN H 49 -4.14 -12.13 -23.99
CA GLN H 49 -4.20 -12.58 -22.59
C GLN H 49 -5.52 -12.15 -21.93
N LEU H 50 -6.13 -11.05 -22.40
CA LEU H 50 -7.44 -10.66 -21.87
C LEU H 50 -8.47 -11.78 -21.96
N LEU H 51 -8.34 -12.67 -22.93
CA LEU H 51 -9.33 -13.72 -23.14
C LEU H 51 -9.31 -14.74 -22.00
N SER H 52 -8.30 -14.69 -21.12
CA SER H 52 -8.22 -15.57 -19.95
C SER H 52 -8.29 -14.84 -18.62
N LEU H 53 -8.44 -13.53 -18.63
CA LEU H 53 -8.48 -12.69 -17.45
C LEU H 53 -9.93 -12.45 -17.05
N PRO H 54 -10.21 -12.16 -15.76
CA PRO H 54 -9.27 -11.93 -14.67
C PRO H 54 -8.84 -13.20 -14.01
N GLY H 55 -9.41 -14.32 -14.46
CA GLY H 55 -9.15 -15.59 -13.78
C GLY H 55 -9.92 -15.68 -12.46
N ASP H 56 -9.42 -16.55 -11.57
CA ASP H 56 -10.15 -16.90 -10.36
C ASP H 56 -10.41 -15.71 -9.45
N ASP H 57 -9.52 -14.72 -9.42
CA ASP H 57 -9.66 -13.59 -8.52
C ASP H 57 -10.55 -12.50 -9.11
N TYR H 58 -11.81 -12.47 -8.68
CA TYR H 58 -12.81 -11.54 -9.21
C TYR H 58 -12.88 -10.23 -8.43
N ARG H 59 -12.01 -10.01 -7.43
CA ARG H 59 -12.04 -8.79 -6.63
C ARG H 59 -11.01 -7.78 -7.12
N ASP H 60 -11.41 -6.51 -7.12
CA ASP H 60 -10.47 -5.46 -7.45
C ASP H 60 -9.62 -5.15 -6.21
N PRO H 61 -8.64 -4.24 -6.33
CA PRO H 61 -7.79 -3.96 -5.15
C PRO H 61 -8.55 -3.42 -3.95
N GLU H 62 -9.74 -2.85 -4.12
CA GLU H 62 -10.52 -2.41 -2.97
C GLU H 62 -11.33 -3.53 -2.35
N GLY H 63 -11.28 -4.73 -2.91
CA GLY H 63 -12.10 -5.79 -2.36
C GLY H 63 -13.48 -5.90 -2.97
N THR H 64 -13.80 -5.09 -3.97
CA THR H 64 -15.13 -5.16 -4.58
C THR H 64 -15.31 -6.46 -5.34
N ASP H 65 -16.41 -7.15 -5.05
CA ASP H 65 -16.84 -8.28 -5.87
C ASP H 65 -17.35 -7.74 -7.20
N THR H 66 -16.56 -7.87 -8.26
CA THR H 66 -16.94 -7.26 -9.53
C THR H 66 -18.10 -7.98 -10.21
N ARG H 67 -18.48 -9.17 -9.74
CA ARG H 67 -19.53 -9.97 -10.35
C ARG H 67 -20.95 -9.51 -10.00
N ASN H 68 -21.10 -8.56 -9.07
CA ASN H 68 -22.42 -8.20 -8.55
C ASN H 68 -22.76 -6.74 -8.84
N TYR H 69 -24.05 -6.41 -8.71
CA TYR H 69 -24.52 -5.06 -9.03
C TYR H 69 -23.85 -4.00 -8.16
N GLY H 70 -23.73 -2.81 -8.72
CA GLY H 70 -23.40 -1.63 -7.94
C GLY H 70 -22.18 -0.92 -8.48
N GLY H 71 -22.19 0.42 -8.35
CA GLY H 71 -21.02 1.21 -8.66
C GLY H 71 -21.06 1.85 -10.03
N GLN H 72 -21.35 3.14 -10.08
CA GLN H 72 -21.46 3.88 -11.33
C GLN H 72 -20.15 4.44 -11.86
N HIS H 73 -19.12 4.64 -11.00
CA HIS H 73 -17.92 5.35 -11.46
C HIS H 73 -16.93 4.47 -12.21
N GLY H 74 -16.99 3.17 -12.03
CA GLY H 74 -15.97 2.27 -12.53
C GLY H 74 -14.86 2.01 -11.51
N LEU H 75 -14.04 1.02 -11.79
CA LEU H 75 -13.03 0.60 -10.81
C LEU H 75 -11.95 1.66 -10.67
N PRO H 76 -11.66 2.15 -9.44
CA PRO H 76 -10.63 3.22 -9.30
C PRO H 76 -9.25 2.84 -9.81
N GLY H 77 -8.89 1.56 -9.73
CA GLY H 77 -7.55 1.17 -10.12
C GLY H 77 -7.36 1.31 -11.61
N LEU H 78 -8.41 1.03 -12.39
CA LEU H 78 -8.29 1.24 -13.82
C LEU H 78 -8.36 2.72 -14.15
N ARG H 79 -9.27 3.45 -13.48
CA ARG H 79 -9.29 4.90 -13.65
C ARG H 79 -7.96 5.56 -13.28
N ALA H 80 -7.28 5.06 -12.24
CA ALA H 80 -5.99 5.65 -11.86
C ALA H 80 -4.97 5.52 -12.98
N ILE H 81 -5.03 4.44 -13.74
CA ILE H 81 -4.09 4.25 -14.83
C ILE H 81 -4.33 5.29 -15.92
N PHE H 82 -5.58 5.45 -16.33
CA PHE H 82 -5.88 6.43 -17.38
C PHE H 82 -5.88 7.86 -16.85
N ALA H 83 -6.10 8.04 -15.54
CA ALA H 83 -5.91 9.35 -14.93
C ALA H 83 -4.50 9.88 -15.15
N GLU H 84 -3.50 9.04 -14.96
CA GLU H 84 -2.13 9.42 -15.23
C GLU H 84 -1.92 9.70 -16.71
N LEU H 85 -2.43 8.82 -17.57
CA LEU H 85 -2.22 8.97 -19.00
C LEU H 85 -2.87 10.23 -19.53
N LEU H 86 -4.03 10.59 -19.02
CA LEU H 86 -4.81 11.73 -19.52
C LEU H 86 -4.53 13.03 -18.77
N GLY H 87 -3.91 12.97 -17.60
CA GLY H 87 -3.76 14.16 -16.78
C GLY H 87 -5.08 14.63 -16.20
N ILE H 88 -5.88 13.69 -15.70
CA ILE H 88 -7.18 13.98 -15.11
C ILE H 88 -7.25 13.26 -13.77
N ALA H 89 -7.65 13.96 -12.70
CA ALA H 89 -7.68 13.29 -11.41
C ALA H 89 -8.74 12.18 -11.42
N VAL H 90 -8.48 11.12 -10.64
CA VAL H 90 -9.39 9.97 -10.57
C VAL H 90 -10.85 10.36 -10.30
N PRO H 91 -11.16 11.25 -9.35
CA PRO H 91 -12.56 11.63 -9.15
C PRO H 91 -13.20 12.34 -10.34
N ASN H 92 -12.41 12.86 -11.28
CA ASN H 92 -12.96 13.54 -12.45
C ASN H 92 -13.09 12.59 -13.64
N LEU H 93 -12.84 11.30 -13.44
CA LEU H 93 -12.80 10.35 -14.53
C LEU H 93 -13.61 9.12 -14.13
N ILE H 94 -14.51 8.72 -15.01
CA ILE H 94 -15.23 7.48 -14.82
C ILE H 94 -14.94 6.55 -15.99
N ALA H 95 -15.15 5.26 -15.75
CA ALA H 95 -14.99 4.23 -16.76
C ALA H 95 -16.36 3.61 -17.05
N GLY H 96 -16.67 3.48 -18.34
CA GLY H 96 -17.94 2.99 -18.80
C GLY H 96 -17.86 1.61 -19.41
N ASN H 97 -18.70 1.36 -20.42
CA ASN H 97 -18.67 0.08 -21.12
C ASN H 97 -17.76 0.14 -22.35
N ASN H 98 -18.17 -0.51 -23.45
CA ASN H 98 -17.24 -0.79 -24.52
C ASN H 98 -17.18 0.31 -25.57
N SER H 99 -17.81 1.45 -25.33
CA SER H 99 -17.97 2.47 -26.36
C SER H 99 -17.89 3.86 -25.76
N SER H 100 -16.85 4.62 -26.14
CA SER H 100 -16.80 6.04 -25.83
C SER H 100 -17.80 6.83 -26.67
N LEU H 101 -18.08 6.38 -27.89
CA LEU H 101 -19.09 7.05 -28.70
C LEU H 101 -20.44 7.12 -27.98
N GLU H 102 -20.79 6.04 -27.29
CA GLU H 102 -22.05 5.94 -26.57
C GLU H 102 -22.14 6.93 -25.41
N LEU H 103 -21.00 7.21 -24.75
CA LEU H 103 -20.95 8.25 -23.71
C LEU H 103 -21.26 9.61 -24.33
N MET H 104 -20.60 9.91 -25.45
CA MET H 104 -20.80 11.16 -26.17
C MET H 104 -22.24 11.29 -26.63
N HIS H 105 -22.76 10.22 -27.23
CA HIS H 105 -24.15 10.20 -27.68
C HIS H 105 -25.11 10.49 -26.53
N ASP H 106 -24.94 9.78 -25.41
CA ASP H 106 -25.87 9.96 -24.30
C ASP H 106 -25.80 11.36 -23.70
N ILE H 107 -24.59 11.95 -23.66
CA ILE H 107 -24.42 13.31 -23.17
C ILE H 107 -25.15 14.29 -24.07
N VAL H 108 -25.04 14.13 -25.38
CA VAL H 108 -25.80 14.99 -26.28
C VAL H 108 -27.30 14.82 -26.06
N ALA H 109 -27.76 13.55 -25.99
CA ALA H 109 -29.16 13.23 -25.73
C ALA H 109 -29.64 13.79 -24.39
N PHE H 110 -28.83 13.67 -23.33
CA PHE H 110 -29.22 14.25 -22.04
C PHE H 110 -29.36 15.77 -22.15
N SER H 111 -28.45 16.39 -22.89
CA SER H 111 -28.51 17.84 -23.07
C SER H 111 -29.79 18.25 -23.79
N MET H 112 -30.19 17.47 -24.82
CA MET H 112 -31.46 17.72 -25.50
C MET H 112 -32.66 17.55 -24.56
N LEU H 113 -32.72 16.45 -23.83
CA LEU H 113 -33.93 16.17 -23.06
C LEU H 113 -33.98 16.94 -21.75
N TYR H 114 -32.84 17.08 -21.08
CA TYR H 114 -32.75 17.64 -19.75
C TYR H 114 -32.00 18.93 -19.67
N GLY H 115 -31.14 19.23 -20.64
CA GLY H 115 -30.18 20.28 -20.48
C GLY H 115 -28.97 19.81 -19.70
N GLY H 116 -27.87 20.52 -19.87
CA GLY H 116 -26.69 20.25 -19.08
C GLY H 116 -26.85 20.79 -17.65
N VAL H 117 -25.78 20.64 -16.87
CA VAL H 117 -25.81 20.94 -15.44
C VAL H 117 -26.15 22.41 -15.16
N ASP H 118 -25.82 23.34 -16.09
CA ASP H 118 -26.02 24.77 -15.92
C ASP H 118 -26.70 25.38 -17.14
N SER H 119 -27.49 24.61 -17.86
CA SER H 119 -28.22 25.10 -19.02
C SER H 119 -29.44 25.92 -18.59
N PRO H 120 -29.81 26.97 -19.33
CA PRO H 120 -31.07 27.67 -19.03
C PRO H 120 -32.30 26.81 -19.23
N ARG H 121 -32.24 25.82 -20.12
CA ARG H 121 -33.36 24.94 -20.37
C ARG H 121 -32.84 23.75 -21.18
N PRO H 122 -33.58 22.66 -21.24
CA PRO H 122 -33.19 21.58 -22.15
C PRO H 122 -33.06 22.13 -23.56
N TRP H 123 -32.08 21.62 -24.29
CA TRP H 123 -31.82 22.15 -25.63
C TRP H 123 -32.99 21.93 -26.57
N ILE H 124 -33.73 20.83 -26.41
CA ILE H 124 -34.90 20.59 -27.25
C ILE H 124 -35.99 21.67 -27.09
N GLN H 125 -35.87 22.56 -26.11
CA GLN H 125 -36.83 23.64 -25.89
C GLN H 125 -36.39 24.98 -26.48
N GLU H 126 -35.24 25.03 -27.14
CA GLU H 126 -34.72 26.25 -27.77
C GLU H 126 -35.43 26.49 -29.09
N GLN H 127 -36.29 27.51 -29.11
CA GLN H 127 -37.13 27.74 -30.30
C GLN H 127 -36.31 28.10 -31.54
N ASP H 128 -35.13 28.69 -31.38
CA ASP H 128 -34.28 28.97 -32.54
C ASP H 128 -33.23 27.88 -32.82
N GLY H 129 -33.30 26.74 -32.16
CA GLY H 129 -32.45 25.62 -32.56
C GLY H 129 -31.04 25.65 -31.98
N ILE H 130 -30.29 24.59 -32.29
CA ILE H 130 -28.99 24.31 -31.70
C ILE H 130 -27.99 24.05 -32.81
N LYS H 131 -26.78 24.56 -32.63
CA LYS H 131 -25.69 24.42 -33.58
C LYS H 131 -24.45 23.87 -32.89
N PHE H 132 -23.70 23.01 -33.60
CA PHE H 132 -22.37 22.59 -33.19
C PHE H 132 -21.35 23.05 -34.22
N LEU H 133 -20.18 23.47 -33.73
CA LEU H 133 -19.04 23.75 -34.59
C LEU H 133 -18.28 22.48 -34.92
N CYS H 134 -17.91 22.32 -36.19
CA CYS H 134 -17.26 21.08 -36.65
C CYS H 134 -15.96 21.35 -37.41
N PRO H 135 -14.81 21.27 -36.75
CA PRO H 135 -13.53 21.31 -37.49
C PRO H 135 -13.48 20.20 -38.53
N VAL H 136 -13.08 20.55 -39.75
CA VAL H 136 -13.02 19.57 -40.83
C VAL H 136 -11.63 19.56 -41.44
N PRO H 137 -11.16 18.43 -42.04
CA PRO H 137 -11.89 17.15 -42.02
C PRO H 137 -12.00 16.59 -40.61
N GLY H 138 -13.12 15.90 -40.32
CA GLY H 138 -13.39 15.38 -38.99
C GLY H 138 -14.00 14.00 -38.99
N TYR H 139 -14.55 13.61 -37.84
CA TYR H 139 -14.98 12.22 -37.60
C TYR H 139 -16.46 12.08 -37.96
N ASP H 140 -16.77 11.25 -38.95
CA ASP H 140 -18.15 11.18 -39.41
C ASP H 140 -19.12 10.70 -38.32
N ARG H 141 -18.69 9.84 -37.39
CA ARG H 141 -19.66 9.44 -36.36
C ARG H 141 -19.92 10.55 -35.34
N HIS H 142 -19.01 11.51 -35.14
CA HIS H 142 -19.41 12.70 -34.42
C HIS H 142 -20.53 13.42 -35.15
N PHE H 143 -20.34 13.67 -36.45
CA PHE H 143 -21.34 14.41 -37.22
C PHE H 143 -22.68 13.70 -37.26
N ALA H 144 -22.66 12.37 -37.26
CA ALA H 144 -23.87 11.55 -37.30
C ALA H 144 -24.73 11.75 -36.04
N ILE H 145 -24.10 12.00 -34.88
CA ILE H 145 -24.86 12.20 -33.65
C ILE H 145 -25.66 13.49 -33.75
N THR H 146 -24.98 14.59 -34.09
CA THR H 146 -25.65 15.88 -34.17
C THR H 146 -26.65 15.86 -35.33
N GLU H 147 -26.31 15.19 -36.43
CA GLU H 147 -27.23 15.14 -37.55
C GLU H 147 -28.53 14.45 -37.14
N THR H 148 -28.42 13.33 -36.41
CA THR H 148 -29.61 12.55 -36.08
C THR H 148 -30.47 13.31 -35.07
N MET H 149 -29.84 14.18 -34.28
CA MET H 149 -30.56 14.96 -33.29
C MET H 149 -31.17 16.23 -33.87
N GLY H 150 -30.84 16.53 -35.13
CA GLY H 150 -31.35 17.74 -35.77
C GLY H 150 -30.57 18.97 -35.36
N ILE H 151 -29.32 18.80 -34.97
CA ILE H 151 -28.45 19.88 -34.54
C ILE H 151 -27.65 20.37 -35.74
N GLU H 152 -27.76 21.67 -36.05
CA GLU H 152 -27.07 22.19 -37.21
C GLU H 152 -25.55 22.15 -36.98
N MET H 153 -24.81 21.78 -38.03
CA MET H 153 -23.35 21.68 -37.98
C MET H 153 -22.71 22.76 -38.84
N ILE H 154 -21.84 23.56 -38.24
CA ILE H 154 -21.10 24.62 -38.93
C ILE H 154 -19.65 24.17 -39.09
N PRO H 155 -19.18 23.93 -40.32
CA PRO H 155 -17.80 23.47 -40.53
C PRO H 155 -16.76 24.56 -40.25
N ILE H 156 -15.62 24.15 -39.68
CA ILE H 156 -14.54 25.10 -39.35
C ILE H 156 -13.26 24.56 -40.01
N PRO H 157 -12.54 25.34 -40.79
CA PRO H 157 -11.25 24.84 -41.34
C PRO H 157 -10.29 24.41 -40.24
N MET H 158 -9.57 23.32 -40.51
CA MET H 158 -8.52 22.83 -39.63
C MET H 158 -7.22 23.50 -40.10
N LEU H 159 -6.39 23.95 -39.16
CA LEU H 159 -5.07 24.47 -39.48
C LEU H 159 -3.93 23.61 -38.91
N GLN H 160 -2.72 24.18 -38.92
CA GLN H 160 -1.51 23.44 -38.56
C GLN H 160 -1.60 22.83 -37.16
N ASP H 161 -1.95 23.65 -36.16
CA ASP H 161 -1.97 23.30 -34.74
C ASP H 161 -3.38 23.33 -34.13
N GLY H 162 -4.42 23.18 -34.95
CA GLY H 162 -5.77 23.17 -34.43
C GLY H 162 -6.73 23.72 -35.45
N PRO H 163 -7.97 23.81 -35.10
CA PRO H 163 -8.93 24.46 -36.00
C PRO H 163 -8.70 25.96 -36.01
N ASP H 164 -9.51 26.67 -36.79
CA ASP H 164 -9.48 28.12 -36.92
C ASP H 164 -10.14 28.78 -35.70
N VAL H 165 -9.35 29.02 -34.65
CA VAL H 165 -9.93 29.56 -33.42
C VAL H 165 -10.43 30.99 -33.64
N ASP H 166 -9.75 31.78 -34.49
CA ASP H 166 -10.27 33.10 -34.83
C ASP H 166 -11.71 33.02 -35.32
N LEU H 167 -11.98 32.10 -36.25
CA LEU H 167 -13.34 32.00 -36.77
C LEU H 167 -14.27 31.49 -35.67
N ILE H 168 -13.82 30.48 -34.93
CA ILE H 168 -14.62 29.92 -33.84
C ILE H 168 -14.97 31.00 -32.83
N GLU H 169 -13.97 31.77 -32.38
CA GLU H 169 -14.21 32.83 -31.41
C GLU H 169 -15.24 33.83 -31.91
N GLU H 170 -15.20 34.17 -33.20
CA GLU H 170 -16.16 35.14 -33.73
C GLU H 170 -17.57 34.58 -33.77
N LEU H 171 -17.73 33.32 -34.21
CA LEU H 171 -19.05 32.70 -34.22
C LEU H 171 -19.65 32.61 -32.81
N VAL H 172 -18.95 31.97 -31.88
CA VAL H 172 -19.56 31.72 -30.56
C VAL H 172 -19.86 33.01 -29.81
N ALA H 173 -19.15 34.11 -30.11
CA ALA H 173 -19.33 35.31 -29.32
C ALA H 173 -20.72 35.93 -29.52
N VAL H 174 -21.33 35.74 -30.70
CA VAL H 174 -22.59 36.41 -31.02
C VAL H 174 -23.77 35.46 -31.23
N ASP H 175 -23.60 34.15 -31.15
CA ASP H 175 -24.72 33.26 -31.47
C ASP H 175 -24.97 32.29 -30.32
N PRO H 176 -26.00 32.56 -29.51
CA PRO H 176 -26.25 31.73 -28.32
C PRO H 176 -26.76 30.34 -28.66
N ALA H 177 -27.09 30.08 -29.93
CA ALA H 177 -27.51 28.77 -30.36
C ALA H 177 -26.36 27.79 -30.48
N ILE H 178 -25.12 28.27 -30.52
CA ILE H 178 -23.95 27.40 -30.62
C ILE H 178 -23.65 26.85 -29.23
N LYS H 179 -23.96 25.56 -29.03
CA LYS H 179 -23.85 24.93 -27.72
C LYS H 179 -22.62 24.04 -27.59
N GLY H 180 -22.03 23.62 -28.70
CA GLY H 180 -20.98 22.61 -28.64
C GLY H 180 -20.01 22.68 -29.80
N MET H 181 -18.88 22.00 -29.59
CA MET H 181 -17.89 21.77 -30.64
C MET H 181 -17.35 20.34 -30.53
N TRP H 182 -17.35 19.63 -31.65
CA TRP H 182 -16.71 18.32 -31.75
C TRP H 182 -15.21 18.52 -31.93
N THR H 183 -14.40 17.77 -31.18
CA THR H 183 -12.96 17.79 -31.40
C THR H 183 -12.36 16.40 -31.25
N VAL H 184 -11.23 16.21 -31.93
CA VAL H 184 -10.31 15.13 -31.61
C VAL H 184 -8.96 15.81 -31.42
N PRO H 185 -8.57 16.12 -30.18
CA PRO H 185 -7.51 17.12 -29.96
C PRO H 185 -6.08 16.58 -30.05
N VAL H 186 -5.92 15.27 -30.18
CA VAL H 186 -4.63 14.62 -30.38
C VAL H 186 -4.72 13.65 -31.56
N PHE H 187 -3.81 13.76 -32.51
CA PHE H 187 -3.79 12.90 -33.71
C PHE H 187 -5.18 12.75 -34.33
N GLY H 188 -5.78 13.89 -34.68
CA GLY H 188 -7.15 13.91 -35.19
C GLY H 188 -7.50 12.96 -36.32
N ASN H 189 -8.74 12.47 -36.28
CA ASN H 189 -9.21 11.60 -37.33
C ASN H 189 -9.96 12.48 -38.31
N PRO H 190 -9.49 12.50 -39.57
CA PRO H 190 -8.18 11.98 -39.93
C PRO H 190 -7.08 13.02 -40.16
N SER H 191 -7.28 14.30 -39.82
CA SER H 191 -6.23 15.27 -40.12
C SER H 191 -4.89 14.94 -39.53
N GLY H 192 -4.85 14.16 -38.45
CA GLY H 192 -3.65 13.87 -37.71
C GLY H 192 -3.16 15.03 -36.87
N VAL H 193 -3.87 16.15 -36.88
CA VAL H 193 -3.48 17.37 -36.18
C VAL H 193 -3.75 17.22 -34.70
N THR H 194 -2.78 17.67 -33.90
CA THR H 194 -2.88 17.74 -32.44
C THR H 194 -2.99 19.21 -32.05
N TYR H 195 -3.98 19.51 -31.21
CA TYR H 195 -4.23 20.89 -30.84
C TYR H 195 -3.08 21.39 -29.96
N SER H 196 -2.55 22.56 -30.31
CA SER H 196 -1.49 23.21 -29.58
C SER H 196 -1.97 23.72 -28.22
N TRP H 197 -1.02 23.97 -27.33
CA TRP H 197 -1.33 24.56 -26.05
C TRP H 197 -2.12 25.84 -26.22
N GLU H 198 -1.68 26.70 -27.13
CA GLU H 198 -2.40 27.95 -27.33
C GLU H 198 -3.82 27.72 -27.80
N THR H 199 -4.02 26.77 -28.73
CA THR H 199 -5.37 26.45 -29.17
C THR H 199 -6.24 25.98 -28.01
N VAL H 200 -5.73 25.07 -27.18
CA VAL H 200 -6.57 24.56 -26.11
C VAL H 200 -6.90 25.66 -25.13
N ARG H 201 -5.88 26.41 -24.69
CA ARG H 201 -6.10 27.54 -23.80
C ARG H 201 -7.11 28.54 -24.35
N ARG H 202 -6.97 28.91 -25.63
CA ARG H 202 -7.91 29.86 -26.19
C ARG H 202 -9.32 29.31 -26.21
N LEU H 203 -9.48 28.01 -26.52
CA LEU H 203 -10.83 27.44 -26.60
C LEU H 203 -11.54 27.39 -25.25
N VAL H 204 -10.80 27.21 -24.15
CA VAL H 204 -11.42 27.18 -22.82
C VAL H 204 -11.55 28.55 -22.19
N GLN H 205 -10.84 29.57 -22.72
CA GLN H 205 -10.92 30.95 -22.23
C GLN H 205 -11.89 31.81 -23.01
N MET H 206 -12.16 31.47 -24.26
CA MET H 206 -12.95 32.32 -25.13
C MET H 206 -14.35 32.50 -24.54
N ARG H 207 -14.97 33.63 -24.83
CA ARG H 207 -16.28 33.93 -24.28
C ARG H 207 -17.36 33.47 -25.23
N THR H 208 -18.45 32.92 -24.69
CA THR H 208 -19.48 32.31 -25.50
C THR H 208 -20.84 32.93 -25.20
N ALA H 209 -21.61 33.19 -26.25
CA ALA H 209 -22.97 33.69 -26.04
C ALA H 209 -23.83 32.67 -25.27
N ALA H 210 -23.59 31.38 -25.50
CA ALA H 210 -24.30 30.34 -24.73
C ALA H 210 -23.60 30.06 -23.41
N PRO H 211 -24.27 30.21 -22.27
CA PRO H 211 -23.61 29.99 -20.98
C PRO H 211 -23.25 28.54 -20.73
N ASP H 212 -23.77 27.61 -21.53
CA ASP H 212 -23.58 26.18 -21.32
C ASP H 212 -22.88 25.56 -22.53
N PHE H 213 -22.09 26.36 -23.22
CA PHE H 213 -21.30 25.87 -24.33
C PHE H 213 -20.38 24.76 -23.86
N ARG H 214 -20.20 23.74 -24.71
CA ARG H 214 -19.40 22.59 -24.36
C ARG H 214 -18.39 22.25 -25.45
N LEU H 215 -17.17 21.90 -25.01
CA LEU H 215 -16.15 21.32 -25.87
C LEU H 215 -16.20 19.81 -25.71
N PHE H 216 -16.52 19.09 -26.79
CA PHE H 216 -16.51 17.62 -26.75
C PHE H 216 -15.10 17.19 -27.08
N TRP H 217 -14.35 16.86 -26.03
CA TRP H 217 -12.90 16.69 -26.07
C TRP H 217 -12.67 15.19 -26.19
N ASP H 218 -12.83 14.70 -27.43
CA ASP H 218 -12.78 13.27 -27.71
C ASP H 218 -11.35 12.84 -27.94
N ASN H 219 -10.64 12.50 -26.87
CA ASN H 219 -9.22 12.13 -26.94
C ASN H 219 -9.08 10.66 -27.30
N ALA H 220 -9.66 10.30 -28.45
CA ALA H 220 -9.64 8.93 -28.94
C ALA H 220 -8.24 8.39 -29.18
N TYR H 221 -7.26 9.27 -29.46
CA TYR H 221 -5.92 8.83 -29.84
C TYR H 221 -4.85 9.28 -28.84
N ALA H 222 -5.26 9.45 -27.58
CA ALA H 222 -4.42 10.05 -26.53
C ALA H 222 -3.03 9.45 -26.43
N VAL H 223 -2.90 8.13 -26.57
CA VAL H 223 -1.58 7.53 -26.44
C VAL H 223 -1.16 6.78 -27.70
N HIS H 224 -1.72 7.13 -28.85
CA HIS H 224 -1.67 6.27 -30.03
C HIS H 224 -0.60 6.79 -30.98
N THR H 225 0.61 6.81 -30.44
CA THR H 225 1.75 7.31 -31.16
C THR H 225 2.23 6.36 -32.27
N LEU H 226 2.74 6.97 -33.35
CA LEU H 226 3.49 6.26 -34.40
C LEU H 226 4.99 6.43 -34.24
N THR H 227 5.43 7.03 -33.16
CA THR H 227 6.85 7.13 -32.91
C THR H 227 7.07 6.47 -31.55
N LEU H 228 8.28 6.54 -31.03
CA LEU H 228 8.55 5.96 -29.73
C LEU H 228 8.28 6.96 -28.62
N ASP H 229 7.66 8.11 -28.92
CA ASP H 229 7.41 9.10 -27.89
C ASP H 229 5.93 9.26 -27.64
N PHE H 230 5.59 9.52 -26.37
CA PHE H 230 4.18 9.78 -26.17
C PHE H 230 3.91 11.27 -26.03
N PRO H 231 2.81 11.76 -26.61
CA PRO H 231 2.49 13.18 -26.47
C PRO H 231 2.05 13.54 -25.06
N ARG H 232 2.42 14.75 -24.65
CA ARG H 232 1.95 15.31 -23.38
C ARG H 232 0.51 15.75 -23.55
N GLN H 233 -0.28 15.52 -22.52
CA GLN H 233 -1.69 15.89 -22.55
C GLN H 233 -1.86 17.30 -22.02
N VAL H 234 -2.50 18.15 -22.83
CA VAL H 234 -2.81 19.48 -22.33
C VAL H 234 -3.92 19.34 -21.29
N ASP H 235 -3.77 20.06 -20.19
CA ASP H 235 -4.71 20.02 -19.07
C ASP H 235 -5.94 20.88 -19.34
N VAL H 236 -6.83 20.35 -20.16
CA VAL H 236 -8.00 21.12 -20.61
C VAL H 236 -8.93 21.41 -19.42
N LEU H 237 -9.10 20.46 -18.50
CA LEU H 237 -10.00 20.68 -17.39
C LEU H 237 -9.45 21.71 -16.42
N GLY H 238 -8.14 21.67 -16.18
CA GLY H 238 -7.51 22.64 -15.31
C GLY H 238 -7.55 24.04 -15.89
N LEU H 239 -7.21 24.16 -17.18
CA LEU H 239 -7.20 25.47 -17.81
C LEU H 239 -8.59 26.06 -17.82
N ALA H 240 -9.59 25.22 -18.13
CA ALA H 240 -10.97 25.67 -18.12
C ALA H 240 -11.40 26.12 -16.74
N ALA H 241 -11.06 25.35 -15.70
CA ALA H 241 -11.44 25.77 -14.36
C ALA H 241 -10.84 27.11 -13.91
N LYS H 242 -9.55 27.33 -14.19
CA LYS H 242 -8.90 28.60 -13.84
C LYS H 242 -9.51 29.78 -14.59
N ALA H 243 -10.02 29.53 -15.80
CA ALA H 243 -10.66 30.55 -16.62
C ALA H 243 -12.11 30.83 -16.21
N GLY H 244 -12.65 30.09 -15.25
CA GLY H 244 -14.04 30.24 -14.83
C GLY H 244 -15.09 29.51 -15.65
N ASN H 245 -14.68 28.56 -16.47
CA ASN H 245 -15.59 27.77 -17.31
C ASN H 245 -15.32 26.31 -16.97
N PRO H 246 -15.37 25.89 -15.69
CA PRO H 246 -15.01 24.51 -15.36
C PRO H 246 -15.85 23.47 -16.09
N ASN H 247 -17.09 23.76 -16.41
CA ASN H 247 -17.96 22.78 -17.04
C ASN H 247 -17.78 22.66 -18.53
N ARG H 248 -16.94 23.48 -19.15
CA ARG H 248 -16.87 23.51 -20.61
C ARG H 248 -16.38 22.22 -21.25
N PRO H 249 -15.33 21.55 -20.78
CA PRO H 249 -14.87 20.37 -21.52
C PRO H 249 -15.51 19.08 -21.01
N TYR H 250 -15.88 18.24 -21.97
CA TYR H 250 -16.28 16.85 -21.74
C TYR H 250 -15.17 16.02 -22.36
N VAL H 251 -14.47 15.21 -21.55
CA VAL H 251 -13.32 14.44 -22.04
C VAL H 251 -13.70 12.99 -22.27
N PHE H 252 -13.29 12.43 -23.41
CA PHE H 252 -13.57 11.03 -23.72
C PHE H 252 -12.28 10.29 -24.11
N ALA H 253 -12.23 9.00 -23.80
CA ALA H 253 -11.14 8.13 -24.20
C ALA H 253 -11.67 6.70 -24.23
N SER H 254 -10.84 5.80 -24.76
CA SER H 254 -11.25 4.43 -25.05
C SER H 254 -10.03 3.53 -25.14
N THR H 255 -10.24 2.24 -24.81
CA THR H 255 -9.22 1.23 -25.08
C THR H 255 -9.49 0.41 -26.34
N SER H 256 -10.45 0.87 -27.19
CA SER H 256 -10.81 0.13 -28.42
C SER H 256 -9.62 -0.09 -29.33
N LYS H 257 -8.70 0.87 -29.42
CA LYS H 257 -7.50 0.70 -30.21
C LYS H 257 -6.28 0.49 -29.34
N ILE H 258 -6.48 0.00 -28.13
CA ILE H 258 -5.43 -0.46 -27.23
C ILE H 258 -5.53 -1.97 -26.99
N THR H 259 -6.74 -2.47 -26.68
CA THR H 259 -6.94 -3.89 -26.44
C THR H 259 -7.79 -4.49 -27.54
N PHE H 260 -9.12 -4.55 -27.38
CA PHE H 260 -10.03 -5.13 -28.37
C PHE H 260 -10.96 -4.05 -28.88
N ALA H 261 -11.10 -3.95 -30.20
CA ALA H 261 -11.97 -2.95 -30.80
C ALA H 261 -13.41 -3.39 -30.64
N GLY H 262 -14.16 -2.70 -29.77
CA GLY H 262 -15.50 -3.15 -29.44
C GLY H 262 -15.56 -4.00 -28.18
N GLY H 263 -14.42 -4.33 -27.58
CA GLY H 263 -14.38 -5.11 -26.34
C GLY H 263 -13.60 -4.46 -25.22
N GLY H 264 -13.39 -3.16 -25.33
CA GLY H 264 -12.57 -2.39 -24.40
C GLY H 264 -13.37 -1.65 -23.36
N VAL H 265 -12.75 -0.61 -22.81
CA VAL H 265 -13.35 0.18 -21.75
C VAL H 265 -13.31 1.64 -22.18
N SER H 266 -14.41 2.35 -21.95
CA SER H 266 -14.50 3.77 -22.27
C SER H 266 -14.31 4.62 -21.01
N PHE H 267 -14.03 5.90 -21.23
CA PHE H 267 -13.83 6.83 -20.12
C PHE H 267 -14.48 8.16 -20.45
N PHE H 268 -15.00 8.80 -19.42
CA PHE H 268 -15.55 10.15 -19.50
C PHE H 268 -14.94 10.98 -18.37
N GLY H 269 -14.44 12.14 -18.71
CA GLY H 269 -13.85 13.04 -17.74
C GLY H 269 -14.48 14.42 -17.81
N GLY H 270 -14.64 15.05 -16.66
CA GLY H 270 -15.19 16.38 -16.57
C GLY H 270 -15.07 16.93 -15.16
N SER H 271 -15.63 18.11 -14.95
CA SER H 271 -15.74 18.66 -13.60
C SER H 271 -16.55 17.69 -12.74
N LEU H 272 -16.35 17.79 -11.42
CA LEU H 272 -17.16 17.00 -10.51
C LEU H 272 -18.65 17.27 -10.73
N GLY H 273 -18.99 18.52 -11.03
CA GLY H 273 -20.37 18.83 -11.35
C GLY H 273 -20.84 18.09 -12.60
N ASN H 274 -19.99 18.05 -13.62
CA ASN H 274 -20.36 17.32 -14.83
C ASN H 274 -20.41 15.82 -14.58
N ILE H 275 -19.50 15.28 -13.77
CA ILE H 275 -19.58 13.86 -13.45
C ILE H 275 -20.90 13.55 -12.77
N ALA H 276 -21.27 14.34 -11.74
CA ALA H 276 -22.52 14.09 -11.03
C ALA H 276 -23.75 14.26 -11.93
N TRP H 277 -23.72 15.26 -12.82
CA TRP H 277 -24.83 15.44 -13.75
C TRP H 277 -25.02 14.23 -14.64
N TYR H 278 -23.93 13.79 -15.27
CA TYR H 278 -23.99 12.61 -16.13
C TYR H 278 -24.50 11.39 -15.37
N LEU H 279 -23.94 11.12 -14.18
CA LEU H 279 -24.33 9.92 -13.45
C LEU H 279 -25.77 9.95 -12.98
N GLN H 280 -26.30 11.14 -12.70
CA GLN H 280 -27.70 11.21 -12.32
C GLN H 280 -28.59 10.67 -13.44
N TYR H 281 -28.34 11.06 -14.69
CA TYR H 281 -29.20 10.57 -15.76
C TYR H 281 -28.79 9.18 -16.27
N ALA H 282 -27.49 8.87 -16.26
CA ALA H 282 -27.08 7.52 -16.62
C ALA H 282 -27.63 6.51 -15.62
N GLY H 283 -27.83 6.93 -14.36
CA GLY H 283 -28.42 6.06 -13.36
C GLY H 283 -29.87 5.71 -13.65
N LYS H 284 -30.55 6.45 -14.52
CA LYS H 284 -31.90 6.08 -14.91
C LYS H 284 -31.89 5.06 -16.04
N LYS H 285 -30.74 4.86 -16.65
CA LYS H 285 -30.57 4.03 -17.83
C LYS H 285 -29.91 2.69 -17.51
N SER H 286 -29.04 2.65 -16.50
CA SER H 286 -28.36 1.42 -16.17
C SER H 286 -27.99 1.39 -14.69
N ILE H 287 -28.02 0.17 -14.12
CA ILE H 287 -27.52 -0.01 -12.76
C ILE H 287 -26.04 0.29 -12.67
N GLY H 288 -25.29 0.12 -13.78
CA GLY H 288 -23.91 0.53 -13.83
C GLY H 288 -23.13 -0.23 -14.87
N PRO H 289 -21.87 0.15 -15.04
CA PRO H 289 -21.05 -0.45 -16.09
C PRO H 289 -20.54 -1.82 -15.69
N ASP H 290 -19.90 -2.46 -16.65
CA ASP H 290 -19.39 -3.83 -16.51
C ASP H 290 -18.06 -3.82 -15.76
N LYS H 291 -18.11 -4.14 -14.47
CA LYS H 291 -16.92 -4.07 -13.64
C LYS H 291 -15.95 -5.22 -13.95
N VAL H 292 -16.47 -6.36 -14.44
CA VAL H 292 -15.60 -7.50 -14.74
C VAL H 292 -14.69 -7.17 -15.91
N ASN H 293 -15.19 -6.49 -16.94
CA ASN H 293 -14.32 -6.13 -18.05
C ASN H 293 -13.29 -5.08 -17.63
N GLN H 294 -13.68 -4.19 -16.70
CA GLN H 294 -12.74 -3.23 -16.14
C GLN H 294 -11.67 -3.95 -15.33
N LEU H 295 -12.05 -5.01 -14.63
CA LEU H 295 -11.05 -5.75 -13.87
C LEU H 295 -10.06 -6.45 -14.81
N ARG H 296 -10.54 -7.07 -15.89
CA ARG H 296 -9.61 -7.69 -16.87
C ARG H 296 -8.61 -6.69 -17.39
N HIS H 297 -9.08 -5.49 -17.71
CA HIS H 297 -8.22 -4.43 -18.21
C HIS H 297 -7.23 -3.97 -17.15
N LEU H 298 -7.68 -3.82 -15.90
CA LEU H 298 -6.76 -3.39 -14.85
C LEU H 298 -5.65 -4.42 -14.64
N ARG H 299 -6.02 -5.70 -14.61
CA ARG H 299 -5.08 -6.81 -14.44
C ARG H 299 -4.14 -6.93 -15.63
N PHE H 300 -4.67 -6.73 -16.85
CA PHE H 300 -3.84 -6.83 -18.04
C PHE H 300 -2.78 -5.74 -18.07
N PHE H 301 -3.18 -4.49 -17.82
CA PHE H 301 -2.29 -3.34 -17.94
C PHE H 301 -1.38 -3.25 -16.72
N GLY H 302 -1.94 -3.49 -15.54
CA GLY H 302 -1.12 -3.37 -14.37
C GLY H 302 -0.93 -1.94 -13.93
N ASP H 303 -0.34 -1.11 -14.80
CA ASP H 303 -0.11 0.29 -14.52
C ASP H 303 0.03 1.12 -15.80
N ALA H 304 0.28 2.42 -15.64
CA ALA H 304 0.36 3.32 -16.80
C ALA H 304 1.52 2.93 -17.73
N ASP H 305 2.67 2.56 -17.15
CA ASP H 305 3.79 2.06 -17.94
C ASP H 305 3.43 0.80 -18.72
N GLY H 306 2.54 -0.04 -18.15
CA GLY H 306 2.08 -1.21 -18.89
C GLY H 306 1.34 -0.81 -20.16
N VAL H 307 0.54 0.26 -20.09
CA VAL H 307 -0.13 0.76 -21.29
C VAL H 307 0.87 1.28 -22.29
N ARG H 308 1.86 2.05 -21.84
CA ARG H 308 2.86 2.61 -22.73
C ARG H 308 3.59 1.54 -23.50
N LEU H 309 4.01 0.49 -22.81
CA LEU H 309 4.76 -0.58 -23.46
C LEU H 309 3.90 -1.26 -24.51
N HIS H 310 2.64 -1.49 -24.17
CA HIS H 310 1.67 -2.04 -25.09
C HIS H 310 1.49 -1.16 -26.33
N MET H 311 1.41 0.17 -26.15
CA MET H 311 1.29 1.07 -27.29
C MET H 311 2.50 1.05 -28.23
N LEU H 312 3.73 0.89 -27.71
CA LEU H 312 4.86 0.78 -28.64
C LEU H 312 4.80 -0.50 -29.44
N ARG H 313 4.25 -1.57 -28.86
CA ARG H 313 4.05 -2.76 -29.67
C ARG H 313 3.06 -2.51 -30.79
N HIS H 314 2.00 -1.74 -30.53
CA HIS H 314 1.12 -1.34 -31.63
C HIS H 314 1.89 -0.52 -32.67
N GLN H 315 2.66 0.47 -32.19
CA GLN H 315 3.46 1.35 -33.05
C GLN H 315 4.39 0.57 -33.99
N GLN H 316 5.02 -0.51 -33.49
CA GLN H 316 5.93 -1.29 -34.32
C GLN H 316 5.22 -1.98 -35.47
N ILE H 317 3.96 -2.32 -35.27
CA ILE H 317 3.15 -2.88 -36.33
C ILE H 317 2.64 -1.79 -37.25
N LEU H 318 2.16 -0.68 -36.68
CA LEU H 318 1.51 0.36 -37.48
C LEU H 318 2.49 1.22 -38.28
N ALA H 319 3.60 1.65 -37.67
CA ALA H 319 4.47 2.61 -38.35
C ALA H 319 4.92 2.16 -39.73
N PRO H 320 5.31 0.90 -39.98
CA PRO H 320 5.65 0.51 -41.36
C PRO H 320 4.49 0.63 -42.33
N LYS H 321 3.25 0.42 -41.86
CA LYS H 321 2.12 0.60 -42.75
C LYS H 321 1.92 2.07 -43.12
N PHE H 322 2.03 2.98 -42.14
CA PHE H 322 1.95 4.41 -42.46
C PHE H 322 3.12 4.86 -43.31
N ALA H 323 4.32 4.35 -43.02
CA ALA H 323 5.46 4.69 -43.83
C ALA H 323 5.27 4.22 -45.28
N LEU H 324 4.77 2.99 -45.45
CA LEU H 324 4.51 2.50 -46.81
C LEU H 324 3.54 3.39 -47.58
N VAL H 325 2.41 3.76 -46.98
CA VAL H 325 1.46 4.63 -47.67
C VAL H 325 2.13 5.93 -48.08
N ALA H 326 2.91 6.52 -47.17
CA ALA H 326 3.58 7.78 -47.50
C ALA H 326 4.53 7.61 -48.68
N GLU H 327 5.27 6.50 -48.70
CA GLU H 327 6.22 6.24 -49.79
C GLU H 327 5.51 6.08 -51.14
N VAL H 328 4.40 5.35 -51.18
CA VAL H 328 3.70 5.09 -52.44
C VAL H 328 3.06 6.37 -52.97
N LEU H 329 2.38 7.11 -52.11
CA LEU H 329 1.81 8.39 -52.53
C LEU H 329 2.89 9.30 -53.09
N ASP H 330 4.03 9.37 -52.40
CA ASP H 330 5.10 10.25 -52.85
C ASP H 330 5.59 9.82 -54.23
N GLN H 331 5.88 8.53 -54.40
CA GLN H 331 6.44 8.06 -55.65
C GLN H 331 5.44 8.23 -56.79
N ARG H 332 4.14 7.99 -56.53
CA ARG H 332 3.20 8.15 -57.63
C ARG H 332 2.69 9.58 -57.85
N LEU H 333 2.52 10.40 -56.80
CA LEU H 333 1.83 11.67 -56.99
C LEU H 333 2.63 12.96 -56.82
N SER H 334 3.74 12.96 -56.08
CA SER H 334 4.33 14.26 -55.71
C SER H 334 4.72 15.09 -56.93
N GLU H 335 5.34 14.47 -57.93
CA GLU H 335 5.76 15.24 -59.10
C GLU H 335 4.56 15.85 -59.79
N SER H 336 3.43 15.14 -59.80
CA SER H 336 2.25 15.66 -60.49
C SER H 336 1.72 16.96 -59.86
N LYS H 337 1.97 17.14 -58.57
CA LYS H 337 1.52 18.36 -57.91
C LYS H 337 0.00 18.54 -57.90
N ILE H 338 -0.75 17.44 -58.02
CA ILE H 338 -2.20 17.55 -57.98
C ILE H 338 -2.72 17.33 -56.56
N ALA H 339 -1.86 16.86 -55.66
CA ALA H 339 -2.31 16.28 -54.42
C ALA H 339 -1.46 16.73 -53.25
N SER H 340 -2.02 16.53 -52.07
CA SER H 340 -1.28 16.67 -50.83
C SER H 340 -1.86 15.69 -49.82
N TRP H 341 -1.05 15.34 -48.83
CA TRP H 341 -1.50 14.36 -47.86
C TRP H 341 -0.79 14.65 -46.54
N THR H 342 -1.40 14.20 -45.45
CA THR H 342 -0.77 14.32 -44.13
C THR H 342 0.26 13.20 -43.94
N GLU H 343 1.20 13.44 -43.03
CA GLU H 343 2.16 12.43 -42.59
C GLU H 343 2.05 12.43 -41.07
N PRO H 344 1.05 11.75 -40.52
CA PRO H 344 0.74 11.91 -39.10
C PRO H 344 1.79 11.29 -38.21
N LYS H 345 1.87 11.84 -37.01
CA LYS H 345 2.77 11.35 -35.97
C LYS H 345 2.07 10.40 -35.02
N GLY H 346 0.77 10.16 -35.23
CA GLY H 346 -0.03 9.28 -34.42
C GLY H 346 -1.42 9.19 -35.01
N GLY H 347 -2.26 8.38 -34.35
CA GLY H 347 -3.63 8.22 -34.83
C GLY H 347 -3.69 7.10 -35.84
N TYR H 348 -4.83 7.03 -36.55
CA TYR H 348 -5.14 5.88 -37.39
C TYR H 348 -5.37 6.21 -38.87
N PHE H 349 -5.18 7.46 -39.31
CA PHE H 349 -5.59 7.84 -40.66
C PHE H 349 -4.60 8.79 -41.32
N ILE H 350 -4.61 8.76 -42.65
CA ILE H 350 -3.95 9.75 -43.48
C ILE H 350 -5.03 10.45 -44.27
N SER H 351 -4.96 11.78 -44.34
CA SER H 351 -5.94 12.57 -45.08
C SER H 351 -5.30 13.00 -46.40
N LEU H 352 -5.89 12.57 -47.51
CA LEU H 352 -5.40 12.85 -48.85
C LEU H 352 -6.32 13.85 -49.56
N ASP H 353 -5.72 14.89 -50.12
CA ASP H 353 -6.42 15.84 -50.99
C ASP H 353 -5.94 15.61 -52.41
N VAL H 354 -6.86 15.25 -53.29
CA VAL H 354 -6.54 15.13 -54.71
C VAL H 354 -6.92 16.44 -55.39
N LEU H 355 -6.94 16.45 -56.72
CA LEU H 355 -7.27 17.68 -57.44
C LEU H 355 -8.69 18.09 -57.09
N PRO H 356 -8.94 19.34 -56.71
CA PRO H 356 -10.30 19.72 -56.34
C PRO H 356 -11.25 19.43 -57.48
N GLY H 357 -12.43 18.91 -57.14
CA GLY H 357 -13.36 18.44 -58.14
C GLY H 357 -13.21 17.00 -58.59
N THR H 358 -12.30 16.23 -58.01
CA THR H 358 -12.09 14.86 -58.49
C THR H 358 -12.21 13.77 -57.43
N ALA H 359 -12.57 14.10 -56.18
CA ALA H 359 -12.57 13.10 -55.12
C ALA H 359 -13.66 12.06 -55.34
N ARG H 360 -14.88 12.49 -55.67
CA ARG H 360 -15.94 11.51 -55.90
C ARG H 360 -15.57 10.59 -57.05
N ARG H 361 -15.06 11.16 -58.13
CA ARG H 361 -14.66 10.36 -59.29
C ARG H 361 -13.55 9.38 -58.90
N THR H 362 -12.53 9.88 -58.17
CA THR H 362 -11.44 9.02 -57.73
C THR H 362 -11.95 7.86 -56.92
N VAL H 363 -12.87 8.14 -55.99
CA VAL H 363 -13.47 7.09 -55.17
C VAL H 363 -14.23 6.13 -56.07
N ALA H 364 -14.97 6.66 -57.04
CA ALA H 364 -15.73 5.85 -57.99
C ALA H 364 -14.84 5.04 -58.93
N LEU H 365 -13.78 5.66 -59.50
CA LEU H 365 -12.85 4.90 -60.35
C LEU H 365 -12.22 3.74 -59.59
N ALA H 366 -11.78 3.99 -58.36
CA ALA H 366 -11.20 2.93 -57.54
C ALA H 366 -12.22 1.83 -57.29
N LYS H 367 -13.47 2.21 -57.04
CA LYS H 367 -14.51 1.21 -56.80
C LYS H 367 -14.69 0.28 -57.98
N ASP H 368 -14.52 0.79 -59.19
CA ASP H 368 -14.72 -0.03 -60.39
C ASP H 368 -13.53 -0.93 -60.71
N VAL H 369 -12.42 -0.80 -59.99
CA VAL H 369 -11.32 -1.75 -60.04
C VAL H 369 -11.13 -2.51 -58.72
N GLY H 370 -12.11 -2.47 -57.83
CA GLY H 370 -12.10 -3.33 -56.64
C GLY H 370 -11.29 -2.82 -55.46
N ILE H 371 -11.06 -1.52 -55.37
CA ILE H 371 -10.37 -0.91 -54.24
C ILE H 371 -11.39 -0.03 -53.54
N ALA H 372 -11.74 -0.42 -52.33
CA ALA H 372 -12.68 0.35 -51.53
C ALA H 372 -11.97 1.51 -50.85
N VAL H 373 -12.48 2.71 -51.07
CA VAL H 373 -11.91 3.94 -50.55
C VAL H 373 -13.07 4.62 -49.85
N THR H 374 -12.80 5.26 -48.71
CA THR H 374 -13.88 5.84 -47.93
C THR H 374 -14.64 6.85 -48.78
N GLU H 375 -15.96 6.92 -48.57
CA GLU H 375 -16.81 7.86 -49.29
C GLU H 375 -16.19 9.24 -49.36
N ALA H 376 -16.18 9.84 -50.56
CA ALA H 376 -15.76 11.22 -50.65
C ALA H 376 -16.72 12.06 -49.82
N GLY H 377 -16.18 13.01 -49.08
CA GLY H 377 -16.98 13.88 -48.25
C GLY H 377 -17.27 13.32 -46.86
N ALA H 378 -16.85 12.08 -46.59
CA ALA H 378 -17.19 11.40 -45.33
C ALA H 378 -16.72 12.17 -44.10
N SER H 379 -15.64 12.95 -44.22
CA SER H 379 -15.09 13.66 -43.08
C SER H 379 -15.66 15.04 -42.90
N PHE H 380 -16.80 15.32 -43.50
CA PHE H 380 -17.44 16.62 -43.47
C PHE H 380 -18.87 16.43 -43.00
N PRO H 381 -19.43 17.39 -42.27
CA PRO H 381 -20.84 17.32 -41.91
C PRO H 381 -21.71 17.19 -43.15
N TYR H 382 -22.72 16.33 -43.07
CA TYR H 382 -23.65 16.07 -44.16
C TYR H 382 -22.95 15.46 -45.38
N ARG H 383 -21.72 14.94 -45.22
CA ARG H 383 -20.93 14.41 -46.34
C ARG H 383 -20.70 15.43 -47.46
N LYS H 384 -20.69 16.72 -47.13
CA LYS H 384 -20.47 17.77 -48.11
C LYS H 384 -19.08 18.40 -47.98
N ASP H 385 -18.17 17.97 -48.87
CA ASP H 385 -16.84 18.56 -49.02
C ASP H 385 -16.92 19.61 -50.12
N PRO H 386 -16.86 20.91 -49.81
CA PRO H 386 -17.09 21.92 -50.86
C PRO H 386 -16.05 21.91 -51.96
N ASP H 387 -14.88 21.33 -51.74
CA ASP H 387 -13.88 21.31 -52.80
C ASP H 387 -13.82 19.97 -53.50
N ASP H 388 -14.56 18.98 -53.03
CA ASP H 388 -14.54 17.63 -53.60
C ASP H 388 -13.09 17.17 -53.84
N LYS H 389 -12.30 17.22 -52.79
CA LYS H 389 -10.90 16.90 -52.87
C LYS H 389 -10.40 15.88 -51.84
N ASN H 390 -11.07 15.73 -50.70
CA ASN H 390 -10.54 14.99 -49.58
C ASN H 390 -10.91 13.51 -49.66
N ILE H 391 -9.90 12.67 -49.45
CA ILE H 391 -10.05 11.24 -49.32
C ILE H 391 -9.37 10.80 -48.03
N ARG H 392 -10.02 9.90 -47.29
CA ARG H 392 -9.46 9.35 -46.06
C ARG H 392 -8.88 7.96 -46.36
N ILE H 393 -7.64 7.73 -45.94
CA ILE H 393 -6.98 6.43 -46.03
C ILE H 393 -6.84 5.83 -44.63
N ALA H 394 -7.28 4.58 -44.47
CA ALA H 394 -7.15 3.87 -43.20
C ALA H 394 -6.11 2.78 -43.40
N PRO H 395 -4.85 2.99 -42.99
CA PRO H 395 -3.79 2.01 -43.26
C PRO H 395 -3.72 0.85 -42.30
N SER H 396 -4.46 0.88 -41.19
CA SER H 396 -4.16 -0.02 -40.08
C SER H 396 -4.45 -1.47 -40.40
N PHE H 397 -5.53 -1.75 -41.11
CA PHE H 397 -5.99 -3.13 -41.14
C PHE H 397 -5.29 -4.05 -42.15
N PRO H 398 -5.14 -3.66 -43.42
CA PRO H 398 -4.61 -4.60 -44.42
C PRO H 398 -3.16 -4.96 -44.22
N SER H 399 -2.79 -6.08 -44.83
CA SER H 399 -1.39 -6.47 -44.86
C SER H 399 -0.57 -5.45 -45.63
N VAL H 400 0.73 -5.43 -45.37
CA VAL H 400 1.60 -4.51 -46.09
C VAL H 400 1.47 -4.72 -47.61
N PRO H 401 1.47 -5.96 -48.14
CA PRO H 401 1.36 -6.12 -49.60
C PRO H 401 0.05 -5.64 -50.17
N ASP H 402 -1.03 -5.89 -49.42
CA ASP H 402 -2.35 -5.43 -49.83
C ASP H 402 -2.42 -3.91 -49.76
N LEU H 403 -1.77 -3.33 -48.76
CA LEU H 403 -1.81 -1.88 -48.61
C LEU H 403 -1.12 -1.24 -49.81
N ARG H 404 0.01 -1.80 -50.24
CA ARG H 404 0.72 -1.30 -51.41
C ARG H 404 -0.13 -1.33 -52.67
N ASN H 405 -0.78 -2.47 -52.94
CA ASN H 405 -1.62 -2.57 -54.13
C ASN H 405 -2.79 -1.61 -54.09
N ALA H 406 -3.39 -1.45 -52.91
CA ALA H 406 -4.57 -0.60 -52.82
C ALA H 406 -4.18 0.85 -53.01
N VAL H 407 -3.12 1.29 -52.34
CA VAL H 407 -2.72 2.69 -52.42
C VAL H 407 -2.13 2.99 -53.78
N ASP H 408 -1.41 2.04 -54.37
CA ASP H 408 -0.86 2.31 -55.70
C ASP H 408 -1.98 2.45 -56.74
N GLY H 409 -3.03 1.62 -56.62
CA GLY H 409 -4.20 1.76 -57.50
C GLY H 409 -4.93 3.06 -57.31
N LEU H 410 -5.15 3.45 -56.04
CA LEU H 410 -5.83 4.70 -55.71
C LEU H 410 -5.15 5.90 -56.34
N ALA H 411 -3.82 5.91 -56.29
CA ALA H 411 -3.04 6.99 -56.88
C ALA H 411 -3.26 7.10 -58.39
N THR H 412 -3.25 5.96 -59.11
CA THR H 412 -3.54 5.94 -60.53
C THR H 412 -4.87 6.59 -60.84
N CYS H 413 -5.88 6.25 -60.03
CA CYS H 413 -7.23 6.77 -60.22
C CYS H 413 -7.25 8.28 -59.98
N ALA H 414 -6.50 8.73 -58.97
CA ALA H 414 -6.44 10.14 -58.66
C ALA H 414 -5.77 10.88 -59.80
N LEU H 415 -4.72 10.31 -60.37
CA LEU H 415 -4.08 10.94 -61.52
C LEU H 415 -5.04 10.98 -62.70
N LEU H 416 -5.72 9.86 -62.97
CA LEU H 416 -6.65 9.83 -64.08
C LEU H 416 -7.84 10.78 -63.90
N ALA H 417 -8.41 10.86 -62.69
CA ALA H 417 -9.48 11.81 -62.43
C ALA H 417 -9.01 13.23 -62.66
N ALA H 418 -7.74 13.48 -62.30
CA ALA H 418 -7.11 14.79 -62.47
C ALA H 418 -7.00 15.17 -63.94
N THR H 419 -6.50 14.27 -64.78
CA THR H 419 -6.33 14.62 -66.18
C THR H 419 -7.65 14.91 -66.87
N GLU H 420 -8.70 14.11 -66.57
CA GLU H 420 -10.03 14.36 -67.14
C GLU H 420 -10.56 15.76 -66.84
N THR H 421 -10.49 16.18 -65.59
CA THR H 421 -11.08 17.46 -65.23
C THR H 421 -10.25 18.60 -65.86
N LEU H 422 -8.92 18.50 -65.81
CA LEU H 422 -8.05 19.47 -66.48
C LEU H 422 -8.26 19.53 -68.00
N LEU H 423 -9.18 18.71 -68.54
CA LEU H 423 -9.41 18.76 -69.99
C LEU H 423 -10.17 20.05 -70.31
#